data_4DX5
#
_entry.id   4DX5
#
_cell.length_a   145.990
_cell.length_b   161.720
_cell.length_c   245.970
_cell.angle_alpha   90.00
_cell.angle_beta   90.00
_cell.angle_gamma   90.00
#
_symmetry.space_group_name_H-M   'P 21 21 21'
#
loop_
_entity.id
_entity.type
_entity.pdbx_description
1 polymer 'Acriflavine resistance protein B'
2 polymer DARPIN
3 non-polymer GLYCEROL
4 non-polymer DODECYL-BETA-D-MALTOSIDE
5 non-polymer N-OCTANE
6 non-polymer DECANE
7 non-polymer HEXANE
8 non-polymer DODECANE
9 non-polymer '(4S,4AS,5AR,12AS)-4,7-BIS(DIMETHYLAMINO)-3,10,12,12A-TETRAHYDROXY-1,11-DIOXO-1,4,4A,5,5A,6,11,12A-OCTAHYDROTETRACENE-2- CARBOXAMIDE'
10 non-polymer TETRADECANE
11 non-polymer DODECYL-ALPHA-D-MALTOSIDE
12 non-polymer nonane
13 non-polymer 'SULFATE ION'
14 non-polymer UNDECANE
15 water water
#
loop_
_entity_poly.entity_id
_entity_poly.type
_entity_poly.pdbx_seq_one_letter_code
_entity_poly.pdbx_strand_id
1 'polypeptide(L)'
;MPNFFIDRPIFAWVIAIIIMLAGGLAILKLPVAQYPTIAPPAVTISASYPGADAKTVQDTVTQVIEQNMNGIDNLMYMSS
NSDSTGTVQITLTFESGTDADIAQVQVQNKLQLAMPLLPQEVQQQGVSVEKSSSSFLMVVGVINTDGTMTQEDISDYVAA
NMKDAISRTSGVGDVQLFGSQYAMRIWMNPNELNKFQLTPVDVITAIKAQNAQVAAGQLGGTPPVKGQQLNASIIAQTRL
TSTEEFGKILLKVNQDGSRVLLRDVAKIELGGENYDIIAEFNGQPASGLGIKLATGANALDTAAAIRAELAKMEPFFPSG
LKIVYPYDTTPFVKISIHEVVKTLVEAIILVFLVMYLFLQNFRATLIPTIAVPVVLLGTFAVLAAFGFSINTLTMFGMVL
AIGLLVDDAIVVVENVERVMAEEGLPPKEATRKSMGQIQGALVGIAMVLSAVFVPMAFFGGSTGAIYRQFSITIVSAMAL
SVLVALILTPALCATMLKPIAKGDHGEGKKGFFGWFNRMFEKSTHHYTDSVGGILRSTGRYLVLYLIIVVGMAYLFVRLP
SSFLPDEDQGVFMTMVQLPAGATQERTQKVLNEVTHYYLTKEKNNVESVFAVNGFGFAGRGQNTGIAFVSLKDWADRPGE
ENKVEAITMRATRAFSQIKDAMVFAFNLPAIVELGTATGFDFELIDQAGLGHEKLTQARNQLLAEAAKHPDMLTSVRPNG
LEDTPQFKIDIDQEKAQALGVSINDINTTLGAAWGGSYVNDFIDRGRVKKVYVMSEAKYRMLPDDIGDWYVRAADGQMVP
FSAFSSSRWEYGSPRLERYNGLPSMEILGQAAPGKSTGEAMELMEQLASKLPTGVGYDWTGMSYQERLSGNQAPSLYAIS
LIVVFLCLAALYESWSIPFSVMLVVPLGVIGALLAATFRGLTNDVYFQVGLLTTIGLSAKNAILIVEFAKDLMDKEGKGL
IEATLDAVRMRLRPILMTSLAFILGVMPLVISTGAGSGAQNAVGTGVMGGMVTATVLAIFFVPVFFVVVRRRFSRKNEDI
EHSHTVDHHLEHHHHHH
;
A,B,C
2 'polypeptide(L)'
;MRGSHHHHHHGSDLGKKLLEAARAGRDDEVRILMANGADVNAADVVGWTPLHLAAYWGHLEIVEVLLKNGADVNAYDTLG
STPLHLAAHFGHLEIVEVLLKNGADVNAKDDNGITPLHLAANRGHLEIVEVLLKYGADVNAQDKFGKTAFDISINNGNED
LAEILQKLN
;
D,E
#
loop_
_chem_comp.id
_chem_comp.type
_chem_comp.name
_chem_comp.formula
C14 non-polymer TETRADECANE 'C14 H30'
D10 non-polymer DECANE 'C10 H22'
D12 non-polymer DODECANE 'C12 H26'
DD9 non-polymer nonane 'C9 H20'
GOL non-polymer GLYCEROL 'C3 H8 O3'
HEX non-polymer HEXANE 'C6 H14'
LMT D-saccharide DODECYL-BETA-D-MALTOSIDE 'C24 H46 O11'
LMU D-saccharide DODECYL-ALPHA-D-MALTOSIDE 'C24 H46 O11'
MIY non-polymer '(4S,4AS,5AR,12AS)-4,7-BIS(DIMETHYLAMINO)-3,10,12,12A-TETRAHYDROXY-1,11-DIOXO-1,4,4A,5,5A,6,11,12A-OCTAHYDROTETRACENE-2- CARBOXAMIDE' 'C23 H27 N3 O7'
OCT non-polymer N-OCTANE 'C8 H18'
SO4 non-polymer 'SULFATE ION' 'O4 S -2'
UND non-polymer UNDECANE 'C11 H24'
#
# COMPACT_ATOMS: atom_id res chain seq x y z
N MET A 1 -14.88 0.61 -45.21
CA MET A 1 -15.89 1.09 -44.27
C MET A 1 -16.80 2.17 -44.85
N PRO A 2 -16.22 3.14 -45.56
CA PRO A 2 -17.05 4.23 -46.11
C PRO A 2 -18.25 3.72 -46.93
N ASN A 3 -18.01 2.82 -47.88
CA ASN A 3 -19.10 2.27 -48.70
C ASN A 3 -20.14 1.56 -47.83
N PHE A 4 -19.66 0.78 -46.86
CA PHE A 4 -20.57 0.10 -45.95
C PHE A 4 -21.52 1.07 -45.24
N PHE A 5 -20.97 2.13 -44.65
CA PHE A 5 -21.78 3.06 -43.88
C PHE A 5 -22.56 4.07 -44.74
N ILE A 6 -22.12 4.30 -45.96
CA ILE A 6 -22.90 5.15 -46.87
C ILE A 6 -24.31 4.58 -47.06
N ASP A 7 -24.39 3.25 -47.13
CA ASP A 7 -25.67 2.55 -47.28
C ASP A 7 -26.33 2.27 -45.94
N ARG A 8 -25.62 2.56 -44.85
CA ARG A 8 -26.13 2.31 -43.50
C ARG A 8 -25.89 3.48 -42.57
N PRO A 9 -26.56 4.61 -42.87
CA PRO A 9 -26.43 5.87 -42.13
C PRO A 9 -26.80 5.69 -40.67
N ILE A 10 -27.83 4.90 -40.41
CA ILE A 10 -28.31 4.69 -39.04
C ILE A 10 -27.30 3.93 -38.19
N PHE A 11 -26.65 2.92 -38.77
CA PHE A 11 -25.56 2.21 -38.12
C PHE A 11 -24.45 3.22 -37.82
N ALA A 12 -24.21 4.13 -38.76
CA ALA A 12 -23.15 5.12 -38.61
C ALA A 12 -23.49 6.02 -37.43
N TRP A 13 -24.76 6.43 -37.39
CA TRP A 13 -25.23 7.29 -36.31
C TRP A 13 -25.10 6.59 -34.96
N VAL A 14 -25.47 5.30 -34.93
CA VAL A 14 -25.41 4.50 -33.71
C VAL A 14 -24.01 4.44 -33.14
N ILE A 15 -23.01 4.29 -34.02
CA ILE A 15 -21.62 4.25 -33.57
C ILE A 15 -21.23 5.62 -33.01
N ALA A 16 -21.57 6.69 -33.74
CA ALA A 16 -21.32 8.04 -33.25
C ALA A 16 -21.95 8.24 -31.88
N ILE A 17 -23.22 7.88 -31.76
CA ILE A 17 -23.98 8.08 -30.52
C ILE A 17 -23.40 7.31 -29.34
N ILE A 18 -23.01 6.05 -29.57
CA ILE A 18 -22.42 5.27 -28.48
C ILE A 18 -21.07 5.85 -28.04
N ILE A 19 -20.28 6.31 -29.02
CA ILE A 19 -19.01 6.96 -28.73
C ILE A 19 -19.25 8.19 -27.83
N MET A 20 -20.29 8.95 -28.14
CA MET A 20 -20.63 10.13 -27.34
C MET A 20 -21.11 9.78 -25.94
N LEU A 21 -21.89 8.72 -25.83
CA LEU A 21 -22.35 8.26 -24.52
C LEU A 21 -21.16 7.82 -23.68
N ALA A 22 -20.27 7.05 -24.27
CA ALA A 22 -19.06 6.62 -23.57
C ALA A 22 -18.25 7.84 -23.09
N GLY A 23 -18.13 8.85 -23.93
CA GLY A 23 -17.42 10.07 -23.56
C GLY A 23 -18.10 10.83 -22.45
N GLY A 24 -19.41 11.03 -22.60
CA GLY A 24 -20.20 11.74 -21.60
C GLY A 24 -20.10 11.07 -20.24
N LEU A 25 -20.10 9.74 -20.24
CA LEU A 25 -19.95 8.97 -19.01
C LEU A 25 -18.56 9.12 -18.42
N ALA A 26 -17.55 9.16 -19.29
CA ALA A 26 -16.19 9.37 -18.80
C ALA A 26 -16.10 10.73 -18.12
N ILE A 27 -16.61 11.75 -18.79
CA ILE A 27 -16.64 13.09 -18.24
C ILE A 27 -17.28 13.16 -16.84
N LEU A 28 -18.26 12.30 -16.58
CA LEU A 28 -18.96 12.32 -15.29
C LEU A 28 -18.14 11.68 -14.16
N LYS A 29 -17.23 10.79 -14.52
CA LYS A 29 -16.45 10.01 -13.56
C LYS A 29 -14.97 10.38 -13.51
N LEU A 30 -14.47 10.96 -14.59
CA LEU A 30 -13.04 11.27 -14.71
C LEU A 30 -12.59 12.27 -13.62
N PRO A 31 -11.47 11.98 -12.96
CA PRO A 31 -10.91 12.93 -12.00
C PRO A 31 -10.58 14.25 -12.72
N VAL A 32 -10.75 15.37 -12.03
CA VAL A 32 -10.36 16.67 -12.56
C VAL A 32 -9.24 17.23 -11.69
N ALA A 33 -8.21 17.78 -12.34
CA ALA A 33 -7.06 18.32 -11.63
C ALA A 33 -6.45 19.44 -12.47
N GLN A 34 -5.61 20.27 -11.86
CA GLN A 34 -4.95 21.30 -12.65
C GLN A 34 -3.90 20.70 -13.56
N TYR A 35 -3.10 19.81 -12.99
CA TYR A 35 -2.00 19.17 -13.69
C TYR A 35 -1.92 17.72 -13.28
N PRO A 36 -1.25 16.90 -14.10
CA PRO A 36 -0.89 15.54 -13.68
C PRO A 36 0.06 15.62 -12.48
N THR A 37 0.09 14.61 -11.62
CA THR A 37 0.99 14.68 -10.47
C THR A 37 2.43 14.45 -10.94
N ILE A 38 3.32 15.33 -10.51
CA ILE A 38 4.74 15.20 -10.85
C ILE A 38 5.64 15.38 -9.62
N ALA A 39 5.03 15.77 -8.50
CA ALA A 39 5.79 15.97 -7.26
C ALA A 39 6.25 14.64 -6.69
N PRO A 40 7.52 14.57 -6.29
CA PRO A 40 8.06 13.40 -5.59
C PRO A 40 7.30 13.24 -4.28
N PRO A 41 6.86 12.03 -3.97
CA PRO A 41 6.19 11.83 -2.68
C PRO A 41 7.15 12.16 -1.54
N ALA A 42 6.64 12.69 -0.44
CA ALA A 42 7.47 13.01 0.71
C ALA A 42 6.78 12.50 1.96
N VAL A 43 7.53 11.80 2.80
CA VAL A 43 7.00 11.34 4.07
C VAL A 43 7.68 12.14 5.19
N THR A 44 6.86 12.63 6.11
CA THR A 44 7.37 13.49 7.16
C THR A 44 7.11 12.84 8.50
N ILE A 45 8.14 12.82 9.35
CA ILE A 45 8.02 12.34 10.73
C ILE A 45 8.06 13.58 11.63
N SER A 46 7.13 13.69 12.58
CA SER A 46 7.08 14.88 13.43
C SER A 46 7.04 14.47 14.87
N ALA A 47 7.74 15.21 15.71
CA ALA A 47 7.81 14.87 17.11
C ALA A 47 8.00 16.14 17.91
N SER A 48 7.69 16.07 19.19
CA SER A 48 7.75 17.26 20.04
C SER A 48 8.29 16.88 21.40
N TYR A 49 9.18 17.70 21.93
CA TYR A 49 9.79 17.47 23.25
C TYR A 49 9.53 18.75 24.05
N PRO A 50 8.43 18.79 24.82
CA PRO A 50 8.01 20.05 25.45
C PRO A 50 9.13 20.64 26.29
N GLY A 51 9.45 21.91 26.05
CA GLY A 51 10.44 22.56 26.88
C GLY A 51 11.89 22.29 26.47
N ALA A 52 12.10 21.53 25.39
CA ALA A 52 13.48 21.25 24.95
C ALA A 52 14.05 22.32 24.01
N ASP A 53 15.36 22.56 24.11
CA ASP A 53 16.07 23.43 23.20
C ASP A 53 16.48 22.62 21.98
N ALA A 54 16.94 23.32 20.95
CA ALA A 54 17.21 22.68 19.66
C ALA A 54 18.22 21.54 19.75
N LYS A 55 19.26 21.71 20.55
CA LYS A 55 20.33 20.70 20.62
C LYS A 55 19.82 19.47 21.35
N THR A 56 19.02 19.70 22.39
CA THR A 56 18.42 18.59 23.11
C THR A 56 17.52 17.77 22.20
N VAL A 57 16.72 18.45 21.38
CA VAL A 57 15.86 17.75 20.41
C VAL A 57 16.69 16.93 19.43
N GLN A 58 17.70 17.55 18.84
CA GLN A 58 18.58 16.89 17.89
C GLN A 58 19.29 15.66 18.46
N ASP A 59 19.82 15.78 19.67
CA ASP A 59 20.77 14.78 20.16
C ASP A 59 20.04 13.68 20.88
N THR A 60 18.77 13.93 21.13
CA THR A 60 18.00 13.01 21.93
C THR A 60 16.85 12.39 21.10
N VAL A 61 16.56 13.00 19.95
CA VAL A 61 15.46 12.50 19.14
C VAL A 61 15.81 12.41 17.67
N THR A 62 16.23 13.53 17.09
CA THR A 62 16.44 13.56 15.65
C THR A 62 17.54 12.58 15.20
N GLN A 63 18.69 12.58 15.87
CA GLN A 63 19.81 11.71 15.46
C GLN A 63 19.40 10.25 15.60
N VAL A 64 18.71 9.96 16.70
CA VAL A 64 18.26 8.60 16.97
C VAL A 64 17.33 8.08 15.89
N ILE A 65 16.38 8.91 15.45
CA ILE A 65 15.46 8.46 14.41
C ILE A 65 16.23 8.34 13.09
N GLU A 66 17.04 9.36 12.78
CA GLU A 66 17.80 9.36 11.54
C GLU A 66 18.69 8.13 11.38
N GLN A 67 19.31 7.70 12.48
CA GLN A 67 20.22 6.55 12.39
C GLN A 67 19.48 5.25 12.12
N ASN A 68 18.17 5.26 12.35
CA ASN A 68 17.35 4.08 12.10
C ASN A 68 16.71 4.09 10.71
N MET A 69 16.93 5.18 9.96
CA MET A 69 16.37 5.34 8.63
C MET A 69 17.29 4.72 7.59
N ASN A 70 17.04 3.47 7.27
CA ASN A 70 17.84 2.77 6.26
C ASN A 70 17.04 1.66 5.62
N GLY A 71 17.57 1.13 4.53
CA GLY A 71 16.90 0.10 3.77
C GLY A 71 15.49 0.51 3.38
N ILE A 72 15.33 1.78 3.01
CA ILE A 72 14.04 2.27 2.54
C ILE A 72 14.12 2.48 1.03
N ASP A 73 13.21 1.83 0.31
CA ASP A 73 13.25 1.84 -1.15
C ASP A 73 13.00 3.23 -1.71
N ASN A 74 13.71 3.57 -2.77
CA ASN A 74 13.37 4.72 -3.60
C ASN A 74 13.58 6.05 -2.90
N LEU A 75 14.40 6.05 -1.86
CA LEU A 75 14.69 7.27 -1.11
C LEU A 75 15.67 8.15 -1.88
N MET A 76 15.31 9.39 -2.19
CA MET A 76 16.26 10.28 -2.86
C MET A 76 17.11 11.05 -1.87
N TYR A 77 16.47 11.57 -0.82
CA TYR A 77 17.21 12.25 0.22
C TYR A 77 16.37 12.45 1.46
N MET A 78 17.03 12.90 2.54
CA MET A 78 16.39 13.08 3.83
C MET A 78 16.88 14.40 4.42
N SER A 79 15.98 15.16 5.07
CA SER A 79 16.39 16.40 5.73
C SER A 79 15.64 16.58 7.03
N SER A 80 16.18 17.39 7.93
CA SER A 80 15.49 17.57 9.21
C SER A 80 15.79 18.90 9.85
N ASN A 81 14.85 19.37 10.66
CA ASN A 81 15.04 20.56 11.47
C ASN A 81 14.73 20.16 12.90
N SER A 82 15.55 20.63 13.83
CA SER A 82 15.34 20.41 15.24
C SER A 82 15.32 21.81 15.83
N ASP A 83 14.25 22.20 16.52
CA ASP A 83 14.22 23.60 16.95
C ASP A 83 13.93 23.84 18.43
N SER A 84 14.16 25.07 18.87
CA SER A 84 14.02 25.38 20.30
C SER A 84 12.57 25.57 20.76
N THR A 85 11.63 25.28 19.86
CA THR A 85 10.24 25.08 20.26
C THR A 85 10.04 23.66 20.80
N GLY A 86 11.08 22.83 20.67
CA GLY A 86 10.99 21.43 21.10
C GLY A 86 10.53 20.52 19.99
N THR A 87 10.56 21.02 18.77
CA THR A 87 9.95 20.31 17.64
C THR A 87 11.00 19.71 16.71
N VAL A 88 10.74 18.50 16.21
CA VAL A 88 11.54 17.94 15.13
C VAL A 88 10.65 17.66 13.94
N GLN A 89 11.13 17.97 12.75
CA GLN A 89 10.48 17.46 11.56
C GLN A 89 11.55 16.76 10.71
N ILE A 90 11.31 15.51 10.33
CA ILE A 90 12.21 14.79 9.43
C ILE A 90 11.47 14.47 8.14
N THR A 91 12.00 14.95 7.02
CA THR A 91 11.35 14.75 5.72
C THR A 91 12.14 13.77 4.85
N LEU A 92 11.47 12.71 4.40
CA LEU A 92 12.05 11.75 3.48
C LEU A 92 11.37 11.89 2.12
N THR A 93 12.18 12.21 1.10
CA THR A 93 11.65 12.46 -0.24
C THR A 93 12.00 11.28 -1.17
N PHE A 94 11.00 10.81 -1.90
CA PHE A 94 11.12 9.58 -2.68
C PHE A 94 11.07 9.84 -4.18
N GLU A 95 11.57 8.89 -4.98
CA GLU A 95 11.51 8.97 -6.46
C GLU A 95 10.08 9.15 -6.93
N SER A 96 9.87 9.93 -7.99
CA SER A 96 8.55 10.02 -8.60
C SER A 96 8.05 8.61 -8.91
N GLY A 97 6.76 8.35 -8.70
CA GLY A 97 6.23 7.04 -9.00
C GLY A 97 6.27 6.09 -7.83
N THR A 98 6.96 6.47 -6.76
CA THR A 98 6.96 5.64 -5.55
C THR A 98 5.54 5.58 -4.98
N ASP A 99 5.07 4.39 -4.63
CA ASP A 99 3.78 4.24 -3.93
C ASP A 99 3.88 4.81 -2.53
N ALA A 100 3.22 5.94 -2.29
CA ALA A 100 3.31 6.62 -0.98
C ALA A 100 2.88 5.76 0.20
N ASP A 101 1.95 4.84 -0.02
CA ASP A 101 1.50 3.96 1.07
C ASP A 101 2.64 3.09 1.56
N ILE A 102 3.41 2.56 0.62
CA ILE A 102 4.52 1.67 0.96
C ILE A 102 5.67 2.49 1.55
N ALA A 103 5.95 3.66 0.96
CA ALA A 103 6.96 4.55 1.54
C ALA A 103 6.64 4.80 3.01
N GLN A 104 5.38 5.13 3.30
CA GLN A 104 5.01 5.39 4.69
C GLN A 104 5.16 4.17 5.59
N VAL A 105 4.69 3.01 5.11
CA VAL A 105 4.88 1.75 5.82
C VAL A 105 6.38 1.47 6.10
N GLN A 106 7.22 1.70 5.12
CA GLN A 106 8.64 1.38 5.29
C GLN A 106 9.31 2.34 6.27
N VAL A 107 8.97 3.62 6.19
CA VAL A 107 9.45 4.61 7.15
C VAL A 107 9.02 4.26 8.58
N GLN A 108 7.75 3.91 8.74
CA GLN A 108 7.29 3.64 10.08
C GLN A 108 7.87 2.35 10.66
N ASN A 109 8.09 1.35 9.81
CA ASN A 109 8.73 0.13 10.31
C ASN A 109 10.09 0.47 10.92
N LYS A 110 10.81 1.42 10.33
CA LYS A 110 12.11 1.81 10.89
C LYS A 110 11.94 2.73 12.09
N LEU A 111 10.95 3.63 12.03
CA LEU A 111 10.71 4.53 13.14
C LEU A 111 10.41 3.74 14.41
N GLN A 112 9.66 2.65 14.28
CA GLN A 112 9.26 1.87 15.48
C GLN A 112 10.46 1.21 16.17
N LEU A 113 11.60 1.13 15.49
CA LEU A 113 12.82 0.61 16.11
C LEU A 113 13.43 1.72 16.95
N ALA A 114 13.20 2.96 16.55
CA ALA A 114 13.75 4.08 17.31
C ALA A 114 12.84 4.48 18.49
N MET A 115 11.53 4.22 18.36
CA MET A 115 10.55 4.74 19.33
C MET A 115 10.91 4.49 20.79
N PRO A 116 11.30 3.24 21.12
CA PRO A 116 11.60 2.92 22.52
C PRO A 116 12.83 3.64 23.04
N LEU A 117 13.66 4.16 22.14
CA LEU A 117 14.90 4.87 22.54
C LEU A 117 14.64 6.36 22.76
N LEU A 118 13.41 6.81 22.51
CA LEU A 118 13.08 8.23 22.64
C LEU A 118 12.66 8.54 24.08
N PRO A 119 12.87 9.78 24.51
CA PRO A 119 12.41 10.18 25.85
C PRO A 119 10.92 9.90 25.97
N GLN A 120 10.51 9.44 27.16
CA GLN A 120 9.11 9.20 27.48
C GLN A 120 8.23 10.41 27.16
N GLU A 121 8.69 11.60 27.50
CA GLU A 121 7.91 12.80 27.23
C GLU A 121 7.68 13.01 25.71
N VAL A 122 8.61 12.56 24.88
CA VAL A 122 8.42 12.68 23.42
C VAL A 122 7.40 11.65 22.92
N GLN A 123 7.51 10.43 23.43
CA GLN A 123 6.59 9.37 23.03
C GLN A 123 5.16 9.77 23.40
N GLN A 124 5.02 10.40 24.56
CA GLN A 124 3.68 10.79 25.03
C GLN A 124 3.05 11.97 24.31
N GLN A 125 3.87 12.77 23.62
CA GLN A 125 3.31 13.84 22.80
C GLN A 125 2.72 13.28 21.52
N GLY A 126 3.14 12.05 21.19
CA GLY A 126 2.69 11.40 19.98
C GLY A 126 3.60 11.73 18.82
N VAL A 127 4.28 10.74 18.24
CA VAL A 127 5.05 11.09 17.05
C VAL A 127 4.16 10.73 15.89
N SER A 128 4.28 11.46 14.78
CA SER A 128 3.41 11.16 13.67
C SER A 128 4.21 10.94 12.40
N VAL A 129 3.62 10.18 11.48
CA VAL A 129 4.22 9.92 10.19
C VAL A 129 3.15 10.26 9.19
N GLU A 130 3.43 11.22 8.31
CA GLU A 130 2.42 11.67 7.37
C GLU A 130 2.93 11.65 5.96
N LYS A 131 2.01 11.52 5.01
CA LYS A 131 2.37 11.54 3.60
C LYS A 131 1.52 12.60 2.91
N SER A 132 2.03 13.81 2.83
CA SER A 132 1.23 14.88 2.30
C SER A 132 2.08 15.84 1.53
N SER A 133 1.41 16.70 0.75
CA SER A 133 2.09 17.80 0.09
C SER A 133 2.61 18.75 1.16
N SER A 134 3.59 19.59 0.82
CA SER A 134 4.13 20.56 1.78
C SER A 134 3.27 21.83 1.88
N SER A 135 2.52 22.12 0.83
CA SER A 135 1.72 23.33 0.81
C SER A 135 0.27 23.09 1.28
N PHE A 136 -0.43 24.15 1.62
CA PHE A 136 -1.81 24.01 2.06
C PHE A 136 -2.74 23.94 0.87
N LEU A 137 -3.67 23.00 0.95
CA LEU A 137 -4.74 22.86 -0.03
C LEU A 137 -5.73 23.99 0.22
N MET A 138 -6.07 24.17 1.49
CA MET A 138 -6.95 25.26 1.89
C MET A 138 -6.77 25.53 3.37
N VAL A 139 -7.29 26.67 3.80
CA VAL A 139 -7.44 26.99 5.20
C VAL A 139 -8.92 27.20 5.45
N VAL A 140 -9.48 26.45 6.38
CA VAL A 140 -10.85 26.67 6.78
C VAL A 140 -10.79 27.56 8.01
N GLY A 141 -11.34 28.76 7.93
CA GLY A 141 -11.31 29.65 9.08
C GLY A 141 -12.59 29.58 9.90
N VAL A 142 -12.50 29.93 11.17
CA VAL A 142 -13.66 29.91 12.04
C VAL A 142 -13.67 31.18 12.90
N ILE A 143 -14.81 31.88 12.88
CA ILE A 143 -14.92 33.11 13.64
C ILE A 143 -16.22 33.06 14.44
N ASN A 144 -16.42 34.06 15.29
CA ASN A 144 -17.72 34.16 15.93
C ASN A 144 -18.31 35.55 15.71
N THR A 145 -19.41 35.63 14.95
CA THR A 145 -19.98 36.91 14.51
C THR A 145 -20.64 37.73 15.62
N ASP A 146 -21.07 37.05 16.69
CA ASP A 146 -21.64 37.74 17.85
C ASP A 146 -20.54 38.19 18.79
N GLY A 147 -19.29 37.92 18.43
CA GLY A 147 -18.17 38.26 19.29
C GLY A 147 -18.32 37.68 20.70
N THR A 148 -18.93 36.50 20.82
CA THR A 148 -19.21 35.91 22.13
C THR A 148 -18.29 34.71 22.48
N MET A 149 -17.27 34.51 21.65
CA MET A 149 -16.22 33.54 21.95
C MET A 149 -14.88 34.16 21.61
N THR A 150 -13.92 34.03 22.53
CA THR A 150 -12.56 34.53 22.32
C THR A 150 -11.78 33.67 21.33
N GLN A 151 -10.58 34.11 20.97
CA GLN A 151 -9.71 33.32 20.10
C GLN A 151 -9.47 31.93 20.70
N GLU A 152 -9.30 31.89 22.01
CA GLU A 152 -8.96 30.65 22.68
C GLU A 152 -10.16 29.71 22.74
N ASP A 153 -11.34 30.29 22.95
CA ASP A 153 -12.59 29.54 22.95
C ASP A 153 -12.83 28.91 21.59
N ILE A 154 -12.65 29.70 20.54
CA ILE A 154 -12.95 29.20 19.21
C ILE A 154 -11.96 28.06 18.87
N SER A 155 -10.69 28.29 19.18
CA SER A 155 -9.67 27.29 18.87
C SER A 155 -9.97 25.98 19.55
N ASP A 156 -10.36 26.05 20.82
CA ASP A 156 -10.75 24.82 21.49
C ASP A 156 -11.98 24.19 20.85
N TYR A 157 -12.97 25.01 20.47
CA TYR A 157 -14.14 24.44 19.81
C TYR A 157 -13.71 23.66 18.57
N VAL A 158 -12.87 24.28 17.75
CA VAL A 158 -12.46 23.66 16.52
C VAL A 158 -11.68 22.39 16.83
N ALA A 159 -10.73 22.48 17.75
CA ALA A 159 -9.92 21.31 18.08
C ALA A 159 -10.80 20.16 18.57
N ALA A 160 -11.82 20.49 19.34
CA ALA A 160 -12.55 19.43 20.05
C ALA A 160 -13.75 18.87 19.29
N ASN A 161 -14.24 19.61 18.30
CA ASN A 161 -15.51 19.25 17.67
C ASN A 161 -15.41 19.08 16.15
N MET A 162 -14.36 19.64 15.54
CA MET A 162 -14.25 19.69 14.08
C MET A 162 -13.00 19.02 13.50
N LYS A 163 -11.88 19.17 14.19
CA LYS A 163 -10.58 18.77 13.66
C LYS A 163 -10.46 17.26 13.38
N ASP A 164 -10.90 16.42 14.31
CA ASP A 164 -10.70 14.99 14.16
C ASP A 164 -11.42 14.44 12.90
N ALA A 165 -12.67 14.83 12.69
CA ALA A 165 -13.42 14.31 11.53
C ALA A 165 -12.79 14.76 10.23
N ILE A 166 -12.26 15.98 10.23
CA ILE A 166 -11.57 16.48 9.04
C ILE A 166 -10.27 15.67 8.86
N SER A 167 -9.58 15.41 9.96
CA SER A 167 -8.30 14.69 9.90
C SER A 167 -8.49 13.26 9.45
N ARG A 168 -9.70 12.72 9.64
CA ARG A 168 -10.00 11.35 9.22
C ARG A 168 -10.47 11.24 7.77
N THR A 169 -10.75 12.38 7.13
CA THR A 169 -11.33 12.39 5.79
C THR A 169 -10.30 11.95 4.72
N SER A 170 -10.72 11.07 3.82
CA SER A 170 -9.74 10.49 2.87
C SER A 170 -9.19 11.61 2.02
N GLY A 171 -7.88 11.63 1.80
CA GLY A 171 -7.28 12.65 0.97
C GLY A 171 -6.66 13.77 1.80
N VAL A 172 -6.99 13.80 3.08
CA VAL A 172 -6.46 14.81 3.97
C VAL A 172 -5.17 14.29 4.59
N GLY A 173 -4.05 14.83 4.13
CA GLY A 173 -2.75 14.29 4.52
C GLY A 173 -2.26 14.81 5.86
N ASP A 174 -2.63 16.04 6.19
CA ASP A 174 -2.17 16.71 7.41
C ASP A 174 -3.10 17.88 7.72
N VAL A 175 -3.43 18.07 8.99
CA VAL A 175 -4.25 19.21 9.42
C VAL A 175 -3.54 19.96 10.52
N GLN A 176 -3.30 21.25 10.28
CA GLN A 176 -2.71 22.11 11.30
C GLN A 176 -3.80 22.98 11.94
N LEU A 177 -3.96 22.89 13.26
CA LEU A 177 -4.83 23.80 13.99
C LEU A 177 -4.17 25.17 14.17
N PHE A 178 -4.86 26.23 13.81
CA PHE A 178 -4.26 27.55 14.03
C PHE A 178 -4.75 28.06 15.38
N GLY A 179 -4.17 27.49 16.42
CA GLY A 179 -4.65 27.71 17.78
C GLY A 179 -4.35 26.45 18.55
N SER A 180 -4.99 26.27 19.70
CA SER A 180 -4.68 25.10 20.50
C SER A 180 -5.91 24.61 21.25
N GLN A 181 -6.00 23.28 21.40
CA GLN A 181 -7.07 22.68 22.19
C GLN A 181 -6.87 23.07 23.66
N TYR A 182 -7.96 23.16 24.42
CA TYR A 182 -7.80 23.41 25.85
C TYR A 182 -7.09 22.25 26.54
N ALA A 183 -6.32 22.59 27.56
CA ALA A 183 -5.82 21.64 28.54
C ALA A 183 -6.22 22.17 29.91
N MET A 184 -6.17 21.33 30.92
CA MET A 184 -6.30 21.82 32.28
C MET A 184 -4.95 22.41 32.66
N ARG A 185 -4.89 23.73 32.89
CA ARG A 185 -3.59 24.34 33.24
C ARG A 185 -3.46 24.55 34.74
N ILE A 186 -2.41 23.99 35.30
CA ILE A 186 -2.09 24.24 36.70
C ILE A 186 -0.92 25.21 36.71
N TRP A 187 -1.18 26.48 37.03
CA TRP A 187 -0.13 27.51 37.03
C TRP A 187 0.46 27.69 38.43
N MET A 188 1.66 27.15 38.64
CA MET A 188 2.24 27.04 39.96
C MET A 188 2.83 28.37 40.42
N ASN A 189 2.82 28.59 41.72
CA ASN A 189 3.38 29.78 42.34
C ASN A 189 4.47 29.28 43.28
N PRO A 190 5.74 29.62 42.98
CA PRO A 190 6.88 29.11 43.75
C PRO A 190 6.86 29.59 45.20
N ASN A 191 6.30 30.78 45.44
CA ASN A 191 6.26 31.34 46.79
C ASN A 191 5.36 30.51 47.71
N GLU A 192 4.20 30.13 47.18
CA GLU A 192 3.23 29.34 47.94
C GLU A 192 3.76 27.92 48.11
N LEU A 193 4.32 27.36 47.04
CA LEU A 193 4.92 26.03 47.13
C LEU A 193 5.98 25.97 48.23
N ASN A 194 6.86 26.98 48.27
CA ASN A 194 7.92 26.96 49.25
C ASN A 194 7.35 27.15 50.64
N LYS A 195 6.34 28.00 50.75
CA LYS A 195 5.67 28.23 52.02
C LYS A 195 5.13 26.93 52.65
N PHE A 196 4.66 26.01 51.81
CA PHE A 196 4.10 24.77 52.35
C PHE A 196 5.08 23.64 52.23
N GLN A 197 6.33 23.98 51.91
CA GLN A 197 7.41 23.03 51.72
C GLN A 197 7.10 21.95 50.68
N LEU A 198 6.57 22.40 49.54
CA LEU A 198 6.23 21.50 48.45
C LEU A 198 6.96 21.93 47.18
N THR A 199 7.01 21.03 46.21
CA THR A 199 7.64 21.33 44.94
C THR A 199 6.74 20.88 43.80
N PRO A 200 7.14 21.19 42.58
CA PRO A 200 6.38 20.68 41.44
C PRO A 200 6.32 19.13 41.43
N VAL A 201 7.33 18.45 41.97
CA VAL A 201 7.28 16.99 42.07
C VAL A 201 6.07 16.51 42.90
N ASP A 202 5.83 17.14 44.05
CA ASP A 202 4.68 16.79 44.85
C ASP A 202 3.37 17.10 44.11
N VAL A 203 3.38 18.16 43.32
CA VAL A 203 2.18 18.56 42.59
C VAL A 203 1.85 17.52 41.52
N ILE A 204 2.88 17.07 40.82
CA ILE A 204 2.68 16.09 39.76
C ILE A 204 2.22 14.75 40.35
N THR A 205 2.86 14.33 41.43
CA THR A 205 2.47 13.11 42.13
C THR A 205 1.01 13.18 42.59
N ALA A 206 0.62 14.29 43.23
CA ALA A 206 -0.76 14.43 43.68
C ALA A 206 -1.76 14.40 42.51
N ILE A 207 -1.40 14.98 41.37
CA ILE A 207 -2.33 15.01 40.25
C ILE A 207 -2.51 13.60 39.67
N LYS A 208 -1.42 12.85 39.53
CA LYS A 208 -1.50 11.48 39.04
C LYS A 208 -2.31 10.62 39.99
N ALA A 209 -2.15 10.82 41.29
CA ALA A 209 -2.87 10.03 42.29
C ALA A 209 -4.36 10.38 42.36
N GLN A 210 -4.68 11.66 42.20
CA GLN A 210 -6.05 12.13 42.49
C GLN A 210 -6.89 12.51 41.26
N ASN A 211 -6.25 12.54 40.11
CA ASN A 211 -6.96 12.60 38.84
C ASN A 211 -6.69 11.28 38.13
N ALA A 212 -7.36 10.23 38.58
CA ALA A 212 -7.07 8.87 38.13
C ALA A 212 -8.36 8.19 37.70
N GLN A 213 -8.22 7.20 36.83
CA GLN A 213 -9.38 6.41 36.41
C GLN A 213 -9.06 4.95 36.71
N VAL A 214 -9.65 4.38 37.75
CA VAL A 214 -9.15 3.08 38.21
C VAL A 214 -10.08 1.93 37.88
N ALA A 215 -9.50 0.82 37.44
CA ALA A 215 -10.25 -0.40 37.17
C ALA A 215 -10.46 -1.08 38.51
N ALA A 216 -11.70 -1.34 38.89
CA ALA A 216 -11.95 -1.83 40.25
C ALA A 216 -12.72 -3.15 40.31
N GLY A 217 -13.00 -3.76 39.16
CA GLY A 217 -13.64 -5.07 39.15
C GLY A 217 -15.14 -5.03 39.37
N GLN A 218 -15.72 -6.13 39.87
CA GLN A 218 -17.15 -6.27 40.02
C GLN A 218 -17.56 -6.95 41.31
N LEU A 219 -18.73 -6.59 41.83
CA LEU A 219 -19.40 -7.42 42.83
C LEU A 219 -20.00 -8.59 42.07
N GLY A 220 -19.93 -9.80 42.63
CA GLY A 220 -20.45 -10.98 41.96
C GLY A 220 -19.77 -11.27 40.63
N GLY A 221 -18.52 -10.83 40.49
CA GLY A 221 -17.75 -11.04 39.26
C GLY A 221 -17.41 -12.51 39.03
N THR A 222 -17.16 -12.89 37.77
CA THR A 222 -16.76 -14.27 37.47
C THR A 222 -15.29 -14.47 37.82
N PRO A 223 -14.92 -15.68 38.29
CA PRO A 223 -15.85 -16.77 38.62
C PRO A 223 -16.46 -16.48 39.97
N PRO A 224 -17.77 -16.68 40.11
CA PRO A 224 -18.48 -16.29 41.32
C PRO A 224 -18.71 -17.49 42.24
N VAL A 225 -19.20 -17.24 43.45
CA VAL A 225 -19.62 -18.34 44.31
C VAL A 225 -20.99 -18.81 43.87
N LYS A 226 -21.37 -20.01 44.31
CA LYS A 226 -22.68 -20.55 44.00
C LYS A 226 -23.76 -19.77 44.76
N GLY A 227 -24.89 -19.51 44.10
CA GLY A 227 -26.01 -18.84 44.72
C GLY A 227 -25.95 -17.33 44.62
N GLN A 228 -24.95 -16.80 43.93
CA GLN A 228 -24.81 -15.34 43.81
C GLN A 228 -26.00 -14.67 43.10
N GLN A 229 -26.47 -13.56 43.66
CA GLN A 229 -27.65 -12.87 43.14
C GLN A 229 -27.31 -11.50 42.57
N LEU A 230 -26.26 -10.88 43.11
CA LEU A 230 -25.84 -9.55 42.68
C LEU A 230 -24.63 -9.54 41.74
N ASN A 231 -24.74 -8.80 40.65
CA ASN A 231 -23.61 -8.52 39.76
C ASN A 231 -23.66 -7.04 39.39
N ALA A 232 -22.61 -6.30 39.74
CA ALA A 232 -22.54 -4.86 39.44
C ALA A 232 -21.09 -4.44 39.33
N SER A 233 -20.81 -3.51 38.44
CA SER A 233 -19.48 -2.94 38.38
C SER A 233 -19.17 -2.13 39.64
N ILE A 234 -17.91 -2.16 40.06
CA ILE A 234 -17.42 -1.27 41.09
C ILE A 234 -16.81 -0.05 40.42
N ILE A 235 -17.24 1.13 40.82
CA ILE A 235 -16.73 2.37 40.26
C ILE A 235 -15.95 3.08 41.35
N ALA A 236 -14.65 3.30 41.12
CA ALA A 236 -13.84 4.01 42.09
C ALA A 236 -13.52 5.38 41.50
N GLN A 237 -12.27 5.83 41.62
CA GLN A 237 -11.94 7.17 41.14
C GLN A 237 -12.16 7.26 39.65
N THR A 238 -12.63 8.42 39.21
CA THR A 238 -12.80 8.73 37.79
C THR A 238 -12.01 10.00 37.49
N ARG A 239 -11.70 10.25 36.22
CA ARG A 239 -10.97 11.47 35.88
C ARG A 239 -11.74 12.69 36.33
N LEU A 240 -10.99 13.70 36.77
CA LEU A 240 -11.54 14.99 37.14
C LEU A 240 -12.05 15.69 35.87
N THR A 241 -13.01 16.60 36.02
CA THR A 241 -13.69 17.18 34.85
C THR A 241 -13.78 18.71 34.85
N SER A 242 -13.27 19.34 35.89
CA SER A 242 -13.43 20.79 36.05
C SER A 242 -12.32 21.39 36.89
N THR A 243 -12.14 22.71 36.76
CA THR A 243 -11.12 23.40 37.51
C THR A 243 -11.45 23.30 39.00
N GLU A 244 -12.73 23.29 39.32
CA GLU A 244 -13.14 23.18 40.73
C GLU A 244 -12.57 21.91 41.33
N GLU A 245 -12.68 20.80 40.60
CA GLU A 245 -12.21 19.51 41.10
C GLU A 245 -10.70 19.46 41.21
N PHE A 246 -9.99 20.02 40.23
CA PHE A 246 -8.53 20.04 40.30
C PHE A 246 -8.09 20.91 41.46
N GLY A 247 -8.80 22.00 41.69
CA GLY A 247 -8.47 22.91 42.76
C GLY A 247 -8.52 22.27 44.15
N LYS A 248 -9.39 21.29 44.34
CA LYS A 248 -9.47 20.67 45.66
C LYS A 248 -8.62 19.41 45.81
N ILE A 249 -7.77 19.12 44.83
CA ILE A 249 -6.80 18.04 45.00
C ILE A 249 -6.05 18.33 46.31
N LEU A 250 -5.89 17.31 47.15
CA LEU A 250 -5.28 17.51 48.47
C LEU A 250 -3.79 17.20 48.42
N LEU A 251 -2.97 18.23 48.60
CA LEU A 251 -1.53 18.05 48.50
C LEU A 251 -0.99 17.50 49.81
N LYS A 252 -1.51 18.00 50.93
CA LYS A 252 -1.08 17.49 52.22
C LYS A 252 -1.89 18.11 53.33
N VAL A 253 -1.82 17.48 54.50
CA VAL A 253 -2.44 18.03 55.69
C VAL A 253 -1.33 18.49 56.62
N ASN A 254 -1.45 19.72 57.13
CA ASN A 254 -0.43 20.29 58.01
C ASN A 254 -0.43 19.59 59.36
N GLN A 255 0.61 19.85 60.16
CA GLN A 255 0.73 19.25 61.47
C GLN A 255 -0.49 19.55 62.34
N ASP A 256 -1.04 20.75 62.17
CA ASP A 256 -2.22 21.17 62.93
C ASP A 256 -3.54 20.77 62.27
N GLY A 257 -3.46 19.93 61.24
CA GLY A 257 -4.66 19.42 60.59
C GLY A 257 -5.28 20.33 59.55
N SER A 258 -4.68 21.50 59.31
CA SER A 258 -5.13 22.36 58.23
C SER A 258 -4.78 21.71 56.89
N ARG A 259 -5.58 21.98 55.86
CA ARG A 259 -5.40 21.36 54.54
C ARG A 259 -4.70 22.26 53.53
N VAL A 260 -3.79 21.68 52.76
CA VAL A 260 -3.20 22.38 51.62
C VAL A 260 -3.77 21.79 50.32
N LEU A 261 -4.61 22.57 49.65
CA LEU A 261 -5.25 22.16 48.39
C LEU A 261 -4.42 22.66 47.22
N LEU A 262 -4.57 22.05 46.03
CA LEU A 262 -3.85 22.52 44.84
C LEU A 262 -4.08 24.00 44.60
N ARG A 263 -5.31 24.46 44.82
CA ARG A 263 -5.66 25.86 44.57
C ARG A 263 -4.91 26.82 45.50
N ASP A 264 -4.31 26.28 46.56
CA ASP A 264 -3.52 27.09 47.48
C ASP A 264 -2.12 27.39 46.96
N VAL A 265 -1.64 26.59 45.98
CA VAL A 265 -0.30 26.82 45.44
C VAL A 265 -0.29 27.08 43.93
N ALA A 266 -1.47 27.21 43.32
CA ALA A 266 -1.55 27.35 41.86
C ALA A 266 -2.83 28.01 41.41
N LYS A 267 -2.79 28.72 40.28
CA LYS A 267 -4.02 29.12 39.62
C LYS A 267 -4.42 28.01 38.68
N ILE A 268 -5.72 27.78 38.56
CA ILE A 268 -6.23 26.62 37.85
C ILE A 268 -7.25 27.08 36.84
N GLU A 269 -7.01 26.77 35.57
CA GLU A 269 -7.87 27.26 34.50
C GLU A 269 -7.78 26.39 33.27
N LEU A 270 -8.87 26.37 32.52
CA LEU A 270 -8.85 25.82 31.17
C LEU A 270 -8.00 26.76 30.33
N GLY A 271 -7.00 26.24 29.63
CA GLY A 271 -6.16 27.06 28.76
C GLY A 271 -5.43 26.17 27.77
N GLY A 272 -4.88 26.75 26.72
CA GLY A 272 -4.30 25.96 25.64
C GLY A 272 -3.20 25.00 26.05
N GLU A 273 -3.10 23.89 25.31
CA GLU A 273 -1.95 23.00 25.45
C GLU A 273 -0.71 23.80 25.18
N ASN A 274 -0.80 24.69 24.21
CA ASN A 274 0.26 25.69 24.00
C ASN A 274 -0.35 27.06 23.69
N TYR A 275 0.49 28.08 23.70
CA TYR A 275 0.02 29.44 23.52
C TYR A 275 0.80 30.12 22.43
N ASP A 276 1.29 29.33 21.49
CA ASP A 276 2.13 29.86 20.42
C ASP A 276 1.39 30.35 19.20
N ILE A 277 0.18 29.86 18.96
CA ILE A 277 -0.45 30.14 17.68
C ILE A 277 -1.74 30.92 17.85
N ILE A 278 -1.80 32.10 17.26
CA ILE A 278 -2.95 33.00 17.41
C ILE A 278 -3.29 33.56 16.05
N ALA A 279 -4.52 33.34 15.59
CA ALA A 279 -4.92 33.81 14.26
C ALA A 279 -6.01 34.89 14.32
N GLU A 280 -6.09 35.67 13.24
CA GLU A 280 -7.12 36.68 13.08
C GLU A 280 -7.67 36.55 11.67
N PHE A 281 -8.95 36.85 11.49
CA PHE A 281 -9.53 36.90 10.16
C PHE A 281 -10.03 38.32 9.91
N ASN A 282 -9.40 39.02 8.97
CA ASN A 282 -9.74 40.42 8.75
C ASN A 282 -9.69 41.22 10.03
N GLY A 283 -8.71 40.91 10.87
CA GLY A 283 -8.51 41.67 12.08
C GLY A 283 -9.29 41.19 13.30
N GLN A 284 -10.18 40.20 13.13
CA GLN A 284 -10.92 39.69 14.29
C GLN A 284 -10.45 38.32 14.78
N PRO A 285 -10.76 38.00 16.04
CA PRO A 285 -10.40 36.72 16.64
C PRO A 285 -10.85 35.58 15.73
N ALA A 286 -10.00 34.58 15.54
CA ALA A 286 -10.35 33.45 14.69
C ALA A 286 -9.56 32.23 15.07
N SER A 287 -10.02 31.07 14.62
CA SER A 287 -9.16 29.90 14.56
C SER A 287 -9.31 29.31 13.18
N GLY A 288 -8.78 28.12 12.96
CA GLY A 288 -8.91 27.51 11.66
C GLY A 288 -8.11 26.23 11.51
N LEU A 289 -8.29 25.59 10.36
CA LEU A 289 -7.57 24.37 10.05
C LEU A 289 -6.85 24.59 8.74
N GLY A 290 -5.53 24.37 8.76
CA GLY A 290 -4.73 24.43 7.56
C GLY A 290 -4.63 22.99 7.10
N ILE A 291 -5.13 22.75 5.90
CA ILE A 291 -5.26 21.38 5.42
C ILE A 291 -4.28 21.12 4.27
N LYS A 292 -3.58 20.00 4.33
CA LYS A 292 -2.67 19.62 3.26
C LYS A 292 -3.18 18.34 2.62
N LEU A 293 -3.06 18.25 1.31
CA LEU A 293 -3.53 17.11 0.53
C LEU A 293 -2.62 15.89 0.71
N ALA A 294 -3.19 14.72 0.97
CA ALA A 294 -2.37 13.51 1.05
C ALA A 294 -1.68 13.27 -0.30
N THR A 295 -0.52 12.62 -0.30
CA THR A 295 0.21 12.41 -1.55
C THR A 295 -0.66 11.71 -2.60
N GLY A 296 -0.68 12.26 -3.81
CA GLY A 296 -1.42 11.63 -4.90
C GLY A 296 -2.94 11.79 -4.88
N ALA A 297 -3.51 12.31 -3.79
CA ALA A 297 -4.98 12.45 -3.72
C ALA A 297 -5.50 13.52 -4.67
N ASN A 298 -6.76 13.42 -5.04
CA ASN A 298 -7.38 14.44 -5.89
C ASN A 298 -7.80 15.68 -5.09
N ALA A 299 -7.28 16.85 -5.48
CA ALA A 299 -7.54 18.08 -4.75
C ALA A 299 -9.03 18.42 -4.72
N LEU A 300 -9.69 18.37 -5.87
CA LEU A 300 -11.12 18.72 -5.95
C LEU A 300 -12.03 17.77 -5.18
N ASP A 301 -11.80 16.45 -5.32
CA ASP A 301 -12.58 15.47 -4.57
C ASP A 301 -12.42 15.65 -3.07
N THR A 302 -11.19 15.88 -2.64
CA THR A 302 -10.90 16.01 -1.21
C THR A 302 -11.54 17.27 -0.63
N ALA A 303 -11.44 18.37 -1.36
CA ALA A 303 -12.11 19.61 -0.96
C ALA A 303 -13.61 19.41 -0.84
N ALA A 304 -14.21 18.64 -1.76
CA ALA A 304 -15.65 18.40 -1.69
C ALA A 304 -16.00 17.57 -0.46
N ALA A 305 -15.12 16.62 -0.12
CA ALA A 305 -15.39 15.79 1.05
C ALA A 305 -15.21 16.59 2.34
N ILE A 306 -14.27 17.53 2.34
CA ILE A 306 -14.06 18.40 3.50
C ILE A 306 -15.33 19.27 3.72
N ARG A 307 -15.81 19.91 2.65
CA ARG A 307 -17.03 20.72 2.75
C ARG A 307 -18.23 19.91 3.18
N ALA A 308 -18.33 18.68 2.68
CA ALA A 308 -19.45 17.82 3.06
C ALA A 308 -19.39 17.52 4.55
N GLU A 309 -18.19 17.33 5.07
CA GLU A 309 -18.03 17.05 6.48
C GLU A 309 -18.29 18.30 7.34
N LEU A 310 -17.85 19.45 6.84
CA LEU A 310 -18.07 20.72 7.56
C LEU A 310 -19.58 20.96 7.66
N ALA A 311 -20.30 20.66 6.58
CA ALA A 311 -21.73 20.93 6.54
C ALA A 311 -22.47 20.07 7.58
N LYS A 312 -21.91 18.91 7.93
CA LYS A 312 -22.50 18.07 8.98
C LYS A 312 -22.33 18.65 10.38
N MET A 313 -21.36 19.54 10.52
CA MET A 313 -21.04 20.14 11.83
C MET A 313 -21.81 21.43 12.11
N GLU A 314 -22.01 22.22 11.07
CA GLU A 314 -22.60 23.55 11.20
C GLU A 314 -23.87 23.63 12.05
N PRO A 315 -24.80 22.68 11.86
CA PRO A 315 -26.08 22.87 12.55
C PRO A 315 -25.94 22.75 14.06
N PHE A 316 -24.78 22.30 14.55
CA PHE A 316 -24.62 22.12 15.99
C PHE A 316 -23.68 23.13 16.64
N PHE A 317 -23.30 24.15 15.85
CA PHE A 317 -22.41 25.21 16.32
C PHE A 317 -23.04 25.99 17.47
N PRO A 318 -22.22 26.49 18.42
CA PRO A 318 -22.73 27.45 19.40
C PRO A 318 -23.10 28.75 18.68
N SER A 319 -23.96 29.57 19.28
CA SER A 319 -24.44 30.78 18.60
C SER A 319 -23.30 31.72 18.16
N GLY A 320 -23.41 32.24 16.93
CA GLY A 320 -22.44 33.19 16.42
C GLY A 320 -21.27 32.53 15.68
N LEU A 321 -21.04 31.24 15.91
CA LEU A 321 -19.90 30.55 15.29
C LEU A 321 -20.18 30.40 13.80
N LYS A 322 -19.17 30.68 12.99
CA LYS A 322 -19.31 30.70 11.54
C LYS A 322 -18.02 30.27 10.82
N ILE A 323 -18.17 29.47 9.78
CA ILE A 323 -17.02 29.05 8.97
C ILE A 323 -16.77 30.10 7.89
N VAL A 324 -15.53 30.50 7.71
CA VAL A 324 -15.18 31.40 6.62
C VAL A 324 -14.13 30.74 5.73
N TYR A 325 -13.91 31.29 4.55
CA TYR A 325 -13.09 30.61 3.57
C TYR A 325 -12.00 31.52 3.04
N PRO A 326 -10.95 31.71 3.85
CA PRO A 326 -9.89 32.70 3.62
C PRO A 326 -8.86 32.30 2.57
N TYR A 327 -8.77 31.02 2.24
CA TYR A 327 -7.69 30.55 1.37
C TYR A 327 -7.99 29.15 0.83
N ASP A 328 -8.22 29.07 -0.48
CA ASP A 328 -8.57 27.80 -1.11
C ASP A 328 -7.93 27.81 -2.48
N THR A 329 -7.12 26.80 -2.76
CA THR A 329 -6.45 26.68 -4.05
C THR A 329 -7.36 26.04 -5.12
N THR A 330 -8.46 25.41 -4.70
CA THR A 330 -9.23 24.58 -5.63
C THR A 330 -10.20 25.29 -6.55
N PRO A 331 -10.86 26.36 -6.07
CA PRO A 331 -11.74 27.10 -6.97
C PRO A 331 -11.05 27.47 -8.28
N PHE A 332 -9.80 27.91 -8.22
CA PHE A 332 -9.11 28.29 -9.46
C PHE A 332 -9.02 27.13 -10.44
N VAL A 333 -8.88 25.91 -9.91
CA VAL A 333 -8.79 24.73 -10.76
C VAL A 333 -10.11 24.54 -11.50
N LYS A 334 -11.19 24.52 -10.73
CA LYS A 334 -12.53 24.35 -11.28
C LYS A 334 -12.85 25.44 -12.30
N ILE A 335 -12.57 26.68 -11.94
CA ILE A 335 -12.89 27.82 -12.80
C ILE A 335 -12.04 27.86 -14.08
N SER A 336 -10.73 27.61 -13.94
CA SER A 336 -9.83 27.66 -15.10
C SER A 336 -10.17 26.55 -16.09
N ILE A 337 -10.44 25.35 -15.58
CA ILE A 337 -10.89 24.24 -16.44
C ILE A 337 -12.19 24.64 -17.17
N HIS A 338 -13.12 25.24 -16.45
CA HIS A 338 -14.41 25.60 -17.04
C HIS A 338 -14.27 26.67 -18.14
N GLU A 339 -13.33 27.59 -17.97
CA GLU A 339 -13.05 28.58 -19.02
C GLU A 339 -12.55 27.91 -20.31
N VAL A 340 -11.73 26.87 -20.16
CA VAL A 340 -11.25 26.13 -21.34
C VAL A 340 -12.44 25.46 -22.04
N VAL A 341 -13.32 24.85 -21.25
CA VAL A 341 -14.56 24.29 -21.79
C VAL A 341 -15.36 25.32 -22.58
N LYS A 342 -15.49 26.53 -22.04
CA LYS A 342 -16.21 27.58 -22.74
C LYS A 342 -15.59 27.87 -24.10
N THR A 343 -14.26 27.90 -24.15
CA THR A 343 -13.55 28.15 -25.41
C THR A 343 -13.82 27.04 -26.42
N LEU A 344 -13.88 25.81 -25.93
CA LEU A 344 -14.23 24.66 -26.77
C LEU A 344 -15.57 24.87 -27.45
N VAL A 345 -16.60 25.13 -26.64
CA VAL A 345 -17.94 25.41 -27.15
C VAL A 345 -17.90 26.57 -28.14
N GLU A 346 -17.36 27.70 -27.70
CA GLU A 346 -17.21 28.87 -28.56
C GLU A 346 -16.51 28.52 -29.87
N ALA A 347 -15.41 27.76 -29.78
CA ALA A 347 -14.66 27.35 -30.96
C ALA A 347 -15.54 26.58 -31.94
N ILE A 348 -16.40 25.69 -31.43
CA ILE A 348 -17.29 24.91 -32.28
C ILE A 348 -18.34 25.80 -32.93
N ILE A 349 -18.79 26.83 -32.21
CA ILE A 349 -19.73 27.79 -32.77
C ILE A 349 -19.09 28.55 -33.94
N LEU A 350 -17.88 29.07 -33.72
CA LEU A 350 -17.15 29.78 -34.76
C LEU A 350 -16.91 28.89 -35.98
N VAL A 351 -16.52 27.64 -35.74
CA VAL A 351 -16.37 26.67 -36.82
C VAL A 351 -17.66 26.57 -37.64
N PHE A 352 -18.79 26.51 -36.95
CA PHE A 352 -20.09 26.44 -37.62
C PHE A 352 -20.32 27.64 -38.54
N LEU A 353 -19.91 28.82 -38.08
CA LEU A 353 -20.10 30.05 -38.84
C LEU A 353 -19.22 30.10 -40.10
N VAL A 354 -17.96 29.68 -39.98
CA VAL A 354 -17.06 29.66 -41.13
C VAL A 354 -17.51 28.61 -42.16
N MET A 355 -17.90 27.44 -41.67
CA MET A 355 -18.46 26.41 -42.55
C MET A 355 -19.61 27.00 -43.38
N TYR A 356 -20.51 27.71 -42.71
CA TYR A 356 -21.67 28.29 -43.38
C TYR A 356 -21.23 29.27 -44.46
N LEU A 357 -20.35 30.19 -44.11
CA LEU A 357 -19.81 31.15 -45.07
C LEU A 357 -19.41 30.50 -46.39
N PHE A 358 -18.98 29.25 -46.31
CA PHE A 358 -18.46 28.53 -47.48
C PHE A 358 -19.44 27.51 -48.06
N LEU A 359 -20.10 26.77 -47.17
CA LEU A 359 -21.06 25.75 -47.57
C LEU A 359 -22.45 26.32 -47.83
N GLN A 360 -22.80 27.37 -47.09
CA GLN A 360 -24.00 28.14 -47.40
C GLN A 360 -25.27 27.32 -47.29
N ASN A 361 -25.20 26.23 -46.54
CA ASN A 361 -26.35 25.36 -46.35
C ASN A 361 -26.34 24.68 -45.00
N PHE A 362 -27.24 25.11 -44.13
CA PHE A 362 -27.42 24.56 -42.79
C PHE A 362 -27.04 23.08 -42.66
N ARG A 363 -27.65 22.22 -43.47
CA ARG A 363 -27.40 20.79 -43.38
C ARG A 363 -25.95 20.37 -43.68
N ALA A 364 -25.33 21.04 -44.66
CA ALA A 364 -23.93 20.76 -45.00
C ALA A 364 -22.95 21.19 -43.89
N THR A 365 -23.08 22.43 -43.43
CA THR A 365 -22.19 22.96 -42.39
C THR A 365 -22.26 22.08 -41.14
N LEU A 366 -23.43 21.48 -40.92
CA LEU A 366 -23.67 20.62 -39.78
C LEU A 366 -22.72 19.41 -39.71
N ILE A 367 -22.30 18.92 -40.86
CA ILE A 367 -21.47 17.71 -40.93
C ILE A 367 -20.13 17.88 -40.20
N PRO A 368 -19.31 18.85 -40.64
CA PRO A 368 -18.02 19.06 -39.98
C PRO A 368 -18.25 19.44 -38.53
N THR A 369 -19.41 20.03 -38.26
CA THR A 369 -19.77 20.50 -36.92
C THR A 369 -20.13 19.37 -35.96
N ILE A 370 -20.82 18.35 -36.46
CA ILE A 370 -21.17 17.18 -35.65
C ILE A 370 -19.92 16.36 -35.37
N ALA A 371 -19.02 16.30 -36.35
CA ALA A 371 -17.82 15.48 -36.26
C ALA A 371 -16.94 15.86 -35.08
N VAL A 372 -16.82 17.16 -34.80
CA VAL A 372 -15.94 17.62 -33.73
C VAL A 372 -16.34 17.08 -32.36
N PRO A 373 -17.57 17.38 -31.93
CA PRO A 373 -18.02 16.89 -30.62
C PRO A 373 -18.00 15.36 -30.52
N VAL A 374 -18.36 14.66 -31.60
CA VAL A 374 -18.24 13.20 -31.60
C VAL A 374 -16.81 12.75 -31.26
N VAL A 375 -15.81 13.31 -31.94
CA VAL A 375 -14.42 12.91 -31.71
C VAL A 375 -13.93 13.34 -30.34
N LEU A 376 -14.23 14.57 -29.96
CA LEU A 376 -13.83 15.08 -28.65
C LEU A 376 -14.38 14.21 -27.52
N LEU A 377 -15.69 13.90 -27.58
CA LEU A 377 -16.31 13.09 -26.53
C LEU A 377 -15.66 11.71 -26.48
N GLY A 378 -15.42 11.12 -27.64
CA GLY A 378 -14.75 9.83 -27.69
C GLY A 378 -13.36 9.90 -27.09
N THR A 379 -12.73 11.06 -27.22
CA THR A 379 -11.38 11.23 -26.72
C THR A 379 -11.35 11.17 -25.19
N PHE A 380 -12.38 11.72 -24.55
CA PHE A 380 -12.51 11.58 -23.11
C PHE A 380 -12.61 10.12 -22.71
N ALA A 381 -13.39 9.35 -23.46
CA ALA A 381 -13.49 7.91 -23.22
C ALA A 381 -12.11 7.24 -23.30
N VAL A 382 -11.33 7.58 -24.31
CA VAL A 382 -9.99 7.02 -24.44
C VAL A 382 -9.11 7.44 -23.25
N LEU A 383 -9.17 8.70 -22.86
CA LEU A 383 -8.44 9.17 -21.68
C LEU A 383 -8.78 8.34 -20.44
N ALA A 384 -10.08 8.05 -20.25
CA ALA A 384 -10.50 7.20 -19.15
C ALA A 384 -9.87 5.82 -19.31
N ALA A 385 -9.96 5.26 -20.51
CA ALA A 385 -9.39 3.94 -20.77
C ALA A 385 -7.92 3.86 -20.36
N PHE A 386 -7.18 4.96 -20.50
CA PHE A 386 -5.75 4.96 -20.20
C PHE A 386 -5.42 5.52 -18.81
N GLY A 387 -6.45 5.88 -18.05
CA GLY A 387 -6.25 6.38 -16.70
C GLY A 387 -5.73 7.81 -16.61
N PHE A 388 -6.00 8.63 -17.62
CA PHE A 388 -5.66 10.04 -17.52
C PHE A 388 -6.77 10.81 -16.81
N SER A 389 -6.46 12.02 -16.35
CA SER A 389 -7.47 12.88 -15.75
C SER A 389 -7.83 14.00 -16.70
N ILE A 390 -8.89 14.72 -16.37
CA ILE A 390 -9.19 15.95 -17.07
C ILE A 390 -8.39 17.04 -16.35
N ASN A 391 -7.40 17.61 -17.06
CA ASN A 391 -6.55 18.63 -16.48
C ASN A 391 -6.27 19.71 -17.51
N THR A 392 -5.50 20.72 -17.09
CA THR A 392 -5.31 21.89 -17.94
C THR A 392 -4.72 21.48 -19.27
N LEU A 393 -3.86 20.46 -19.23
CA LEU A 393 -3.13 20.06 -20.42
C LEU A 393 -3.98 19.17 -21.32
N THR A 394 -4.74 18.24 -20.75
CA THR A 394 -5.65 17.44 -21.59
C THR A 394 -6.71 18.35 -22.23
N MET A 395 -7.16 19.36 -21.49
CA MET A 395 -8.15 20.31 -22.03
C MET A 395 -7.60 21.14 -23.18
N PHE A 396 -6.35 21.59 -23.09
CA PHE A 396 -5.78 22.36 -24.18
C PHE A 396 -5.46 21.43 -25.35
N GLY A 397 -5.16 20.16 -25.04
CA GLY A 397 -5.07 19.15 -26.07
C GLY A 397 -6.33 19.07 -26.92
N MET A 398 -7.48 19.06 -26.25
CA MET A 398 -8.78 19.09 -26.91
C MET A 398 -8.89 20.30 -27.83
N VAL A 399 -8.56 21.48 -27.29
CA VAL A 399 -8.72 22.71 -28.05
C VAL A 399 -7.89 22.67 -29.31
N LEU A 400 -6.62 22.31 -29.14
CA LEU A 400 -5.69 22.19 -30.26
C LEU A 400 -6.15 21.09 -31.23
N ALA A 401 -6.77 20.06 -30.69
CA ALA A 401 -7.26 18.95 -31.50
C ALA A 401 -8.30 19.42 -32.52
N ILE A 402 -9.08 20.44 -32.17
CA ILE A 402 -10.15 20.90 -33.04
C ILE A 402 -9.65 21.26 -34.43
N GLY A 403 -8.46 21.83 -34.50
CA GLY A 403 -7.86 22.17 -35.79
C GLY A 403 -7.69 20.92 -36.65
N LEU A 404 -7.18 19.86 -36.03
CA LEU A 404 -6.98 18.61 -36.74
C LEU A 404 -8.31 17.94 -37.10
N LEU A 405 -9.25 17.91 -36.15
CA LEU A 405 -10.54 17.25 -36.37
C LEU A 405 -11.35 17.91 -37.47
N VAL A 406 -11.54 19.22 -37.35
CA VAL A 406 -12.36 19.94 -38.30
C VAL A 406 -11.78 19.83 -39.71
N ASP A 407 -10.44 19.78 -39.82
CA ASP A 407 -9.82 19.64 -41.13
C ASP A 407 -10.15 18.29 -41.77
N ASP A 408 -10.17 17.24 -40.95
CA ASP A 408 -10.58 15.91 -41.45
C ASP A 408 -11.97 15.96 -42.07
N ALA A 409 -12.92 16.55 -41.35
CA ALA A 409 -14.30 16.64 -41.81
C ALA A 409 -14.40 17.52 -43.05
N ILE A 410 -13.70 18.64 -43.02
CA ILE A 410 -13.72 19.59 -44.13
C ILE A 410 -13.16 18.96 -45.40
N VAL A 411 -11.99 18.31 -45.29
CA VAL A 411 -11.38 17.63 -46.42
C VAL A 411 -12.39 16.66 -47.04
N VAL A 412 -13.06 15.88 -46.20
CA VAL A 412 -14.06 14.94 -46.66
C VAL A 412 -15.27 15.63 -47.30
N VAL A 413 -15.86 16.61 -46.59
CA VAL A 413 -17.06 17.28 -47.09
C VAL A 413 -16.77 18.14 -48.32
N GLU A 414 -15.66 18.86 -48.31
CA GLU A 414 -15.33 19.75 -49.41
C GLU A 414 -15.05 18.94 -50.67
N ASN A 415 -14.26 17.88 -50.54
CA ASN A 415 -13.90 17.08 -51.72
C ASN A 415 -15.12 16.53 -52.44
N VAL A 416 -16.12 16.07 -51.68
CA VAL A 416 -17.37 15.61 -52.25
C VAL A 416 -18.03 16.73 -53.04
N GLU A 417 -18.20 17.88 -52.40
CA GLU A 417 -18.70 19.08 -53.06
C GLU A 417 -18.04 19.28 -54.42
N ARG A 418 -16.74 19.57 -54.42
CA ARG A 418 -15.98 19.77 -55.65
C ARG A 418 -16.36 18.73 -56.71
N VAL A 419 -16.53 17.49 -56.26
CA VAL A 419 -16.93 16.38 -57.12
C VAL A 419 -18.32 16.59 -57.74
N MET A 420 -19.29 16.96 -56.91
CA MET A 420 -20.65 17.22 -57.37
C MET A 420 -20.71 18.47 -58.24
N ALA A 421 -19.66 19.29 -58.14
CA ALA A 421 -19.55 20.49 -58.97
C ALA A 421 -18.79 20.18 -60.25
N GLU A 422 -17.78 19.34 -60.14
CA GLU A 422 -16.96 18.97 -61.30
C GLU A 422 -17.64 17.94 -62.21
N GLU A 423 -18.79 17.42 -61.80
CA GLU A 423 -19.39 16.30 -62.54
C GLU A 423 -20.92 16.21 -62.51
N GLY A 424 -21.56 16.82 -61.52
CA GLY A 424 -23.01 16.74 -61.41
C GLY A 424 -23.46 15.36 -60.98
N LEU A 425 -22.52 14.53 -60.55
CA LEU A 425 -22.85 13.24 -59.95
C LEU A 425 -23.65 13.51 -58.69
N PRO A 426 -24.67 12.68 -58.42
CA PRO A 426 -25.48 12.88 -57.22
C PRO A 426 -24.67 12.60 -55.95
N PRO A 427 -25.18 13.04 -54.79
CA PRO A 427 -24.53 12.99 -53.47
C PRO A 427 -24.03 11.60 -53.08
N LYS A 428 -24.88 10.59 -53.10
CA LYS A 428 -24.46 9.25 -52.71
C LYS A 428 -23.30 8.74 -53.58
N GLU A 429 -23.43 8.94 -54.89
CA GLU A 429 -22.41 8.46 -55.84
C GLU A 429 -21.12 9.25 -55.72
N ALA A 430 -21.24 10.55 -55.40
CA ALA A 430 -20.09 11.43 -55.32
C ALA A 430 -19.19 11.19 -54.09
N THR A 431 -19.78 10.96 -52.92
CA THR A 431 -18.97 10.72 -51.73
C THR A 431 -18.20 9.41 -51.88
N ARG A 432 -18.85 8.43 -52.50
CA ARG A 432 -18.18 7.17 -52.82
C ARG A 432 -16.90 7.41 -53.60
N LYS A 433 -17.02 8.07 -54.73
CA LYS A 433 -15.87 8.36 -55.56
C LYS A 433 -14.88 9.25 -54.81
N SER A 434 -15.43 10.18 -54.04
CA SER A 434 -14.61 11.07 -53.22
C SER A 434 -13.82 10.27 -52.19
N MET A 435 -14.53 9.58 -51.31
CA MET A 435 -13.87 8.75 -50.29
C MET A 435 -12.84 7.84 -50.94
N GLY A 436 -13.22 7.27 -52.09
CA GLY A 436 -12.32 6.43 -52.84
C GLY A 436 -10.96 7.08 -53.09
N GLN A 437 -10.95 8.40 -53.28
CA GLN A 437 -9.72 9.08 -53.69
C GLN A 437 -8.93 9.80 -52.57
N ILE A 438 -9.53 10.01 -51.40
CA ILE A 438 -8.82 10.65 -50.29
C ILE A 438 -8.61 9.73 -49.10
N GLN A 439 -9.57 8.84 -48.88
CA GLN A 439 -9.56 7.94 -47.73
C GLN A 439 -8.17 7.36 -47.46
N GLY A 440 -7.52 6.88 -48.53
CA GLY A 440 -6.15 6.41 -48.41
C GLY A 440 -5.24 7.45 -47.78
N ALA A 441 -5.38 8.69 -48.22
CA ALA A 441 -4.55 9.79 -47.73
C ALA A 441 -4.84 10.18 -46.27
N LEU A 442 -6.12 10.18 -45.89
CA LEU A 442 -6.50 10.50 -44.52
C LEU A 442 -5.77 9.59 -43.55
N VAL A 443 -5.79 8.29 -43.86
CA VAL A 443 -5.17 7.28 -43.03
C VAL A 443 -3.66 7.47 -42.97
N GLY A 444 -3.03 7.65 -44.13
CA GLY A 444 -1.61 7.89 -44.18
C GLY A 444 -1.20 9.14 -43.41
N ILE A 445 -1.98 10.22 -43.55
CA ILE A 445 -1.67 11.47 -42.86
C ILE A 445 -1.71 11.30 -41.35
N ALA A 446 -2.74 10.63 -40.84
CA ALA A 446 -2.82 10.36 -39.41
C ALA A 446 -1.54 9.69 -38.94
N MET A 447 -0.97 8.84 -39.78
CA MET A 447 0.28 8.15 -39.47
C MET A 447 1.45 9.12 -39.34
N VAL A 448 1.69 9.94 -40.37
CA VAL A 448 2.80 10.88 -40.31
C VAL A 448 2.62 11.88 -39.16
N LEU A 449 1.37 12.25 -38.89
CA LEU A 449 1.10 13.16 -37.78
C LEU A 449 1.43 12.56 -36.42
N SER A 450 1.18 11.26 -36.25
CA SER A 450 1.50 10.62 -34.98
C SER A 450 3.02 10.68 -34.78
N ALA A 451 3.74 10.73 -35.89
CA ALA A 451 5.19 10.87 -35.85
C ALA A 451 5.63 12.23 -35.31
N VAL A 452 4.75 13.23 -35.39
CA VAL A 452 5.10 14.54 -34.82
C VAL A 452 4.65 14.73 -33.37
N PHE A 453 3.61 14.01 -32.94
CA PHE A 453 3.09 14.18 -31.57
C PHE A 453 3.52 13.09 -30.57
N VAL A 454 3.80 11.89 -31.06
CA VAL A 454 4.21 10.80 -30.17
C VAL A 454 5.56 11.05 -29.50
N PRO A 455 6.56 11.48 -30.29
CA PRO A 455 7.92 11.65 -29.74
C PRO A 455 7.91 12.39 -28.42
N MET A 456 6.97 13.32 -28.27
CA MET A 456 6.92 14.15 -27.07
C MET A 456 6.39 13.37 -25.85
N ALA A 457 5.74 12.24 -26.09
CA ALA A 457 5.34 11.36 -24.99
C ALA A 457 6.56 10.76 -24.30
N PHE A 458 7.74 11.00 -24.87
CA PHE A 458 8.96 10.35 -24.42
C PHE A 458 9.94 11.29 -23.73
N PHE A 459 9.58 12.56 -23.59
CA PHE A 459 10.35 13.47 -22.76
C PHE A 459 10.61 12.83 -21.40
N GLY A 460 11.72 13.19 -20.77
CA GLY A 460 12.10 12.59 -19.51
C GLY A 460 11.82 13.43 -18.29
N GLY A 461 11.63 12.76 -17.16
CA GLY A 461 11.54 13.42 -15.87
C GLY A 461 10.17 13.95 -15.51
N SER A 462 10.16 15.17 -14.96
CA SER A 462 8.93 15.84 -14.58
C SER A 462 8.34 16.50 -15.82
N THR A 463 9.21 17.18 -16.56
CA THR A 463 8.88 17.70 -17.88
C THR A 463 7.97 16.71 -18.62
N GLY A 464 8.46 15.48 -18.79
CA GLY A 464 7.77 14.46 -19.56
C GLY A 464 6.30 14.18 -19.25
N ALA A 465 5.94 14.15 -17.97
CA ALA A 465 4.55 13.89 -17.62
C ALA A 465 3.62 14.98 -18.19
N ILE A 466 4.13 16.20 -18.28
CA ILE A 466 3.37 17.33 -18.83
C ILE A 466 3.12 17.16 -20.34
N TYR A 467 4.18 16.97 -21.10
CA TYR A 467 4.08 16.82 -22.56
C TYR A 467 3.24 15.59 -22.94
N ARG A 468 3.28 14.58 -22.09
CA ARG A 468 2.60 13.32 -22.35
C ARG A 468 1.08 13.49 -22.37
N GLN A 469 0.58 14.38 -21.52
CA GLN A 469 -0.85 14.68 -21.47
C GLN A 469 -1.32 15.09 -22.85
N PHE A 470 -0.60 16.03 -23.48
CA PHE A 470 -0.93 16.51 -24.82
C PHE A 470 -0.81 15.42 -25.86
N SER A 471 0.33 14.74 -25.85
CA SER A 471 0.65 13.75 -26.87
C SER A 471 -0.49 12.73 -27.00
N ILE A 472 -0.87 12.13 -25.88
CA ILE A 472 -1.88 11.08 -25.85
C ILE A 472 -3.25 11.63 -26.23
N THR A 473 -3.57 12.83 -25.74
CA THR A 473 -4.85 13.45 -26.05
C THR A 473 -4.96 13.74 -27.54
N ILE A 474 -3.92 14.31 -28.12
CA ILE A 474 -3.95 14.74 -29.51
C ILE A 474 -3.90 13.53 -30.47
N VAL A 475 -3.06 12.54 -30.16
CA VAL A 475 -2.97 11.33 -30.98
C VAL A 475 -4.28 10.55 -30.97
N SER A 476 -4.82 10.29 -29.79
CA SER A 476 -6.11 9.63 -29.65
C SER A 476 -7.21 10.34 -30.43
N ALA A 477 -7.27 11.66 -30.29
CA ALA A 477 -8.27 12.44 -31.03
C ALA A 477 -8.09 12.26 -32.54
N MET A 478 -6.85 12.33 -33.02
CA MET A 478 -6.59 12.16 -34.46
C MET A 478 -7.03 10.76 -34.94
N ALA A 479 -6.76 9.75 -34.13
CA ALA A 479 -7.11 8.39 -34.50
C ALA A 479 -8.64 8.28 -34.59
N LEU A 480 -9.33 8.72 -33.55
CA LEU A 480 -10.79 8.78 -33.59
C LEU A 480 -11.31 9.61 -34.76
N SER A 481 -10.65 10.72 -35.07
CA SER A 481 -11.06 11.58 -36.18
C SER A 481 -11.04 10.82 -37.52
N VAL A 482 -10.03 9.99 -37.73
CA VAL A 482 -9.95 9.16 -38.93
C VAL A 482 -11.10 8.15 -38.97
N LEU A 483 -11.33 7.49 -37.85
CA LEU A 483 -12.46 6.59 -37.67
C LEU A 483 -13.77 7.27 -38.06
N VAL A 484 -14.01 8.43 -37.46
CA VAL A 484 -15.23 9.20 -37.73
C VAL A 484 -15.31 9.62 -39.20
N ALA A 485 -14.17 9.96 -39.78
CA ALA A 485 -14.12 10.40 -41.17
C ALA A 485 -14.40 9.22 -42.10
N LEU A 486 -14.19 8.01 -41.60
CA LEU A 486 -14.37 6.79 -42.39
C LEU A 486 -15.75 6.15 -42.18
N ILE A 487 -16.46 6.58 -41.15
CA ILE A 487 -17.74 5.97 -40.78
C ILE A 487 -18.87 6.97 -40.87
N LEU A 488 -18.81 7.99 -40.03
CA LEU A 488 -19.89 8.95 -39.91
C LEU A 488 -19.98 9.96 -41.04
N THR A 489 -18.86 10.60 -41.37
CA THR A 489 -18.88 11.73 -42.30
C THR A 489 -19.38 11.34 -43.70
N PRO A 490 -18.90 10.21 -44.22
CA PRO A 490 -19.37 9.72 -45.53
C PRO A 490 -20.88 9.47 -45.51
N ALA A 491 -21.35 8.75 -44.49
CA ALA A 491 -22.78 8.53 -44.32
C ALA A 491 -23.55 9.84 -44.31
N LEU A 492 -23.02 10.83 -43.58
CA LEU A 492 -23.65 12.14 -43.45
C LEU A 492 -23.63 12.95 -44.76
N CYS A 493 -22.52 12.91 -45.48
CA CYS A 493 -22.44 13.58 -46.77
C CYS A 493 -23.50 13.03 -47.71
N ALA A 494 -23.62 11.72 -47.72
CA ALA A 494 -24.45 11.00 -48.68
C ALA A 494 -25.95 11.18 -48.46
N THR A 495 -26.34 11.69 -47.28
CA THR A 495 -27.76 11.81 -46.94
C THR A 495 -28.19 13.24 -46.65
N MET A 496 -27.23 14.08 -46.26
CA MET A 496 -27.54 15.45 -45.87
C MET A 496 -27.00 16.51 -46.82
N LEU A 497 -26.22 16.09 -47.81
CA LEU A 497 -25.68 17.05 -48.78
C LEU A 497 -26.65 17.36 -49.92
N LYS A 498 -26.62 18.60 -50.39
CA LYS A 498 -27.48 19.05 -51.48
C LYS A 498 -26.88 18.69 -52.83
N PRO A 499 -27.70 18.17 -53.75
CA PRO A 499 -27.18 17.94 -55.10
C PRO A 499 -26.66 19.23 -55.72
N ILE A 500 -25.39 19.24 -56.11
CA ILE A 500 -24.82 20.35 -56.87
C ILE A 500 -24.83 19.96 -58.34
N ALA A 501 -25.22 20.89 -59.21
CA ALA A 501 -25.28 20.59 -60.64
C ALA A 501 -23.94 20.88 -61.32
N LYS A 502 -23.53 19.97 -62.19
CA LYS A 502 -22.28 20.14 -62.93
C LYS A 502 -22.11 21.60 -63.31
N GLY A 503 -20.97 22.18 -62.94
CA GLY A 503 -20.69 23.56 -63.30
C GLY A 503 -21.12 24.61 -62.29
N ASP A 504 -22.11 24.31 -61.46
CA ASP A 504 -22.59 25.29 -60.48
C ASP A 504 -21.52 25.59 -59.42
N HIS A 505 -21.44 26.86 -59.03
CA HIS A 505 -20.45 27.30 -58.06
C HIS A 505 -21.03 28.42 -57.19
N GLY A 506 -22.36 28.52 -57.19
CA GLY A 506 -23.05 29.45 -56.31
C GLY A 506 -23.13 30.88 -56.81
N GLU A 507 -22.64 31.12 -58.02
CA GLU A 507 -22.70 32.44 -58.61
C GLU A 507 -24.15 32.81 -58.96
N GLY A 508 -24.97 31.80 -59.23
CA GLY A 508 -26.37 32.01 -59.52
C GLY A 508 -27.11 32.64 -58.35
N LYS A 509 -26.55 32.49 -57.15
CA LYS A 509 -27.17 33.00 -55.94
C LYS A 509 -27.23 34.53 -55.91
N LYS A 510 -28.23 35.06 -55.22
CA LYS A 510 -28.41 36.51 -55.12
C LYS A 510 -28.46 36.96 -53.66
N GLY A 511 -27.68 37.99 -53.36
CA GLY A 511 -27.47 38.42 -52.00
C GLY A 511 -26.00 38.26 -51.69
N PHE A 512 -25.67 38.04 -50.43
CA PHE A 512 -24.26 37.96 -50.03
C PHE A 512 -23.50 36.77 -50.64
N PHE A 513 -24.06 35.58 -50.51
CA PHE A 513 -23.40 34.37 -51.02
C PHE A 513 -23.06 34.48 -52.50
N GLY A 514 -24.07 34.79 -53.32
CA GLY A 514 -23.85 35.01 -54.74
C GLY A 514 -22.66 35.92 -54.94
N TRP A 515 -22.63 37.01 -54.17
CA TRP A 515 -21.48 37.91 -54.17
C TRP A 515 -20.20 37.23 -53.69
N PHE A 516 -20.26 36.64 -52.50
CA PHE A 516 -19.08 35.95 -51.97
C PHE A 516 -18.55 34.92 -52.97
N ASN A 517 -19.44 34.01 -53.38
CA ASN A 517 -19.08 32.93 -54.29
C ASN A 517 -18.42 33.43 -55.57
N ARG A 518 -18.86 34.58 -56.05
CA ARG A 518 -18.31 35.16 -57.26
C ARG A 518 -16.89 35.69 -57.01
N MET A 519 -16.73 36.43 -55.92
CA MET A 519 -15.42 36.94 -55.52
C MET A 519 -14.39 35.82 -55.34
N PHE A 520 -14.80 34.71 -54.73
CA PHE A 520 -13.87 33.61 -54.49
C PHE A 520 -13.46 32.93 -55.81
N GLU A 521 -14.45 32.59 -56.64
CA GLU A 521 -14.20 32.00 -57.94
C GLU A 521 -13.19 32.83 -58.71
N LYS A 522 -13.38 34.14 -58.65
CA LYS A 522 -12.48 35.11 -59.26
C LYS A 522 -11.11 35.09 -58.58
N SER A 523 -11.10 35.36 -57.28
CA SER A 523 -9.86 35.38 -56.52
C SER A 523 -9.06 34.09 -56.69
N THR A 524 -9.75 33.01 -57.04
CA THR A 524 -9.11 31.72 -57.25
C THR A 524 -8.28 31.71 -58.54
N HIS A 525 -8.90 32.12 -59.65
CA HIS A 525 -8.19 32.29 -60.91
C HIS A 525 -6.98 33.20 -60.70
N HIS A 526 -7.14 34.19 -59.83
CA HIS A 526 -6.05 35.10 -59.49
C HIS A 526 -4.95 34.39 -58.71
N TYR A 527 -5.34 33.45 -57.86
CA TYR A 527 -4.38 32.63 -57.14
C TYR A 527 -3.51 31.82 -58.12
N THR A 528 -4.18 31.02 -58.95
CA THR A 528 -3.48 30.17 -59.91
C THR A 528 -2.62 30.98 -60.88
N ASP A 529 -3.18 32.09 -61.36
CA ASP A 529 -2.43 33.00 -62.23
C ASP A 529 -1.08 33.36 -61.60
N SER A 530 -1.10 33.66 -60.30
CA SER A 530 0.12 34.03 -59.57
C SER A 530 1.11 32.87 -59.43
N VAL A 531 0.62 31.71 -59.01
CA VAL A 531 1.49 30.53 -58.91
C VAL A 531 2.12 30.24 -60.27
N GLY A 532 1.29 30.22 -61.31
CA GLY A 532 1.76 30.00 -62.67
C GLY A 532 2.93 30.90 -62.97
N GLY A 533 2.82 32.16 -62.55
CA GLY A 533 3.92 33.10 -62.64
C GLY A 533 5.13 32.65 -61.84
N ILE A 534 4.96 32.45 -60.54
CA ILE A 534 6.04 32.04 -59.65
C ILE A 534 6.78 30.80 -60.17
N LEU A 535 6.07 29.89 -60.82
CA LEU A 535 6.67 28.66 -61.30
C LEU A 535 7.52 28.89 -62.55
N ARG A 536 7.30 30.01 -63.22
CA ARG A 536 8.16 30.41 -64.34
C ARG A 536 9.39 31.11 -63.79
N SER A 537 9.24 31.68 -62.60
CA SER A 537 10.38 32.24 -61.87
C SER A 537 11.00 31.15 -61.02
N THR A 538 10.93 31.33 -59.71
CA THR A 538 11.52 30.39 -58.74
C THR A 538 12.82 30.96 -58.19
N GLY A 539 13.94 30.26 -58.40
CA GLY A 539 15.23 30.74 -57.95
C GLY A 539 15.16 31.83 -56.88
N ARG A 540 14.47 32.92 -57.23
CA ARG A 540 14.23 34.02 -56.28
C ARG A 540 13.47 33.59 -55.03
N TYR A 541 12.52 32.67 -55.17
CA TYR A 541 11.68 32.26 -54.06
C TYR A 541 12.38 31.30 -53.09
N LEU A 542 13.29 30.48 -53.62
CA LEU A 542 14.16 29.69 -52.77
C LEU A 542 15.01 30.64 -51.93
N VAL A 543 15.39 31.76 -52.54
CA VAL A 543 16.13 32.81 -51.86
C VAL A 543 15.27 33.48 -50.77
N LEU A 544 14.00 33.72 -51.08
CA LEU A 544 13.08 34.23 -50.06
C LEU A 544 12.88 33.21 -48.95
N TYR A 545 12.81 31.93 -49.33
CA TYR A 545 12.63 30.85 -48.37
C TYR A 545 13.77 30.82 -47.36
N LEU A 546 15.00 31.02 -47.85
CA LEU A 546 16.17 31.03 -46.98
C LEU A 546 16.17 32.23 -46.05
N ILE A 547 15.65 33.36 -46.53
CA ILE A 547 15.44 34.53 -45.67
C ILE A 547 14.57 34.15 -44.48
N ILE A 548 13.41 33.56 -44.78
CA ILE A 548 12.46 33.12 -43.75
C ILE A 548 13.10 32.13 -42.76
N VAL A 549 13.90 31.21 -43.27
CA VAL A 549 14.57 30.23 -42.41
C VAL A 549 15.54 30.91 -41.44
N VAL A 550 16.44 31.73 -41.97
CA VAL A 550 17.41 32.44 -41.12
C VAL A 550 16.68 33.35 -40.14
N GLY A 551 15.70 34.11 -40.62
CA GLY A 551 14.84 34.90 -39.75
C GLY A 551 14.24 34.06 -38.63
N MET A 552 13.63 32.95 -39.00
CA MET A 552 13.06 32.00 -38.03
C MET A 552 14.11 31.65 -36.99
N ALA A 553 15.29 31.25 -37.48
CA ALA A 553 16.41 30.90 -36.62
C ALA A 553 16.76 32.06 -35.71
N TYR A 554 16.79 33.27 -36.27
CA TYR A 554 17.08 34.46 -35.50
C TYR A 554 16.14 34.61 -34.32
N LEU A 555 14.84 34.62 -34.61
CA LEU A 555 13.81 34.77 -33.59
C LEU A 555 13.86 33.65 -32.56
N PHE A 556 14.16 32.44 -33.02
CA PHE A 556 14.16 31.31 -32.12
C PHE A 556 15.17 31.47 -30.99
N VAL A 557 16.43 31.66 -31.35
CA VAL A 557 17.51 31.80 -30.37
C VAL A 557 17.32 33.02 -29.46
N ARG A 558 16.47 33.96 -29.88
CA ARG A 558 16.20 35.14 -29.09
C ARG A 558 15.01 34.97 -28.14
N LEU A 559 14.04 34.16 -28.53
CA LEU A 559 12.89 33.91 -27.68
C LEU A 559 13.32 33.16 -26.41
N PRO A 560 13.15 33.80 -25.24
CA PRO A 560 13.54 33.16 -23.98
C PRO A 560 12.67 31.94 -23.77
N SER A 561 13.17 30.94 -23.05
CA SER A 561 12.39 29.74 -22.80
C SER A 561 11.99 29.64 -21.33
N SER A 562 10.75 29.25 -21.08
CA SER A 562 10.28 28.97 -19.73
C SER A 562 9.56 27.62 -19.77
N PHE A 563 8.82 27.30 -18.71
CA PHE A 563 8.09 26.05 -18.66
C PHE A 563 6.58 26.28 -18.72
N LEU A 564 5.98 26.51 -17.55
CA LEU A 564 4.57 26.85 -17.44
C LEU A 564 4.42 28.23 -16.80
N PRO A 565 3.54 29.07 -17.35
CA PRO A 565 3.29 30.42 -16.82
C PRO A 565 2.82 30.41 -15.36
N ASP A 566 3.16 31.46 -14.61
CA ASP A 566 2.54 31.71 -13.32
C ASP A 566 1.15 32.26 -13.62
N GLU A 567 0.13 31.73 -12.94
CA GLU A 567 -1.22 32.25 -13.10
C GLU A 567 -1.64 32.96 -11.82
N ASP A 568 -2.48 33.97 -11.98
CA ASP A 568 -3.18 34.54 -10.86
C ASP A 568 -4.27 33.57 -10.45
N GLN A 569 -4.08 32.92 -9.31
CA GLN A 569 -5.05 31.94 -8.82
C GLN A 569 -5.97 32.52 -7.76
N GLY A 570 -5.95 33.84 -7.62
CA GLY A 570 -6.88 34.53 -6.74
C GLY A 570 -6.53 34.39 -5.26
N VAL A 571 -5.36 33.82 -4.96
CA VAL A 571 -4.87 33.77 -3.59
C VAL A 571 -3.37 33.96 -3.56
N PHE A 572 -2.84 34.26 -2.38
CA PHE A 572 -1.39 34.31 -2.18
C PHE A 572 -1.06 34.37 -0.69
N MET A 573 0.23 34.25 -0.38
CA MET A 573 0.66 34.20 1.01
C MET A 573 1.69 35.28 1.27
N THR A 574 1.84 35.65 2.53
CA THR A 574 2.84 36.63 2.93
C THR A 574 3.58 35.98 4.06
N MET A 575 4.90 35.98 3.99
CA MET A 575 5.71 35.35 5.01
C MET A 575 6.28 36.43 5.91
N VAL A 576 6.26 36.15 7.21
CA VAL A 576 6.81 37.09 8.19
C VAL A 576 7.84 36.34 9.02
N GLN A 577 9.07 36.81 9.00
CA GLN A 577 10.13 36.17 9.78
C GLN A 577 10.85 37.24 10.58
N LEU A 578 10.80 37.16 11.89
CA LEU A 578 11.62 38.08 12.68
C LEU A 578 12.86 37.29 13.12
N PRO A 579 13.87 37.99 13.64
CA PRO A 579 15.07 37.33 14.18
C PRO A 579 14.69 36.43 15.35
N ALA A 580 15.31 35.26 15.50
CA ALA A 580 15.05 34.46 16.70
C ALA A 580 15.44 35.31 17.90
N GLY A 581 14.77 35.11 19.03
CA GLY A 581 14.87 36.04 20.15
C GLY A 581 13.73 37.07 20.19
N ALA A 582 13.13 37.34 19.03
CA ALA A 582 11.98 38.26 18.96
C ALA A 582 10.74 37.68 19.66
N THR A 583 9.93 38.56 20.23
CA THR A 583 8.76 38.14 21.00
C THR A 583 7.49 38.01 20.17
N GLN A 584 6.56 37.24 20.69
CA GLN A 584 5.26 37.07 20.09
C GLN A 584 4.60 38.43 19.93
N GLU A 585 4.86 39.33 20.87
CA GLU A 585 4.24 40.66 20.82
C GLU A 585 4.80 41.45 19.63
N ARG A 586 6.10 41.32 19.38
CA ARG A 586 6.72 42.02 18.24
C ARG A 586 6.24 41.45 16.91
N THR A 587 6.14 40.13 16.83
CA THR A 587 5.61 39.48 15.64
C THR A 587 4.17 39.96 15.36
N GLN A 588 3.37 40.09 16.41
CA GLN A 588 1.99 40.59 16.25
C GLN A 588 1.98 42.01 15.67
N LYS A 589 2.90 42.85 16.13
CA LYS A 589 2.99 44.21 15.63
C LYS A 589 3.30 44.22 14.13
N VAL A 590 4.18 43.34 13.69
CA VAL A 590 4.49 43.28 12.26
C VAL A 590 3.30 42.71 11.48
N LEU A 591 2.68 41.65 11.99
CA LEU A 591 1.46 41.14 11.38
C LEU A 591 0.37 42.21 11.27
N ASN A 592 0.20 43.03 12.31
CA ASN A 592 -0.81 44.10 12.25
C ASN A 592 -0.51 45.03 11.09
N GLU A 593 0.76 45.39 10.91
CA GLU A 593 1.13 46.22 9.78
C GLU A 593 0.82 45.56 8.44
N VAL A 594 1.11 44.27 8.33
CA VAL A 594 0.84 43.54 7.10
C VAL A 594 -0.68 43.54 6.84
N THR A 595 -1.45 43.20 7.86
CA THR A 595 -2.91 43.16 7.72
C THR A 595 -3.46 44.53 7.34
N HIS A 596 -2.99 45.55 8.05
CA HIS A 596 -3.41 46.92 7.81
C HIS A 596 -3.19 47.30 6.36
N TYR A 597 -2.06 46.89 5.80
CA TYR A 597 -1.74 47.25 4.43
C TYR A 597 -2.75 46.67 3.43
N TYR A 598 -3.05 45.38 3.56
CA TYR A 598 -4.03 44.73 2.68
C TYR A 598 -5.44 45.30 2.89
N LEU A 599 -5.80 45.61 4.14
CA LEU A 599 -7.13 46.11 4.45
C LEU A 599 -7.37 47.55 3.99
N THR A 600 -6.32 48.34 3.88
CA THR A 600 -6.46 49.75 3.52
C THR A 600 -5.91 50.16 2.15
N LYS A 601 -4.78 49.58 1.75
CA LYS A 601 -4.15 49.98 0.48
C LYS A 601 -4.52 49.05 -0.68
N GLU A 602 -5.06 47.88 -0.37
CA GLU A 602 -5.51 46.96 -1.41
C GLU A 602 -6.99 46.65 -1.27
N LYS A 603 -7.78 47.65 -0.86
CA LYS A 603 -9.23 47.48 -0.66
C LYS A 603 -9.93 46.91 -1.87
N ASN A 604 -9.58 47.44 -3.03
CA ASN A 604 -10.21 47.02 -4.27
C ASN A 604 -9.81 45.63 -4.75
N ASN A 605 -8.70 45.12 -4.24
CA ASN A 605 -8.18 43.84 -4.70
C ASN A 605 -8.35 42.70 -3.71
N VAL A 606 -8.23 43.01 -2.43
CA VAL A 606 -8.16 41.96 -1.41
C VAL A 606 -9.50 41.75 -0.70
N GLU A 607 -9.98 40.51 -0.72
CA GLU A 607 -11.24 40.16 -0.10
C GLU A 607 -11.02 39.88 1.38
N SER A 608 -10.00 39.08 1.69
CA SER A 608 -9.76 38.73 3.09
C SER A 608 -8.31 38.42 3.41
N VAL A 609 -7.96 38.58 4.69
CA VAL A 609 -6.64 38.25 5.19
C VAL A 609 -6.84 37.34 6.40
N PHE A 610 -6.19 36.18 6.40
CA PHE A 610 -6.20 35.31 7.57
C PHE A 610 -4.75 35.24 8.01
N ALA A 611 -4.44 35.89 9.13
CA ALA A 611 -3.06 36.03 9.59
C ALA A 611 -2.86 35.16 10.81
N VAL A 612 -1.71 34.51 10.88
CA VAL A 612 -1.44 33.60 11.97
C VAL A 612 -0.13 34.01 12.61
N ASN A 613 -0.18 34.33 13.89
CA ASN A 613 1.04 34.57 14.67
C ASN A 613 1.55 33.25 15.27
N GLY A 614 2.84 32.95 15.08
CA GLY A 614 3.47 31.80 15.73
C GLY A 614 3.59 30.59 14.83
N PHE A 615 3.12 30.72 13.60
CA PHE A 615 3.24 29.66 12.61
C PHE A 615 3.75 30.24 11.29
N GLY A 616 4.78 29.59 10.75
CA GLY A 616 5.26 29.86 9.40
C GLY A 616 5.71 28.52 8.81
N PHE A 617 6.34 28.57 7.64
CA PHE A 617 6.92 27.34 7.10
C PHE A 617 8.24 27.04 7.81
N ALA A 618 8.15 26.74 9.10
CA ALA A 618 9.34 26.55 9.92
C ALA A 618 9.33 25.25 10.73
N GLY A 619 8.24 24.99 11.45
CA GLY A 619 7.10 25.88 11.49
C GLY A 619 7.10 26.77 12.73
N ARG A 620 6.38 26.33 13.77
CA ARG A 620 6.21 27.09 15.00
C ARG A 620 7.41 27.94 15.42
N GLY A 621 7.13 29.02 16.17
CA GLY A 621 8.16 29.91 16.70
C GLY A 621 7.54 31.26 17.07
N GLN A 622 8.07 31.93 18.10
CA GLN A 622 7.51 33.21 18.55
C GLN A 622 7.77 34.31 17.54
N ASN A 623 8.72 34.06 16.64
CA ASN A 623 9.32 35.10 15.82
C ASN A 623 8.96 34.89 14.35
N THR A 624 7.86 34.17 14.12
CA THR A 624 7.42 33.88 12.76
C THR A 624 5.91 33.96 12.62
N GLY A 625 5.48 34.30 11.42
CA GLY A 625 4.06 34.38 11.13
C GLY A 625 3.78 34.24 9.66
N ILE A 626 2.50 34.17 9.32
CA ILE A 626 2.09 34.04 7.94
C ILE A 626 0.72 34.69 7.76
N ALA A 627 0.48 35.25 6.57
CA ALA A 627 -0.85 35.75 6.24
C ALA A 627 -1.32 35.09 4.96
N PHE A 628 -2.50 34.48 5.01
CA PHE A 628 -3.11 33.96 3.80
C PHE A 628 -4.05 35.02 3.25
N VAL A 629 -3.89 35.36 1.98
CA VAL A 629 -4.66 36.43 1.38
C VAL A 629 -5.54 35.89 0.26
N SER A 630 -6.82 36.26 0.26
CA SER A 630 -7.74 35.89 -0.81
C SER A 630 -8.15 37.14 -1.57
N LEU A 631 -8.06 37.09 -2.90
CA LEU A 631 -8.39 38.27 -3.72
C LEU A 631 -9.84 38.25 -4.18
N LYS A 632 -10.37 39.42 -4.52
CA LYS A 632 -11.70 39.46 -5.12
C LYS A 632 -11.64 38.72 -6.46
N ASP A 633 -12.81 38.45 -7.06
CA ASP A 633 -12.85 37.68 -8.31
C ASP A 633 -12.07 38.38 -9.41
N TRP A 634 -11.49 37.60 -10.32
CA TRP A 634 -10.75 38.16 -11.44
C TRP A 634 -11.49 39.28 -12.17
N ALA A 635 -12.81 39.13 -12.32
CA ALA A 635 -13.61 40.12 -13.06
C ALA A 635 -13.59 41.52 -12.44
N ASP A 636 -13.43 41.59 -11.11
CA ASP A 636 -13.35 42.89 -10.45
C ASP A 636 -11.92 43.40 -10.36
N ARG A 637 -10.99 42.63 -10.92
CA ARG A 637 -9.58 43.00 -10.87
C ARG A 637 -9.01 43.14 -12.28
N PRO A 638 -9.65 43.99 -13.11
CA PRO A 638 -9.21 44.19 -14.51
C PRO A 638 -7.87 44.90 -14.54
N GLY A 639 -6.96 44.45 -15.40
CA GLY A 639 -5.69 45.13 -15.59
C GLY A 639 -4.51 44.46 -14.91
N GLU A 640 -3.34 44.62 -15.51
CA GLU A 640 -2.11 44.04 -14.98
C GLU A 640 -1.87 44.47 -13.54
N GLU A 641 -2.10 45.76 -13.25
CA GLU A 641 -1.80 46.32 -11.94
C GLU A 641 -2.61 45.67 -10.80
N ASN A 642 -3.66 44.95 -11.16
CA ASN A 642 -4.57 44.35 -10.17
C ASN A 642 -4.47 42.84 -10.14
N LYS A 643 -3.46 42.30 -10.81
CA LYS A 643 -3.21 40.87 -10.75
C LYS A 643 -2.18 40.56 -9.66
N VAL A 644 -2.06 39.29 -9.30
CA VAL A 644 -1.25 38.86 -8.17
C VAL A 644 0.21 39.30 -8.25
N GLU A 645 0.79 39.27 -9.45
CA GLU A 645 2.20 39.58 -9.58
C GLU A 645 2.48 41.04 -9.15
N ALA A 646 1.64 41.96 -9.62
CA ALA A 646 1.81 43.38 -9.33
C ALA A 646 1.39 43.71 -7.88
N ILE A 647 0.40 42.99 -7.37
CA ILE A 647 -0.03 43.17 -5.98
C ILE A 647 1.07 42.73 -5.01
N THR A 648 1.57 41.51 -5.21
CA THR A 648 2.65 40.97 -4.38
C THR A 648 3.92 41.81 -4.48
N MET A 649 4.21 42.32 -5.67
CA MET A 649 5.38 43.19 -5.84
C MET A 649 5.23 44.51 -5.10
N ARG A 650 4.06 45.16 -5.22
CA ARG A 650 3.82 46.39 -4.48
C ARG A 650 3.89 46.15 -2.97
N ALA A 651 3.33 45.02 -2.54
CA ALA A 651 3.27 44.70 -1.12
C ALA A 651 4.66 44.51 -0.52
N THR A 652 5.43 43.60 -1.11
CA THR A 652 6.81 43.38 -0.73
C THR A 652 7.58 44.70 -0.60
N ARG A 653 7.40 45.58 -1.58
CA ARG A 653 8.04 46.88 -1.57
C ARG A 653 7.62 47.74 -0.37
N ALA A 654 6.33 47.79 -0.09
CA ALA A 654 5.87 48.54 1.08
C ALA A 654 6.41 47.90 2.37
N PHE A 655 6.47 46.58 2.41
CA PHE A 655 6.88 45.86 3.61
C PHE A 655 8.41 45.90 3.83
N SER A 656 9.15 46.32 2.81
CA SER A 656 10.60 46.35 2.92
C SER A 656 11.01 47.38 3.96
N GLN A 657 10.11 48.32 4.20
CA GLN A 657 10.32 49.39 5.16
C GLN A 657 9.72 49.01 6.51
N ILE A 658 9.78 47.73 6.84
CA ILE A 658 9.45 47.26 8.18
C ILE A 658 10.74 46.86 8.90
N LYS A 659 10.95 47.46 10.06
CA LYS A 659 12.17 47.33 10.84
C LYS A 659 12.38 45.93 11.42
N ASP A 660 13.58 45.37 11.22
CA ASP A 660 13.98 44.17 11.94
C ASP A 660 13.12 42.96 11.65
N ALA A 661 12.63 42.86 10.42
CA ALA A 661 11.79 41.73 10.03
C ALA A 661 11.96 41.45 8.55
N MET A 662 11.83 40.19 8.17
CA MET A 662 11.74 39.88 6.75
C MET A 662 10.30 39.53 6.43
N VAL A 663 9.70 40.34 5.57
CA VAL A 663 8.29 40.19 5.22
C VAL A 663 8.18 40.25 3.71
N PHE A 664 7.61 39.22 3.11
CA PHE A 664 7.42 39.31 1.67
C PHE A 664 6.20 38.53 1.18
N ALA A 665 5.51 39.11 0.21
CA ALA A 665 4.37 38.45 -0.38
C ALA A 665 4.87 37.84 -1.69
N PHE A 666 4.29 36.72 -2.07
CA PHE A 666 4.72 36.04 -3.28
C PHE A 666 3.58 35.18 -3.82
N ASN A 667 3.56 35.00 -5.12
CA ASN A 667 2.60 34.11 -5.76
C ASN A 667 3.20 32.70 -5.78
N LEU A 668 2.40 31.69 -5.43
CA LEU A 668 2.85 30.31 -5.60
C LEU A 668 3.17 30.04 -7.09
N PRO A 669 4.13 29.15 -7.36
CA PRO A 669 4.43 28.78 -8.76
C PRO A 669 3.38 27.79 -9.30
N ALA A 670 3.38 27.57 -10.61
CA ALA A 670 2.51 26.54 -11.19
C ALA A 670 2.74 25.21 -10.47
N ILE A 671 4.02 24.85 -10.33
CA ILE A 671 4.40 23.66 -9.58
C ILE A 671 5.60 23.98 -8.69
N VAL A 672 5.37 24.07 -7.38
CA VAL A 672 6.43 24.33 -6.41
C VAL A 672 7.57 23.36 -6.67
N GLU A 673 7.31 22.09 -6.39
CA GLU A 673 8.15 20.97 -6.77
C GLU A 673 9.18 21.32 -7.85
N LEU A 674 8.80 22.26 -8.73
CA LEU A 674 9.68 22.75 -9.80
C LEU A 674 10.42 23.99 -9.34
N GLY A 675 9.73 24.82 -8.55
CA GLY A 675 10.35 25.95 -7.90
C GLY A 675 10.46 27.23 -8.71
N THR A 676 11.54 27.96 -8.49
CA THR A 676 11.67 29.35 -8.91
C THR A 676 12.40 29.56 -10.25
N ALA A 677 12.19 28.66 -11.21
CA ALA A 677 12.66 28.86 -12.59
C ALA A 677 14.08 29.42 -12.74
N THR A 678 14.74 29.70 -11.61
CA THR A 678 16.01 30.44 -11.61
C THR A 678 16.78 30.13 -10.34
N GLY A 679 16.09 29.65 -9.33
CA GLY A 679 16.67 29.44 -8.02
C GLY A 679 17.53 28.20 -7.94
N PHE A 680 18.41 28.17 -6.96
CA PHE A 680 19.06 26.93 -6.58
C PHE A 680 18.82 26.69 -5.10
N ASP A 681 19.02 25.45 -4.67
CA ASP A 681 18.77 25.05 -3.29
C ASP A 681 20.02 24.27 -2.88
N PHE A 682 20.87 24.91 -2.09
CA PHE A 682 22.21 24.40 -1.81
C PHE A 682 22.29 23.92 -0.36
N GLU A 683 23.01 22.83 -0.13
CA GLU A 683 23.23 22.31 1.22
C GLU A 683 24.72 22.28 1.56
N LEU A 684 25.10 23.08 2.55
CA LEU A 684 26.46 23.01 3.08
C LEU A 684 26.48 21.92 4.15
N ILE A 685 27.51 21.09 4.15
CA ILE A 685 27.51 19.87 4.96
C ILE A 685 28.76 19.76 5.83
N ASP A 686 28.57 19.42 7.10
CA ASP A 686 29.67 19.12 8.01
C ASP A 686 30.06 17.64 7.81
N GLN A 687 31.13 17.40 7.07
CA GLN A 687 31.50 16.03 6.72
C GLN A 687 32.45 15.39 7.73
N ALA A 688 32.88 16.15 8.73
CA ALA A 688 33.99 15.69 9.57
C ALA A 688 33.86 16.03 11.05
N GLY A 689 32.64 15.97 11.57
CA GLY A 689 32.43 16.27 12.98
C GLY A 689 32.93 17.66 13.36
N LEU A 690 32.89 18.60 12.42
CA LEU A 690 33.37 19.95 12.70
C LEU A 690 32.55 20.67 13.78
N GLY A 691 31.24 20.51 13.76
CA GLY A 691 30.42 21.20 14.75
C GLY A 691 29.76 22.47 14.23
N HIS A 692 28.71 22.90 14.92
CA HIS A 692 27.87 23.99 14.45
C HIS A 692 28.61 25.31 14.23
N GLU A 693 29.44 25.70 15.19
CA GLU A 693 30.16 26.97 15.08
C GLU A 693 31.08 27.04 13.87
N LYS A 694 31.77 25.94 13.58
CA LYS A 694 32.64 25.94 12.42
C LYS A 694 31.85 25.89 11.13
N LEU A 695 30.74 25.15 11.14
CA LEU A 695 29.87 25.11 9.97
C LEU A 695 29.34 26.52 9.69
N THR A 696 28.94 27.22 10.75
CA THR A 696 28.51 28.63 10.59
C THR A 696 29.62 29.47 9.94
N GLN A 697 30.84 29.37 10.47
CA GLN A 697 31.96 30.13 9.88
C GLN A 697 32.15 29.79 8.40
N ALA A 698 32.13 28.50 8.05
CA ALA A 698 32.21 28.11 6.65
C ALA A 698 31.08 28.74 5.86
N ARG A 699 29.86 28.64 6.38
CA ARG A 699 28.71 29.25 5.71
C ARG A 699 28.99 30.73 5.46
N ASN A 700 29.47 31.42 6.49
CA ASN A 700 29.67 32.86 6.35
C ASN A 700 30.70 33.17 5.27
N GLN A 701 31.77 32.38 5.26
CA GLN A 701 32.81 32.54 4.25
C GLN A 701 32.23 32.37 2.85
N LEU A 702 31.41 31.35 2.67
CA LEU A 702 30.79 31.09 1.38
C LEU A 702 29.86 32.24 0.99
N LEU A 703 29.11 32.75 1.95
CA LEU A 703 28.20 33.87 1.69
C LEU A 703 28.99 35.12 1.29
N ALA A 704 30.05 35.43 2.03
CA ALA A 704 30.89 36.58 1.71
C ALA A 704 31.38 36.48 0.26
N GLU A 705 32.00 35.35 -0.07
CA GLU A 705 32.56 35.15 -1.40
C GLU A 705 31.51 35.31 -2.49
N ALA A 706 30.33 34.75 -2.26
CA ALA A 706 29.24 34.83 -3.22
C ALA A 706 28.79 36.27 -3.39
N ALA A 707 28.88 37.05 -2.32
CA ALA A 707 28.45 38.45 -2.36
C ALA A 707 29.33 39.28 -3.31
N LYS A 708 30.42 38.69 -3.77
CA LYS A 708 31.37 39.39 -4.63
C LYS A 708 31.16 39.07 -6.11
N HIS A 709 30.22 38.19 -6.41
CA HIS A 709 29.96 37.80 -7.79
C HIS A 709 28.55 38.16 -8.25
N PRO A 710 28.15 39.43 -8.04
CA PRO A 710 26.83 39.94 -8.42
C PRO A 710 26.56 39.75 -9.91
N ASP A 711 27.64 39.57 -10.67
CA ASP A 711 27.54 39.33 -12.11
C ASP A 711 27.00 37.93 -12.44
N MET A 712 26.94 37.07 -11.43
CA MET A 712 26.48 35.69 -11.60
C MET A 712 25.43 35.31 -10.58
N LEU A 713 25.67 35.69 -9.32
CA LEU A 713 24.81 35.27 -8.21
C LEU A 713 24.03 36.42 -7.59
N THR A 714 22.79 36.14 -7.22
CA THR A 714 21.92 37.12 -6.60
C THR A 714 21.20 36.52 -5.39
N SER A 715 21.12 37.29 -4.31
CA SER A 715 20.35 36.88 -3.15
C SER A 715 20.75 35.50 -2.59
N VAL A 716 22.06 35.24 -2.54
CA VAL A 716 22.56 34.04 -1.90
C VAL A 716 22.49 34.21 -0.39
N ARG A 717 21.66 33.39 0.25
CA ARG A 717 21.31 33.60 1.65
C ARG A 717 21.05 32.28 2.35
N PRO A 718 21.16 32.27 3.69
CA PRO A 718 20.82 31.07 4.47
C PRO A 718 19.31 30.90 4.51
N ASN A 719 18.82 29.67 4.55
CA ASN A 719 17.39 29.47 4.76
C ASN A 719 17.01 29.43 6.26
N GLY A 720 17.99 29.27 7.14
CA GLY A 720 17.73 29.07 8.56
C GLY A 720 17.92 30.27 9.47
N LEU A 721 18.11 30.00 10.76
CA LEU A 721 18.09 31.05 11.78
C LEU A 721 19.47 31.25 12.37
N GLU A 722 19.70 32.43 12.92
CA GLU A 722 21.00 32.80 13.50
C GLU A 722 21.03 32.39 14.97
N ASP A 723 22.22 32.15 15.50
CA ASP A 723 22.33 31.82 16.93
C ASP A 723 21.83 32.96 17.77
N THR A 724 21.37 32.66 18.98
CA THR A 724 20.83 33.67 19.86
C THR A 724 21.30 33.42 21.28
N PRO A 725 21.19 34.44 22.12
CA PRO A 725 21.60 34.24 23.53
C PRO A 725 20.74 33.17 24.20
N GLN A 726 21.41 32.31 24.96
CA GLN A 726 20.71 31.34 25.78
C GLN A 726 21.28 31.30 27.20
N PHE A 727 20.48 30.84 28.15
CA PHE A 727 20.82 30.94 29.56
C PHE A 727 21.34 29.59 30.00
N LYS A 728 22.63 29.51 30.29
CA LYS A 728 23.25 28.23 30.68
C LYS A 728 23.29 28.09 32.19
N ILE A 729 22.65 27.04 32.71
CA ILE A 729 22.65 26.77 34.14
C ILE A 729 23.41 25.49 34.40
N ASP A 730 24.40 25.56 35.30
CA ASP A 730 25.16 24.38 35.70
C ASP A 730 24.70 23.92 37.07
N ILE A 731 24.19 22.70 37.17
CA ILE A 731 23.83 22.14 38.47
C ILE A 731 25.09 21.61 39.11
N ASP A 732 25.35 21.98 40.37
CA ASP A 732 26.56 21.51 41.03
C ASP A 732 26.29 20.19 41.73
N GLN A 733 26.77 19.11 41.11
CA GLN A 733 26.58 17.76 41.63
C GLN A 733 27.02 17.61 43.10
N GLU A 734 28.22 18.07 43.41
CA GLU A 734 28.74 17.94 44.76
C GLU A 734 27.85 18.67 45.79
N LYS A 735 27.45 19.90 45.48
CA LYS A 735 26.60 20.65 46.39
C LYS A 735 25.25 19.96 46.57
N ALA A 736 24.68 19.52 45.46
CA ALA A 736 23.44 18.75 45.51
C ALA A 736 23.61 17.56 46.42
N GLN A 737 24.68 16.79 46.24
CA GLN A 737 24.91 15.63 47.10
C GLN A 737 25.07 16.07 48.56
N ALA A 738 25.80 17.17 48.79
CA ALA A 738 26.04 17.61 50.16
C ALA A 738 24.75 17.98 50.87
N LEU A 739 23.84 18.62 50.14
CA LEU A 739 22.59 19.09 50.73
C LEU A 739 21.52 18.00 50.74
N GLY A 740 21.80 16.89 50.05
CA GLY A 740 20.83 15.82 49.93
C GLY A 740 19.65 16.16 49.03
N VAL A 741 19.92 16.89 47.94
CA VAL A 741 18.87 17.17 46.98
C VAL A 741 19.09 16.30 45.76
N SER A 742 18.05 15.58 45.33
CA SER A 742 18.21 14.66 44.22
C SER A 742 18.22 15.40 42.89
N ILE A 743 19.04 14.92 41.96
CA ILE A 743 19.13 15.50 40.64
C ILE A 743 17.80 15.39 39.90
N ASN A 744 17.07 14.28 40.15
CA ASN A 744 15.76 14.13 39.53
C ASN A 744 14.78 15.21 39.99
N ASP A 745 14.79 15.55 41.28
CA ASP A 745 13.89 16.59 41.80
C ASP A 745 14.29 17.96 41.24
N ILE A 746 15.59 18.21 41.19
CA ILE A 746 16.12 19.42 40.57
C ILE A 746 15.65 19.55 39.13
N ASN A 747 15.94 18.55 38.31
CA ASN A 747 15.53 18.61 36.90
C ASN A 747 14.03 18.68 36.66
N THR A 748 13.23 18.01 37.49
CA THR A 748 11.77 18.05 37.31
C THR A 748 11.23 19.43 37.70
N THR A 749 11.76 19.99 38.79
CA THR A 749 11.36 21.31 39.24
C THR A 749 11.68 22.36 38.18
N LEU A 750 12.89 22.31 37.66
CA LEU A 750 13.34 23.25 36.64
C LEU A 750 12.50 23.11 35.38
N GLY A 751 12.44 21.89 34.85
CA GLY A 751 11.68 21.58 33.65
C GLY A 751 10.17 21.82 33.74
N ALA A 752 9.54 21.34 34.81
CA ALA A 752 8.12 21.55 34.95
C ALA A 752 7.80 23.05 35.05
N ALA A 753 8.61 23.78 35.81
CA ALA A 753 8.30 25.18 36.07
C ALA A 753 8.49 26.01 34.82
N TRP A 754 9.63 25.85 34.17
CA TRP A 754 9.99 26.72 33.06
C TRP A 754 9.62 26.19 31.69
N GLY A 755 9.38 24.89 31.62
CA GLY A 755 9.07 24.25 30.35
C GLY A 755 7.67 23.72 30.29
N GLY A 756 7.12 23.38 31.46
CA GLY A 756 5.80 22.79 31.52
C GLY A 756 5.95 21.27 31.43
N SER A 757 4.97 20.57 31.98
CA SER A 757 5.00 19.11 31.98
C SER A 757 3.59 18.57 31.78
N TYR A 758 3.43 17.70 30.79
CA TYR A 758 2.17 16.99 30.51
C TYR A 758 2.07 15.85 31.52
N VAL A 759 1.17 16.01 32.50
CA VAL A 759 1.06 15.08 33.61
C VAL A 759 0.25 13.83 33.27
N ASN A 760 -1.03 14.02 32.94
CA ASN A 760 -1.92 12.93 32.51
C ASN A 760 -3.16 13.57 31.88
N ASP A 761 -4.21 12.79 31.63
CA ASP A 761 -5.40 13.31 30.94
C ASP A 761 -6.56 13.57 31.87
N PHE A 762 -7.49 14.40 31.41
CA PHE A 762 -8.75 14.59 32.12
C PHE A 762 -9.86 14.64 31.07
N ILE A 763 -11.09 14.78 31.52
CA ILE A 763 -12.23 14.74 30.63
C ILE A 763 -12.92 16.09 30.68
N ASP A 764 -12.93 16.79 29.56
CA ASP A 764 -13.53 18.11 29.48
C ASP A 764 -14.77 17.99 28.61
N ARG A 765 -15.94 18.15 29.21
CA ARG A 765 -17.20 18.00 28.49
C ARG A 765 -17.19 16.74 27.61
N GLY A 766 -16.83 15.61 28.20
CA GLY A 766 -16.94 14.33 27.52
C GLY A 766 -15.75 13.97 26.63
N ARG A 767 -14.81 14.90 26.45
CA ARG A 767 -13.65 14.65 25.60
C ARG A 767 -12.35 14.57 26.38
N VAL A 768 -11.57 13.52 26.12
CA VAL A 768 -10.25 13.39 26.73
C VAL A 768 -9.34 14.50 26.25
N LYS A 769 -8.71 15.17 27.21
CA LYS A 769 -7.78 16.26 26.96
C LYS A 769 -6.64 16.20 27.99
N LYS A 770 -5.62 17.05 27.81
CA LYS A 770 -4.40 16.97 28.62
C LYS A 770 -4.42 17.85 29.87
N VAL A 771 -3.58 17.49 30.84
CA VAL A 771 -3.34 18.30 32.03
C VAL A 771 -1.87 18.73 32.03
N TYR A 772 -1.63 20.05 32.13
CA TYR A 772 -0.27 20.59 32.15
C TYR A 772 0.02 21.34 33.44
N VAL A 773 1.20 21.11 33.99
CA VAL A 773 1.68 21.89 35.11
C VAL A 773 2.80 22.77 34.58
N MET A 774 2.88 23.98 35.10
CA MET A 774 3.88 24.95 34.66
C MET A 774 3.85 26.15 35.60
N SER A 775 4.94 26.89 35.67
CA SER A 775 4.95 28.08 36.49
C SER A 775 3.98 29.09 35.91
N GLU A 776 3.24 29.80 36.76
CA GLU A 776 2.52 30.98 36.29
C GLU A 776 3.53 31.90 35.60
N ALA A 777 3.07 32.61 34.58
CA ALA A 777 3.98 33.38 33.72
C ALA A 777 4.93 34.32 34.49
N LYS A 778 4.43 35.01 35.50
CA LYS A 778 5.24 36.03 36.16
C LYS A 778 6.45 35.48 36.92
N TYR A 779 6.49 34.17 37.15
CA TYR A 779 7.64 33.58 37.85
C TYR A 779 8.62 32.89 36.91
N ARG A 780 8.43 33.05 35.61
CA ARG A 780 9.36 32.45 34.65
C ARG A 780 9.72 33.41 33.52
N MET A 781 9.78 34.69 33.86
CA MET A 781 10.09 35.74 32.88
C MET A 781 11.53 36.25 33.03
N LEU A 782 12.06 36.25 34.25
CA LEU A 782 13.37 36.88 34.52
C LEU A 782 14.43 35.91 35.06
N PRO A 783 15.70 36.08 34.63
CA PRO A 783 16.79 35.24 35.16
C PRO A 783 16.77 35.13 36.68
N ASP A 784 16.51 36.23 37.38
CA ASP A 784 16.48 36.23 38.85
C ASP A 784 15.38 35.32 39.43
N ASP A 785 14.37 35.03 38.62
CA ASP A 785 13.28 34.16 39.06
C ASP A 785 13.79 32.75 39.36
N ILE A 786 14.93 32.38 38.79
CA ILE A 786 15.43 31.01 38.94
C ILE A 786 15.62 30.68 40.42
N GLY A 787 16.21 31.62 41.16
CA GLY A 787 16.48 31.41 42.58
C GLY A 787 15.25 31.48 43.48
N ASP A 788 14.08 31.71 42.91
CA ASP A 788 12.87 31.73 43.72
C ASP A 788 12.21 30.35 43.77
N TRP A 789 12.81 29.39 43.07
CA TRP A 789 12.28 28.03 43.06
C TRP A 789 13.04 27.16 44.06
N TYR A 790 12.31 26.48 44.93
CA TYR A 790 12.91 25.64 45.97
C TYR A 790 12.65 24.16 45.71
N VAL A 791 13.63 23.33 46.06
CA VAL A 791 13.50 21.88 46.00
C VAL A 791 13.62 21.37 47.44
N ARG A 792 12.91 20.31 47.77
CA ARG A 792 12.97 19.77 49.14
C ARG A 792 14.07 18.70 49.23
N ALA A 793 14.98 18.86 50.19
CA ALA A 793 16.06 17.90 50.40
C ALA A 793 15.58 16.67 51.19
N ALA A 794 16.39 15.62 51.19
CA ALA A 794 16.07 14.40 51.91
C ALA A 794 15.72 14.65 53.38
N ASP A 795 16.47 15.53 54.04
CA ASP A 795 16.23 15.86 55.43
C ASP A 795 15.06 16.84 55.61
N GLY A 796 14.32 17.08 54.53
CA GLY A 796 13.10 17.86 54.61
C GLY A 796 13.31 19.37 54.52
N GLN A 797 14.54 19.81 54.30
CA GLN A 797 14.76 21.26 54.19
C GLN A 797 14.54 21.77 52.77
N MET A 798 14.02 22.98 52.67
CA MET A 798 13.79 23.62 51.38
C MET A 798 15.05 24.38 50.96
N VAL A 799 15.51 24.10 49.75
CA VAL A 799 16.78 24.61 49.28
C VAL A 799 16.56 25.33 47.97
N PRO A 800 17.01 26.60 47.89
CA PRO A 800 16.79 27.38 46.66
C PRO A 800 17.76 26.98 45.55
N PHE A 801 17.31 27.08 44.31
CA PHE A 801 18.17 26.80 43.18
C PHE A 801 19.51 27.50 43.24
N SER A 802 19.52 28.70 43.79
CA SER A 802 20.72 29.51 43.87
C SER A 802 21.80 28.85 44.72
N ALA A 803 21.42 27.85 45.52
CA ALA A 803 22.38 27.22 46.42
C ALA A 803 23.19 26.09 45.76
N PHE A 804 22.68 25.55 44.66
CA PHE A 804 23.37 24.44 43.99
C PHE A 804 23.55 24.66 42.50
N SER A 805 23.47 25.89 42.04
CA SER A 805 23.67 26.15 40.62
C SER A 805 24.37 27.47 40.35
N SER A 806 24.87 27.60 39.12
CA SER A 806 25.46 28.85 38.66
C SER A 806 25.01 28.97 37.23
N SER A 807 25.04 30.18 36.69
CA SER A 807 24.51 30.38 35.34
C SER A 807 25.33 31.41 34.59
N ARG A 808 25.29 31.33 33.27
CA ARG A 808 25.98 32.32 32.45
C ARG A 808 25.25 32.43 31.11
N TRP A 809 25.37 33.58 30.46
CA TRP A 809 24.89 33.73 29.09
C TRP A 809 25.87 33.12 28.08
N GLU A 810 25.31 32.50 27.05
CA GLU A 810 26.11 32.04 25.91
C GLU A 810 25.25 32.11 24.66
N TYR A 811 25.82 31.78 23.51
CA TYR A 811 25.05 31.71 22.28
C TYR A 811 24.84 30.25 21.85
N GLY A 812 23.70 29.99 21.20
CA GLY A 812 23.41 28.66 20.68
C GLY A 812 22.39 28.77 19.57
N SER A 813 22.08 27.65 18.94
CA SER A 813 21.19 27.67 17.78
C SER A 813 19.74 27.44 18.19
N PRO A 814 18.82 28.23 17.62
CA PRO A 814 17.40 27.95 17.86
C PRO A 814 16.85 26.96 16.84
N ARG A 815 17.67 26.61 15.86
CA ARG A 815 17.23 25.65 14.84
C ARG A 815 18.38 24.96 14.13
N LEU A 816 18.52 23.67 14.37
CA LEU A 816 19.62 22.88 13.80
C LEU A 816 19.12 22.04 12.64
N GLU A 817 19.80 22.15 11.49
CA GLU A 817 19.42 21.49 10.24
C GLU A 817 20.34 20.28 10.03
N ARG A 818 19.80 19.19 9.46
CA ARG A 818 20.63 18.06 9.03
C ARG A 818 20.18 17.67 7.63
N TYR A 819 21.11 17.15 6.84
CA TYR A 819 20.78 16.75 5.49
C TYR A 819 21.44 15.39 5.23
N ASN A 820 20.64 14.39 4.86
CA ASN A 820 21.14 13.02 4.75
C ASN A 820 21.90 12.57 6.02
N GLY A 821 21.41 13.00 7.18
CA GLY A 821 21.91 12.52 8.45
C GLY A 821 23.12 13.25 9.01
N LEU A 822 23.63 14.21 8.26
CA LEU A 822 24.77 15.04 8.69
C LEU A 822 24.35 16.49 9.02
N PRO A 823 25.05 17.15 9.96
CA PRO A 823 24.70 18.55 10.19
C PRO A 823 24.82 19.36 8.90
N SER A 824 23.89 20.27 8.66
CA SER A 824 23.87 21.01 7.40
C SER A 824 23.38 22.43 7.58
N MET A 825 23.59 23.24 6.55
CA MET A 825 22.95 24.55 6.48
C MET A 825 22.50 24.79 5.06
N GLU A 826 21.21 25.08 4.89
CA GLU A 826 20.65 25.24 3.55
C GLU A 826 20.87 26.67 3.07
N ILE A 827 21.28 26.81 1.81
CA ILE A 827 21.52 28.13 1.24
C ILE A 827 20.72 28.26 -0.03
N LEU A 828 19.94 29.34 -0.09
CA LEU A 828 19.11 29.66 -1.24
C LEU A 828 19.79 30.76 -2.02
N GLY A 829 19.45 30.88 -3.30
CA GLY A 829 20.05 31.88 -4.16
C GLY A 829 19.47 31.73 -5.56
N GLN A 830 19.91 32.58 -6.48
CA GLN A 830 19.46 32.46 -7.86
C GLN A 830 20.47 33.03 -8.84
N ALA A 831 20.26 32.73 -10.12
CA ALA A 831 21.11 33.25 -11.16
C ALA A 831 20.84 34.73 -11.39
N ALA A 832 21.90 35.53 -11.46
CA ALA A 832 21.80 36.93 -11.82
C ALA A 832 21.23 37.03 -13.24
N PRO A 833 20.53 38.15 -13.54
CA PRO A 833 19.94 38.32 -14.87
C PRO A 833 20.95 38.08 -16.01
N GLY A 834 20.56 37.28 -17.00
CA GLY A 834 21.45 36.98 -18.12
C GLY A 834 22.27 35.72 -17.93
N LYS A 835 22.33 35.22 -16.69
CA LYS A 835 23.11 34.05 -16.36
C LYS A 835 22.23 32.81 -16.20
N SER A 836 22.78 31.64 -16.53
CA SER A 836 22.01 30.40 -16.43
C SER A 836 22.17 29.71 -15.08
N THR A 837 21.10 29.06 -14.63
CA THR A 837 21.13 28.29 -13.38
C THR A 837 22.41 27.45 -13.31
N GLY A 838 22.70 26.72 -14.38
CA GLY A 838 23.91 25.93 -14.46
C GLY A 838 25.16 26.72 -14.15
N GLU A 839 25.26 27.93 -14.72
CA GLU A 839 26.39 28.82 -14.47
C GLU A 839 26.51 29.14 -12.99
N ALA A 840 25.40 29.59 -12.41
CA ALA A 840 25.39 29.95 -11.00
C ALA A 840 25.80 28.77 -10.13
N MET A 841 25.29 27.59 -10.47
CA MET A 841 25.60 26.39 -9.72
C MET A 841 27.07 26.01 -9.85
N GLU A 842 27.60 26.09 -11.07
CA GLU A 842 29.01 25.82 -11.30
C GLU A 842 29.84 26.69 -10.36
N LEU A 843 29.46 27.96 -10.28
CA LEU A 843 30.21 28.93 -9.48
C LEU A 843 30.08 28.64 -7.97
N MET A 844 28.87 28.34 -7.52
CA MET A 844 28.68 27.94 -6.13
C MET A 844 29.61 26.77 -5.81
N GLU A 845 29.70 25.83 -6.75
CA GLU A 845 30.60 24.69 -6.58
C GLU A 845 32.07 25.10 -6.46
N GLN A 846 32.49 26.07 -7.27
CA GLN A 846 33.88 26.54 -7.22
C GLN A 846 34.20 27.15 -5.86
N LEU A 847 33.28 27.98 -5.37
CA LEU A 847 33.49 28.66 -4.09
C LEU A 847 33.49 27.64 -2.96
N ALA A 848 32.67 26.61 -3.10
CA ALA A 848 32.54 25.59 -2.08
C ALA A 848 33.84 24.80 -1.93
N SER A 849 34.55 24.62 -3.05
CA SER A 849 35.83 23.91 -3.04
C SER A 849 36.91 24.66 -2.27
N LYS A 850 36.69 25.97 -2.06
CA LYS A 850 37.67 26.81 -1.37
C LYS A 850 37.44 26.83 0.13
N LEU A 851 36.42 26.10 0.59
CA LEU A 851 36.06 26.14 2.01
C LEU A 851 36.97 25.28 2.87
N PRO A 852 36.92 25.50 4.19
CA PRO A 852 37.74 24.78 5.17
C PRO A 852 37.61 23.25 5.08
N THR A 853 38.68 22.57 5.45
CA THR A 853 38.73 21.11 5.51
C THR A 853 37.50 20.55 6.26
N GLY A 854 36.84 19.55 5.69
CA GLY A 854 35.75 18.87 6.39
C GLY A 854 34.38 19.40 6.03
N VAL A 855 34.32 20.44 5.21
CA VAL A 855 33.07 21.02 4.78
C VAL A 855 32.80 20.59 3.36
N GLY A 856 31.66 19.92 3.15
CA GLY A 856 31.25 19.53 1.82
C GLY A 856 29.94 20.20 1.45
N TYR A 857 29.31 19.76 0.36
CA TYR A 857 28.05 20.34 -0.06
C TYR A 857 27.24 19.35 -0.90
N ASP A 858 25.97 19.69 -1.13
CA ASP A 858 25.11 18.91 -2.02
C ASP A 858 24.03 19.83 -2.59
N TRP A 859 23.35 19.37 -3.63
CA TRP A 859 22.20 20.07 -4.19
C TRP A 859 20.95 19.29 -3.78
N THR A 860 19.86 20.00 -3.52
CA THR A 860 18.61 19.34 -3.11
C THR A 860 17.43 19.98 -3.82
N GLY A 861 16.23 19.48 -3.55
CA GLY A 861 15.01 20.04 -4.10
C GLY A 861 15.03 20.33 -5.59
N MET A 862 14.69 21.56 -5.97
CA MET A 862 14.65 21.97 -7.37
C MET A 862 15.99 21.80 -8.07
N SER A 863 17.08 21.99 -7.33
CA SER A 863 18.43 21.85 -7.88
C SER A 863 18.86 20.39 -8.03
N TYR A 864 18.12 19.49 -7.42
CA TYR A 864 18.48 18.07 -7.42
C TYR A 864 18.26 17.37 -8.76
N GLN A 865 17.31 17.85 -9.57
CA GLN A 865 16.82 17.08 -10.72
C GLN A 865 16.25 17.84 -11.93
N GLU A 866 17.08 18.49 -12.74
CA GLU A 866 18.48 18.80 -12.43
C GLU A 866 19.46 17.64 -12.43
N ARG A 867 20.18 17.49 -13.55
CA ARG A 867 21.43 16.73 -13.53
C ARG A 867 21.37 15.35 -12.88
N LEU A 868 20.51 14.43 -13.34
CA LEU A 868 19.41 14.64 -14.29
C LEU A 868 19.79 15.06 -15.72
N SER A 869 19.88 16.36 -15.97
CA SER A 869 20.29 16.89 -17.28
C SER A 869 19.15 17.47 -18.11
N GLY A 870 19.50 18.27 -19.12
CA GLY A 870 18.52 18.98 -19.90
C GLY A 870 18.61 18.82 -21.40
N ASN A 871 17.78 19.58 -22.12
CA ASN A 871 17.67 19.53 -23.57
C ASN A 871 17.68 18.13 -24.19
N GLN A 872 16.50 17.51 -24.27
CA GLN A 872 16.30 16.28 -25.02
C GLN A 872 15.68 16.67 -26.36
N ALA A 873 15.18 17.91 -26.40
CA ALA A 873 14.49 18.46 -27.56
C ALA A 873 15.13 18.11 -28.90
N PRO A 874 16.40 18.49 -29.10
CA PRO A 874 17.06 18.27 -30.39
C PRO A 874 16.98 16.81 -30.83
N SER A 875 17.32 15.89 -29.92
CA SER A 875 17.34 14.46 -30.24
C SER A 875 15.96 13.94 -30.63
N LEU A 876 14.96 14.26 -29.81
CA LEU A 876 13.61 13.74 -30.03
C LEU A 876 12.90 14.29 -31.27
N TYR A 877 13.06 15.59 -31.55
CA TYR A 877 12.50 16.15 -32.77
C TYR A 877 13.34 15.73 -33.98
N ALA A 878 14.60 15.40 -33.74
CA ALA A 878 15.44 14.80 -34.77
C ALA A 878 14.81 13.49 -35.26
N ILE A 879 14.52 12.58 -34.33
CA ILE A 879 13.88 11.32 -34.69
C ILE A 879 12.47 11.59 -35.25
N SER A 880 11.78 12.56 -34.68
CA SER A 880 10.48 12.96 -35.22
C SER A 880 10.59 13.29 -36.71
N LEU A 881 11.56 14.13 -37.05
CA LEU A 881 11.79 14.52 -38.44
C LEU A 881 12.03 13.29 -39.31
N ILE A 882 12.93 12.43 -38.84
CA ILE A 882 13.27 11.19 -39.55
C ILE A 882 12.05 10.29 -39.78
N VAL A 883 11.26 10.06 -38.74
CA VAL A 883 10.08 9.22 -38.87
C VAL A 883 9.07 9.85 -39.83
N VAL A 884 8.86 11.17 -39.70
CA VAL A 884 8.01 11.89 -40.64
C VAL A 884 8.51 11.68 -42.08
N PHE A 885 9.81 11.81 -42.28
CA PHE A 885 10.36 11.61 -43.62
C PHE A 885 10.04 10.20 -44.10
N LEU A 886 10.34 9.20 -43.27
CA LEU A 886 10.12 7.80 -43.64
C LEU A 886 8.65 7.53 -43.98
N CYS A 887 7.75 8.01 -43.12
CA CYS A 887 6.30 7.86 -43.35
C CYS A 887 5.89 8.44 -44.70
N LEU A 888 6.36 9.65 -44.98
CA LEU A 888 6.03 10.30 -46.25
C LEU A 888 6.61 9.53 -47.44
N ALA A 889 7.79 8.95 -47.28
CA ALA A 889 8.42 8.21 -48.38
C ALA A 889 7.59 7.00 -48.76
N ALA A 890 7.09 6.31 -47.74
CA ALA A 890 6.15 5.20 -47.91
C ALA A 890 4.87 5.67 -48.62
N LEU A 891 4.32 6.78 -48.15
CA LEU A 891 3.10 7.35 -48.71
C LEU A 891 3.27 7.68 -50.19
N TYR A 892 4.41 8.25 -50.56
CA TYR A 892 4.62 8.66 -51.95
C TYR A 892 5.42 7.64 -52.78
N GLU A 893 5.91 6.59 -52.14
CA GLU A 893 6.83 5.66 -52.81
C GLU A 893 7.95 6.45 -53.48
N SER A 894 8.61 7.29 -52.70
CA SER A 894 9.71 8.12 -53.19
C SER A 894 10.58 8.59 -52.03
N TRP A 895 11.89 8.68 -52.24
CA TRP A 895 12.79 9.19 -51.23
C TRP A 895 12.96 10.70 -51.34
N SER A 896 12.63 11.26 -52.50
CA SER A 896 12.83 12.69 -52.74
C SER A 896 11.60 13.55 -52.48
N ILE A 897 10.42 13.09 -52.93
CA ILE A 897 9.19 13.87 -52.86
C ILE A 897 8.82 14.38 -51.46
N PRO A 898 9.08 13.58 -50.42
CA PRO A 898 8.80 14.02 -49.05
C PRO A 898 9.35 15.41 -48.70
N PHE A 899 10.50 15.79 -49.27
CA PHE A 899 11.08 17.11 -48.98
C PHE A 899 10.14 18.24 -49.41
N SER A 900 9.34 17.98 -50.43
CA SER A 900 8.39 18.98 -50.92
C SER A 900 7.30 19.26 -49.87
N VAL A 901 7.10 18.31 -48.95
CA VAL A 901 6.19 18.54 -47.83
C VAL A 901 6.93 19.07 -46.59
N MET A 902 8.10 18.51 -46.32
CA MET A 902 8.82 18.85 -45.09
C MET A 902 9.36 20.29 -45.07
N LEU A 903 9.58 20.85 -46.25
CA LEU A 903 10.05 22.22 -46.37
C LEU A 903 9.02 23.27 -45.91
N VAL A 904 7.79 22.85 -45.65
CA VAL A 904 6.77 23.81 -45.20
C VAL A 904 6.94 24.11 -43.72
N VAL A 905 7.63 23.23 -43.00
CA VAL A 905 7.73 23.33 -41.55
C VAL A 905 8.06 24.74 -41.03
N PRO A 906 9.11 25.37 -41.60
CA PRO A 906 9.52 26.71 -41.15
C PRO A 906 8.41 27.77 -41.30
N LEU A 907 7.53 27.60 -42.27
CA LEU A 907 6.54 28.62 -42.64
C LEU A 907 5.52 28.93 -41.55
N GLY A 908 5.24 27.95 -40.69
CA GLY A 908 4.36 28.16 -39.57
C GLY A 908 5.12 28.61 -38.34
N VAL A 909 6.33 28.06 -38.17
CA VAL A 909 7.18 28.45 -37.05
C VAL A 909 7.43 29.95 -37.00
N ILE A 910 7.76 30.54 -38.16
CA ILE A 910 8.11 31.95 -38.25
C ILE A 910 7.01 32.84 -37.68
N GLY A 911 5.76 32.55 -38.04
CA GLY A 911 4.63 33.32 -37.57
C GLY A 911 4.38 33.15 -36.09
N ALA A 912 4.60 31.94 -35.60
CA ALA A 912 4.48 31.63 -34.19
C ALA A 912 5.52 32.43 -33.38
N LEU A 913 6.75 32.42 -33.86
CA LEU A 913 7.84 33.15 -33.21
C LEU A 913 7.60 34.65 -33.26
N LEU A 914 7.13 35.13 -34.41
CA LEU A 914 6.80 36.55 -34.56
C LEU A 914 5.74 37.01 -33.56
N ALA A 915 4.62 36.28 -33.54
CA ALA A 915 3.51 36.64 -32.65
C ALA A 915 3.89 36.53 -31.17
N ALA A 916 4.70 35.54 -30.84
CA ALA A 916 5.12 35.35 -29.46
C ALA A 916 6.14 36.42 -29.04
N THR A 917 7.08 36.70 -29.93
CA THR A 917 8.09 37.74 -29.71
C THR A 917 7.38 39.07 -29.52
N PHE A 918 6.28 39.23 -30.24
CA PHE A 918 5.50 40.45 -30.28
C PHE A 918 4.71 40.69 -28.99
N ARG A 919 4.09 39.64 -28.45
CA ARG A 919 3.28 39.79 -27.26
C ARG A 919 4.11 39.62 -25.99
N GLY A 920 5.42 39.45 -26.18
CA GLY A 920 6.31 39.31 -25.04
C GLY A 920 6.21 37.95 -24.38
N LEU A 921 5.79 36.95 -25.15
CA LEU A 921 5.67 35.60 -24.62
C LEU A 921 7.00 34.84 -24.59
N THR A 922 6.94 33.63 -24.08
CA THR A 922 8.12 32.80 -23.89
C THR A 922 8.01 31.50 -24.68
N ASN A 923 9.14 30.86 -24.93
CA ASN A 923 9.15 29.52 -25.49
C ASN A 923 8.85 28.54 -24.36
N ASP A 924 7.57 28.29 -24.12
CA ASP A 924 7.15 27.41 -23.03
C ASP A 924 6.34 26.21 -23.53
N VAL A 925 5.83 25.40 -22.60
CA VAL A 925 5.04 24.22 -22.96
C VAL A 925 3.97 24.55 -23.98
N TYR A 926 3.20 25.59 -23.70
CA TYR A 926 2.08 25.97 -24.55
C TYR A 926 2.52 26.44 -25.92
N PHE A 927 3.65 27.12 -25.97
CA PHE A 927 4.17 27.56 -27.26
C PHE A 927 4.55 26.35 -28.12
N GLN A 928 5.21 25.38 -27.50
CA GLN A 928 5.68 24.19 -28.20
C GLN A 928 4.53 23.33 -28.76
N VAL A 929 3.58 22.95 -27.90
CA VAL A 929 2.47 22.12 -28.37
C VAL A 929 1.66 22.80 -29.48
N GLY A 930 1.43 24.10 -29.36
CA GLY A 930 0.66 24.81 -30.36
C GLY A 930 1.39 24.82 -31.69
N LEU A 931 2.72 24.79 -31.61
CA LEU A 931 3.56 24.82 -32.80
C LEU A 931 3.45 23.49 -33.53
N LEU A 932 3.55 22.40 -32.76
CA LEU A 932 3.41 21.07 -33.34
C LEU A 932 2.08 20.96 -34.08
N THR A 933 1.05 21.60 -33.52
CA THR A 933 -0.29 21.57 -34.11
C THR A 933 -0.28 22.32 -35.43
N THR A 934 0.23 23.54 -35.39
CA THR A 934 0.38 24.34 -36.59
C THR A 934 1.21 23.60 -37.64
N ILE A 935 2.30 22.98 -37.21
CA ILE A 935 3.14 22.22 -38.14
C ILE A 935 2.35 21.05 -38.71
N GLY A 936 1.64 20.33 -37.84
CA GLY A 936 0.82 19.21 -38.27
C GLY A 936 -0.11 19.63 -39.38
N LEU A 937 -0.85 20.71 -39.16
CA LEU A 937 -1.83 21.18 -40.14
C LEU A 937 -1.22 21.61 -41.46
N SER A 938 -0.13 22.36 -41.42
CA SER A 938 0.48 22.81 -42.68
C SER A 938 1.11 21.63 -43.41
N ALA A 939 1.60 20.66 -42.64
CA ALA A 939 2.10 19.42 -43.24
C ALA A 939 0.95 18.75 -43.98
N LYS A 940 -0.17 18.57 -43.28
CA LYS A 940 -1.36 17.97 -43.88
C LYS A 940 -1.78 18.68 -45.17
N ASN A 941 -1.83 20.01 -45.12
CA ASN A 941 -2.16 20.79 -46.32
C ASN A 941 -1.22 20.48 -47.48
N ALA A 942 0.08 20.45 -47.19
CA ALA A 942 1.09 20.22 -48.22
C ALA A 942 0.99 18.78 -48.75
N ILE A 943 0.76 17.83 -47.85
CA ILE A 943 0.59 16.43 -48.27
C ILE A 943 -0.55 16.26 -49.26
N LEU A 944 -1.70 16.88 -48.98
CA LEU A 944 -2.84 16.73 -49.88
C LEU A 944 -2.65 17.49 -51.20
N ILE A 945 -1.82 18.53 -51.20
CA ILE A 945 -1.50 19.24 -52.43
C ILE A 945 -0.62 18.38 -53.36
N VAL A 946 0.48 17.86 -52.83
CA VAL A 946 1.40 17.08 -53.67
C VAL A 946 0.84 15.70 -53.98
N GLU A 947 -0.02 15.19 -53.11
CA GLU A 947 -0.77 13.96 -53.41
C GLU A 947 -1.60 14.15 -54.68
N PHE A 948 -2.24 15.31 -54.80
CA PHE A 948 -3.11 15.61 -55.93
C PHE A 948 -2.31 15.83 -57.21
N ALA A 949 -1.26 16.64 -57.12
CA ALA A 949 -0.39 16.89 -58.25
C ALA A 949 0.19 15.56 -58.73
N LYS A 950 0.85 14.85 -57.82
CA LYS A 950 1.45 13.56 -58.14
C LYS A 950 0.47 12.61 -58.83
N ASP A 951 -0.72 12.42 -58.23
CA ASP A 951 -1.72 11.56 -58.85
C ASP A 951 -2.06 12.03 -60.27
N LEU A 952 -2.42 13.31 -60.41
CA LEU A 952 -2.65 13.90 -61.72
C LEU A 952 -1.56 13.50 -62.72
N MET A 953 -0.30 13.69 -62.33
CA MET A 953 0.83 13.35 -63.19
C MET A 953 0.91 11.83 -63.42
N ASP A 954 0.37 11.05 -62.50
CA ASP A 954 0.49 9.59 -62.56
C ASP A 954 -0.73 8.87 -63.16
N LYS A 955 -1.92 9.14 -62.63
CA LYS A 955 -3.13 8.50 -63.13
C LYS A 955 -3.53 9.09 -64.48
N GLU A 956 -3.95 10.35 -64.47
CA GLU A 956 -4.00 11.11 -65.71
C GLU A 956 -2.55 11.25 -66.13
N GLY A 957 -2.31 11.90 -67.27
CA GLY A 957 -0.95 12.06 -67.74
C GLY A 957 -0.44 13.48 -67.62
N LYS A 958 -1.20 14.31 -66.91
CA LYS A 958 -0.88 15.72 -66.77
C LYS A 958 0.62 15.95 -66.58
N GLY A 959 1.15 16.98 -67.21
CA GLY A 959 2.55 17.34 -67.05
C GLY A 959 2.77 18.11 -65.75
N LEU A 960 4.02 18.24 -65.33
CA LEU A 960 4.37 18.83 -64.04
C LEU A 960 3.60 20.11 -63.67
N ILE A 961 3.87 21.20 -64.38
CA ILE A 961 3.29 22.51 -64.06
C ILE A 961 1.76 22.49 -64.06
N GLU A 962 1.18 21.95 -65.12
CA GLU A 962 -0.27 21.81 -65.23
C GLU A 962 -0.85 21.14 -63.97
N ALA A 963 -0.27 20.01 -63.60
CA ALA A 963 -0.74 19.23 -62.45
C ALA A 963 -0.58 20.00 -61.14
N THR A 964 0.56 20.66 -60.96
CA THR A 964 0.80 21.48 -59.77
C THR A 964 -0.28 22.57 -59.65
N LEU A 965 -0.57 23.24 -60.76
CA LEU A 965 -1.55 24.32 -60.76
C LEU A 965 -2.97 23.82 -60.50
N ASP A 966 -3.34 22.68 -61.09
CA ASP A 966 -4.66 22.11 -60.89
C ASP A 966 -4.79 21.59 -59.45
N ALA A 967 -3.71 21.00 -58.95
CA ALA A 967 -3.65 20.53 -57.58
C ALA A 967 -3.85 21.71 -56.64
N VAL A 968 -3.02 22.73 -56.81
CA VAL A 968 -3.02 23.88 -55.92
C VAL A 968 -4.36 24.59 -55.93
N ARG A 969 -5.01 24.61 -57.09
CA ARG A 969 -6.29 25.30 -57.20
C ARG A 969 -7.46 24.50 -56.61
N MET A 970 -7.38 23.17 -56.67
CA MET A 970 -8.42 22.34 -56.07
C MET A 970 -8.30 22.38 -54.54
N ARG A 971 -7.13 22.75 -54.05
CA ARG A 971 -6.84 22.66 -52.63
C ARG A 971 -6.97 23.99 -51.88
N LEU A 972 -7.08 25.08 -52.63
CA LEU A 972 -7.12 26.42 -52.02
C LEU A 972 -8.25 26.56 -51.01
N ARG A 973 -9.45 26.21 -51.45
CA ARG A 973 -10.65 26.41 -50.65
C ARG A 973 -10.63 25.64 -49.33
N PRO A 974 -10.44 24.32 -49.40
CA PRO A 974 -10.39 23.51 -48.18
C PRO A 974 -9.36 24.07 -47.21
N ILE A 975 -8.20 24.46 -47.74
CA ILE A 975 -7.14 25.05 -46.92
C ILE A 975 -7.62 26.32 -46.21
N LEU A 976 -8.27 27.20 -46.97
CA LEU A 976 -8.80 28.44 -46.41
C LEU A 976 -9.91 28.21 -45.38
N MET A 977 -10.83 27.30 -45.69
CA MET A 977 -11.90 26.96 -44.75
C MET A 977 -11.31 26.54 -43.40
N THR A 978 -10.34 25.63 -43.44
CA THR A 978 -9.71 25.16 -42.21
C THR A 978 -8.94 26.26 -41.50
N SER A 979 -8.15 27.03 -42.24
CA SER A 979 -7.32 28.06 -41.60
C SER A 979 -8.17 29.08 -40.88
N LEU A 980 -9.23 29.55 -41.54
CA LEU A 980 -10.09 30.57 -40.97
C LEU A 980 -10.89 30.05 -39.78
N ALA A 981 -11.47 28.85 -39.92
CA ALA A 981 -12.22 28.23 -38.83
C ALA A 981 -11.37 28.11 -37.57
N PHE A 982 -10.09 27.78 -37.75
CA PHE A 982 -9.20 27.53 -36.62
C PHE A 982 -8.59 28.80 -36.03
N ILE A 983 -8.23 29.76 -36.88
CA ILE A 983 -7.70 31.03 -36.41
C ILE A 983 -8.77 31.76 -35.58
N LEU A 984 -9.99 31.81 -36.11
CA LEU A 984 -11.13 32.35 -35.36
C LEU A 984 -11.39 31.54 -34.10
N GLY A 985 -11.28 30.22 -34.23
CA GLY A 985 -11.56 29.33 -33.12
C GLY A 985 -10.66 29.56 -31.92
N VAL A 986 -9.44 30.04 -32.15
CA VAL A 986 -8.51 30.28 -31.05
C VAL A 986 -8.49 31.75 -30.61
N MET A 987 -9.26 32.57 -31.31
CA MET A 987 -9.38 33.99 -30.99
C MET A 987 -9.75 34.23 -29.51
N PRO A 988 -10.80 33.54 -29.04
CA PRO A 988 -11.24 33.59 -27.64
C PRO A 988 -10.07 33.36 -26.69
N LEU A 989 -9.07 32.61 -27.15
CA LEU A 989 -7.91 32.30 -26.32
C LEU A 989 -6.92 33.46 -26.24
N VAL A 990 -6.58 34.07 -27.36
CA VAL A 990 -5.61 35.16 -27.34
C VAL A 990 -6.24 36.39 -26.69
N ILE A 991 -7.57 36.41 -26.71
CA ILE A 991 -8.33 37.55 -26.21
C ILE A 991 -8.67 37.38 -24.74
N SER A 992 -8.41 36.18 -24.22
CA SER A 992 -8.83 35.83 -22.87
C SER A 992 -8.25 36.75 -21.79
N THR A 993 -9.08 37.00 -20.79
CA THR A 993 -8.71 37.66 -19.54
C THR A 993 -9.36 36.79 -18.50
N GLY A 994 -8.89 36.84 -17.25
CA GLY A 994 -9.51 36.04 -16.20
C GLY A 994 -8.85 34.69 -15.96
N ALA A 995 -9.48 33.88 -15.13
CA ALA A 995 -8.86 32.64 -14.64
C ALA A 995 -8.17 31.84 -15.75
N GLY A 996 -6.87 31.60 -15.59
CA GLY A 996 -6.10 30.79 -16.51
C GLY A 996 -5.80 31.44 -17.85
N SER A 997 -5.97 32.76 -17.95
CA SER A 997 -5.74 33.45 -19.22
C SER A 997 -4.26 33.49 -19.62
N GLY A 998 -3.37 33.29 -18.64
CA GLY A 998 -1.96 33.16 -18.95
C GLY A 998 -1.76 31.96 -19.84
N ALA A 999 -2.29 30.82 -19.43
CA ALA A 999 -2.22 29.61 -20.24
C ALA A 999 -2.96 29.84 -21.55
N GLN A 1000 -4.15 30.43 -21.47
CA GLN A 1000 -4.97 30.59 -22.66
C GLN A 1000 -4.31 31.50 -23.68
N ASN A 1001 -3.81 32.64 -23.21
CA ASN A 1001 -3.12 33.56 -24.10
C ASN A 1001 -1.95 32.85 -24.78
N ALA A 1002 -1.14 32.13 -24.00
CA ALA A 1002 0.07 31.47 -24.51
C ALA A 1002 -0.23 30.46 -25.62
N VAL A 1003 -1.26 29.64 -25.40
CA VAL A 1003 -1.74 28.72 -26.42
C VAL A 1003 -2.17 29.46 -27.67
N GLY A 1004 -3.12 30.37 -27.50
CA GLY A 1004 -3.75 31.03 -28.63
C GLY A 1004 -2.87 31.83 -29.58
N THR A 1005 -1.95 32.64 -29.03
CA THR A 1005 -1.22 33.58 -29.89
C THR A 1005 -0.20 32.88 -30.78
N GLY A 1006 0.49 31.89 -30.22
CA GLY A 1006 1.38 31.07 -31.02
C GLY A 1006 0.66 30.46 -32.22
N VAL A 1007 -0.47 29.81 -31.94
CA VAL A 1007 -1.26 29.16 -32.98
C VAL A 1007 -1.74 30.16 -34.02
N MET A 1008 -2.30 31.28 -33.56
CA MET A 1008 -2.83 32.28 -34.48
C MET A 1008 -1.77 32.78 -35.46
N GLY A 1009 -0.61 33.18 -34.94
CA GLY A 1009 0.48 33.65 -35.79
C GLY A 1009 0.97 32.55 -36.72
N GLY A 1010 1.22 31.36 -36.15
CA GLY A 1010 1.66 30.22 -36.93
C GLY A 1010 0.71 29.91 -38.08
N MET A 1011 -0.57 29.84 -37.78
CA MET A 1011 -1.59 29.51 -38.78
C MET A 1011 -1.66 30.56 -39.88
N VAL A 1012 -1.59 31.84 -39.49
CA VAL A 1012 -1.61 32.92 -40.47
C VAL A 1012 -0.47 32.79 -41.47
N THR A 1013 0.76 32.69 -40.98
CA THR A 1013 1.91 32.59 -41.87
C THR A 1013 1.90 31.25 -42.62
N ALA A 1014 1.63 30.18 -41.89
CA ALA A 1014 1.50 28.86 -42.50
C ALA A 1014 0.56 28.91 -43.70
N THR A 1015 -0.61 29.51 -43.51
CA THR A 1015 -1.64 29.54 -44.56
C THR A 1015 -1.19 30.37 -45.75
N VAL A 1016 -0.88 31.65 -45.53
CA VAL A 1016 -0.51 32.55 -46.62
C VAL A 1016 0.77 32.10 -47.34
N LEU A 1017 1.76 31.68 -46.55
CA LEU A 1017 3.05 31.30 -47.11
C LEU A 1017 3.01 29.94 -47.83
N ALA A 1018 2.23 29.01 -47.29
CA ALA A 1018 2.18 27.65 -47.85
C ALA A 1018 1.52 27.57 -49.23
N ILE A 1019 0.42 28.28 -49.43
CA ILE A 1019 -0.32 28.20 -50.69
C ILE A 1019 0.50 28.70 -51.89
N PHE A 1020 1.57 29.43 -51.63
CA PHE A 1020 2.46 29.89 -52.70
C PHE A 1020 3.72 29.03 -52.74
N PHE A 1021 4.24 28.70 -51.57
CA PHE A 1021 5.50 27.99 -51.47
C PHE A 1021 5.44 26.48 -51.80
N VAL A 1022 4.39 25.80 -51.34
CA VAL A 1022 4.28 24.36 -51.59
C VAL A 1022 4.38 23.99 -53.08
N PRO A 1023 3.68 24.72 -53.96
CA PRO A 1023 3.82 24.47 -55.40
C PRO A 1023 5.27 24.61 -55.84
N VAL A 1024 6.00 25.55 -55.23
CA VAL A 1024 7.42 25.74 -55.50
C VAL A 1024 8.21 24.51 -55.08
N PHE A 1025 8.14 24.20 -53.78
CA PHE A 1025 8.82 23.03 -53.25
C PHE A 1025 8.65 21.86 -54.20
N PHE A 1026 7.42 21.64 -54.64
CA PHE A 1026 7.10 20.48 -55.45
C PHE A 1026 7.83 20.45 -56.79
N VAL A 1027 7.59 21.44 -57.65
CA VAL A 1027 8.27 21.44 -58.96
C VAL A 1027 9.80 21.46 -58.83
N VAL A 1028 10.32 22.27 -57.92
CA VAL A 1028 11.77 22.33 -57.68
C VAL A 1028 12.33 20.96 -57.25
N VAL A 1029 11.57 20.23 -56.43
CA VAL A 1029 11.97 18.89 -56.02
C VAL A 1029 11.76 17.87 -57.13
N ARG A 1030 10.64 17.97 -57.85
CA ARG A 1030 10.39 17.06 -58.96
C ARG A 1030 11.46 17.15 -60.04
N ARG A 1031 11.93 18.36 -60.34
CA ARG A 1031 13.05 18.53 -61.27
C ARG A 1031 14.28 17.85 -60.65
N ARG A 1032 14.95 18.58 -59.77
CA ARG A 1032 16.19 18.13 -59.14
C ARG A 1032 16.34 16.62 -58.99
N PHE A 1033 15.24 15.94 -58.69
CA PHE A 1033 15.30 14.51 -58.39
C PHE A 1033 14.54 13.66 -59.39
N SER A 1034 14.62 14.06 -60.65
CA SER A 1034 14.04 13.28 -61.72
C SER A 1034 15.13 12.67 -62.60
N ARG A 1035 14.69 12.19 -63.76
CA ARG A 1035 15.50 11.32 -64.59
C ARG A 1035 15.00 11.47 -66.02
N LYS A 1036 15.58 12.41 -66.76
CA LYS A 1036 15.20 12.69 -68.14
C LYS A 1036 13.99 11.89 -68.63
N ASN A 1037 12.80 12.48 -68.51
CA ASN A 1037 11.54 11.84 -68.92
C ASN A 1037 10.37 12.83 -68.82
N GLU A 1038 10.55 14.01 -69.41
CA GLU A 1038 9.61 15.13 -69.35
C GLU A 1038 10.39 16.46 -69.36
N ASP A 1039 9.88 17.56 -68.79
CA ASP A 1039 8.63 17.60 -68.02
C ASP A 1039 7.42 18.11 -68.81
N ILE A 1040 7.29 17.64 -70.04
CA ILE A 1040 6.00 17.57 -70.68
C ILE A 1040 5.40 16.39 -69.91
N GLU A 1041 4.08 16.24 -69.79
CA GLU A 1041 3.04 16.82 -70.63
C GLU A 1041 2.50 15.57 -71.31
N HIS A 1042 3.29 14.50 -71.16
CA HIS A 1042 3.05 13.25 -71.84
C HIS A 1042 1.72 12.61 -71.47
N SER A 1043 1.58 11.36 -71.88
CA SER A 1043 0.35 10.60 -71.74
C SER A 1043 0.28 9.66 -72.94
N HIS A 1044 -0.17 8.45 -72.68
CA HIS A 1044 -0.54 8.06 -71.33
C HIS A 1044 0.36 6.95 -70.81
N MET B 1 -17.42 -14.99 -40.87
CA MET B 1 -16.81 -15.93 -39.93
C MET B 1 -17.40 -17.34 -40.02
N PRO B 2 -18.74 -17.45 -40.01
CA PRO B 2 -19.36 -18.77 -40.21
C PRO B 2 -18.93 -19.42 -41.52
N ASN B 3 -18.95 -18.66 -42.62
CA ASN B 3 -18.49 -19.20 -43.90
C ASN B 3 -17.05 -19.70 -43.81
N PHE B 4 -16.20 -18.87 -43.21
CA PHE B 4 -14.80 -19.21 -42.96
C PHE B 4 -14.67 -20.60 -42.35
N PHE B 5 -15.43 -20.82 -41.28
CA PHE B 5 -15.32 -22.05 -40.51
C PHE B 5 -16.11 -23.23 -41.09
N ILE B 6 -17.12 -22.94 -41.90
CA ILE B 6 -17.81 -23.99 -42.64
C ILE B 6 -16.80 -24.72 -43.55
N ASP B 7 -15.82 -23.99 -44.08
CA ASP B 7 -14.81 -24.58 -44.97
C ASP B 7 -13.54 -25.03 -44.21
N ARG B 8 -13.52 -24.76 -42.91
CA ARG B 8 -12.37 -25.08 -42.05
C ARG B 8 -12.85 -25.70 -40.74
N PRO B 9 -13.57 -26.83 -40.84
CA PRO B 9 -14.07 -27.57 -39.68
C PRO B 9 -12.95 -27.95 -38.70
N ILE B 10 -11.77 -28.29 -39.21
CA ILE B 10 -10.68 -28.67 -38.31
C ILE B 10 -10.18 -27.48 -37.49
N PHE B 11 -10.06 -26.31 -38.12
CA PHE B 11 -9.75 -25.09 -37.39
C PHE B 11 -10.79 -24.82 -36.29
N ALA B 12 -12.07 -25.03 -36.61
CA ALA B 12 -13.16 -24.85 -35.65
C ALA B 12 -13.01 -25.82 -34.48
N TRP B 13 -12.71 -27.08 -34.77
CA TRP B 13 -12.42 -28.06 -33.72
C TRP B 13 -11.23 -27.68 -32.84
N VAL B 14 -10.18 -27.13 -33.45
CA VAL B 14 -9.02 -26.71 -32.69
C VAL B 14 -9.41 -25.61 -31.70
N ILE B 15 -10.18 -24.63 -32.17
CA ILE B 15 -10.63 -23.57 -31.28
C ILE B 15 -11.43 -24.21 -30.12
N ALA B 16 -12.33 -25.13 -30.48
CA ALA B 16 -13.14 -25.85 -29.49
C ALA B 16 -12.29 -26.58 -28.45
N ILE B 17 -11.27 -27.30 -28.94
CA ILE B 17 -10.38 -28.06 -28.08
C ILE B 17 -9.57 -27.16 -27.15
N ILE B 18 -9.10 -26.02 -27.67
CA ILE B 18 -8.38 -25.09 -26.82
C ILE B 18 -9.29 -24.56 -25.72
N ILE B 19 -10.53 -24.21 -26.08
CA ILE B 19 -11.47 -23.70 -25.12
C ILE B 19 -11.71 -24.75 -24.03
N MET B 20 -11.91 -26.00 -24.45
CA MET B 20 -12.15 -27.10 -23.52
C MET B 20 -10.97 -27.38 -22.59
N LEU B 21 -9.74 -27.31 -23.11
CA LEU B 21 -8.55 -27.53 -22.28
C LEU B 21 -8.39 -26.39 -21.27
N ALA B 22 -8.62 -25.16 -21.71
CA ALA B 22 -8.56 -24.03 -20.80
C ALA B 22 -9.62 -24.17 -19.71
N GLY B 23 -10.82 -24.58 -20.09
CA GLY B 23 -11.90 -24.73 -19.13
C GLY B 23 -11.64 -25.87 -18.17
N GLY B 24 -11.11 -26.98 -18.69
CA GLY B 24 -10.83 -28.14 -17.86
C GLY B 24 -9.80 -27.78 -16.81
N LEU B 25 -8.79 -27.04 -17.25
CA LEU B 25 -7.73 -26.58 -16.37
C LEU B 25 -8.32 -25.64 -15.30
N ALA B 26 -9.16 -24.71 -15.74
CA ALA B 26 -9.80 -23.75 -14.83
C ALA B 26 -10.59 -24.48 -13.73
N ILE B 27 -11.36 -25.48 -14.12
CA ILE B 27 -12.19 -26.24 -13.20
C ILE B 27 -11.36 -26.93 -12.13
N LEU B 28 -10.15 -27.36 -12.49
CA LEU B 28 -9.27 -28.04 -11.55
C LEU B 28 -8.68 -27.06 -10.54
N LYS B 29 -8.42 -25.84 -10.98
CA LYS B 29 -7.71 -24.87 -10.16
C LYS B 29 -8.60 -23.80 -9.53
N LEU B 30 -9.88 -23.75 -9.94
CA LEU B 30 -10.80 -22.72 -9.41
C LEU B 30 -11.04 -22.86 -7.90
N PRO B 31 -10.90 -21.75 -7.17
CA PRO B 31 -11.31 -21.78 -5.75
C PRO B 31 -12.80 -22.09 -5.65
N VAL B 32 -13.19 -22.68 -4.53
CA VAL B 32 -14.58 -23.03 -4.27
C VAL B 32 -14.91 -22.50 -2.88
N ALA B 33 -16.04 -21.82 -2.77
CA ALA B 33 -16.48 -21.27 -1.50
C ALA B 33 -17.98 -21.07 -1.55
N GLN B 34 -18.62 -21.00 -0.38
CA GLN B 34 -20.06 -20.83 -0.39
C GLN B 34 -20.42 -19.49 -1.03
N TYR B 35 -19.75 -18.43 -0.59
CA TYR B 35 -19.97 -17.08 -1.13
C TYR B 35 -18.65 -16.36 -1.33
N PRO B 36 -18.58 -15.51 -2.35
CA PRO B 36 -17.40 -14.68 -2.53
C PRO B 36 -17.44 -13.55 -1.50
N THR B 37 -16.38 -12.78 -1.41
CA THR B 37 -16.34 -11.63 -0.52
C THR B 37 -17.33 -10.57 -1.01
N ILE B 38 -18.14 -10.05 -0.10
CA ILE B 38 -19.20 -9.13 -0.48
C ILE B 38 -19.26 -7.86 0.37
N ALA B 39 -19.06 -8.00 1.68
CA ALA B 39 -19.07 -6.86 2.59
C ALA B 39 -17.85 -5.98 2.31
N PRO B 40 -17.99 -4.66 2.49
CA PRO B 40 -16.81 -3.80 2.30
C PRO B 40 -15.76 -4.15 3.36
N PRO B 41 -14.48 -3.89 3.07
CA PRO B 41 -13.41 -4.25 4.02
C PRO B 41 -13.56 -3.50 5.34
N ALA B 42 -13.41 -4.23 6.45
CA ALA B 42 -13.52 -3.62 7.77
C ALA B 42 -12.34 -4.10 8.61
N VAL B 43 -11.81 -3.21 9.44
CA VAL B 43 -10.72 -3.57 10.34
C VAL B 43 -11.20 -3.34 11.75
N THR B 44 -10.93 -4.29 12.63
CA THR B 44 -11.34 -4.17 14.03
C THR B 44 -10.14 -4.08 14.97
N ILE B 45 -10.20 -3.12 15.90
CA ILE B 45 -9.16 -2.94 16.91
C ILE B 45 -9.82 -3.42 18.19
N SER B 46 -9.19 -4.37 18.89
CA SER B 46 -9.74 -4.93 20.11
C SER B 46 -8.74 -4.78 21.23
N ALA B 47 -9.21 -4.38 22.40
CA ALA B 47 -8.31 -4.26 23.54
C ALA B 47 -9.05 -4.74 24.77
N SER B 48 -8.30 -5.14 25.78
CA SER B 48 -8.88 -5.60 27.05
C SER B 48 -8.19 -4.87 28.20
N TYR B 49 -8.98 -4.53 29.21
CA TYR B 49 -8.49 -3.81 30.37
C TYR B 49 -9.12 -4.52 31.57
N PRO B 50 -8.41 -5.52 32.11
CA PRO B 50 -8.96 -6.41 33.14
C PRO B 50 -9.53 -5.61 34.31
N GLY B 51 -10.81 -5.87 34.65
CA GLY B 51 -11.47 -5.21 35.76
C GLY B 51 -12.01 -3.82 35.49
N ALA B 52 -11.90 -3.34 34.25
CA ALA B 52 -12.38 -1.99 33.93
C ALA B 52 -13.86 -1.97 33.59
N ASP B 53 -14.52 -0.89 34.00
CA ASP B 53 -15.92 -0.65 33.72
C ASP B 53 -15.94 0.11 32.40
N ALA B 54 -17.12 0.18 31.78
CA ALA B 54 -17.27 0.75 30.44
C ALA B 54 -16.68 2.14 30.31
N LYS B 55 -16.96 3.01 31.29
CA LYS B 55 -16.50 4.38 31.20
C LYS B 55 -14.97 4.49 31.31
N THR B 56 -14.38 3.68 32.18
CA THR B 56 -12.92 3.62 32.30
C THR B 56 -12.30 3.21 30.97
N VAL B 57 -12.82 2.14 30.36
CA VAL B 57 -12.36 1.72 29.03
C VAL B 57 -12.50 2.84 28.01
N GLN B 58 -13.68 3.44 27.94
CA GLN B 58 -13.91 4.47 26.93
C GLN B 58 -12.98 5.65 27.09
N ASP B 59 -12.79 6.08 28.33
CA ASP B 59 -12.12 7.35 28.56
C ASP B 59 -10.60 7.24 28.70
N THR B 60 -10.08 6.02 28.88
CA THR B 60 -8.63 5.82 28.90
C THR B 60 -8.12 5.05 27.68
N VAL B 61 -9.02 4.38 26.96
CA VAL B 61 -8.60 3.62 25.80
C VAL B 61 -9.26 4.05 24.51
N THR B 62 -10.59 3.98 24.48
CA THR B 62 -11.32 4.15 23.23
C THR B 62 -11.13 5.52 22.64
N GLN B 63 -11.35 6.56 23.45
CA GLN B 63 -11.20 7.95 22.95
C GLN B 63 -9.80 8.23 22.45
N VAL B 64 -8.82 7.75 23.20
CA VAL B 64 -7.42 7.95 22.81
C VAL B 64 -7.14 7.30 21.46
N ILE B 65 -7.53 6.04 21.32
CA ILE B 65 -7.32 5.38 20.03
C ILE B 65 -8.07 6.14 18.93
N GLU B 66 -9.35 6.46 19.15
CA GLU B 66 -10.14 7.11 18.12
C GLU B 66 -9.51 8.40 17.68
N GLN B 67 -9.01 9.14 18.66
CA GLN B 67 -8.38 10.45 18.36
C GLN B 67 -7.13 10.30 17.49
N ASN B 68 -6.63 9.09 17.36
CA ASN B 68 -5.43 8.89 16.54
C ASN B 68 -5.67 8.19 15.21
N MET B 69 -6.94 8.02 14.83
CA MET B 69 -7.26 7.28 13.61
C MET B 69 -7.32 8.21 12.39
N ASN B 70 -6.30 9.04 12.28
CA ASN B 70 -6.20 10.06 11.24
C ASN B 70 -5.26 9.68 10.12
N GLY B 71 -5.40 10.31 8.96
CA GLY B 71 -4.44 10.14 7.88
C GLY B 71 -4.47 8.74 7.25
N ILE B 72 -5.58 8.03 7.45
CA ILE B 72 -5.79 6.69 6.91
C ILE B 72 -6.68 6.84 5.66
N ASP B 73 -6.35 6.14 4.59
CA ASP B 73 -7.06 6.35 3.31
C ASP B 73 -8.38 5.57 3.21
N ASN B 74 -9.36 6.16 2.53
CA ASN B 74 -10.58 5.46 2.11
C ASN B 74 -11.48 4.97 3.25
N LEU B 75 -11.46 5.65 4.38
CA LEU B 75 -12.32 5.29 5.52
C LEU B 75 -13.74 5.80 5.22
N MET B 76 -14.77 4.96 5.38
CA MET B 76 -16.16 5.45 5.26
C MET B 76 -16.69 5.89 6.62
N TYR B 77 -16.40 5.09 7.64
CA TYR B 77 -16.88 5.46 8.98
C TYR B 77 -16.24 4.57 10.01
N MET B 78 -16.36 4.95 11.28
CA MET B 78 -15.70 4.23 12.36
C MET B 78 -16.72 4.10 13.49
N SER B 79 -16.71 2.99 14.22
CA SER B 79 -17.66 2.85 15.32
C SER B 79 -17.02 2.07 16.46
N SER B 80 -17.54 2.23 17.66
CA SER B 80 -16.93 1.53 18.78
C SER B 80 -17.91 1.23 19.90
N ASN B 81 -17.55 0.21 20.68
CA ASN B 81 -18.25 -0.17 21.92
C ASN B 81 -17.22 -0.29 23.01
N SER B 82 -17.50 0.26 24.18
CA SER B 82 -16.63 0.09 25.33
C SER B 82 -17.51 -0.52 26.40
N ASP B 83 -17.10 -1.62 27.00
CA ASP B 83 -18.07 -2.31 27.84
C ASP B 83 -17.51 -2.71 29.19
N SER B 84 -18.41 -3.11 30.09
CA SER B 84 -18.05 -3.36 31.46
C SER B 84 -17.42 -4.74 31.69
N THR B 85 -17.27 -5.50 30.62
CA THR B 85 -16.42 -6.69 30.69
C THR B 85 -14.96 -6.27 30.54
N GLY B 86 -14.71 -4.96 30.43
CA GLY B 86 -13.35 -4.45 30.29
C GLY B 86 -12.82 -4.56 28.87
N THR B 87 -13.70 -4.44 27.90
CA THR B 87 -13.35 -4.71 26.51
C THR B 87 -13.72 -3.53 25.62
N VAL B 88 -12.89 -3.25 24.63
CA VAL B 88 -13.27 -2.27 23.62
C VAL B 88 -13.08 -2.88 22.25
N GLN B 89 -14.01 -2.59 21.35
CA GLN B 89 -13.83 -2.93 19.94
C GLN B 89 -14.14 -1.70 19.12
N ILE B 90 -13.18 -1.33 18.28
CA ILE B 90 -13.38 -0.22 17.36
C ILE B 90 -13.34 -0.83 15.97
N THR B 91 -14.36 -0.55 15.17
CA THR B 91 -14.44 -1.10 13.83
C THR B 91 -14.35 0.03 12.82
N LEU B 92 -13.40 -0.08 11.89
CA LEU B 92 -13.27 0.91 10.83
C LEU B 92 -13.64 0.27 9.51
N THR B 93 -14.55 0.89 8.78
CA THR B 93 -15.07 0.31 7.54
C THR B 93 -14.65 1.14 6.34
N PHE B 94 -14.14 0.48 5.31
CA PHE B 94 -13.51 1.18 4.18
C PHE B 94 -14.36 1.10 2.92
N GLU B 95 -14.11 2.00 1.97
CA GLU B 95 -14.81 1.96 0.69
C GLU B 95 -14.64 0.61 0.01
N SER B 96 -15.69 0.11 -0.63
CA SER B 96 -15.55 -1.09 -1.45
C SER B 96 -14.40 -0.88 -2.42
N GLY B 97 -13.58 -1.90 -2.63
CA GLY B 97 -12.46 -1.75 -3.54
C GLY B 97 -11.16 -1.39 -2.85
N THR B 98 -11.25 -1.01 -1.57
CA THR B 98 -10.03 -0.70 -0.80
C THR B 98 -9.20 -1.98 -0.62
N ASP B 99 -7.90 -1.88 -0.75
CA ASP B 99 -7.04 -3.05 -0.47
C ASP B 99 -7.06 -3.30 1.05
N ALA B 100 -7.61 -4.43 1.44
CA ALA B 100 -7.82 -4.72 2.85
C ALA B 100 -6.50 -4.78 3.63
N ASP B 101 -5.43 -5.24 2.98
CA ASP B 101 -4.15 -5.32 3.68
C ASP B 101 -3.57 -3.95 3.94
N ILE B 102 -3.71 -3.05 2.98
CA ILE B 102 -3.23 -1.68 3.16
C ILE B 102 -4.06 -0.95 4.22
N ALA B 103 -5.38 -1.16 4.22
CA ALA B 103 -6.26 -0.54 5.20
C ALA B 103 -5.83 -0.98 6.59
N GLN B 104 -5.61 -2.27 6.74
CA GLN B 104 -5.23 -2.81 8.02
C GLN B 104 -3.87 -2.32 8.51
N VAL B 105 -2.88 -2.22 7.60
CA VAL B 105 -1.57 -1.77 8.04
C VAL B 105 -1.57 -0.29 8.41
N GLN B 106 -2.38 0.51 7.72
CA GLN B 106 -2.48 1.93 8.05
C GLN B 106 -3.09 2.11 9.43
N VAL B 107 -4.13 1.32 9.71
CA VAL B 107 -4.76 1.32 11.03
C VAL B 107 -3.77 0.90 12.10
N GLN B 108 -3.12 -0.26 11.90
CA GLN B 108 -2.16 -0.77 12.87
C GLN B 108 -1.07 0.25 13.11
N ASN B 109 -0.63 0.94 12.06
CA ASN B 109 0.45 1.91 12.23
C ASN B 109 0.05 3.15 13.03
N LYS B 110 -1.18 3.62 12.85
CA LYS B 110 -1.64 4.76 13.65
C LYS B 110 -1.82 4.32 15.11
N LEU B 111 -2.32 3.11 15.29
CA LEU B 111 -2.42 2.56 16.64
C LEU B 111 -1.05 2.48 17.32
N GLN B 112 -0.06 1.94 16.61
CA GLN B 112 1.28 1.74 17.19
C GLN B 112 1.74 3.04 17.83
N LEU B 113 1.49 4.16 17.15
CA LEU B 113 1.96 5.45 17.64
C LEU B 113 1.08 6.01 18.75
N ALA B 114 -0.09 5.41 18.98
CA ALA B 114 -0.94 5.81 20.11
C ALA B 114 -0.70 4.93 21.36
N MET B 115 0.02 3.83 21.20
CA MET B 115 0.22 2.90 22.31
C MET B 115 0.79 3.54 23.58
N PRO B 116 1.76 4.47 23.44
CA PRO B 116 2.33 5.06 24.66
C PRO B 116 1.35 5.93 25.43
N LEU B 117 0.19 6.20 24.84
CA LEU B 117 -0.82 7.03 25.49
C LEU B 117 -1.83 6.20 26.27
N LEU B 118 -1.72 4.87 26.19
CA LEU B 118 -2.73 3.98 26.78
C LEU B 118 -2.28 3.54 28.17
N PRO B 119 -3.23 3.09 29.00
CA PRO B 119 -2.79 2.66 30.33
C PRO B 119 -1.77 1.52 30.25
N GLN B 120 -0.84 1.46 31.20
CA GLN B 120 0.14 0.37 31.26
C GLN B 120 -0.53 -0.99 31.15
N GLU B 121 -1.64 -1.20 31.86
CA GLU B 121 -2.21 -2.55 31.85
C GLU B 121 -2.81 -2.90 30.52
N VAL B 122 -3.15 -1.88 29.74
CA VAL B 122 -3.70 -2.13 28.41
C VAL B 122 -2.56 -2.41 27.43
N GLN B 123 -1.43 -1.73 27.63
CA GLN B 123 -0.25 -1.98 26.79
C GLN B 123 0.23 -3.40 27.04
N GLN B 124 0.11 -3.84 28.28
CA GLN B 124 0.53 -5.19 28.69
C GLN B 124 -0.34 -6.29 28.07
N GLN B 125 -1.66 -6.08 28.03
CA GLN B 125 -2.55 -7.04 27.38
C GLN B 125 -2.33 -7.07 25.86
N GLY B 126 -1.92 -5.95 25.30
CA GLY B 126 -1.83 -5.80 23.85
C GLY B 126 -3.15 -5.36 23.22
N VAL B 127 -3.06 -4.73 22.05
CA VAL B 127 -4.23 -4.31 21.31
C VAL B 127 -4.19 -4.95 19.94
N SER B 128 -5.19 -5.77 19.63
CA SER B 128 -5.21 -6.50 18.36
C SER B 128 -5.85 -5.70 17.23
N VAL B 129 -5.22 -5.69 16.06
CA VAL B 129 -5.81 -5.10 14.86
C VAL B 129 -6.00 -6.22 13.84
N GLU B 130 -7.24 -6.47 13.44
CA GLU B 130 -7.54 -7.61 12.59
C GLU B 130 -8.52 -7.25 11.48
N LYS B 131 -8.42 -7.96 10.35
CA LYS B 131 -9.45 -7.90 9.33
C LYS B 131 -10.74 -8.53 9.85
N SER B 132 -11.84 -7.80 9.72
CA SER B 132 -13.13 -8.26 10.22
C SER B 132 -13.82 -9.15 9.19
N SER B 133 -14.29 -10.30 9.66
CA SER B 133 -14.99 -11.28 8.83
C SER B 133 -16.00 -11.99 9.75
N SER B 134 -17.11 -12.45 9.18
CA SER B 134 -18.16 -13.08 9.98
C SER B 134 -18.40 -14.54 9.60
N SER B 135 -17.84 -14.95 8.45
CA SER B 135 -18.04 -16.30 7.94
C SER B 135 -16.96 -17.27 8.45
N PHE B 136 -17.41 -18.42 8.95
CA PHE B 136 -16.51 -19.49 9.31
C PHE B 136 -16.66 -20.57 8.28
N LEU B 137 -15.55 -21.20 7.93
CA LEU B 137 -15.60 -22.42 7.14
C LEU B 137 -16.26 -23.49 8.00
N MET B 138 -15.81 -23.60 9.25
CA MET B 138 -16.34 -24.62 10.15
C MET B 138 -15.99 -24.32 11.60
N VAL B 139 -16.67 -25.00 12.51
CA VAL B 139 -16.35 -24.91 13.93
C VAL B 139 -16.15 -26.31 14.43
N VAL B 140 -14.94 -26.58 14.93
CA VAL B 140 -14.63 -27.88 15.49
C VAL B 140 -14.80 -27.76 16.98
N GLY B 141 -15.68 -28.56 17.56
CA GLY B 141 -15.84 -28.51 19.00
C GLY B 141 -14.98 -29.60 19.62
N VAL B 142 -14.47 -29.35 20.82
CA VAL B 142 -13.72 -30.37 21.51
C VAL B 142 -14.32 -30.52 22.88
N ILE B 143 -14.72 -31.75 23.21
CA ILE B 143 -15.39 -32.00 24.46
C ILE B 143 -14.73 -33.12 25.24
N ASN B 144 -15.07 -33.20 26.53
CA ASN B 144 -14.64 -34.31 27.37
C ASN B 144 -15.90 -35.01 27.90
N THR B 145 -15.99 -36.31 27.69
CA THR B 145 -17.24 -37.04 27.95
C THR B 145 -17.15 -37.94 29.17
N ASP B 146 -15.99 -37.98 29.82
CA ASP B 146 -15.85 -38.80 31.01
C ASP B 146 -15.67 -38.01 32.29
N GLY B 147 -15.93 -36.70 32.24
CA GLY B 147 -15.92 -35.85 33.42
C GLY B 147 -14.57 -35.59 34.05
N THR B 148 -13.50 -35.74 33.27
CA THR B 148 -12.15 -35.56 33.80
C THR B 148 -11.51 -34.21 33.46
N MET B 149 -12.18 -33.44 32.60
CA MET B 149 -11.63 -32.16 32.18
C MET B 149 -12.69 -31.05 32.25
N THR B 150 -12.27 -29.89 32.73
CA THR B 150 -13.09 -28.69 32.67
C THR B 150 -12.88 -28.04 31.31
N GLN B 151 -13.67 -27.02 31.01
CA GLN B 151 -13.51 -26.33 29.73
C GLN B 151 -12.15 -25.65 29.67
N GLU B 152 -11.65 -25.22 30.82
CA GLU B 152 -10.30 -24.65 30.87
C GLU B 152 -9.24 -25.70 30.52
N ASP B 153 -9.38 -26.90 31.06
CA ASP B 153 -8.45 -27.98 30.74
C ASP B 153 -8.47 -28.22 29.23
N ILE B 154 -9.68 -28.25 28.67
CA ILE B 154 -9.83 -28.57 27.26
C ILE B 154 -9.22 -27.50 26.40
N SER B 155 -9.52 -26.24 26.73
CA SER B 155 -9.00 -25.13 25.95
C SER B 155 -7.48 -25.15 25.94
N ASP B 156 -6.88 -25.49 27.08
CA ASP B 156 -5.42 -25.49 27.11
C ASP B 156 -4.88 -26.65 26.26
N TYR B 157 -5.53 -27.80 26.36
CA TYR B 157 -5.12 -28.94 25.53
C TYR B 157 -5.18 -28.56 24.05
N VAL B 158 -6.28 -27.92 23.65
CA VAL B 158 -6.45 -27.53 22.27
C VAL B 158 -5.38 -26.53 21.86
N ALA B 159 -5.15 -25.53 22.72
CA ALA B 159 -4.16 -24.52 22.40
C ALA B 159 -2.76 -25.12 22.29
N ALA B 160 -2.45 -26.06 23.16
CA ALA B 160 -1.08 -26.60 23.21
C ALA B 160 -0.83 -27.68 22.16
N ASN B 161 -1.89 -28.40 21.78
CA ASN B 161 -1.70 -29.58 20.93
C ASN B 161 -2.48 -29.65 19.61
N MET B 162 -3.38 -28.70 19.35
CA MET B 162 -4.21 -28.81 18.15
C MET B 162 -4.21 -27.56 17.29
N LYS B 163 -4.28 -26.39 17.93
CA LYS B 163 -4.50 -25.14 17.21
C LYS B 163 -3.43 -24.84 16.17
N ASP B 164 -2.16 -24.98 16.57
CA ASP B 164 -1.06 -24.67 15.66
C ASP B 164 -1.06 -25.57 14.42
N ALA B 165 -1.26 -26.88 14.59
CA ALA B 165 -1.31 -27.77 13.44
C ALA B 165 -2.50 -27.46 12.52
N ILE B 166 -3.64 -27.11 13.10
CA ILE B 166 -4.77 -26.65 12.29
C ILE B 166 -4.43 -25.37 11.54
N SER B 167 -3.81 -24.42 12.24
CA SER B 167 -3.39 -23.17 11.61
C SER B 167 -2.45 -23.39 10.43
N ARG B 168 -1.61 -24.41 10.52
CA ARG B 168 -0.65 -24.74 9.45
C ARG B 168 -1.29 -25.58 8.33
N THR B 169 -2.53 -26.00 8.51
CA THR B 169 -3.20 -26.85 7.52
C THR B 169 -3.50 -26.11 6.22
N SER B 170 -3.29 -26.79 5.09
CA SER B 170 -3.51 -26.22 3.76
C SER B 170 -4.91 -25.61 3.59
N GLY B 171 -4.96 -24.37 3.15
CA GLY B 171 -6.23 -23.69 2.94
C GLY B 171 -6.75 -22.91 4.13
N VAL B 172 -6.28 -23.19 5.35
CA VAL B 172 -6.84 -22.42 6.46
C VAL B 172 -6.20 -21.05 6.66
N GLY B 173 -7.05 -20.03 6.73
CA GLY B 173 -6.57 -18.67 6.78
C GLY B 173 -6.50 -18.10 8.18
N ASP B 174 -7.34 -18.59 9.08
CA ASP B 174 -7.34 -18.08 10.44
C ASP B 174 -8.02 -19.06 11.36
N VAL B 175 -7.56 -19.11 12.60
CA VAL B 175 -8.14 -20.01 13.61
C VAL B 175 -8.31 -19.27 14.92
N GLN B 176 -9.52 -19.31 15.49
CA GLN B 176 -9.79 -18.68 16.79
C GLN B 176 -10.07 -19.77 17.81
N LEU B 177 -9.43 -19.68 18.98
CA LEU B 177 -9.70 -20.61 20.07
C LEU B 177 -10.92 -20.17 20.85
N PHE B 178 -11.87 -21.07 21.10
CA PHE B 178 -13.00 -20.73 21.97
C PHE B 178 -12.64 -20.93 23.44
N GLY B 179 -11.78 -20.04 23.95
CA GLY B 179 -11.30 -20.12 25.31
C GLY B 179 -9.88 -19.60 25.33
N SER B 180 -9.11 -19.93 26.37
CA SER B 180 -7.70 -19.53 26.43
C SER B 180 -6.81 -20.70 26.80
N GLN B 181 -5.51 -20.56 26.55
CA GLN B 181 -4.55 -21.47 27.17
C GLN B 181 -4.64 -21.21 28.67
N TYR B 182 -4.08 -22.11 29.47
CA TYR B 182 -4.01 -21.91 30.92
C TYR B 182 -3.36 -20.57 31.26
N ALA B 183 -3.75 -20.02 32.41
CA ALA B 183 -3.00 -18.96 33.08
C ALA B 183 -2.69 -19.52 34.45
N MET B 184 -1.60 -19.05 35.06
CA MET B 184 -1.38 -19.37 36.46
C MET B 184 -2.28 -18.47 37.28
N ARG B 185 -3.18 -19.09 38.04
CA ARG B 185 -4.16 -18.36 38.86
C ARG B 185 -3.76 -18.34 40.31
N ILE B 186 -3.52 -17.14 40.84
CA ILE B 186 -3.26 -16.98 42.28
C ILE B 186 -4.54 -16.41 42.89
N TRP B 187 -5.26 -17.19 43.69
CA TRP B 187 -6.54 -16.75 44.25
C TRP B 187 -6.35 -16.31 45.69
N MET B 188 -6.33 -15.01 45.94
CA MET B 188 -5.91 -14.49 47.25
C MET B 188 -6.98 -14.60 48.32
N ASN B 189 -6.52 -14.73 49.57
CA ASN B 189 -7.39 -14.77 50.74
C ASN B 189 -7.06 -13.62 51.69
N PRO B 190 -8.01 -12.67 51.84
CA PRO B 190 -7.75 -11.44 52.60
C PRO B 190 -7.50 -11.68 54.08
N ASN B 191 -8.05 -12.76 54.62
CA ASN B 191 -7.91 -13.04 56.04
C ASN B 191 -6.50 -13.51 56.37
N GLU B 192 -5.95 -14.34 55.49
CA GLU B 192 -4.57 -14.80 55.64
C GLU B 192 -3.61 -13.63 55.37
N LEU B 193 -3.88 -12.86 54.33
CA LEU B 193 -3.05 -11.69 54.03
C LEU B 193 -2.96 -10.78 55.24
N ASN B 194 -4.10 -10.42 55.83
CA ASN B 194 -4.10 -9.55 57.00
C ASN B 194 -3.38 -10.20 58.18
N LYS B 195 -3.56 -11.51 58.33
CA LYS B 195 -2.91 -12.27 59.39
C LYS B 195 -1.40 -12.00 59.42
N PHE B 196 -0.79 -11.89 58.24
CA PHE B 196 0.65 -11.69 58.15
C PHE B 196 1.01 -10.26 57.74
N GLN B 197 0.05 -9.35 57.88
CA GLN B 197 0.28 -7.95 57.52
C GLN B 197 0.79 -7.83 56.09
N LEU B 198 0.16 -8.56 55.17
CA LEU B 198 0.50 -8.46 53.76
C LEU B 198 -0.68 -7.97 52.92
N THR B 199 -0.41 -7.57 51.67
CA THR B 199 -1.44 -7.10 50.76
C THR B 199 -1.17 -7.62 49.36
N PRO B 200 -2.15 -7.50 48.47
CA PRO B 200 -1.91 -7.95 47.10
C PRO B 200 -0.68 -7.26 46.53
N VAL B 201 -0.36 -6.06 47.00
CA VAL B 201 0.81 -5.33 46.51
C VAL B 201 2.07 -6.16 46.78
N ASP B 202 2.17 -6.71 47.98
CA ASP B 202 3.31 -7.54 48.33
C ASP B 202 3.36 -8.81 47.51
N VAL B 203 2.19 -9.38 47.24
CA VAL B 203 2.10 -10.59 46.43
C VAL B 203 2.65 -10.30 45.04
N ILE B 204 2.15 -9.24 44.44
CA ILE B 204 2.58 -8.83 43.11
C ILE B 204 4.10 -8.61 43.06
N THR B 205 4.63 -7.88 44.04
CA THR B 205 6.07 -7.60 44.09
C THR B 205 6.89 -8.90 44.16
N ALA B 206 6.46 -9.84 45.00
CA ALA B 206 7.18 -11.11 45.15
C ALA B 206 7.15 -11.92 43.85
N ILE B 207 6.01 -11.94 43.17
CA ILE B 207 5.90 -12.66 41.91
C ILE B 207 6.80 -12.05 40.83
N LYS B 208 6.85 -10.72 40.74
CA LYS B 208 7.72 -10.07 39.76
C LYS B 208 9.20 -10.32 40.03
N ALA B 209 9.56 -10.50 41.29
CA ALA B 209 10.96 -10.73 41.63
C ALA B 209 11.34 -12.20 41.47
N GLN B 210 10.39 -13.08 41.80
CA GLN B 210 10.68 -14.52 41.90
C GLN B 210 10.21 -15.35 40.71
N ASN B 211 9.49 -14.72 39.80
CA ASN B 211 9.18 -15.32 38.51
C ASN B 211 9.65 -14.38 37.43
N ALA B 212 10.90 -14.55 37.01
CA ALA B 212 11.51 -13.61 36.08
C ALA B 212 12.67 -14.21 35.32
N GLN B 213 12.94 -13.65 34.15
CA GLN B 213 14.13 -14.00 33.37
C GLN B 213 15.17 -12.93 33.67
N VAL B 214 16.37 -13.33 34.09
CA VAL B 214 17.42 -12.36 34.47
C VAL B 214 18.68 -12.50 33.61
N ALA B 215 19.09 -11.40 32.98
CA ALA B 215 20.28 -11.41 32.11
C ALA B 215 21.56 -11.49 32.93
N ALA B 216 22.51 -12.29 32.48
CA ALA B 216 23.79 -12.35 33.18
C ALA B 216 24.91 -11.91 32.23
N GLY B 217 25.48 -12.86 31.51
CA GLY B 217 26.50 -12.52 30.54
C GLY B 217 27.28 -13.74 30.10
N GLN B 218 28.60 -13.61 30.02
CA GLN B 218 29.46 -14.72 29.59
C GLN B 218 30.72 -14.88 30.42
N LEU B 219 31.24 -16.09 30.47
CA LEU B 219 32.60 -16.34 30.93
C LEU B 219 33.49 -16.27 29.71
N GLY B 220 34.63 -15.58 29.81
CA GLY B 220 35.53 -15.50 28.69
C GLY B 220 34.95 -14.70 27.54
N GLY B 221 34.05 -13.76 27.84
CA GLY B 221 33.47 -12.94 26.80
C GLY B 221 34.47 -11.94 26.25
N THR B 222 34.21 -11.46 25.04
CA THR B 222 35.10 -10.48 24.42
C THR B 222 34.77 -9.14 25.01
N PRO B 223 35.77 -8.25 25.12
CA PRO B 223 37.16 -8.61 24.81
C PRO B 223 37.74 -9.41 25.96
N PRO B 224 38.53 -10.46 25.67
CA PRO B 224 38.98 -11.34 26.76
C PRO B 224 40.39 -11.01 27.21
N VAL B 225 40.86 -11.67 28.27
CA VAL B 225 42.30 -11.72 28.51
C VAL B 225 42.83 -12.77 27.58
N LYS B 226 43.85 -12.43 26.79
CA LYS B 226 44.43 -13.41 25.88
C LYS B 226 44.90 -14.62 26.68
N GLY B 227 44.74 -15.80 26.10
CA GLY B 227 45.15 -17.03 26.78
C GLY B 227 43.95 -17.74 27.39
N GLN B 228 42.82 -17.06 27.37
CA GLN B 228 41.56 -17.62 27.85
C GLN B 228 41.18 -18.90 27.07
N GLN B 229 40.86 -19.97 27.79
CA GLN B 229 40.55 -21.24 27.14
C GLN B 229 39.05 -21.47 26.89
N LEU B 230 38.22 -20.86 27.72
CA LEU B 230 36.79 -21.17 27.66
C LEU B 230 35.92 -19.93 27.48
N ASN B 231 34.88 -20.08 26.66
CA ASN B 231 33.86 -19.06 26.53
C ASN B 231 32.52 -19.78 26.69
N ALA B 232 31.70 -19.36 27.65
CA ALA B 232 30.43 -20.00 27.92
C ALA B 232 29.43 -18.97 28.42
N SER B 233 28.16 -19.16 28.09
CA SER B 233 27.12 -18.28 28.59
C SER B 233 26.87 -18.56 30.07
N ILE B 234 26.55 -17.50 30.81
CA ILE B 234 26.09 -17.64 32.18
C ILE B 234 24.56 -17.55 32.14
N ILE B 235 23.90 -18.56 32.71
CA ILE B 235 22.44 -18.60 32.82
C ILE B 235 22.13 -18.25 34.28
N ALA B 236 21.33 -17.21 34.52
CA ALA B 236 20.94 -16.89 35.89
C ALA B 236 19.46 -17.25 36.08
N GLN B 237 18.73 -16.45 36.84
CA GLN B 237 17.31 -16.75 37.10
C GLN B 237 16.49 -16.88 35.82
N THR B 238 15.69 -17.94 35.73
CA THR B 238 14.73 -18.09 34.62
C THR B 238 13.32 -18.29 35.18
N ARG B 239 12.31 -18.10 34.34
CA ARG B 239 10.91 -18.12 34.80
C ARG B 239 10.48 -19.43 35.47
N LEU B 240 9.60 -19.31 36.46
CA LEU B 240 8.99 -20.50 37.08
C LEU B 240 8.16 -21.28 36.07
N THR B 241 7.88 -22.55 36.37
CA THR B 241 7.24 -23.42 35.39
C THR B 241 6.11 -24.22 35.96
N SER B 242 5.84 -24.07 37.26
CA SER B 242 4.87 -24.94 37.93
C SER B 242 4.09 -24.30 39.09
N THR B 243 2.87 -24.80 39.32
CA THR B 243 2.08 -24.35 40.46
C THR B 243 2.86 -24.52 41.76
N GLU B 244 3.60 -25.62 41.86
CA GLU B 244 4.38 -25.93 43.06
C GLU B 244 5.40 -24.83 43.35
N GLU B 245 6.08 -24.38 42.31
CA GLU B 245 7.06 -23.31 42.44
C GLU B 245 6.38 -22.00 42.84
N PHE B 246 5.22 -21.74 42.26
CA PHE B 246 4.51 -20.52 42.62
C PHE B 246 4.09 -20.55 44.08
N GLY B 247 3.62 -21.71 44.54
CA GLY B 247 3.23 -21.83 45.95
C GLY B 247 4.37 -21.57 46.92
N LYS B 248 5.60 -21.82 46.46
CA LYS B 248 6.78 -21.68 47.30
C LYS B 248 7.38 -20.28 47.28
N ILE B 249 6.82 -19.41 46.45
CA ILE B 249 7.28 -18.02 46.43
C ILE B 249 7.32 -17.47 47.85
N LEU B 250 8.43 -16.85 48.23
CA LEU B 250 8.62 -16.36 49.61
C LEU B 250 8.04 -14.95 49.74
N LEU B 251 7.13 -14.74 50.69
CA LEU B 251 6.50 -13.44 50.87
C LEU B 251 7.09 -12.68 52.05
N LYS B 252 7.44 -13.41 53.11
CA LYS B 252 7.89 -12.75 54.32
C LYS B 252 8.59 -13.75 55.24
N VAL B 253 9.58 -13.28 56.00
CA VAL B 253 10.16 -14.10 57.06
C VAL B 253 9.78 -13.49 58.39
N ASN B 254 9.06 -14.25 59.21
CA ASN B 254 8.61 -13.76 60.51
C ASN B 254 9.78 -13.58 61.48
N GLN B 255 9.52 -12.96 62.63
CA GLN B 255 10.58 -12.74 63.62
C GLN B 255 11.07 -14.04 64.24
N ASP B 256 10.15 -14.96 64.51
CA ASP B 256 10.52 -16.30 64.99
C ASP B 256 11.21 -17.12 63.89
N GLY B 257 11.42 -16.52 62.72
CA GLY B 257 12.15 -17.18 61.65
C GLY B 257 11.29 -18.06 60.76
N SER B 258 10.02 -18.23 61.11
CA SER B 258 9.08 -18.97 60.27
C SER B 258 8.85 -18.21 58.96
N ARG B 259 8.48 -18.95 57.91
CA ARG B 259 8.35 -18.36 56.59
C ARG B 259 6.90 -18.31 56.11
N VAL B 260 6.54 -17.18 55.49
CA VAL B 260 5.23 -17.04 54.85
C VAL B 260 5.42 -17.19 53.34
N LEU B 261 4.81 -18.25 52.79
CA LEU B 261 4.87 -18.56 51.37
C LEU B 261 3.59 -18.14 50.68
N LEU B 262 3.65 -17.93 49.36
CA LEU B 262 2.46 -17.56 48.61
C LEU B 262 1.31 -18.54 48.86
N ARG B 263 1.62 -19.83 48.99
CA ARG B 263 0.59 -20.84 49.21
C ARG B 263 -0.09 -20.72 50.58
N ASP B 264 0.49 -19.92 51.47
CA ASP B 264 -0.13 -19.65 52.77
C ASP B 264 -1.19 -18.53 52.74
N VAL B 265 -1.25 -17.78 51.64
CA VAL B 265 -2.21 -16.69 51.56
C VAL B 265 -3.06 -16.80 50.30
N ALA B 266 -2.88 -17.89 49.56
CA ALA B 266 -3.60 -18.04 48.31
C ALA B 266 -3.71 -19.49 47.86
N LYS B 267 -4.79 -19.79 47.13
CA LYS B 267 -4.92 -21.04 46.43
C LYS B 267 -4.26 -20.85 45.07
N ILE B 268 -3.51 -21.85 44.63
CA ILE B 268 -2.77 -21.75 43.37
C ILE B 268 -3.17 -22.88 42.41
N GLU B 269 -3.47 -22.55 41.16
CA GLU B 269 -3.90 -23.56 40.19
C GLU B 269 -3.79 -23.04 38.78
N LEU B 270 -3.62 -23.95 37.82
CA LEU B 270 -3.76 -23.62 36.41
C LEU B 270 -5.24 -23.41 36.18
N GLY B 271 -5.61 -22.35 35.46
CA GLY B 271 -7.02 -22.05 35.23
C GLY B 271 -7.16 -21.25 33.95
N GLY B 272 -8.29 -20.59 33.74
CA GLY B 272 -8.48 -19.84 32.51
C GLY B 272 -7.96 -18.42 32.65
N GLU B 273 -7.72 -17.74 31.53
CA GLU B 273 -7.42 -16.31 31.59
C GLU B 273 -8.67 -15.50 31.97
N ASN B 274 -9.84 -16.00 31.55
CA ASN B 274 -11.13 -15.33 31.79
C ASN B 274 -12.16 -16.35 32.20
N TYR B 275 -13.15 -15.92 32.97
CA TYR B 275 -14.23 -16.81 33.36
C TYR B 275 -15.61 -16.29 32.96
N ASP B 276 -15.67 -15.42 31.95
CA ASP B 276 -16.96 -14.86 31.52
C ASP B 276 -17.82 -15.81 30.72
N ILE B 277 -17.20 -16.70 29.95
CA ILE B 277 -17.97 -17.63 29.12
C ILE B 277 -17.97 -19.04 29.70
N ILE B 278 -19.15 -19.63 29.81
CA ILE B 278 -19.25 -21.05 30.11
C ILE B 278 -19.79 -21.77 28.88
N ALA B 279 -18.98 -22.67 28.31
CA ALA B 279 -19.37 -23.37 27.09
C ALA B 279 -19.66 -24.83 27.37
N GLU B 280 -20.82 -25.29 26.91
CA GLU B 280 -21.19 -26.69 27.05
C GLU B 280 -21.70 -27.22 25.72
N PHE B 281 -21.51 -28.51 25.51
CA PHE B 281 -21.98 -29.17 24.30
C PHE B 281 -22.80 -30.36 24.78
N ASN B 282 -24.10 -30.34 24.53
CA ASN B 282 -24.98 -31.34 25.11
C ASN B 282 -24.74 -31.53 26.61
N GLY B 283 -24.51 -30.41 27.31
CA GLY B 283 -24.36 -30.44 28.75
C GLY B 283 -22.95 -30.74 29.26
N GLN B 284 -22.04 -31.04 28.34
CA GLN B 284 -20.66 -31.34 28.70
C GLN B 284 -19.73 -30.16 28.41
N PRO B 285 -18.69 -29.99 29.25
CA PRO B 285 -17.72 -28.89 29.12
C PRO B 285 -17.08 -28.93 27.74
N ALA B 286 -16.84 -27.77 27.15
CA ALA B 286 -16.43 -27.75 25.75
C ALA B 286 -15.48 -26.63 25.44
N SER B 287 -14.62 -26.87 24.47
CA SER B 287 -13.90 -25.79 23.84
C SER B 287 -14.08 -25.99 22.35
N GLY B 288 -13.29 -25.30 21.55
CA GLY B 288 -13.39 -25.48 20.12
C GLY B 288 -12.49 -24.54 19.33
N LEU B 289 -12.52 -24.70 18.02
CA LEU B 289 -11.75 -23.83 17.12
C LEU B 289 -12.69 -23.29 16.06
N GLY B 290 -12.68 -21.98 15.86
CA GLY B 290 -13.43 -21.39 14.76
C GLY B 290 -12.48 -21.18 13.59
N ILE B 291 -12.75 -21.82 12.47
CA ILE B 291 -11.82 -21.84 11.35
C ILE B 291 -12.33 -21.07 10.12
N LYS B 292 -11.48 -20.20 9.57
CA LYS B 292 -11.81 -19.45 8.36
C LYS B 292 -10.97 -19.88 7.17
N LEU B 293 -11.57 -19.83 5.98
CA LEU B 293 -10.92 -20.19 4.72
C LEU B 293 -9.90 -19.14 4.30
N ALA B 294 -8.71 -19.57 3.89
CA ALA B 294 -7.72 -18.60 3.37
C ALA B 294 -8.14 -18.08 1.99
N THR B 295 -7.66 -16.88 1.64
CA THR B 295 -7.98 -16.26 0.35
C THR B 295 -7.63 -17.19 -0.81
N GLY B 296 -8.57 -17.42 -1.72
CA GLY B 296 -8.30 -18.23 -2.90
C GLY B 296 -8.19 -19.72 -2.64
N ALA B 297 -8.47 -20.12 -1.40
CA ALA B 297 -8.42 -21.55 -1.08
C ALA B 297 -9.67 -22.28 -1.59
N ASN B 298 -9.61 -23.60 -1.58
CA ASN B 298 -10.73 -24.43 -1.98
C ASN B 298 -11.41 -24.94 -0.72
N ALA B 299 -12.66 -24.54 -0.48
CA ALA B 299 -13.35 -24.89 0.75
C ALA B 299 -13.40 -26.41 0.98
N LEU B 300 -13.69 -27.16 -0.09
CA LEU B 300 -13.84 -28.60 0.02
C LEU B 300 -12.52 -29.31 0.38
N ASP B 301 -11.42 -28.87 -0.21
CA ASP B 301 -10.12 -29.47 0.08
C ASP B 301 -9.66 -29.09 1.49
N THR B 302 -9.95 -27.86 1.88
CA THR B 302 -9.55 -27.38 3.19
C THR B 302 -10.26 -28.16 4.29
N ALA B 303 -11.57 -28.34 4.15
CA ALA B 303 -12.32 -29.12 5.14
C ALA B 303 -11.79 -30.54 5.24
N ALA B 304 -11.42 -31.12 4.11
CA ALA B 304 -10.95 -32.50 4.12
C ALA B 304 -9.55 -32.57 4.75
N ALA B 305 -8.75 -31.53 4.50
CA ALA B 305 -7.42 -31.45 5.07
C ALA B 305 -7.47 -31.23 6.57
N ILE B 306 -8.43 -30.45 7.04
CA ILE B 306 -8.62 -30.24 8.47
C ILE B 306 -8.98 -31.56 9.15
N ARG B 307 -9.89 -32.32 8.54
CA ARG B 307 -10.34 -33.59 9.11
C ARG B 307 -9.21 -34.61 9.16
N ALA B 308 -8.35 -34.59 8.14
CA ALA B 308 -7.19 -35.47 8.11
C ALA B 308 -6.21 -35.10 9.22
N GLU B 309 -6.00 -33.80 9.43
CA GLU B 309 -5.09 -33.39 10.51
C GLU B 309 -5.66 -33.79 11.87
N LEU B 310 -6.96 -33.61 12.05
CA LEU B 310 -7.61 -34.01 13.29
C LEU B 310 -7.49 -35.52 13.50
N ALA B 311 -7.58 -36.29 12.43
CA ALA B 311 -7.57 -37.74 12.58
C ALA B 311 -6.25 -38.21 13.17
N LYS B 312 -5.15 -37.59 12.76
CA LYS B 312 -3.85 -38.05 13.26
C LYS B 312 -3.47 -37.52 14.64
N MET B 313 -4.25 -36.56 15.16
CA MET B 313 -4.06 -36.12 16.54
C MET B 313 -4.81 -37.03 17.48
N GLU B 314 -5.90 -37.62 16.97
CA GLU B 314 -6.80 -38.47 17.74
C GLU B 314 -6.10 -39.51 18.64
N PRO B 315 -5.08 -40.19 18.11
CA PRO B 315 -4.41 -41.22 18.89
C PRO B 315 -3.77 -40.66 20.16
N PHE B 316 -3.53 -39.36 20.22
CA PHE B 316 -2.82 -38.78 21.35
C PHE B 316 -3.73 -38.08 22.38
N PHE B 317 -5.04 -38.13 22.11
CA PHE B 317 -6.02 -37.49 22.98
C PHE B 317 -6.04 -38.12 24.37
N PRO B 318 -6.17 -37.30 25.41
CA PRO B 318 -6.43 -37.80 26.76
C PRO B 318 -7.75 -38.56 26.71
N SER B 319 -7.99 -39.44 27.67
CA SER B 319 -9.26 -40.17 27.69
C SER B 319 -10.45 -39.20 27.75
N GLY B 320 -11.57 -39.62 27.18
CA GLY B 320 -12.79 -38.82 27.19
C GLY B 320 -12.83 -37.65 26.21
N LEU B 321 -11.70 -37.33 25.58
CA LEU B 321 -11.65 -36.20 24.64
C LEU B 321 -12.18 -36.61 23.28
N LYS B 322 -13.00 -35.76 22.67
CA LYS B 322 -13.71 -36.12 21.46
C LYS B 322 -13.92 -34.90 20.57
N ILE B 323 -13.75 -35.07 19.27
CA ILE B 323 -14.00 -34.01 18.29
C ILE B 323 -15.47 -34.08 17.84
N VAL B 324 -16.13 -32.93 17.78
CA VAL B 324 -17.46 -32.84 17.18
C VAL B 324 -17.47 -31.68 16.18
N TYR B 325 -18.43 -31.70 15.26
CA TYR B 325 -18.48 -30.73 14.16
C TYR B 325 -19.84 -30.05 14.13
N PRO B 326 -20.08 -29.16 15.09
CA PRO B 326 -21.38 -28.50 15.24
C PRO B 326 -21.70 -27.59 14.05
N TYR B 327 -20.69 -27.24 13.26
CA TYR B 327 -20.88 -26.33 12.14
C TYR B 327 -19.83 -26.60 11.04
N ASP B 328 -20.29 -26.90 9.84
CA ASP B 328 -19.39 -27.16 8.69
C ASP B 328 -20.15 -26.85 7.41
N THR B 329 -19.74 -25.79 6.72
CA THR B 329 -20.47 -25.29 5.56
C THR B 329 -20.28 -26.21 4.36
N THR B 330 -19.29 -27.09 4.46
CA THR B 330 -18.81 -27.85 3.32
C THR B 330 -19.82 -28.85 2.72
N PRO B 331 -20.48 -29.64 3.59
CA PRO B 331 -21.49 -30.60 3.11
C PRO B 331 -22.57 -29.88 2.30
N PHE B 332 -22.97 -28.71 2.77
CA PHE B 332 -23.93 -27.87 2.05
C PHE B 332 -23.38 -27.46 0.68
N VAL B 333 -22.14 -26.98 0.64
CA VAL B 333 -21.53 -26.56 -0.62
C VAL B 333 -21.41 -27.73 -1.60
N LYS B 334 -21.04 -28.89 -1.09
CA LYS B 334 -20.98 -30.10 -1.90
C LYS B 334 -22.33 -30.36 -2.58
N ILE B 335 -23.41 -30.26 -1.81
CA ILE B 335 -24.75 -30.50 -2.34
C ILE B 335 -25.11 -29.48 -3.43
N SER B 336 -24.78 -28.21 -3.21
CA SER B 336 -25.00 -27.18 -4.21
C SER B 336 -24.32 -27.54 -5.52
N ILE B 337 -23.06 -27.97 -5.43
CA ILE B 337 -22.32 -28.34 -6.64
C ILE B 337 -22.96 -29.53 -7.36
N HIS B 338 -23.31 -30.57 -6.62
CA HIS B 338 -23.93 -31.72 -7.23
C HIS B 338 -25.24 -31.32 -7.90
N GLU B 339 -26.02 -30.49 -7.20
CA GLU B 339 -27.32 -30.06 -7.72
C GLU B 339 -27.18 -29.25 -9.02
N VAL B 340 -26.21 -28.35 -9.06
CA VAL B 340 -25.99 -27.55 -10.27
C VAL B 340 -25.49 -28.42 -11.43
N VAL B 341 -24.55 -29.32 -11.15
CA VAL B 341 -24.02 -30.24 -12.15
C VAL B 341 -25.14 -31.11 -12.69
N LYS B 342 -25.99 -31.58 -11.77
CA LYS B 342 -27.14 -32.40 -12.11
C LYS B 342 -28.12 -31.63 -13.01
N THR B 343 -28.36 -30.37 -12.67
CA THR B 343 -29.24 -29.52 -13.47
C THR B 343 -28.69 -29.33 -14.90
N LEU B 344 -27.41 -29.00 -15.00
CA LEU B 344 -26.76 -28.78 -16.30
C LEU B 344 -26.78 -30.03 -17.17
N VAL B 345 -26.53 -31.19 -16.56
CA VAL B 345 -26.53 -32.46 -17.28
C VAL B 345 -27.91 -32.81 -17.81
N GLU B 346 -28.93 -32.75 -16.94
CA GLU B 346 -30.32 -32.97 -17.31
C GLU B 346 -30.77 -32.02 -18.41
N ALA B 347 -30.29 -30.78 -18.35
CA ALA B 347 -30.63 -29.78 -19.35
C ALA B 347 -30.14 -30.24 -20.71
N ILE B 348 -28.93 -30.81 -20.72
CA ILE B 348 -28.30 -31.29 -21.94
C ILE B 348 -29.00 -32.54 -22.48
N ILE B 349 -29.52 -33.37 -21.59
CA ILE B 349 -30.26 -34.57 -21.98
C ILE B 349 -31.63 -34.18 -22.52
N LEU B 350 -32.24 -33.17 -21.89
CA LEU B 350 -33.53 -32.65 -22.34
C LEU B 350 -33.42 -32.08 -23.75
N VAL B 351 -32.37 -31.29 -23.99
CA VAL B 351 -32.11 -30.75 -25.33
C VAL B 351 -31.97 -31.90 -26.32
N PHE B 352 -31.26 -32.94 -25.92
CA PHE B 352 -31.15 -34.15 -26.74
C PHE B 352 -32.51 -34.76 -27.07
N LEU B 353 -33.36 -34.96 -26.05
CA LEU B 353 -34.69 -35.50 -26.26
C LEU B 353 -35.56 -34.61 -27.17
N VAL B 354 -35.53 -33.31 -26.95
CA VAL B 354 -36.36 -32.39 -27.72
C VAL B 354 -35.87 -32.30 -29.17
N MET B 355 -34.55 -32.26 -29.36
CA MET B 355 -33.96 -32.25 -30.69
C MET B 355 -34.36 -33.49 -31.49
N TYR B 356 -34.28 -34.65 -30.83
CA TYR B 356 -34.64 -35.88 -31.48
C TYR B 356 -36.14 -35.94 -31.73
N LEU B 357 -36.93 -35.49 -30.76
CA LEU B 357 -38.39 -35.49 -30.95
C LEU B 357 -38.79 -34.72 -32.20
N PHE B 358 -38.24 -33.52 -32.36
CA PHE B 358 -38.62 -32.67 -33.49
C PHE B 358 -37.87 -32.99 -34.78
N LEU B 359 -36.56 -33.25 -34.67
CA LEU B 359 -35.70 -33.41 -35.83
C LEU B 359 -35.49 -34.87 -36.26
N GLN B 360 -35.63 -35.79 -35.30
CA GLN B 360 -35.68 -37.22 -35.59
C GLN B 360 -34.45 -37.77 -36.33
N ASN B 361 -33.26 -37.32 -35.93
CA ASN B 361 -32.02 -37.94 -36.36
C ASN B 361 -30.94 -37.63 -35.34
N PHE B 362 -30.09 -38.61 -35.04
CA PHE B 362 -29.14 -38.47 -33.95
C PHE B 362 -28.02 -37.47 -34.25
N ARG B 363 -27.70 -37.27 -35.53
CA ARG B 363 -26.63 -36.32 -35.88
C ARG B 363 -26.95 -34.88 -35.46
N ALA B 364 -28.16 -34.41 -35.76
CA ALA B 364 -28.58 -33.09 -35.30
C ALA B 364 -28.46 -33.04 -33.77
N THR B 365 -28.85 -34.13 -33.13
CA THR B 365 -28.86 -34.27 -31.67
C THR B 365 -27.45 -34.11 -31.06
N LEU B 366 -26.45 -34.52 -31.83
CA LEU B 366 -25.05 -34.48 -31.39
C LEU B 366 -24.53 -33.06 -31.21
N ILE B 367 -25.04 -32.15 -32.03
CA ILE B 367 -24.42 -30.83 -32.18
C ILE B 367 -24.53 -29.96 -30.92
N PRO B 368 -25.75 -29.82 -30.37
CA PRO B 368 -25.86 -29.08 -29.11
C PRO B 368 -25.12 -29.81 -27.98
N THR B 369 -25.06 -31.14 -28.06
CA THR B 369 -24.45 -31.93 -27.01
C THR B 369 -22.94 -31.64 -26.92
N ILE B 370 -22.39 -31.18 -28.03
CA ILE B 370 -20.99 -30.78 -28.07
C ILE B 370 -20.85 -29.28 -27.79
N ALA B 371 -21.65 -28.47 -28.49
CA ALA B 371 -21.55 -27.01 -28.35
C ALA B 371 -21.77 -26.51 -26.92
N VAL B 372 -22.79 -27.03 -26.23
CA VAL B 372 -23.09 -26.48 -24.91
C VAL B 372 -21.96 -26.70 -23.91
N PRO B 373 -21.45 -27.95 -23.79
CA PRO B 373 -20.32 -28.20 -22.89
C PRO B 373 -19.10 -27.34 -23.24
N VAL B 374 -18.84 -27.11 -24.53
CA VAL B 374 -17.74 -26.23 -24.93
C VAL B 374 -17.92 -24.82 -24.39
N VAL B 375 -19.17 -24.31 -24.43
CA VAL B 375 -19.44 -22.98 -23.90
C VAL B 375 -19.27 -22.95 -22.39
N LEU B 376 -19.81 -23.96 -21.71
CA LEU B 376 -19.73 -24.01 -20.25
C LEU B 376 -18.26 -24.05 -19.81
N LEU B 377 -17.49 -24.96 -20.41
CA LEU B 377 -16.06 -25.06 -20.10
C LEU B 377 -15.36 -23.72 -20.32
N GLY B 378 -15.63 -23.08 -21.45
CA GLY B 378 -14.99 -21.80 -21.74
C GLY B 378 -15.33 -20.73 -20.72
N THR B 379 -16.57 -20.78 -20.23
CA THR B 379 -17.03 -19.84 -19.22
C THR B 379 -16.17 -19.97 -17.96
N PHE B 380 -15.90 -21.19 -17.52
CA PHE B 380 -15.02 -21.37 -16.36
C PHE B 380 -13.66 -20.72 -16.59
N ALA B 381 -13.14 -20.89 -17.80
CA ALA B 381 -11.84 -20.29 -18.14
C ALA B 381 -11.87 -18.77 -17.97
N VAL B 382 -12.94 -18.13 -18.44
CA VAL B 382 -13.06 -16.69 -18.31
C VAL B 382 -13.21 -16.26 -16.86
N LEU B 383 -14.06 -16.97 -16.12
CA LEU B 383 -14.21 -16.73 -14.69
C LEU B 383 -12.85 -16.76 -14.01
N ALA B 384 -12.08 -17.81 -14.29
CA ALA B 384 -10.73 -17.92 -13.75
C ALA B 384 -9.90 -16.68 -14.08
N ALA B 385 -9.94 -16.26 -15.33
CA ALA B 385 -9.23 -15.05 -15.77
C ALA B 385 -9.69 -13.78 -15.07
N PHE B 386 -10.94 -13.76 -14.61
CA PHE B 386 -11.49 -12.61 -13.90
C PHE B 386 -11.19 -12.72 -12.39
N GLY B 387 -10.59 -13.82 -11.97
CA GLY B 387 -10.32 -14.04 -10.56
C GLY B 387 -11.54 -14.46 -9.75
N PHE B 388 -12.53 -15.06 -10.41
CA PHE B 388 -13.74 -15.47 -9.70
C PHE B 388 -13.58 -16.85 -9.10
N SER B 389 -14.48 -17.21 -8.19
CA SER B 389 -14.50 -18.53 -7.60
C SER B 389 -15.76 -19.27 -8.04
N ILE B 390 -15.72 -20.59 -7.94
CA ILE B 390 -16.93 -21.37 -8.00
C ILE B 390 -17.63 -21.18 -6.66
N ASN B 391 -18.76 -20.51 -6.69
CA ASN B 391 -19.54 -20.24 -5.50
C ASN B 391 -21.03 -20.28 -5.79
N THR B 392 -21.85 -20.19 -4.75
CA THR B 392 -23.30 -20.25 -4.89
C THR B 392 -23.81 -19.33 -5.99
N LEU B 393 -23.30 -18.11 -6.00
CA LEU B 393 -23.75 -17.08 -6.94
C LEU B 393 -23.32 -17.40 -8.38
N THR B 394 -22.04 -17.64 -8.60
CA THR B 394 -21.54 -17.93 -9.93
C THR B 394 -22.16 -19.20 -10.52
N MET B 395 -22.43 -20.19 -9.66
CA MET B 395 -23.02 -21.44 -10.12
C MET B 395 -24.47 -21.29 -10.56
N PHE B 396 -25.22 -20.47 -9.82
CA PHE B 396 -26.60 -20.20 -10.22
C PHE B 396 -26.64 -19.25 -11.41
N GLY B 397 -25.63 -18.40 -11.54
CA GLY B 397 -25.48 -17.60 -12.74
C GLY B 397 -25.44 -18.50 -13.97
N MET B 398 -24.70 -19.60 -13.87
CA MET B 398 -24.59 -20.52 -15.00
C MET B 398 -25.92 -21.18 -15.33
N VAL B 399 -26.67 -21.61 -14.33
CA VAL B 399 -27.98 -22.19 -14.64
C VAL B 399 -29.01 -21.15 -15.11
N LEU B 400 -28.87 -19.89 -14.69
CA LEU B 400 -29.78 -18.85 -15.17
C LEU B 400 -29.51 -18.56 -16.65
N ALA B 401 -28.30 -18.93 -17.10
CA ALA B 401 -27.85 -18.72 -18.47
C ALA B 401 -28.19 -19.88 -19.39
N ILE B 402 -28.63 -20.99 -18.80
CA ILE B 402 -28.83 -22.23 -19.55
C ILE B 402 -29.73 -22.07 -20.78
N GLY B 403 -30.87 -21.39 -20.61
CA GLY B 403 -31.79 -21.17 -21.70
C GLY B 403 -31.11 -20.47 -22.86
N LEU B 404 -30.31 -19.46 -22.55
CA LEU B 404 -29.60 -18.70 -23.56
C LEU B 404 -28.61 -19.58 -24.34
N LEU B 405 -27.89 -20.45 -23.64
CA LEU B 405 -26.88 -21.29 -24.29
C LEU B 405 -27.54 -22.35 -25.17
N VAL B 406 -28.54 -23.00 -24.61
CA VAL B 406 -29.29 -24.03 -25.32
C VAL B 406 -29.95 -23.42 -26.56
N ASP B 407 -30.47 -22.21 -26.43
CA ASP B 407 -31.15 -21.56 -27.55
C ASP B 407 -30.19 -21.31 -28.73
N ASP B 408 -28.98 -20.86 -28.45
CA ASP B 408 -27.99 -20.69 -29.51
C ASP B 408 -27.76 -21.99 -30.31
N ALA B 409 -27.59 -23.10 -29.61
CA ALA B 409 -27.39 -24.40 -30.26
C ALA B 409 -28.61 -24.75 -31.09
N ILE B 410 -29.78 -24.68 -30.48
CA ILE B 410 -31.01 -25.05 -31.17
C ILE B 410 -31.27 -24.15 -32.36
N VAL B 411 -31.11 -22.83 -32.19
CA VAL B 411 -31.41 -21.90 -33.28
C VAL B 411 -30.58 -22.20 -34.52
N VAL B 412 -29.27 -22.39 -34.34
CA VAL B 412 -28.39 -22.65 -35.46
C VAL B 412 -28.73 -23.96 -36.16
N VAL B 413 -28.87 -25.04 -35.39
CA VAL B 413 -29.11 -26.35 -35.99
C VAL B 413 -30.49 -26.42 -36.63
N GLU B 414 -31.50 -25.92 -35.93
CA GLU B 414 -32.88 -26.02 -36.42
C GLU B 414 -33.04 -25.29 -37.74
N ASN B 415 -32.39 -24.14 -37.86
CA ASN B 415 -32.55 -23.35 -39.07
C ASN B 415 -31.95 -24.04 -40.29
N VAL B 416 -30.79 -24.67 -40.13
CA VAL B 416 -30.21 -25.46 -41.23
C VAL B 416 -31.18 -26.55 -41.66
N GLU B 417 -31.71 -27.29 -40.68
CA GLU B 417 -32.67 -28.35 -40.98
C GLU B 417 -33.87 -27.80 -41.74
N ARG B 418 -34.39 -26.66 -41.29
CA ARG B 418 -35.55 -26.06 -41.99
C ARG B 418 -35.18 -25.76 -43.45
N VAL B 419 -34.04 -25.10 -43.64
CA VAL B 419 -33.62 -24.71 -44.98
C VAL B 419 -33.49 -25.93 -45.90
N MET B 420 -32.88 -27.00 -45.40
CA MET B 420 -32.73 -28.20 -46.25
C MET B 420 -34.07 -28.75 -46.68
N ALA B 421 -35.01 -28.86 -45.74
CA ALA B 421 -36.31 -29.43 -46.06
C ALA B 421 -37.06 -28.52 -47.03
N GLU B 422 -36.89 -27.22 -46.87
CA GLU B 422 -37.69 -26.27 -47.66
C GLU B 422 -37.11 -26.01 -49.04
N GLU B 423 -35.85 -26.43 -49.26
CA GLU B 423 -35.17 -26.07 -50.49
C GLU B 423 -34.42 -27.22 -51.15
N GLY B 424 -34.15 -28.28 -50.40
CA GLY B 424 -33.43 -29.43 -50.93
C GLY B 424 -31.93 -29.20 -51.03
N LEU B 425 -31.45 -28.11 -50.44
CA LEU B 425 -30.02 -27.79 -50.46
C LEU B 425 -29.18 -28.77 -49.65
N PRO B 426 -27.99 -29.12 -50.17
CA PRO B 426 -27.08 -30.00 -49.44
C PRO B 426 -26.61 -29.30 -48.16
N PRO B 427 -26.32 -30.08 -47.10
CA PRO B 427 -25.94 -29.59 -45.77
C PRO B 427 -24.97 -28.41 -45.78
N LYS B 428 -23.91 -28.51 -46.57
CA LYS B 428 -22.90 -27.44 -46.61
C LYS B 428 -23.50 -26.13 -47.14
N GLU B 429 -24.13 -26.18 -48.31
CA GLU B 429 -24.70 -24.97 -48.86
C GLU B 429 -25.90 -24.49 -48.04
N ALA B 430 -26.65 -25.44 -47.47
CA ALA B 430 -27.76 -25.06 -46.60
C ALA B 430 -27.21 -24.34 -45.38
N THR B 431 -26.13 -24.86 -44.81
CA THR B 431 -25.53 -24.22 -43.65
C THR B 431 -25.06 -22.80 -43.99
N ARG B 432 -24.45 -22.63 -45.17
CA ARG B 432 -24.08 -21.29 -45.64
C ARG B 432 -25.29 -20.35 -45.74
N LYS B 433 -26.34 -20.83 -46.39
CA LYS B 433 -27.54 -20.00 -46.55
C LYS B 433 -28.15 -19.69 -45.18
N SER B 434 -28.32 -20.74 -44.36
CA SER B 434 -28.87 -20.58 -43.02
C SER B 434 -28.09 -19.54 -42.19
N MET B 435 -26.77 -19.70 -42.10
CA MET B 435 -26.00 -18.75 -41.30
C MET B 435 -26.12 -17.34 -41.84
N GLY B 436 -26.25 -17.21 -43.17
CA GLY B 436 -26.44 -15.91 -43.76
C GLY B 436 -27.73 -15.26 -43.28
N GLN B 437 -28.74 -16.07 -42.95
CA GLN B 437 -30.02 -15.55 -42.47
C GLN B 437 -29.94 -15.04 -41.01
N ILE B 438 -29.10 -15.66 -40.19
CA ILE B 438 -29.10 -15.37 -38.73
C ILE B 438 -27.84 -14.72 -38.14
N GLN B 439 -26.73 -14.72 -38.86
CA GLN B 439 -25.45 -14.29 -38.25
C GLN B 439 -25.48 -12.84 -37.77
N GLY B 440 -26.03 -11.94 -38.57
CA GLY B 440 -26.19 -10.55 -38.16
C GLY B 440 -27.02 -10.43 -36.90
N ALA B 441 -28.18 -11.08 -36.91
CA ALA B 441 -29.04 -11.12 -35.72
C ALA B 441 -28.28 -11.65 -34.52
N LEU B 442 -27.52 -12.73 -34.68
CA LEU B 442 -26.77 -13.32 -33.57
C LEU B 442 -25.80 -12.30 -32.93
N VAL B 443 -25.17 -11.48 -33.76
CA VAL B 443 -24.25 -10.46 -33.26
C VAL B 443 -25.03 -9.33 -32.60
N GLY B 444 -26.12 -8.92 -33.24
CA GLY B 444 -26.99 -7.91 -32.64
C GLY B 444 -27.47 -8.38 -31.29
N ILE B 445 -27.85 -9.65 -31.21
CA ILE B 445 -28.34 -10.25 -29.98
C ILE B 445 -27.25 -10.21 -28.91
N ALA B 446 -26.03 -10.54 -29.30
CA ALA B 446 -24.90 -10.47 -28.37
C ALA B 446 -24.75 -9.07 -27.78
N MET B 447 -24.85 -8.04 -28.61
CA MET B 447 -24.79 -6.67 -28.13
C MET B 447 -25.97 -6.32 -27.22
N VAL B 448 -27.18 -6.69 -27.64
CA VAL B 448 -28.38 -6.44 -26.84
C VAL B 448 -28.29 -7.09 -25.46
N LEU B 449 -27.93 -8.36 -25.41
CA LEU B 449 -27.78 -9.05 -24.14
C LEU B 449 -26.68 -8.44 -23.26
N SER B 450 -25.60 -7.96 -23.88
CA SER B 450 -24.56 -7.27 -23.14
C SER B 450 -25.12 -6.00 -22.50
N ALA B 451 -25.92 -5.27 -23.26
CA ALA B 451 -26.59 -4.06 -22.75
C ALA B 451 -27.54 -4.36 -21.58
N VAL B 452 -28.16 -5.53 -21.57
CA VAL B 452 -29.07 -5.95 -20.50
C VAL B 452 -28.33 -6.36 -19.22
N PHE B 453 -27.24 -7.09 -19.39
CA PHE B 453 -26.53 -7.67 -18.25
C PHE B 453 -25.37 -6.88 -17.66
N VAL B 454 -24.64 -6.13 -18.50
CA VAL B 454 -23.44 -5.43 -18.04
C VAL B 454 -23.73 -4.33 -17.01
N PRO B 455 -24.79 -3.54 -17.22
CA PRO B 455 -25.12 -2.48 -16.26
C PRO B 455 -25.28 -2.99 -14.81
N MET B 456 -25.77 -4.21 -14.65
CA MET B 456 -25.94 -4.79 -13.32
C MET B 456 -24.62 -5.00 -12.58
N ALA B 457 -23.52 -4.92 -13.32
CA ALA B 457 -22.20 -5.02 -12.72
C ALA B 457 -21.76 -3.69 -12.10
N PHE B 458 -22.57 -2.64 -12.29
CA PHE B 458 -22.20 -1.29 -11.86
C PHE B 458 -22.95 -0.75 -10.66
N PHE B 459 -23.70 -1.60 -9.97
CA PHE B 459 -24.29 -1.19 -8.70
C PHE B 459 -23.17 -1.08 -7.68
N GLY B 460 -23.40 -0.31 -6.62
CA GLY B 460 -22.34 -0.07 -5.65
C GLY B 460 -22.56 -0.84 -4.37
N GLY B 461 -21.55 -0.85 -3.51
CA GLY B 461 -21.63 -1.52 -2.23
C GLY B 461 -21.79 -3.03 -2.33
N SER B 462 -22.47 -3.59 -1.34
CA SER B 462 -22.59 -5.04 -1.17
C SER B 462 -23.50 -5.70 -2.21
N THR B 463 -24.63 -5.07 -2.48
CA THR B 463 -25.58 -5.61 -3.45
C THR B 463 -24.93 -5.63 -4.83
N GLY B 464 -24.18 -4.59 -5.13
CA GLY B 464 -23.41 -4.52 -6.36
C GLY B 464 -22.43 -5.66 -6.51
N ALA B 465 -21.74 -6.00 -5.43
CA ALA B 465 -20.78 -7.09 -5.49
C ALA B 465 -21.50 -8.42 -5.76
N ILE B 466 -22.74 -8.55 -5.28
CA ILE B 466 -23.55 -9.71 -5.60
C ILE B 466 -24.02 -9.74 -7.08
N TYR B 467 -24.61 -8.65 -7.55
CA TYR B 467 -25.06 -8.56 -8.95
C TYR B 467 -23.92 -8.84 -9.91
N ARG B 468 -22.77 -8.27 -9.59
CA ARG B 468 -21.57 -8.40 -10.37
C ARG B 468 -21.19 -9.86 -10.62
N GLN B 469 -21.41 -10.72 -9.63
CA GLN B 469 -21.12 -12.14 -9.80
C GLN B 469 -21.98 -12.74 -10.91
N PHE B 470 -23.27 -12.41 -10.92
CA PHE B 470 -24.20 -12.93 -11.92
C PHE B 470 -23.94 -12.30 -13.28
N SER B 471 -23.81 -10.98 -13.29
CA SER B 471 -23.56 -10.20 -14.50
C SER B 471 -22.36 -10.70 -15.31
N ILE B 472 -21.21 -10.84 -14.66
CA ILE B 472 -20.00 -11.29 -15.35
C ILE B 472 -20.11 -12.76 -15.79
N THR B 473 -20.69 -13.60 -14.93
CA THR B 473 -20.92 -15.00 -15.29
C THR B 473 -21.81 -15.14 -16.53
N ILE B 474 -22.93 -14.41 -16.56
CA ILE B 474 -23.92 -14.57 -17.64
C ILE B 474 -23.42 -13.96 -18.95
N VAL B 475 -22.84 -12.78 -18.85
CA VAL B 475 -22.28 -12.09 -20.02
C VAL B 475 -21.14 -12.92 -20.64
N SER B 476 -20.29 -13.49 -19.79
CA SER B 476 -19.23 -14.36 -20.30
C SER B 476 -19.80 -15.56 -21.03
N ALA B 477 -20.74 -16.26 -20.40
CA ALA B 477 -21.37 -17.41 -21.02
C ALA B 477 -22.03 -17.02 -22.33
N MET B 478 -22.74 -15.89 -22.30
CA MET B 478 -23.48 -15.44 -23.49
C MET B 478 -22.52 -15.10 -24.63
N ALA B 479 -21.41 -14.45 -24.32
CA ALA B 479 -20.42 -14.10 -25.34
C ALA B 479 -19.76 -15.34 -25.98
N LEU B 480 -19.37 -16.29 -25.16
CA LEU B 480 -18.83 -17.56 -25.63
C LEU B 480 -19.85 -18.32 -26.47
N SER B 481 -21.11 -18.22 -26.07
CA SER B 481 -22.18 -18.92 -26.78
C SER B 481 -22.31 -18.43 -28.23
N VAL B 482 -22.22 -17.11 -28.41
CA VAL B 482 -22.33 -16.53 -29.75
C VAL B 482 -21.07 -16.82 -30.58
N LEU B 483 -19.90 -16.75 -29.96
CA LEU B 483 -18.67 -17.17 -30.61
C LEU B 483 -18.80 -18.61 -31.11
N VAL B 484 -19.23 -19.50 -30.22
CA VAL B 484 -19.41 -20.89 -30.61
C VAL B 484 -20.45 -21.04 -31.72
N ALA B 485 -21.53 -20.25 -31.66
CA ALA B 485 -22.57 -20.29 -32.69
C ALA B 485 -22.06 -19.82 -34.05
N LEU B 486 -21.05 -18.96 -34.05
CA LEU B 486 -20.52 -18.42 -35.29
C LEU B 486 -19.33 -19.21 -35.81
N ILE B 487 -18.69 -19.97 -34.94
CA ILE B 487 -17.46 -20.70 -35.28
C ILE B 487 -17.66 -22.19 -35.33
N LEU B 488 -18.08 -22.78 -34.21
CA LEU B 488 -18.14 -24.24 -34.14
C LEU B 488 -19.42 -24.88 -34.72
N THR B 489 -20.59 -24.47 -34.27
CA THR B 489 -21.82 -25.15 -34.71
C THR B 489 -22.05 -25.14 -36.22
N PRO B 490 -21.67 -24.04 -36.90
CA PRO B 490 -21.87 -24.06 -38.36
C PRO B 490 -20.95 -25.08 -39.02
N ALA B 491 -19.73 -25.21 -38.51
CA ALA B 491 -18.80 -26.25 -38.97
C ALA B 491 -19.41 -27.62 -38.78
N LEU B 492 -19.97 -27.86 -37.59
CA LEU B 492 -20.57 -29.15 -37.27
C LEU B 492 -21.79 -29.43 -38.14
N CYS B 493 -22.67 -28.44 -38.34
CA CYS B 493 -23.83 -28.66 -39.20
C CYS B 493 -23.39 -29.05 -40.60
N ALA B 494 -22.39 -28.35 -41.12
CA ALA B 494 -21.98 -28.56 -42.51
C ALA B 494 -21.37 -29.95 -42.69
N THR B 495 -20.74 -30.46 -41.65
CA THR B 495 -20.01 -31.72 -41.74
C THR B 495 -20.75 -32.94 -41.16
N MET B 496 -21.76 -32.70 -40.33
CA MET B 496 -22.46 -33.81 -39.65
C MET B 496 -23.92 -34.02 -40.05
N LEU B 497 -24.60 -32.95 -40.41
CA LEU B 497 -26.00 -33.08 -40.84
C LEU B 497 -26.08 -33.81 -42.17
N LYS B 498 -27.08 -34.68 -42.31
CA LYS B 498 -27.37 -35.32 -43.58
C LYS B 498 -28.45 -34.57 -44.40
N PRO B 499 -28.43 -34.75 -45.72
CA PRO B 499 -29.34 -34.09 -46.68
C PRO B 499 -30.80 -34.38 -46.37
N ILE B 500 -31.66 -33.41 -46.66
CA ILE B 500 -33.09 -33.63 -46.56
C ILE B 500 -33.72 -33.28 -47.90
N ALA B 501 -34.47 -34.22 -48.47
CA ALA B 501 -35.16 -33.97 -49.74
C ALA B 501 -36.14 -32.83 -49.60
N LYS B 502 -36.18 -31.97 -50.62
CA LYS B 502 -37.10 -30.84 -50.65
C LYS B 502 -38.54 -31.28 -50.46
N GLY B 503 -39.23 -30.67 -49.49
CA GLY B 503 -40.62 -31.00 -49.22
C GLY B 503 -40.82 -32.06 -48.16
N ASP B 504 -39.75 -32.79 -47.82
CA ASP B 504 -39.87 -33.85 -46.81
C ASP B 504 -40.01 -33.28 -45.39
N HIS B 505 -41.17 -33.49 -44.78
CA HIS B 505 -41.41 -33.05 -43.42
C HIS B 505 -41.77 -34.22 -42.51
N GLY B 506 -41.41 -35.43 -42.95
CA GLY B 506 -41.61 -36.63 -42.16
C GLY B 506 -43.05 -37.05 -41.98
N GLU B 507 -43.95 -36.43 -42.74
CA GLU B 507 -45.38 -36.70 -42.58
C GLU B 507 -45.77 -38.10 -43.05
N GLY B 508 -44.91 -38.69 -43.90
CA GLY B 508 -45.13 -40.03 -44.40
C GLY B 508 -44.36 -41.09 -43.65
N LYS B 509 -43.89 -40.75 -42.45
CA LYS B 509 -43.24 -41.71 -41.60
C LYS B 509 -44.28 -42.59 -40.91
N LYS B 510 -43.83 -43.67 -40.29
CA LYS B 510 -44.73 -44.62 -39.63
C LYS B 510 -44.76 -44.36 -38.14
N GLY B 511 -45.65 -45.07 -37.45
CA GLY B 511 -45.73 -44.98 -36.01
C GLY B 511 -45.70 -43.56 -35.48
N PHE B 512 -45.12 -43.41 -34.30
CA PHE B 512 -45.19 -42.17 -33.53
C PHE B 512 -44.75 -40.89 -34.24
N PHE B 513 -43.66 -40.98 -35.01
CA PHE B 513 -43.05 -39.79 -35.60
C PHE B 513 -43.81 -39.24 -36.80
N GLY B 514 -44.34 -40.12 -37.62
CA GLY B 514 -45.22 -39.69 -38.70
C GLY B 514 -46.40 -38.95 -38.11
N TRP B 515 -46.97 -39.52 -37.04
CA TRP B 515 -48.10 -38.91 -36.35
C TRP B 515 -47.72 -37.57 -35.75
N PHE B 516 -46.59 -37.53 -35.06
CA PHE B 516 -46.15 -36.28 -34.46
C PHE B 516 -45.97 -35.23 -35.55
N ASN B 517 -45.36 -35.64 -36.66
CA ASN B 517 -45.06 -34.73 -37.76
C ASN B 517 -46.31 -34.18 -38.43
N ARG B 518 -47.21 -35.06 -38.84
CA ARG B 518 -48.49 -34.63 -39.39
C ARG B 518 -49.19 -33.74 -38.37
N MET B 519 -49.17 -34.13 -37.10
CA MET B 519 -49.81 -33.33 -36.06
C MET B 519 -49.14 -31.95 -35.96
N PHE B 520 -47.82 -31.91 -36.06
CA PHE B 520 -47.13 -30.65 -35.85
C PHE B 520 -47.27 -29.69 -37.04
N GLU B 521 -47.37 -30.24 -38.26
CA GLU B 521 -47.57 -29.40 -39.44
C GLU B 521 -48.97 -28.81 -39.43
N LYS B 522 -49.95 -29.60 -38.99
CA LYS B 522 -51.33 -29.15 -38.82
C LYS B 522 -51.42 -28.04 -37.79
N SER B 523 -50.72 -28.23 -36.67
CA SER B 523 -50.74 -27.25 -35.59
C SER B 523 -50.11 -25.93 -36.04
N THR B 524 -49.11 -26.03 -36.90
CA THR B 524 -48.44 -24.83 -37.43
C THR B 524 -49.42 -24.02 -38.30
N HIS B 525 -50.22 -24.71 -39.08
CA HIS B 525 -51.26 -24.04 -39.88
C HIS B 525 -52.33 -23.40 -38.98
N HIS B 526 -52.74 -24.11 -37.94
CA HIS B 526 -53.67 -23.54 -36.96
C HIS B 526 -53.07 -22.27 -36.40
N TYR B 527 -51.79 -22.35 -36.06
CA TYR B 527 -51.10 -21.22 -35.48
C TYR B 527 -51.13 -20.02 -36.43
N THR B 528 -50.74 -20.24 -37.68
CA THR B 528 -50.67 -19.15 -38.65
C THR B 528 -52.07 -18.59 -38.99
N ASP B 529 -53.05 -19.46 -39.16
CA ASP B 529 -54.45 -19.04 -39.30
C ASP B 529 -54.86 -18.11 -38.15
N SER B 530 -54.52 -18.52 -36.94
CA SER B 530 -54.84 -17.76 -35.75
C SER B 530 -54.15 -16.39 -35.75
N VAL B 531 -52.85 -16.37 -36.04
CA VAL B 531 -52.12 -15.11 -36.15
C VAL B 531 -52.75 -14.22 -37.23
N GLY B 532 -53.19 -14.85 -38.33
CA GLY B 532 -53.86 -14.12 -39.38
C GLY B 532 -55.12 -13.43 -38.90
N GLY B 533 -55.91 -14.14 -38.10
CA GLY B 533 -57.12 -13.56 -37.50
C GLY B 533 -56.75 -12.47 -36.51
N ILE B 534 -55.74 -12.73 -35.69
CA ILE B 534 -55.26 -11.73 -34.75
C ILE B 534 -54.90 -10.45 -35.49
N LEU B 535 -54.17 -10.59 -36.60
CA LEU B 535 -53.67 -9.42 -37.32
C LEU B 535 -54.77 -8.69 -38.09
N ARG B 536 -55.93 -9.32 -38.25
CA ARG B 536 -57.08 -8.59 -38.79
C ARG B 536 -57.74 -7.74 -37.71
N SER B 537 -57.21 -7.81 -36.50
CA SER B 537 -57.93 -7.27 -35.35
C SER B 537 -56.98 -6.81 -34.24
N THR B 538 -56.02 -5.96 -34.60
CA THR B 538 -54.94 -5.60 -33.70
C THR B 538 -55.38 -4.74 -32.53
N GLY B 539 -56.42 -3.94 -32.75
CA GLY B 539 -56.91 -3.02 -31.74
C GLY B 539 -57.09 -3.64 -30.37
N ARG B 540 -57.88 -4.72 -30.32
CA ARG B 540 -58.15 -5.42 -29.06
C ARG B 540 -56.90 -5.99 -28.40
N TYR B 541 -55.90 -6.32 -29.21
CA TYR B 541 -54.66 -6.84 -28.65
C TYR B 541 -53.78 -5.75 -28.07
N LEU B 542 -53.91 -4.53 -28.58
CA LEU B 542 -53.26 -3.40 -27.94
C LEU B 542 -53.85 -3.19 -26.55
N VAL B 543 -55.18 -3.33 -26.46
CA VAL B 543 -55.87 -3.21 -25.19
C VAL B 543 -55.42 -4.31 -24.23
N LEU B 544 -55.36 -5.55 -24.71
CA LEU B 544 -54.88 -6.65 -23.89
C LEU B 544 -53.44 -6.41 -23.42
N TYR B 545 -52.61 -5.86 -24.31
CA TYR B 545 -51.21 -5.61 -23.96
C TYR B 545 -51.14 -4.62 -22.81
N LEU B 546 -51.95 -3.57 -22.88
CA LEU B 546 -51.98 -2.58 -21.80
C LEU B 546 -52.45 -3.19 -20.48
N ILE B 547 -53.47 -4.04 -20.56
CA ILE B 547 -53.94 -4.79 -19.39
C ILE B 547 -52.77 -5.53 -18.75
N ILE B 548 -52.09 -6.35 -19.55
CA ILE B 548 -50.88 -7.02 -19.07
C ILE B 548 -49.87 -6.05 -18.43
N VAL B 549 -49.55 -4.95 -19.12
CA VAL B 549 -48.58 -4.00 -18.58
C VAL B 549 -49.03 -3.46 -17.22
N VAL B 550 -50.32 -3.15 -17.11
CA VAL B 550 -50.87 -2.64 -15.85
C VAL B 550 -50.81 -3.68 -14.75
N GLY B 551 -51.25 -4.90 -15.07
CA GLY B 551 -51.17 -6.01 -14.13
C GLY B 551 -49.75 -6.29 -13.68
N MET B 552 -48.78 -6.08 -14.58
CA MET B 552 -47.37 -6.25 -14.24
C MET B 552 -46.98 -5.26 -13.16
N ALA B 553 -47.24 -3.99 -13.43
CA ALA B 553 -46.90 -2.92 -12.50
C ALA B 553 -47.57 -3.18 -11.15
N TYR B 554 -48.85 -3.55 -11.20
CA TYR B 554 -49.59 -3.89 -10.00
C TYR B 554 -48.95 -5.04 -9.22
N LEU B 555 -48.71 -6.16 -9.89
CA LEU B 555 -48.07 -7.32 -9.26
C LEU B 555 -46.70 -6.96 -8.70
N PHE B 556 -45.96 -6.15 -9.45
CA PHE B 556 -44.60 -5.80 -9.11
C PHE B 556 -44.55 -4.96 -7.85
N VAL B 557 -45.50 -4.05 -7.71
CA VAL B 557 -45.50 -3.11 -6.61
C VAL B 557 -45.91 -3.77 -5.28
N ARG B 558 -46.62 -4.89 -5.39
CA ARG B 558 -47.08 -5.60 -4.20
C ARG B 558 -46.18 -6.78 -3.83
N LEU B 559 -45.21 -7.10 -4.67
CA LEU B 559 -44.29 -8.18 -4.35
C LEU B 559 -43.21 -7.69 -3.39
N PRO B 560 -43.21 -8.23 -2.16
CA PRO B 560 -42.22 -7.78 -1.18
C PRO B 560 -40.82 -8.17 -1.64
N SER B 561 -39.84 -7.33 -1.34
CA SER B 561 -38.47 -7.61 -1.74
C SER B 561 -37.65 -8.16 -0.58
N SER B 562 -36.65 -8.98 -0.93
CA SER B 562 -35.66 -9.45 0.03
C SER B 562 -34.33 -9.52 -0.70
N PHE B 563 -33.32 -10.07 -0.05
CA PHE B 563 -32.01 -10.22 -0.67
C PHE B 563 -31.82 -11.64 -1.15
N LEU B 564 -31.68 -12.55 -0.19
CA LEU B 564 -31.35 -13.94 -0.47
C LEU B 564 -32.16 -14.82 0.47
N PRO B 565 -32.78 -15.87 -0.09
CA PRO B 565 -33.66 -16.74 0.71
C PRO B 565 -32.92 -17.49 1.81
N ASP B 566 -33.56 -17.64 2.96
CA ASP B 566 -33.05 -18.48 4.03
C ASP B 566 -33.00 -19.93 3.58
N GLU B 567 -32.13 -20.70 4.22
CA GLU B 567 -31.95 -22.10 3.89
C GLU B 567 -32.01 -22.92 5.17
N ASP B 568 -32.30 -24.21 5.03
CA ASP B 568 -32.07 -25.13 6.13
C ASP B 568 -30.60 -25.51 6.02
N GLN B 569 -29.74 -24.73 6.68
CA GLN B 569 -28.31 -24.99 6.66
C GLN B 569 -27.91 -26.03 7.70
N GLY B 570 -28.90 -26.68 8.32
CA GLY B 570 -28.63 -27.75 9.26
C GLY B 570 -28.26 -27.26 10.65
N VAL B 571 -28.37 -25.95 10.86
CA VAL B 571 -28.07 -25.36 12.15
C VAL B 571 -28.94 -24.12 12.31
N PHE B 572 -29.15 -23.69 13.55
CA PHE B 572 -29.78 -22.40 13.81
C PHE B 572 -29.39 -21.93 15.21
N MET B 573 -29.80 -20.72 15.55
CA MET B 573 -29.43 -20.11 16.83
C MET B 573 -30.65 -19.92 17.71
N THR B 574 -30.42 -19.92 19.01
CA THR B 574 -31.42 -19.45 19.97
C THR B 574 -30.77 -18.50 20.97
N MET B 575 -31.39 -17.34 21.14
CA MET B 575 -30.87 -16.27 21.98
C MET B 575 -31.46 -16.37 23.37
N VAL B 576 -30.64 -16.10 24.38
CA VAL B 576 -31.12 -16.11 25.76
C VAL B 576 -30.75 -14.79 26.38
N GLN B 577 -31.77 -14.01 26.76
CA GLN B 577 -31.57 -12.71 27.36
C GLN B 577 -32.33 -12.69 28.69
N LEU B 578 -31.61 -12.48 29.79
CA LEU B 578 -32.25 -12.34 31.10
C LEU B 578 -32.24 -10.86 31.41
N PRO B 579 -32.96 -10.44 32.47
CA PRO B 579 -32.99 -9.01 32.82
C PRO B 579 -31.60 -8.53 33.17
N ALA B 580 -31.34 -7.23 33.05
CA ALA B 580 -30.05 -6.66 33.41
C ALA B 580 -29.71 -7.00 34.85
N GLY B 581 -28.44 -7.27 35.14
CA GLY B 581 -27.99 -7.55 36.49
C GLY B 581 -28.14 -9.01 36.91
N ALA B 582 -28.73 -9.81 36.03
CA ALA B 582 -28.89 -11.24 36.29
C ALA B 582 -27.50 -11.91 36.25
N THR B 583 -27.32 -12.94 37.08
CA THR B 583 -26.00 -13.55 37.24
C THR B 583 -25.80 -14.73 36.30
N GLN B 584 -24.54 -15.11 36.13
CA GLN B 584 -24.15 -16.22 35.26
C GLN B 584 -24.90 -17.48 35.63
N GLU B 585 -25.08 -17.72 36.92
CA GLU B 585 -25.80 -18.90 37.36
C GLU B 585 -27.27 -18.89 36.92
N ARG B 586 -27.93 -17.75 36.99
CA ARG B 586 -29.32 -17.66 36.50
C ARG B 586 -29.37 -17.96 35.01
N THR B 587 -28.47 -17.36 34.24
CA THR B 587 -28.46 -17.58 32.81
C THR B 587 -28.20 -19.06 32.51
N GLN B 588 -27.36 -19.71 33.30
CA GLN B 588 -27.03 -21.12 33.05
C GLN B 588 -28.27 -21.99 33.22
N LYS B 589 -29.09 -21.68 34.23
CA LYS B 589 -30.35 -22.39 34.44
C LYS B 589 -31.30 -22.30 33.24
N VAL B 590 -31.34 -21.15 32.58
CA VAL B 590 -32.21 -21.00 31.42
C VAL B 590 -31.65 -21.78 30.24
N LEU B 591 -30.34 -21.67 30.03
CA LEU B 591 -29.67 -22.43 28.96
C LEU B 591 -29.86 -23.94 29.12
N ASN B 592 -29.79 -24.42 30.36
CA ASN B 592 -29.99 -25.84 30.67
C ASN B 592 -31.39 -26.29 30.29
N GLU B 593 -32.35 -25.40 30.53
CA GLU B 593 -33.74 -25.69 30.25
C GLU B 593 -33.92 -25.65 28.73
N VAL B 594 -33.26 -24.71 28.07
CA VAL B 594 -33.26 -24.65 26.61
C VAL B 594 -32.67 -25.92 25.98
N THR B 595 -31.46 -26.25 26.40
CA THR B 595 -30.80 -27.46 25.92
C THR B 595 -31.67 -28.68 26.16
N HIS B 596 -32.30 -28.75 27.32
CA HIS B 596 -33.13 -29.89 27.66
C HIS B 596 -34.32 -30.01 26.72
N TYR B 597 -34.91 -28.87 26.34
CA TYR B 597 -36.00 -28.88 25.37
C TYR B 597 -35.60 -29.50 24.03
N TYR B 598 -34.46 -29.10 23.47
CA TYR B 598 -34.06 -29.57 22.15
C TYR B 598 -33.74 -31.07 22.10
N LEU B 599 -33.04 -31.56 23.13
CA LEU B 599 -32.62 -32.97 23.19
C LEU B 599 -33.78 -33.87 23.58
N THR B 600 -34.90 -33.25 23.93
CA THR B 600 -36.07 -33.96 24.42
C THR B 600 -37.24 -33.82 23.44
N LYS B 601 -37.68 -32.59 23.22
CA LYS B 601 -38.79 -32.30 22.33
C LYS B 601 -38.41 -32.40 20.85
N GLU B 602 -37.13 -32.19 20.53
CA GLU B 602 -36.67 -32.26 19.15
C GLU B 602 -35.66 -33.39 18.95
N LYS B 603 -35.67 -34.30 19.92
CA LYS B 603 -34.90 -35.54 19.91
C LYS B 603 -34.62 -36.12 18.51
N ASN B 604 -35.62 -36.08 17.63
CA ASN B 604 -35.50 -36.68 16.29
C ASN B 604 -34.78 -35.81 15.25
N ASN B 605 -34.71 -34.52 15.53
CA ASN B 605 -34.11 -33.57 14.60
C ASN B 605 -32.74 -33.02 15.04
N VAL B 606 -32.55 -32.92 16.35
CA VAL B 606 -31.39 -32.23 16.91
C VAL B 606 -30.24 -33.17 17.25
N GLU B 607 -29.06 -32.87 16.71
CA GLU B 607 -27.86 -33.64 17.01
C GLU B 607 -27.20 -33.11 18.27
N SER B 608 -27.16 -31.79 18.42
CA SER B 608 -26.44 -31.21 19.54
C SER B 608 -26.85 -29.77 19.82
N VAL B 609 -26.73 -29.38 21.08
CA VAL B 609 -26.86 -27.99 21.47
C VAL B 609 -25.52 -27.47 22.02
N PHE B 610 -25.01 -26.40 21.42
CA PHE B 610 -23.77 -25.81 21.91
C PHE B 610 -24.15 -24.54 22.65
N ALA B 611 -24.14 -24.61 23.98
CA ALA B 611 -24.61 -23.50 24.81
C ALA B 611 -23.48 -22.61 25.23
N VAL B 612 -23.56 -21.32 24.90
CA VAL B 612 -22.51 -20.39 25.28
C VAL B 612 -23.08 -19.36 26.26
N ASN B 613 -22.84 -19.60 27.54
CA ASN B 613 -23.28 -18.67 28.58
C ASN B 613 -22.32 -17.51 28.74
N GLY B 614 -22.83 -16.29 28.61
CA GLY B 614 -22.01 -15.10 28.77
C GLY B 614 -21.71 -14.40 27.46
N PHE B 615 -22.16 -14.95 26.35
CA PHE B 615 -21.91 -14.33 25.07
C PHE B 615 -23.21 -13.81 24.46
N GLY B 616 -23.17 -12.60 23.93
CA GLY B 616 -24.30 -12.03 23.22
C GLY B 616 -23.78 -11.29 22.00
N PHE B 617 -24.68 -10.90 21.09
CA PHE B 617 -24.26 -10.22 19.87
C PHE B 617 -24.19 -8.70 20.02
N ALA B 618 -25.16 -8.14 20.74
CA ALA B 618 -25.19 -6.69 20.96
C ALA B 618 -24.93 -6.37 22.42
N GLY B 619 -23.89 -6.97 22.98
CA GLY B 619 -23.57 -6.81 24.38
C GLY B 619 -23.30 -8.14 25.05
N ARG B 620 -22.24 -8.18 25.88
CA ARG B 620 -21.92 -9.36 26.65
C ARG B 620 -22.26 -9.14 28.11
N GLY B 621 -21.95 -10.13 28.95
CA GLY B 621 -22.26 -10.02 30.37
C GLY B 621 -22.89 -11.29 30.89
N GLN B 622 -23.05 -11.34 32.21
CA GLN B 622 -23.55 -12.55 32.84
C GLN B 622 -25.00 -12.87 32.51
N ASN B 623 -25.74 -11.89 32.03
CA ASN B 623 -27.19 -12.07 31.82
C ASN B 623 -27.57 -12.46 30.40
N THR B 624 -26.56 -12.83 29.61
CA THR B 624 -26.80 -13.14 28.20
C THR B 624 -26.17 -14.47 27.80
N GLY B 625 -26.78 -15.15 26.83
CA GLY B 625 -26.23 -16.39 26.33
C GLY B 625 -26.83 -16.82 25.00
N ILE B 626 -26.20 -17.79 24.34
CA ILE B 626 -26.69 -18.33 23.07
C ILE B 626 -26.62 -19.85 23.07
N ALA B 627 -27.61 -20.48 22.45
CA ALA B 627 -27.62 -21.92 22.31
C ALA B 627 -27.59 -22.23 20.82
N PHE B 628 -26.46 -22.76 20.34
CA PHE B 628 -26.29 -23.00 18.92
C PHE B 628 -26.69 -24.44 18.61
N VAL B 629 -27.73 -24.59 17.80
CA VAL B 629 -28.32 -25.90 17.57
C VAL B 629 -27.89 -26.53 16.26
N SER B 630 -27.37 -27.77 16.34
CA SER B 630 -26.96 -28.52 15.15
C SER B 630 -27.93 -29.67 14.93
N LEU B 631 -28.39 -29.81 13.69
CA LEU B 631 -29.41 -30.81 13.37
C LEU B 631 -28.81 -32.07 12.76
N LYS B 632 -29.59 -33.14 12.72
CA LYS B 632 -29.21 -34.29 11.94
C LYS B 632 -29.28 -33.93 10.45
N ASP B 633 -28.67 -34.77 9.62
CA ASP B 633 -28.64 -34.52 8.18
C ASP B 633 -30.04 -34.44 7.61
N TRP B 634 -30.24 -33.56 6.64
CA TRP B 634 -31.53 -33.39 5.98
C TRP B 634 -32.20 -34.74 5.69
N ALA B 635 -31.40 -35.71 5.26
CA ALA B 635 -31.89 -37.04 4.91
C ALA B 635 -32.69 -37.72 6.02
N ASP B 636 -32.47 -37.31 7.26
CA ASP B 636 -33.19 -37.91 8.39
C ASP B 636 -34.22 -36.94 8.96
N ARG B 637 -34.42 -35.83 8.26
CA ARG B 637 -35.45 -34.87 8.64
C ARG B 637 -36.46 -34.72 7.52
N PRO B 638 -37.14 -35.82 7.15
CA PRO B 638 -38.09 -35.77 6.04
C PRO B 638 -39.28 -34.95 6.47
N GLY B 639 -39.74 -34.03 5.63
CA GLY B 639 -40.93 -33.27 5.94
C GLY B 639 -40.69 -31.82 6.31
N GLU B 640 -41.55 -30.96 5.79
CA GLU B 640 -41.48 -29.53 6.03
C GLU B 640 -41.50 -29.18 7.52
N GLU B 641 -41.99 -30.13 8.34
CA GLU B 641 -42.15 -29.91 9.77
C GLU B 641 -40.87 -30.19 10.56
N ASN B 642 -39.96 -30.93 9.97
CA ASN B 642 -38.68 -31.23 10.59
C ASN B 642 -37.54 -30.43 9.97
N LYS B 643 -37.88 -29.30 9.35
CA LYS B 643 -36.88 -28.39 8.79
C LYS B 643 -36.76 -27.18 9.70
N VAL B 644 -35.66 -26.42 9.57
CA VAL B 644 -35.33 -25.33 10.48
C VAL B 644 -36.48 -24.37 10.78
N GLU B 645 -37.10 -23.79 9.76
CA GLU B 645 -38.17 -22.82 10.01
C GLU B 645 -39.22 -23.40 10.97
N ALA B 646 -39.60 -24.66 10.74
CA ALA B 646 -40.62 -25.31 11.58
C ALA B 646 -40.14 -25.51 13.04
N ILE B 647 -38.98 -26.15 13.18
CA ILE B 647 -38.37 -26.36 14.49
C ILE B 647 -38.27 -25.02 15.21
N THR B 648 -37.66 -24.06 14.54
CA THR B 648 -37.54 -22.69 15.03
C THR B 648 -38.86 -22.15 15.59
N MET B 649 -39.90 -22.16 14.76
CA MET B 649 -41.19 -21.61 15.17
C MET B 649 -41.69 -22.29 16.45
N ARG B 650 -41.67 -23.63 16.45
CA ARG B 650 -42.07 -24.40 17.63
C ARG B 650 -41.22 -24.05 18.84
N ALA B 651 -39.91 -23.96 18.64
CA ALA B 651 -39.00 -23.61 19.73
C ALA B 651 -39.39 -22.28 20.36
N THR B 652 -39.50 -21.24 19.54
CA THR B 652 -39.80 -19.91 20.07
C THR B 652 -41.14 -19.90 20.80
N ARG B 653 -42.08 -20.71 20.33
CA ARG B 653 -43.40 -20.78 20.97
C ARG B 653 -43.28 -21.43 22.34
N ALA B 654 -42.54 -22.53 22.40
CA ALA B 654 -42.35 -23.24 23.66
C ALA B 654 -41.67 -22.37 24.73
N PHE B 655 -40.75 -21.50 24.29
CA PHE B 655 -39.99 -20.63 25.20
C PHE B 655 -40.71 -19.33 25.54
N SER B 656 -41.78 -19.00 24.80
CA SER B 656 -42.53 -17.78 25.07
C SER B 656 -43.00 -17.80 26.52
N GLN B 657 -42.89 -18.98 27.12
CA GLN B 657 -43.42 -19.25 28.46
C GLN B 657 -42.37 -19.10 29.57
N ILE B 658 -41.10 -19.09 29.21
CA ILE B 658 -40.03 -18.96 30.20
C ILE B 658 -40.23 -17.68 30.99
N LYS B 659 -40.22 -17.79 32.32
CA LYS B 659 -40.49 -16.68 33.22
C LYS B 659 -39.69 -15.41 32.90
N ASP B 660 -38.68 -15.13 33.70
CA ASP B 660 -37.93 -13.89 33.55
C ASP B 660 -36.72 -14.04 32.60
N ALA B 661 -37.04 -14.20 31.32
CA ALA B 661 -36.05 -14.34 30.27
C ALA B 661 -36.73 -14.19 28.92
N MET B 662 -36.03 -13.59 27.97
CA MET B 662 -36.47 -13.61 26.58
C MET B 662 -35.66 -14.67 25.84
N VAL B 663 -36.36 -15.69 25.35
CA VAL B 663 -35.68 -16.79 24.67
C VAL B 663 -36.34 -17.04 23.31
N PHE B 664 -35.54 -17.17 22.26
CA PHE B 664 -36.12 -17.45 20.94
C PHE B 664 -35.14 -17.94 19.91
N ALA B 665 -35.66 -18.65 18.92
CA ALA B 665 -34.86 -19.33 17.93
C ALA B 665 -35.05 -18.67 16.58
N PHE B 666 -34.04 -18.74 15.72
CA PHE B 666 -34.13 -18.19 14.38
C PHE B 666 -33.12 -18.81 13.45
N ASN B 667 -33.47 -18.84 12.16
CA ASN B 667 -32.57 -19.33 11.13
C ASN B 667 -31.44 -18.33 10.94
N LEU B 668 -30.36 -18.79 10.33
CA LEU B 668 -29.25 -17.91 9.98
C LEU B 668 -29.53 -17.22 8.66
N PRO B 669 -29.07 -15.97 8.51
CA PRO B 669 -29.16 -15.29 7.22
C PRO B 669 -28.18 -15.92 6.23
N ALA B 670 -28.49 -15.92 4.95
CA ALA B 670 -27.57 -16.47 3.96
C ALA B 670 -26.21 -15.77 4.07
N ILE B 671 -26.26 -14.45 4.21
CA ILE B 671 -25.05 -13.64 4.37
C ILE B 671 -25.33 -12.54 5.40
N VAL B 672 -24.67 -12.64 6.54
CA VAL B 672 -24.97 -11.82 7.72
C VAL B 672 -25.00 -10.31 7.48
N GLU B 673 -24.06 -9.84 6.66
CA GLU B 673 -23.84 -8.41 6.45
C GLU B 673 -25.00 -7.63 5.80
N LEU B 674 -25.90 -8.35 5.13
CA LEU B 674 -26.98 -7.70 4.37
C LEU B 674 -28.14 -7.25 5.26
N GLY B 675 -28.12 -7.67 6.52
CA GLY B 675 -29.24 -7.42 7.41
C GLY B 675 -30.52 -7.81 6.71
N THR B 676 -31.61 -7.14 7.05
CA THR B 676 -32.89 -7.38 6.37
C THR B 676 -33.06 -6.39 5.23
N ALA B 677 -33.53 -6.87 4.09
CA ALA B 677 -34.05 -5.98 3.07
C ALA B 677 -35.39 -5.54 3.62
N THR B 678 -35.41 -4.35 4.20
CA THR B 678 -36.57 -3.86 4.94
C THR B 678 -36.09 -3.16 6.21
N GLY B 679 -34.92 -3.58 6.70
CA GLY B 679 -34.36 -3.06 7.94
C GLY B 679 -33.51 -1.83 7.72
N PHE B 680 -33.35 -1.03 8.76
CA PHE B 680 -32.48 0.14 8.66
C PHE B 680 -31.59 0.21 9.90
N ASP B 681 -30.52 0.98 9.81
CA ASP B 681 -29.51 1.00 10.86
C ASP B 681 -29.13 2.45 11.11
N PHE B 682 -29.61 3.00 12.22
CA PHE B 682 -29.61 4.44 12.45
C PHE B 682 -28.72 4.74 13.65
N GLU B 683 -27.97 5.83 13.58
CA GLU B 683 -27.11 6.24 14.69
C GLU B 683 -27.57 7.57 15.26
N LEU B 684 -27.85 7.60 16.56
CA LEU B 684 -28.14 8.87 17.22
C LEU B 684 -26.82 9.41 17.80
N ILE B 685 -26.56 10.69 17.62
CA ILE B 685 -25.22 11.23 17.91
C ILE B 685 -25.23 12.45 18.81
N ASP B 686 -24.37 12.42 19.81
CA ASP B 686 -24.16 13.57 20.70
C ASP B 686 -23.18 14.54 20.05
N GLN B 687 -23.72 15.63 19.51
CA GLN B 687 -22.93 16.57 18.70
C GLN B 687 -22.39 17.74 19.50
N ALA B 688 -22.62 17.76 20.80
CA ALA B 688 -22.35 18.98 21.56
C ALA B 688 -21.97 18.72 23.00
N GLY B 689 -21.35 17.59 23.28
CA GLY B 689 -20.91 17.28 24.62
C GLY B 689 -22.08 17.24 25.58
N LEU B 690 -23.22 16.73 25.10
CA LEU B 690 -24.41 16.64 25.96
C LEU B 690 -24.23 15.61 27.09
N GLY B 691 -23.51 14.51 26.81
CA GLY B 691 -23.32 13.48 27.82
C GLY B 691 -24.31 12.33 27.68
N HIS B 692 -23.98 11.22 28.35
CA HIS B 692 -24.70 9.96 28.20
C HIS B 692 -26.18 10.05 28.59
N GLU B 693 -26.48 10.71 29.70
CA GLU B 693 -27.86 10.75 30.18
C GLU B 693 -28.79 11.51 29.23
N LYS B 694 -28.33 12.66 28.74
CA LYS B 694 -29.12 13.43 27.80
C LYS B 694 -29.27 12.72 26.45
N LEU B 695 -28.23 12.01 26.02
CA LEU B 695 -28.33 11.24 24.78
C LEU B 695 -29.39 10.20 24.99
N THR B 696 -29.38 9.57 26.16
CA THR B 696 -30.36 8.53 26.46
C THR B 696 -31.78 9.09 26.41
N GLN B 697 -31.97 10.27 27.00
CA GLN B 697 -33.29 10.90 27.00
C GLN B 697 -33.74 11.18 25.57
N ALA B 698 -32.85 11.70 24.74
CA ALA B 698 -33.21 11.98 23.35
C ALA B 698 -33.53 10.68 22.61
N ARG B 699 -32.72 9.65 22.83
CA ARG B 699 -33.02 8.32 22.26
C ARG B 699 -34.45 7.92 22.62
N ASN B 700 -34.79 8.00 23.90
CA ASN B 700 -36.11 7.58 24.37
C ASN B 700 -37.22 8.41 23.73
N GLN B 701 -36.98 9.71 23.64
CA GLN B 701 -37.92 10.60 22.97
C GLN B 701 -38.11 10.15 21.53
N LEU B 702 -37.02 9.80 20.84
CA LEU B 702 -37.11 9.32 19.47
C LEU B 702 -37.91 8.02 19.38
N LEU B 703 -37.61 7.07 20.27
CA LEU B 703 -38.27 5.76 20.24
C LEU B 703 -39.76 5.86 20.52
N ALA B 704 -40.15 6.79 21.38
CA ALA B 704 -41.57 6.99 21.70
C ALA B 704 -42.32 7.54 20.49
N GLU B 705 -41.70 8.47 19.76
CA GLU B 705 -42.36 9.01 18.57
C GLU B 705 -42.45 7.97 17.45
N ALA B 706 -41.37 7.21 17.24
CA ALA B 706 -41.41 6.13 16.26
C ALA B 706 -42.59 5.20 16.51
N ALA B 707 -42.87 4.95 17.79
CA ALA B 707 -43.85 3.96 18.18
C ALA B 707 -45.27 4.43 17.87
N LYS B 708 -45.43 5.70 17.52
CA LYS B 708 -46.74 6.24 17.16
C LYS B 708 -46.95 6.20 15.65
N HIS B 709 -45.98 5.64 14.92
CA HIS B 709 -46.17 5.42 13.49
C HIS B 709 -46.05 3.94 13.08
N PRO B 710 -46.91 3.08 13.64
CA PRO B 710 -46.85 1.65 13.29
C PRO B 710 -47.11 1.44 11.80
N ASP B 711 -47.77 2.41 11.18
CA ASP B 711 -48.08 2.38 9.76
C ASP B 711 -46.84 2.49 8.88
N MET B 712 -45.74 2.98 9.45
CA MET B 712 -44.52 3.20 8.69
C MET B 712 -43.32 2.49 9.31
N LEU B 713 -43.26 2.48 10.63
CA LEU B 713 -42.10 1.95 11.35
C LEU B 713 -42.50 0.76 12.20
N THR B 714 -41.68 -0.28 12.19
CA THR B 714 -41.93 -1.40 13.09
C THR B 714 -40.66 -1.88 13.81
N SER B 715 -40.81 -2.24 15.09
CA SER B 715 -39.71 -2.75 15.90
C SER B 715 -38.52 -1.79 15.99
N VAL B 716 -38.81 -0.49 16.06
CA VAL B 716 -37.76 0.51 16.28
C VAL B 716 -37.23 0.36 17.71
N ARG B 717 -35.96 0.02 17.84
CA ARG B 717 -35.40 -0.36 19.13
C ARG B 717 -33.89 -0.06 19.19
N PRO B 718 -33.37 0.11 20.42
CA PRO B 718 -31.93 0.35 20.58
C PRO B 718 -31.18 -0.94 20.34
N ASN B 719 -29.97 -0.88 19.81
CA ASN B 719 -29.23 -2.10 19.58
C ASN B 719 -28.45 -2.47 20.84
N GLY B 720 -28.17 -1.49 21.69
CA GLY B 720 -27.32 -1.67 22.85
C GLY B 720 -27.99 -1.93 24.19
N LEU B 721 -27.29 -1.58 25.27
CA LEU B 721 -27.71 -1.97 26.63
C LEU B 721 -28.15 -0.79 27.49
N GLU B 722 -29.10 -1.04 28.39
CA GLU B 722 -29.61 -0.01 29.30
C GLU B 722 -28.69 0.15 30.52
N ASP B 723 -28.73 1.33 31.15
CA ASP B 723 -27.91 1.56 32.34
C ASP B 723 -28.34 0.58 33.43
N THR B 724 -27.44 0.27 34.35
CA THR B 724 -27.67 -0.69 35.42
C THR B 724 -27.09 -0.15 36.72
N PRO B 725 -27.50 -0.74 37.86
CA PRO B 725 -26.93 -0.29 39.15
C PRO B 725 -25.44 -0.61 39.19
N GLN B 726 -24.65 0.31 39.72
CA GLN B 726 -23.24 0.07 39.92
C GLN B 726 -22.86 0.64 41.28
N PHE B 727 -21.78 0.10 41.83
CA PHE B 727 -21.37 0.35 43.19
C PHE B 727 -20.25 1.37 43.18
N LYS B 728 -20.57 2.59 43.60
CA LYS B 728 -19.64 3.69 43.57
C LYS B 728 -18.91 3.78 44.90
N ILE B 729 -17.59 3.63 44.87
CA ILE B 729 -16.84 3.70 46.12
C ILE B 729 -15.91 4.92 46.10
N ASP B 730 -16.01 5.76 47.12
CA ASP B 730 -15.18 6.96 47.19
C ASP B 730 -14.04 6.78 48.20
N ILE B 731 -12.81 6.91 47.74
CA ILE B 731 -11.66 6.89 48.65
C ILE B 731 -11.50 8.27 49.30
N ASP B 732 -11.47 8.34 50.63
CA ASP B 732 -11.25 9.62 51.29
C ASP B 732 -9.76 9.95 51.35
N GLN B 733 -9.33 10.87 50.51
CA GLN B 733 -7.90 11.22 50.44
C GLN B 733 -7.36 11.69 51.78
N GLU B 734 -8.12 12.54 52.47
CA GLU B 734 -7.66 13.09 53.73
C GLU B 734 -7.39 12.00 54.75
N LYS B 735 -8.33 11.06 54.88
CA LYS B 735 -8.19 9.98 55.85
C LYS B 735 -7.03 9.08 55.46
N ALA B 736 -6.86 8.83 54.17
CA ALA B 736 -5.74 8.01 53.70
C ALA B 736 -4.41 8.66 54.12
N GLN B 737 -4.31 9.96 53.91
CA GLN B 737 -3.10 10.70 54.22
C GLN B 737 -2.87 10.76 55.72
N ALA B 738 -3.94 10.88 56.48
CA ALA B 738 -3.84 10.90 57.95
C ALA B 738 -3.37 9.54 58.50
N LEU B 739 -3.74 8.46 57.83
CA LEU B 739 -3.41 7.12 58.30
C LEU B 739 -2.08 6.64 57.73
N GLY B 740 -1.54 7.40 56.78
CA GLY B 740 -0.29 7.04 56.14
C GLY B 740 -0.46 5.90 55.14
N VAL B 741 -1.62 5.84 54.50
CA VAL B 741 -1.90 4.81 53.50
C VAL B 741 -1.86 5.40 52.10
N SER B 742 -1.00 4.87 51.23
CA SER B 742 -0.88 5.43 49.88
C SER B 742 -2.03 5.03 48.96
N ILE B 743 -2.46 5.98 48.13
CA ILE B 743 -3.54 5.75 47.19
C ILE B 743 -3.19 4.60 46.28
N ASN B 744 -1.92 4.47 45.94
CA ASN B 744 -1.49 3.40 45.06
C ASN B 744 -1.69 2.01 45.65
N ASP B 745 -1.35 1.84 46.94
CA ASP B 745 -1.61 0.57 47.62
C ASP B 745 -3.12 0.32 47.71
N ILE B 746 -3.87 1.37 47.98
CA ILE B 746 -5.32 1.27 48.07
C ILE B 746 -5.89 0.79 46.73
N ASN B 747 -5.53 1.48 45.65
CA ASN B 747 -6.11 1.19 44.35
C ASN B 747 -5.67 -0.15 43.75
N THR B 748 -4.42 -0.55 43.96
CA THR B 748 -4.07 -1.88 43.46
C THR B 748 -4.62 -2.99 44.35
N THR B 749 -4.68 -2.76 45.65
CA THR B 749 -5.34 -3.73 46.52
C THR B 749 -6.79 -3.98 46.03
N LEU B 750 -7.52 -2.91 45.77
CA LEU B 750 -8.91 -3.02 45.32
C LEU B 750 -9.01 -3.68 43.95
N GLY B 751 -8.28 -3.15 42.98
CA GLY B 751 -8.34 -3.66 41.61
C GLY B 751 -7.81 -5.09 41.46
N ALA B 752 -6.67 -5.35 42.06
CA ALA B 752 -6.08 -6.70 41.99
C ALA B 752 -7.02 -7.72 42.63
N ALA B 753 -7.55 -7.39 43.79
CA ALA B 753 -8.44 -8.31 44.50
C ALA B 753 -9.77 -8.50 43.78
N TRP B 754 -10.45 -7.41 43.45
CA TRP B 754 -11.81 -7.51 42.93
C TRP B 754 -11.87 -7.58 41.42
N GLY B 755 -10.89 -7.02 40.74
CA GLY B 755 -10.91 -7.03 39.29
C GLY B 755 -9.94 -8.01 38.66
N GLY B 756 -8.93 -8.42 39.44
CA GLY B 756 -7.88 -9.27 38.90
C GLY B 756 -6.76 -8.45 38.29
N SER B 757 -5.55 -9.00 38.32
CA SER B 757 -4.41 -8.28 37.76
C SER B 757 -3.40 -9.20 37.04
N TYR B 758 -3.13 -8.91 35.77
CA TYR B 758 -2.12 -9.63 34.99
C TYR B 758 -0.74 -9.23 35.50
N VAL B 759 -0.04 -10.14 36.16
CA VAL B 759 1.25 -9.81 36.79
C VAL B 759 2.42 -9.91 35.81
N ASN B 760 2.70 -11.11 35.33
CA ASN B 760 3.73 -11.35 34.31
C ASN B 760 3.54 -12.73 33.69
N ASP B 761 4.57 -13.24 33.03
CA ASP B 761 4.46 -14.52 32.32
C ASP B 761 5.28 -15.63 32.98
N PHE B 762 4.87 -16.88 32.74
CA PHE B 762 5.64 -18.03 33.16
C PHE B 762 5.65 -19.01 31.98
N ILE B 763 6.35 -20.12 32.15
CA ILE B 763 6.49 -21.08 31.06
C ILE B 763 5.96 -22.44 31.48
N ASP B 764 4.88 -22.86 30.85
CA ASP B 764 4.16 -24.08 31.23
C ASP B 764 4.42 -25.09 30.13
N ARG B 765 5.29 -26.06 30.42
CA ARG B 765 5.65 -27.08 29.43
C ARG B 765 6.09 -26.47 28.10
N GLY B 766 6.99 -25.49 28.15
CA GLY B 766 7.57 -24.95 26.93
C GLY B 766 6.76 -23.87 26.23
N ARG B 767 5.58 -23.53 26.77
CA ARG B 767 4.76 -22.45 26.22
C ARG B 767 4.59 -21.32 27.25
N VAL B 768 4.82 -20.09 26.81
CA VAL B 768 4.68 -18.92 27.68
C VAL B 768 3.20 -18.63 27.98
N LYS B 769 2.88 -18.42 29.26
CA LYS B 769 1.49 -18.19 29.66
C LYS B 769 1.42 -17.12 30.72
N LYS B 770 0.21 -16.59 30.96
CA LYS B 770 0.06 -15.45 31.87
C LYS B 770 -0.09 -15.89 33.31
N VAL B 771 0.28 -15.00 34.23
CA VAL B 771 0.07 -15.17 35.66
C VAL B 771 -0.94 -14.09 36.09
N TYR B 772 -2.01 -14.50 36.79
CA TYR B 772 -3.03 -13.56 37.30
C TYR B 772 -3.20 -13.69 38.81
N VAL B 773 -3.27 -12.56 39.53
CA VAL B 773 -3.70 -12.58 40.93
C VAL B 773 -5.14 -12.04 41.01
N MET B 774 -5.93 -12.56 41.92
CA MET B 774 -7.30 -12.07 42.09
C MET B 774 -7.80 -12.70 43.37
N SER B 775 -8.79 -12.09 44.01
CA SER B 775 -9.33 -12.68 45.23
C SER B 775 -10.03 -13.99 44.92
N GLU B 776 -9.98 -14.95 45.85
CA GLU B 776 -10.88 -16.11 45.76
C GLU B 776 -12.30 -15.58 45.71
N ALA B 777 -13.17 -16.27 44.98
CA ALA B 777 -14.51 -15.77 44.73
C ALA B 777 -15.23 -15.28 46.00
N LYS B 778 -15.20 -16.08 47.05
CA LYS B 778 -16.00 -15.76 48.22
C LYS B 778 -15.60 -14.49 48.95
N TYR B 779 -14.52 -13.83 48.56
CA TYR B 779 -14.16 -12.59 49.25
C TYR B 779 -14.36 -11.35 48.39
N ARG B 780 -14.98 -11.53 47.24
CA ARG B 780 -15.28 -10.42 46.35
C ARG B 780 -16.70 -10.49 45.79
N MET B 781 -17.66 -10.88 46.62
CA MET B 781 -19.02 -11.07 46.13
C MET B 781 -19.97 -9.92 46.50
N LEU B 782 -19.77 -9.31 47.67
CA LEU B 782 -20.75 -8.36 48.21
C LEU B 782 -20.11 -7.16 48.88
N PRO B 783 -20.88 -6.06 49.02
CA PRO B 783 -20.39 -4.82 49.62
C PRO B 783 -19.71 -5.05 50.97
N ASP B 784 -20.30 -5.87 51.83
CA ASP B 784 -19.71 -6.17 53.13
C ASP B 784 -18.32 -6.80 53.01
N ASP B 785 -17.99 -7.37 51.86
CA ASP B 785 -16.67 -8.00 51.68
C ASP B 785 -15.57 -6.95 51.54
N ILE B 786 -15.96 -5.74 51.14
CA ILE B 786 -15.00 -4.66 50.95
C ILE B 786 -14.17 -4.44 52.21
N GLY B 787 -14.83 -4.41 53.36
CA GLY B 787 -14.16 -4.15 54.62
C GLY B 787 -13.30 -5.29 55.14
N ASP B 788 -13.22 -6.38 54.39
CA ASP B 788 -12.37 -7.48 54.82
C ASP B 788 -10.98 -7.37 54.20
N TRP B 789 -10.82 -6.44 53.27
CA TRP B 789 -9.52 -6.18 52.66
C TRP B 789 -8.77 -5.08 53.40
N TYR B 790 -7.53 -5.40 53.78
CA TYR B 790 -6.69 -4.49 54.55
C TYR B 790 -5.51 -4.00 53.72
N VAL B 791 -5.11 -2.76 53.97
CA VAL B 791 -3.94 -2.15 53.34
C VAL B 791 -2.94 -1.84 54.45
N ARG B 792 -1.63 -1.94 54.17
CA ARG B 792 -0.62 -1.63 55.19
C ARG B 792 -0.20 -0.16 55.15
N ALA B 793 -0.32 0.51 56.30
CA ALA B 793 0.07 1.91 56.41
C ALA B 793 1.60 2.01 56.47
N ALA B 794 2.13 3.19 56.23
CA ALA B 794 3.58 3.41 56.32
C ALA B 794 4.15 2.99 57.68
N ASP B 795 3.33 3.07 58.72
CA ASP B 795 3.79 2.75 60.07
C ASP B 795 3.53 1.29 60.46
N GLY B 796 3.15 0.47 59.47
CA GLY B 796 3.01 -0.96 59.71
C GLY B 796 1.62 -1.44 60.11
N GLN B 797 0.74 -0.53 60.49
CA GLN B 797 -0.60 -0.94 60.88
C GLN B 797 -1.42 -1.36 59.65
N MET B 798 -2.26 -2.37 59.82
CA MET B 798 -3.16 -2.81 58.76
C MET B 798 -4.48 -2.04 58.91
N VAL B 799 -4.91 -1.39 57.85
CA VAL B 799 -6.09 -0.53 57.91
C VAL B 799 -7.19 -1.10 57.02
N PRO B 800 -8.38 -1.38 57.60
CA PRO B 800 -9.48 -1.94 56.81
C PRO B 800 -9.96 -0.95 55.75
N PHE B 801 -10.43 -1.47 54.62
CA PHE B 801 -10.85 -0.60 53.53
C PHE B 801 -11.98 0.35 53.93
N SER B 802 -12.77 -0.07 54.91
CA SER B 802 -13.93 0.68 55.34
C SER B 802 -13.53 1.94 56.12
N ALA B 803 -12.27 2.00 56.56
CA ALA B 803 -11.83 3.13 57.38
C ALA B 803 -11.58 4.40 56.55
N PHE B 804 -11.34 4.24 55.26
CA PHE B 804 -11.01 5.38 54.40
C PHE B 804 -11.84 5.42 53.12
N SER B 805 -13.00 4.77 53.12
CA SER B 805 -13.85 4.76 51.94
C SER B 805 -15.31 4.89 52.31
N SER B 806 -16.14 5.27 51.34
CA SER B 806 -17.59 5.29 51.54
C SER B 806 -18.21 4.88 50.23
N SER B 807 -19.45 4.40 50.25
CA SER B 807 -20.03 3.83 49.04
C SER B 807 -21.52 4.12 48.88
N ARG B 808 -21.99 4.12 47.65
CA ARG B 808 -23.40 4.35 47.37
C ARG B 808 -23.73 3.68 46.04
N TRP B 809 -24.99 3.28 45.87
CA TRP B 809 -25.48 2.78 44.60
C TRP B 809 -25.78 3.95 43.64
N GLU B 810 -25.54 3.73 42.35
CA GLU B 810 -25.89 4.71 41.32
C GLU B 810 -26.13 3.93 40.04
N TYR B 811 -26.54 4.62 38.97
CA TYR B 811 -26.70 3.95 37.68
C TYR B 811 -25.58 4.38 36.75
N GLY B 812 -25.16 3.48 35.86
CA GLY B 812 -24.18 3.80 34.84
C GLY B 812 -24.30 2.83 33.68
N SER B 813 -23.59 3.10 32.59
CA SER B 813 -23.75 2.30 31.39
C SER B 813 -22.79 1.12 31.39
N PRO B 814 -23.30 -0.08 31.07
CA PRO B 814 -22.46 -1.27 30.91
C PRO B 814 -21.91 -1.41 29.51
N ARG B 815 -22.30 -0.48 28.64
CA ARG B 815 -21.83 -0.51 27.26
C ARG B 815 -22.03 0.86 26.62
N LEU B 816 -20.92 1.56 26.37
CA LEU B 816 -20.94 2.89 25.78
C LEU B 816 -20.55 2.81 24.31
N GLU B 817 -21.32 3.44 23.43
CA GLU B 817 -21.07 3.35 21.99
C GLU B 817 -20.62 4.70 21.46
N ARG B 818 -19.83 4.68 20.39
CA ARG B 818 -19.44 5.92 19.74
C ARG B 818 -19.50 5.70 18.25
N TYR B 819 -19.70 6.78 17.51
CA TYR B 819 -19.83 6.71 16.06
C TYR B 819 -19.08 7.90 15.50
N ASN B 820 -18.15 7.63 14.58
CA ASN B 820 -17.23 8.65 14.07
C ASN B 820 -16.64 9.53 15.16
N GLY B 821 -16.31 8.90 16.29
CA GLY B 821 -15.58 9.57 17.34
C GLY B 821 -16.42 10.30 18.39
N LEU B 822 -17.75 10.26 18.24
CA LEU B 822 -18.67 10.96 19.15
C LEU B 822 -19.59 9.95 19.83
N PRO B 823 -20.03 10.25 21.08
CA PRO B 823 -20.98 9.37 21.75
C PRO B 823 -22.21 9.14 20.86
N SER B 824 -22.73 7.92 20.87
CA SER B 824 -23.82 7.56 19.99
C SER B 824 -24.65 6.43 20.55
N MET B 825 -25.84 6.26 19.99
CA MET B 825 -26.67 5.08 20.28
C MET B 825 -27.26 4.57 18.97
N GLU B 826 -27.00 3.30 18.67
CA GLU B 826 -27.48 2.71 17.43
C GLU B 826 -28.92 2.30 17.60
N ILE B 827 -29.73 2.55 16.57
CA ILE B 827 -31.15 2.21 16.60
C ILE B 827 -31.46 1.36 15.37
N LEU B 828 -32.05 0.20 15.59
CA LEU B 828 -32.49 -0.67 14.50
C LEU B 828 -34.01 -0.59 14.34
N GLY B 829 -34.50 -0.92 13.15
CA GLY B 829 -35.93 -0.94 12.88
C GLY B 829 -36.16 -1.38 11.45
N GLN B 830 -37.42 -1.50 11.04
CA GLN B 830 -37.72 -1.84 9.66
C GLN B 830 -38.93 -1.09 9.15
N ALA B 831 -39.04 -0.99 7.82
CA ALA B 831 -40.24 -0.42 7.21
C ALA B 831 -41.41 -1.34 7.48
N ALA B 832 -42.55 -0.74 7.83
CA ALA B 832 -43.80 -1.50 7.98
C ALA B 832 -44.18 -2.18 6.67
N PRO B 833 -44.99 -3.25 6.74
CA PRO B 833 -45.39 -4.01 5.54
C PRO B 833 -45.97 -3.09 4.45
N GLY B 834 -45.55 -3.31 3.21
CA GLY B 834 -46.01 -2.49 2.10
C GLY B 834 -45.30 -1.16 1.98
N LYS B 835 -44.40 -0.87 2.92
CA LYS B 835 -43.66 0.39 2.90
C LYS B 835 -42.20 0.19 2.49
N SER B 836 -41.66 1.16 1.76
CA SER B 836 -40.26 1.08 1.35
C SER B 836 -39.36 1.46 2.51
N THR B 837 -38.12 0.98 2.50
CA THR B 837 -37.16 1.38 3.52
C THR B 837 -36.82 2.85 3.37
N GLY B 838 -36.80 3.33 2.13
CA GLY B 838 -36.57 4.74 1.88
C GLY B 838 -37.60 5.60 2.59
N GLU B 839 -38.85 5.16 2.56
CA GLU B 839 -39.94 5.86 3.24
C GLU B 839 -39.77 5.83 4.75
N ALA B 840 -39.47 4.65 5.28
CA ALA B 840 -39.20 4.52 6.70
C ALA B 840 -38.04 5.43 7.11
N MET B 841 -36.97 5.42 6.32
CA MET B 841 -35.80 6.26 6.64
C MET B 841 -36.17 7.74 6.64
N GLU B 842 -36.98 8.16 5.68
CA GLU B 842 -37.36 9.57 5.59
C GLU B 842 -38.13 10.01 6.84
N LEU B 843 -38.97 9.13 7.38
CA LEU B 843 -39.71 9.46 8.59
C LEU B 843 -38.76 9.58 9.78
N MET B 844 -37.88 8.59 9.94
CA MET B 844 -36.90 8.62 11.02
C MET B 844 -36.16 9.95 11.02
N GLU B 845 -35.80 10.43 9.82
CA GLU B 845 -35.12 11.72 9.71
C GLU B 845 -36.05 12.84 10.16
N GLN B 846 -37.31 12.79 9.72
CA GLN B 846 -38.29 13.76 10.16
C GLN B 846 -38.34 13.78 11.68
N LEU B 847 -38.49 12.60 12.28
CA LEU B 847 -38.59 12.53 13.75
C LEU B 847 -37.29 13.04 14.37
N ALA B 848 -36.17 12.67 13.77
CA ALA B 848 -34.87 13.05 14.31
C ALA B 848 -34.70 14.56 14.32
N SER B 849 -35.36 15.24 13.38
CA SER B 849 -35.25 16.70 13.32
C SER B 849 -35.91 17.44 14.48
N LYS B 850 -36.70 16.74 15.31
CA LYS B 850 -37.42 17.41 16.41
C LYS B 850 -36.83 17.09 17.78
N LEU B 851 -35.62 16.54 17.80
CA LEU B 851 -35.00 16.13 19.05
C LEU B 851 -34.30 17.33 19.67
N PRO B 852 -33.91 17.21 20.95
CA PRO B 852 -33.25 18.31 21.66
C PRO B 852 -31.99 18.85 20.96
N THR B 853 -31.72 20.12 21.21
CA THR B 853 -30.58 20.84 20.63
C THR B 853 -29.29 20.06 20.88
N GLY B 854 -28.47 19.90 19.85
CA GLY B 854 -27.19 19.23 20.03
C GLY B 854 -27.20 17.73 19.74
N VAL B 855 -28.37 17.19 19.42
CA VAL B 855 -28.52 15.78 19.07
C VAL B 855 -28.63 15.62 17.56
N GLY B 856 -27.69 14.87 16.95
CA GLY B 856 -27.70 14.66 15.51
C GLY B 856 -27.94 13.21 15.14
N TYR B 857 -27.78 12.85 13.88
CA TYR B 857 -27.95 11.46 13.50
C TYR B 857 -27.17 11.10 12.24
N ASP B 858 -27.01 9.81 12.00
CA ASP B 858 -26.39 9.39 10.76
C ASP B 858 -26.90 8.02 10.41
N TRP B 859 -26.68 7.60 9.17
CA TRP B 859 -27.07 6.27 8.74
C TRP B 859 -25.79 5.44 8.57
N THR B 860 -25.82 4.18 8.98
CA THR B 860 -24.64 3.32 8.85
C THR B 860 -24.99 1.96 8.26
N GLY B 861 -23.99 1.11 8.05
CA GLY B 861 -24.22 -0.23 7.53
C GLY B 861 -25.08 -0.27 6.27
N MET B 862 -26.09 -1.13 6.26
CA MET B 862 -26.94 -1.28 5.07
C MET B 862 -27.60 0.06 4.69
N SER B 863 -27.87 0.91 5.68
CA SER B 863 -28.56 2.16 5.41
C SER B 863 -27.62 3.20 4.79
N TYR B 864 -26.35 3.16 5.17
CA TYR B 864 -25.35 4.06 4.61
C TYR B 864 -25.30 3.93 3.09
N GLN B 865 -25.30 2.68 2.62
CA GLN B 865 -25.25 2.38 1.20
C GLN B 865 -26.54 2.85 0.52
N GLU B 866 -27.67 2.48 1.10
CA GLU B 866 -28.96 3.01 0.66
C GLU B 866 -28.89 4.51 0.39
N ARG B 867 -28.66 5.31 1.44
CA ARG B 867 -28.57 6.77 1.28
C ARG B 867 -27.61 7.13 0.14
N LEU B 868 -26.81 6.14 -0.25
CA LEU B 868 -25.89 6.26 -1.37
C LEU B 868 -26.35 5.32 -2.50
N SER B 869 -25.42 4.50 -2.99
CA SER B 869 -25.70 3.54 -4.07
C SER B 869 -27.00 2.75 -3.91
N GLY B 870 -28.11 3.49 -3.84
CA GLY B 870 -29.45 2.98 -4.04
C GLY B 870 -30.05 4.00 -4.98
N ASN B 871 -29.25 5.04 -5.23
CA ASN B 871 -29.56 6.10 -6.19
C ASN B 871 -28.89 5.83 -7.55
N GLN B 872 -29.10 4.64 -8.10
CA GLN B 872 -28.37 4.24 -9.30
C GLN B 872 -29.18 3.41 -10.29
N ALA B 873 -30.06 2.55 -9.79
CA ALA B 873 -30.79 1.59 -10.63
C ALA B 873 -31.35 2.18 -11.93
N PRO B 874 -32.52 2.84 -11.84
CA PRO B 874 -33.24 3.34 -13.01
C PRO B 874 -32.35 4.19 -13.92
N SER B 875 -31.21 4.63 -13.39
CA SER B 875 -30.19 5.31 -14.19
C SER B 875 -29.42 4.29 -15.04
N LEU B 876 -29.21 3.10 -14.47
CA LEU B 876 -28.51 2.00 -15.16
C LEU B 876 -29.41 1.29 -16.18
N TYR B 877 -30.68 1.11 -15.84
CA TYR B 877 -31.61 0.49 -16.79
C TYR B 877 -32.09 1.47 -17.85
N ALA B 878 -31.88 2.76 -17.60
CA ALA B 878 -32.12 3.78 -18.61
C ALA B 878 -31.04 3.68 -19.68
N ILE B 879 -29.80 3.54 -19.22
CA ILE B 879 -28.66 3.32 -20.10
C ILE B 879 -28.82 2.00 -20.87
N SER B 880 -29.24 0.96 -20.15
CA SER B 880 -29.46 -0.35 -20.75
C SER B 880 -30.52 -0.24 -21.84
N LEU B 881 -31.63 0.42 -21.49
CA LEU B 881 -32.73 0.61 -22.42
C LEU B 881 -32.26 1.35 -23.67
N ILE B 882 -31.44 2.38 -23.49
CA ILE B 882 -30.97 3.20 -24.60
C ILE B 882 -29.99 2.47 -25.51
N VAL B 883 -29.04 1.75 -24.90
CA VAL B 883 -28.08 0.95 -25.65
C VAL B 883 -28.78 -0.16 -26.44
N VAL B 884 -29.73 -0.84 -25.80
CA VAL B 884 -30.50 -1.89 -26.47
C VAL B 884 -31.18 -1.33 -27.72
N PHE B 885 -31.82 -0.18 -27.56
CA PHE B 885 -32.51 0.45 -28.68
C PHE B 885 -31.55 0.77 -29.81
N LEU B 886 -30.41 1.33 -29.45
CA LEU B 886 -29.37 1.71 -30.40
C LEU B 886 -28.81 0.49 -31.15
N CYS B 887 -28.55 -0.58 -30.42
CA CYS B 887 -28.07 -1.82 -31.06
C CYS B 887 -29.10 -2.33 -32.05
N LEU B 888 -30.37 -2.28 -31.66
CA LEU B 888 -31.45 -2.76 -32.52
C LEU B 888 -31.56 -1.88 -33.75
N ALA B 889 -31.41 -0.57 -33.56
CA ALA B 889 -31.52 0.38 -34.65
C ALA B 889 -30.43 0.10 -35.69
N ALA B 890 -29.24 -0.23 -35.22
CA ALA B 890 -28.14 -0.62 -36.09
C ALA B 890 -28.43 -1.93 -36.79
N LEU B 891 -28.95 -2.91 -36.05
CA LEU B 891 -29.26 -4.22 -36.63
C LEU B 891 -30.26 -4.08 -37.78
N TYR B 892 -31.32 -3.32 -37.55
CA TYR B 892 -32.41 -3.25 -38.52
C TYR B 892 -32.32 -2.05 -39.45
N GLU B 893 -31.30 -1.22 -39.25
CA GLU B 893 -31.17 0.01 -40.03
C GLU B 893 -32.50 0.77 -39.99
N SER B 894 -33.04 0.94 -38.78
CA SER B 894 -34.32 1.62 -38.58
C SER B 894 -34.42 2.20 -37.17
N TRP B 895 -34.98 3.40 -37.05
CA TRP B 895 -35.22 3.99 -35.73
C TRP B 895 -36.55 3.49 -35.13
N SER B 896 -37.42 2.93 -35.96
CA SER B 896 -38.75 2.48 -35.48
C SER B 896 -38.82 0.98 -35.14
N ILE B 897 -38.28 0.15 -36.02
CA ILE B 897 -38.40 -1.31 -35.87
C ILE B 897 -37.96 -1.84 -34.50
N PRO B 898 -36.93 -1.22 -33.89
CA PRO B 898 -36.50 -1.70 -32.56
C PRO B 898 -37.64 -1.77 -31.54
N PHE B 899 -38.65 -0.90 -31.65
CA PHE B 899 -39.79 -0.90 -30.72
C PHE B 899 -40.54 -2.21 -30.74
N SER B 900 -40.64 -2.81 -31.91
CA SER B 900 -41.40 -4.04 -32.06
C SER B 900 -40.75 -5.19 -31.28
N VAL B 901 -39.45 -5.08 -31.00
CA VAL B 901 -38.76 -6.04 -30.16
C VAL B 901 -38.87 -5.68 -28.67
N MET B 902 -38.64 -4.41 -28.35
CA MET B 902 -38.66 -3.97 -26.96
C MET B 902 -40.01 -4.16 -26.28
N LEU B 903 -41.10 -4.05 -27.04
CA LEU B 903 -42.44 -4.27 -26.49
C LEU B 903 -42.55 -5.65 -25.82
N VAL B 904 -41.61 -6.54 -26.10
CA VAL B 904 -41.73 -7.92 -25.63
C VAL B 904 -41.48 -8.04 -24.13
N VAL B 905 -40.82 -7.03 -23.55
CA VAL B 905 -40.33 -7.11 -22.17
C VAL B 905 -41.34 -7.57 -21.11
N PRO B 906 -42.54 -6.97 -21.09
CA PRO B 906 -43.55 -7.30 -20.08
C PRO B 906 -44.05 -8.74 -20.17
N LEU B 907 -44.00 -9.33 -21.37
CA LEU B 907 -44.60 -10.64 -21.60
C LEU B 907 -44.04 -11.74 -20.69
N GLY B 908 -42.73 -11.74 -20.50
CA GLY B 908 -42.10 -12.67 -19.57
C GLY B 908 -42.22 -12.21 -18.13
N VAL B 909 -42.09 -10.90 -17.91
CA VAL B 909 -42.13 -10.38 -16.55
C VAL B 909 -43.48 -10.69 -15.86
N ILE B 910 -44.57 -10.63 -16.61
CA ILE B 910 -45.89 -10.91 -16.02
C ILE B 910 -45.97 -12.32 -15.45
N GLY B 911 -45.46 -13.30 -16.20
CA GLY B 911 -45.50 -14.69 -15.78
C GLY B 911 -44.58 -14.97 -14.60
N ALA B 912 -43.49 -14.21 -14.49
CA ALA B 912 -42.55 -14.42 -13.39
C ALA B 912 -43.18 -13.89 -12.11
N LEU B 913 -43.76 -12.70 -12.20
CA LEU B 913 -44.49 -12.11 -11.08
C LEU B 913 -45.66 -12.98 -10.62
N LEU B 914 -46.41 -13.52 -11.56
CA LEU B 914 -47.55 -14.39 -11.24
C LEU B 914 -47.10 -15.61 -10.45
N ALA B 915 -46.04 -16.26 -10.93
CA ALA B 915 -45.55 -17.48 -10.30
C ALA B 915 -44.98 -17.19 -8.93
N ALA B 916 -44.24 -16.09 -8.82
CA ALA B 916 -43.62 -15.71 -7.56
C ALA B 916 -44.68 -15.28 -6.56
N THR B 917 -45.63 -14.48 -7.01
CA THR B 917 -46.73 -14.01 -6.18
C THR B 917 -47.53 -15.20 -5.66
N PHE B 918 -47.78 -16.17 -6.54
CA PHE B 918 -48.59 -17.31 -6.20
C PHE B 918 -47.91 -18.31 -5.26
N ARG B 919 -46.59 -18.44 -5.36
CA ARG B 919 -45.88 -19.36 -4.50
C ARG B 919 -45.44 -18.64 -3.23
N GLY B 920 -45.86 -17.38 -3.09
CA GLY B 920 -45.51 -16.57 -1.94
C GLY B 920 -44.03 -16.27 -1.83
N LEU B 921 -43.35 -16.16 -2.98
CA LEU B 921 -41.94 -15.81 -2.97
C LEU B 921 -41.77 -14.31 -2.91
N THR B 922 -40.51 -13.87 -2.94
CA THR B 922 -40.20 -12.45 -2.88
C THR B 922 -39.43 -12.00 -4.11
N ASN B 923 -39.35 -10.68 -4.27
CA ASN B 923 -38.51 -10.07 -5.30
C ASN B 923 -37.07 -10.01 -4.79
N ASP B 924 -36.36 -11.12 -4.91
CA ASP B 924 -34.96 -11.17 -4.46
C ASP B 924 -33.97 -11.19 -5.63
N VAL B 925 -32.69 -11.35 -5.36
CA VAL B 925 -31.68 -11.25 -6.42
C VAL B 925 -31.86 -12.33 -7.47
N TYR B 926 -32.17 -13.54 -7.02
CA TYR B 926 -32.39 -14.66 -7.95
C TYR B 926 -33.57 -14.37 -8.87
N PHE B 927 -34.65 -13.83 -8.31
CA PHE B 927 -35.83 -13.52 -9.09
C PHE B 927 -35.44 -12.45 -10.12
N GLN B 928 -34.68 -11.48 -9.66
CA GLN B 928 -34.30 -10.35 -10.49
C GLN B 928 -33.36 -10.77 -11.63
N VAL B 929 -32.36 -11.59 -11.32
CA VAL B 929 -31.46 -12.02 -12.38
C VAL B 929 -32.21 -12.88 -13.40
N GLY B 930 -33.08 -13.76 -12.90
CA GLY B 930 -33.93 -14.56 -13.75
C GLY B 930 -34.84 -13.73 -14.66
N LEU B 931 -35.32 -12.59 -14.17
CA LEU B 931 -36.14 -11.70 -15.00
C LEU B 931 -35.33 -11.27 -16.21
N LEU B 932 -34.07 -10.92 -15.96
CA LEU B 932 -33.14 -10.49 -17.00
C LEU B 932 -32.92 -11.58 -18.04
N THR B 933 -32.67 -12.81 -17.60
CA THR B 933 -32.45 -13.92 -18.53
C THR B 933 -33.71 -14.25 -19.32
N THR B 934 -34.86 -14.16 -18.64
CA THR B 934 -36.15 -14.40 -19.29
C THR B 934 -36.40 -13.31 -20.34
N ILE B 935 -36.18 -12.07 -19.94
CA ILE B 935 -36.34 -10.95 -20.86
C ILE B 935 -35.35 -11.13 -22.01
N GLY B 936 -34.12 -11.48 -21.68
CA GLY B 936 -33.11 -11.71 -22.69
C GLY B 936 -33.58 -12.69 -23.74
N LEU B 937 -34.10 -13.83 -23.30
CA LEU B 937 -34.49 -14.90 -24.22
C LEU B 937 -35.73 -14.52 -25.05
N SER B 938 -36.70 -13.85 -24.45
CA SER B 938 -37.87 -13.44 -25.24
C SER B 938 -37.44 -12.42 -26.29
N ALA B 939 -36.49 -11.54 -25.91
CA ALA B 939 -36.01 -10.53 -26.82
C ALA B 939 -35.36 -11.18 -28.04
N LYS B 940 -34.53 -12.17 -27.78
CA LYS B 940 -33.87 -12.93 -28.82
C LYS B 940 -34.90 -13.55 -29.77
N ASN B 941 -35.93 -14.20 -29.21
CA ASN B 941 -36.99 -14.76 -30.05
C ASN B 941 -37.60 -13.72 -30.96
N ALA B 942 -37.89 -12.55 -30.38
CA ALA B 942 -38.54 -11.49 -31.14
C ALA B 942 -37.61 -10.93 -32.21
N ILE B 943 -36.34 -10.78 -31.86
CA ILE B 943 -35.33 -10.28 -32.78
C ILE B 943 -35.28 -11.12 -34.06
N LEU B 944 -35.32 -12.44 -33.90
CA LEU B 944 -35.27 -13.36 -35.05
C LEU B 944 -36.57 -13.34 -35.85
N ILE B 945 -37.72 -13.26 -35.18
CA ILE B 945 -39.00 -13.12 -35.90
C ILE B 945 -38.97 -11.87 -36.78
N VAL B 946 -38.58 -10.76 -36.17
CA VAL B 946 -38.57 -9.46 -36.82
C VAL B 946 -37.54 -9.42 -37.94
N GLU B 947 -36.35 -9.96 -37.67
CA GLU B 947 -35.33 -10.07 -38.70
C GLU B 947 -35.85 -10.84 -39.92
N PHE B 948 -36.41 -12.03 -39.70
CA PHE B 948 -36.95 -12.80 -40.82
C PHE B 948 -38.04 -12.06 -41.58
N ALA B 949 -38.97 -11.42 -40.86
CA ALA B 949 -40.05 -10.75 -41.56
C ALA B 949 -39.48 -9.61 -42.39
N LYS B 950 -38.64 -8.80 -41.75
CA LYS B 950 -38.08 -7.63 -42.41
C LYS B 950 -37.33 -8.05 -43.65
N ASP B 951 -36.48 -9.08 -43.52
CA ASP B 951 -35.74 -9.56 -44.67
C ASP B 951 -36.66 -10.01 -45.80
N LEU B 952 -37.77 -10.66 -45.45
CA LEU B 952 -38.71 -11.09 -46.47
C LEU B 952 -39.27 -9.90 -47.24
N MET B 953 -39.52 -8.81 -46.52
CA MET B 953 -40.05 -7.60 -47.14
C MET B 953 -39.00 -6.89 -47.99
N ASP B 954 -37.79 -6.78 -47.44
CA ASP B 954 -36.69 -6.09 -48.10
C ASP B 954 -36.19 -6.88 -49.32
N LYS B 955 -36.00 -8.18 -49.15
CA LYS B 955 -35.34 -8.99 -50.18
C LYS B 955 -36.28 -9.68 -51.18
N GLU B 956 -37.48 -10.04 -50.75
CA GLU B 956 -38.40 -10.78 -51.63
C GLU B 956 -39.67 -9.98 -51.94
N GLY B 957 -39.65 -8.70 -51.59
CA GLY B 957 -40.74 -7.78 -51.95
C GLY B 957 -42.10 -8.19 -51.40
N LYS B 958 -42.09 -8.94 -50.31
CA LYS B 958 -43.33 -9.44 -49.73
C LYS B 958 -44.09 -8.39 -48.92
N GLY B 959 -45.41 -8.51 -48.87
CA GLY B 959 -46.23 -7.62 -48.08
C GLY B 959 -45.98 -7.72 -46.58
N LEU B 960 -46.43 -6.72 -45.84
CA LEU B 960 -46.21 -6.67 -44.40
C LEU B 960 -46.79 -7.92 -43.72
N ILE B 961 -48.08 -8.14 -43.90
CA ILE B 961 -48.74 -9.30 -43.33
C ILE B 961 -48.16 -10.63 -43.84
N GLU B 962 -47.94 -10.71 -45.15
CA GLU B 962 -47.40 -11.92 -45.75
C GLU B 962 -46.05 -12.28 -45.12
N ALA B 963 -45.16 -11.29 -45.02
CA ALA B 963 -43.84 -11.52 -44.45
C ALA B 963 -43.94 -11.94 -42.99
N THR B 964 -44.79 -11.24 -42.24
CA THR B 964 -44.97 -11.53 -40.83
C THR B 964 -45.48 -12.96 -40.61
N LEU B 965 -46.47 -13.36 -41.39
CA LEU B 965 -47.01 -14.72 -41.33
C LEU B 965 -45.92 -15.76 -41.65
N ASP B 966 -45.12 -15.50 -42.68
CA ASP B 966 -44.07 -16.47 -43.04
C ASP B 966 -42.99 -16.54 -41.97
N ALA B 967 -42.65 -15.39 -41.38
CA ALA B 967 -41.59 -15.36 -40.38
C ALA B 967 -42.01 -16.12 -39.14
N VAL B 968 -43.23 -15.85 -38.70
CA VAL B 968 -43.77 -16.46 -37.51
C VAL B 968 -43.95 -17.98 -37.74
N ARG B 969 -44.33 -18.36 -38.97
CA ARG B 969 -44.37 -19.76 -39.33
C ARG B 969 -43.00 -20.44 -39.16
N MET B 970 -41.94 -19.76 -39.58
CA MET B 970 -40.61 -20.35 -39.54
C MET B 970 -40.03 -20.41 -38.13
N ARG B 971 -40.35 -19.43 -37.31
CA ARG B 971 -39.78 -19.34 -35.96
C ARG B 971 -40.52 -20.20 -34.92
N LEU B 972 -41.71 -20.68 -35.25
CA LEU B 972 -42.52 -21.46 -34.30
C LEU B 972 -41.72 -22.62 -33.71
N ARG B 973 -41.20 -23.48 -34.57
CA ARG B 973 -40.56 -24.71 -34.08
C ARG B 973 -39.39 -24.47 -33.15
N PRO B 974 -38.41 -23.65 -33.58
CA PRO B 974 -37.26 -23.45 -32.69
C PRO B 974 -37.65 -22.79 -31.38
N ILE B 975 -38.61 -21.86 -31.42
CA ILE B 975 -39.07 -21.21 -30.21
C ILE B 975 -39.64 -22.26 -29.24
N LEU B 976 -40.51 -23.13 -29.76
CA LEU B 976 -41.11 -24.20 -28.95
C LEU B 976 -40.06 -25.20 -28.41
N MET B 977 -39.14 -25.61 -29.27
CA MET B 977 -38.07 -26.53 -28.85
C MET B 977 -37.32 -25.97 -27.65
N THR B 978 -36.84 -24.74 -27.77
CA THR B 978 -36.08 -24.13 -26.69
C THR B 978 -36.91 -24.03 -25.40
N SER B 979 -38.14 -23.53 -25.54
CA SER B 979 -39.01 -23.38 -24.38
C SER B 979 -39.29 -24.69 -23.66
N LEU B 980 -39.60 -25.73 -24.43
CA LEU B 980 -39.83 -27.05 -23.88
C LEU B 980 -38.62 -27.53 -23.08
N ALA B 981 -37.44 -27.49 -23.70
CA ALA B 981 -36.24 -28.00 -23.06
C ALA B 981 -35.92 -27.21 -21.79
N PHE B 982 -36.00 -25.89 -21.88
CA PHE B 982 -35.69 -25.03 -20.74
C PHE B 982 -36.69 -25.20 -19.60
N ILE B 983 -37.98 -25.21 -19.93
CA ILE B 983 -39.02 -25.30 -18.91
C ILE B 983 -38.90 -26.60 -18.12
N LEU B 984 -38.76 -27.72 -18.82
CA LEU B 984 -38.51 -29.00 -18.17
C LEU B 984 -37.23 -28.97 -17.32
N GLY B 985 -36.18 -28.37 -17.86
CA GLY B 985 -34.88 -28.38 -17.22
C GLY B 985 -34.83 -27.60 -15.92
N VAL B 986 -35.72 -26.62 -15.80
CA VAL B 986 -35.75 -25.75 -14.63
C VAL B 986 -36.83 -26.23 -13.64
N MET B 987 -37.62 -27.20 -14.08
CA MET B 987 -38.71 -27.74 -13.28
C MET B 987 -38.26 -28.36 -11.95
N PRO B 988 -37.20 -29.17 -11.99
CA PRO B 988 -36.67 -29.78 -10.76
C PRO B 988 -36.36 -28.72 -9.72
N LEU B 989 -35.80 -27.58 -10.15
CA LEU B 989 -35.51 -26.48 -9.23
C LEU B 989 -36.79 -25.97 -8.54
N VAL B 990 -37.89 -25.95 -9.29
CA VAL B 990 -39.14 -25.38 -8.80
C VAL B 990 -39.75 -26.21 -7.67
N ILE B 991 -39.75 -27.53 -7.83
CA ILE B 991 -40.38 -28.42 -6.86
C ILE B 991 -39.40 -28.89 -5.80
N SER B 992 -38.12 -28.58 -6.02
CA SER B 992 -37.08 -29.00 -5.09
C SER B 992 -37.42 -28.63 -3.65
N THR B 993 -37.18 -29.59 -2.76
CA THR B 993 -37.17 -29.33 -1.32
C THR B 993 -35.79 -29.74 -0.84
N GLY B 994 -35.53 -29.59 0.45
CA GLY B 994 -34.24 -29.99 0.98
C GLY B 994 -33.17 -28.92 0.86
N ALA B 995 -31.92 -29.33 1.04
CA ALA B 995 -30.80 -28.39 1.14
C ALA B 995 -30.60 -27.51 -0.08
N GLY B 996 -30.59 -26.20 0.14
CA GLY B 996 -30.40 -25.24 -0.93
C GLY B 996 -31.63 -25.03 -1.79
N SER B 997 -32.74 -25.66 -1.41
CA SER B 997 -33.99 -25.51 -2.17
C SER B 997 -34.49 -24.07 -2.12
N GLY B 998 -34.12 -23.34 -1.09
CA GLY B 998 -34.47 -21.92 -1.00
C GLY B 998 -34.01 -21.17 -2.24
N ALA B 999 -32.72 -21.29 -2.55
CA ALA B 999 -32.16 -20.65 -3.74
C ALA B 999 -32.72 -21.29 -5.02
N GLN B 1000 -32.76 -22.61 -5.06
CA GLN B 1000 -33.30 -23.29 -6.23
C GLN B 1000 -34.73 -22.83 -6.54
N ASN B 1001 -35.56 -22.72 -5.52
CA ASN B 1001 -36.95 -22.30 -5.72
C ASN B 1001 -36.97 -20.87 -6.26
N ALA B 1002 -36.10 -20.03 -5.71
CA ALA B 1002 -36.03 -18.62 -6.11
C ALA B 1002 -35.67 -18.44 -7.58
N VAL B 1003 -34.74 -19.26 -8.08
CA VAL B 1003 -34.34 -19.13 -9.48
C VAL B 1003 -35.29 -19.87 -10.41
N GLY B 1004 -35.81 -21.00 -9.95
CA GLY B 1004 -36.71 -21.80 -10.76
C GLY B 1004 -38.07 -21.17 -11.04
N THR B 1005 -38.75 -20.75 -9.98
CA THR B 1005 -40.14 -20.35 -10.11
C THR B 1005 -40.32 -19.15 -11.02
N GLY B 1006 -39.52 -18.11 -10.80
CA GLY B 1006 -39.59 -16.91 -11.61
C GLY B 1006 -39.29 -17.24 -13.05
N VAL B 1007 -38.23 -18.03 -13.26
CA VAL B 1007 -37.86 -18.44 -14.60
C VAL B 1007 -38.96 -19.24 -15.30
N MET B 1008 -39.52 -20.22 -14.59
CA MET B 1008 -40.52 -21.08 -15.21
C MET B 1008 -41.78 -20.30 -15.53
N GLY B 1009 -42.17 -19.39 -14.64
CA GLY B 1009 -43.37 -18.59 -14.85
C GLY B 1009 -43.18 -17.65 -16.02
N GLY B 1010 -42.02 -16.98 -16.04
CA GLY B 1010 -41.68 -16.07 -17.11
C GLY B 1010 -41.58 -16.75 -18.46
N MET B 1011 -40.97 -17.93 -18.52
CA MET B 1011 -40.84 -18.66 -19.78
C MET B 1011 -42.20 -19.10 -20.33
N VAL B 1012 -43.11 -19.48 -19.44
CA VAL B 1012 -44.44 -19.88 -19.88
C VAL B 1012 -45.13 -18.74 -20.61
N THR B 1013 -45.24 -17.58 -19.95
CA THR B 1013 -45.94 -16.44 -20.53
C THR B 1013 -45.17 -15.82 -21.71
N ALA B 1014 -43.85 -15.73 -21.58
CA ALA B 1014 -43.04 -15.21 -22.69
C ALA B 1014 -43.24 -16.04 -23.96
N THR B 1015 -43.23 -17.36 -23.82
CA THR B 1015 -43.42 -18.25 -24.96
C THR B 1015 -44.82 -18.11 -25.54
N VAL B 1016 -45.83 -18.35 -24.70
CA VAL B 1016 -47.21 -18.32 -25.15
C VAL B 1016 -47.61 -16.96 -25.69
N LEU B 1017 -47.23 -15.90 -25.00
CA LEU B 1017 -47.62 -14.56 -25.40
C LEU B 1017 -46.85 -14.02 -26.63
N ALA B 1018 -45.53 -14.17 -26.62
CA ALA B 1018 -44.68 -13.65 -27.70
C ALA B 1018 -45.07 -14.17 -29.08
N ILE B 1019 -45.44 -15.46 -29.19
CA ILE B 1019 -45.73 -16.02 -30.51
C ILE B 1019 -46.99 -15.40 -31.11
N PHE B 1020 -47.79 -14.76 -30.26
CA PHE B 1020 -49.01 -14.10 -30.73
C PHE B 1020 -48.86 -12.58 -30.76
N PHE B 1021 -48.07 -12.05 -29.82
CA PHE B 1021 -47.87 -10.60 -29.72
C PHE B 1021 -46.76 -10.00 -30.59
N VAL B 1022 -45.63 -10.68 -30.76
CA VAL B 1022 -44.59 -10.00 -31.55
C VAL B 1022 -45.04 -9.75 -32.99
N PRO B 1023 -45.79 -10.70 -33.61
CA PRO B 1023 -46.31 -10.31 -34.93
C PRO B 1023 -47.20 -9.06 -34.85
N VAL B 1024 -47.90 -8.85 -33.72
CA VAL B 1024 -48.73 -7.66 -33.56
C VAL B 1024 -47.84 -6.43 -33.43
N PHE B 1025 -46.83 -6.54 -32.56
CA PHE B 1025 -45.85 -5.46 -32.36
C PHE B 1025 -45.30 -5.03 -33.71
N PHE B 1026 -44.84 -6.00 -34.49
CA PHE B 1026 -44.18 -5.68 -35.74
C PHE B 1026 -45.13 -4.97 -36.69
N VAL B 1027 -46.33 -5.51 -36.85
CA VAL B 1027 -47.31 -4.91 -37.76
C VAL B 1027 -47.73 -3.49 -37.33
N VAL B 1028 -48.02 -3.29 -36.04
CA VAL B 1028 -48.48 -1.97 -35.61
C VAL B 1028 -47.38 -0.91 -35.69
N VAL B 1029 -46.14 -1.33 -35.41
CA VAL B 1029 -45.02 -0.39 -35.47
C VAL B 1029 -44.74 0.02 -36.90
N ARG B 1030 -44.74 -0.94 -37.82
CA ARG B 1030 -44.54 -0.66 -39.23
C ARG B 1030 -45.65 0.23 -39.80
N ARG B 1031 -46.90 -0.06 -39.46
CA ARG B 1031 -48.02 0.78 -39.90
C ARG B 1031 -47.91 2.20 -39.36
N ARG B 1032 -47.54 2.30 -38.10
CA ARG B 1032 -47.41 3.61 -37.46
C ARG B 1032 -46.32 4.43 -38.14
N PHE B 1033 -45.16 3.82 -38.33
CA PHE B 1033 -44.05 4.49 -39.00
C PHE B 1033 -43.82 3.90 -40.38
N MET C 1 -0.04 -9.00 -50.15
CA MET C 1 0.88 -8.34 -49.23
C MET C 1 2.32 -8.37 -49.74
N PRO C 2 2.85 -9.59 -50.00
CA PRO C 2 4.10 -9.67 -50.75
C PRO C 2 3.94 -9.00 -52.11
N ASN C 3 2.85 -9.28 -52.82
CA ASN C 3 2.58 -8.62 -54.08
C ASN C 3 2.49 -7.10 -53.94
N PHE C 4 1.92 -6.66 -52.81
CA PHE C 4 1.84 -5.24 -52.49
C PHE C 4 3.24 -4.63 -52.43
N PHE C 5 4.12 -5.24 -51.65
CA PHE C 5 5.46 -4.68 -51.41
C PHE C 5 6.47 -4.94 -52.52
N ILE C 6 6.24 -5.98 -53.32
CA ILE C 6 7.05 -6.21 -54.50
C ILE C 6 7.03 -4.98 -55.41
N ASP C 7 5.89 -4.32 -55.47
CA ASP C 7 5.72 -3.11 -56.27
C ASP C 7 6.04 -1.83 -55.47
N ARG C 8 6.18 -1.97 -54.15
CA ARG C 8 6.44 -0.81 -53.29
C ARG C 8 7.62 -1.08 -52.36
N PRO C 9 8.81 -1.26 -52.96
CA PRO C 9 10.04 -1.58 -52.23
C PRO C 9 10.42 -0.50 -51.21
N ILE C 10 10.10 0.75 -51.52
CA ILE C 10 10.40 1.84 -50.59
C ILE C 10 9.54 1.71 -49.33
N PHE C 11 8.23 1.55 -49.53
CA PHE C 11 7.33 1.26 -48.42
C PHE C 11 7.91 0.11 -47.59
N ALA C 12 8.40 -0.93 -48.27
CA ALA C 12 8.99 -2.08 -47.59
C ALA C 12 10.16 -1.66 -46.69
N TRP C 13 11.09 -0.90 -47.26
CA TRP C 13 12.23 -0.40 -46.50
C TRP C 13 11.80 0.45 -45.31
N VAL C 14 10.84 1.35 -45.54
CA VAL C 14 10.38 2.25 -44.48
C VAL C 14 10.01 1.46 -43.22
N ILE C 15 9.23 0.39 -43.41
CA ILE C 15 8.79 -0.43 -42.29
C ILE C 15 9.98 -1.04 -41.56
N ALA C 16 10.91 -1.60 -42.33
CA ALA C 16 12.13 -2.18 -41.78
C ALA C 16 12.95 -1.15 -41.00
N ILE C 17 13.12 0.03 -41.58
CA ILE C 17 13.91 1.09 -40.95
C ILE C 17 13.27 1.62 -39.66
N ILE C 18 11.96 1.83 -39.68
CA ILE C 18 11.27 2.28 -38.48
C ILE C 18 11.45 1.25 -37.35
N ILE C 19 11.28 -0.02 -37.68
CA ILE C 19 11.49 -1.09 -36.70
C ILE C 19 12.92 -1.00 -36.12
N MET C 20 13.90 -0.83 -37.00
CA MET C 20 15.29 -0.78 -36.56
C MET C 20 15.60 0.37 -35.61
N LEU C 21 15.17 1.58 -35.93
CA LEU C 21 15.45 2.70 -35.01
C LEU C 21 14.65 2.63 -33.73
N ALA C 22 13.45 2.05 -33.78
CA ALA C 22 12.71 1.79 -32.54
C ALA C 22 13.54 0.89 -31.65
N GLY C 23 14.23 -0.07 -32.26
CA GLY C 23 15.07 -1.01 -31.52
C GLY C 23 16.37 -0.37 -31.07
N GLY C 24 16.95 0.46 -31.91
CA GLY C 24 18.18 1.16 -31.55
C GLY C 24 17.93 2.02 -30.33
N LEU C 25 16.83 2.77 -30.38
CA LEU C 25 16.44 3.61 -29.25
C LEU C 25 16.15 2.76 -28.00
N ALA C 26 15.60 1.57 -28.20
CA ALA C 26 15.32 0.69 -27.07
C ALA C 26 16.61 0.30 -26.36
N ILE C 27 17.63 -0.02 -27.15
CA ILE C 27 18.91 -0.47 -26.60
C ILE C 27 19.57 0.60 -25.70
N LEU C 28 19.37 1.87 -26.02
CA LEU C 28 19.96 2.95 -25.24
C LEU C 28 19.35 3.05 -23.84
N LYS C 29 18.14 2.53 -23.69
CA LYS C 29 17.37 2.70 -22.45
C LYS C 29 17.16 1.41 -21.65
N LEU C 30 17.38 0.25 -22.27
CA LEU C 30 17.17 -1.02 -21.59
C LEU C 30 18.16 -1.21 -20.43
N PRO C 31 17.63 -1.68 -19.29
CA PRO C 31 18.48 -2.10 -18.16
C PRO C 31 19.31 -3.31 -18.57
N VAL C 32 20.48 -3.49 -17.96
CA VAL C 32 21.33 -4.63 -18.23
C VAL C 32 21.53 -5.37 -16.91
N ALA C 33 21.53 -6.70 -16.98
CA ALA C 33 21.78 -7.52 -15.80
C ALA C 33 22.24 -8.89 -16.23
N GLN C 34 22.64 -9.71 -15.26
CA GLN C 34 22.98 -11.09 -15.54
C GLN C 34 21.69 -11.87 -15.73
N TYR C 35 20.75 -11.65 -14.83
CA TYR C 35 19.44 -12.30 -14.83
C TYR C 35 18.34 -11.31 -14.54
N PRO C 36 17.11 -11.62 -14.96
CA PRO C 36 15.98 -10.84 -14.46
C PRO C 36 15.78 -11.29 -13.03
N THR C 37 14.72 -10.86 -12.35
CA THR C 37 14.48 -11.32 -11.00
C THR C 37 14.06 -12.80 -11.09
N ILE C 38 14.81 -13.71 -10.49
CA ILE C 38 14.42 -15.12 -10.53
C ILE C 38 14.25 -15.77 -9.15
N ALA C 39 14.95 -15.27 -8.15
CA ALA C 39 14.77 -15.74 -6.78
C ALA C 39 13.41 -15.30 -6.27
N PRO C 40 12.73 -16.15 -5.49
CA PRO C 40 11.46 -15.73 -4.89
C PRO C 40 11.73 -14.73 -3.76
N PRO C 41 10.81 -13.78 -3.53
CA PRO C 41 11.06 -12.75 -2.53
C PRO C 41 10.94 -13.32 -1.12
N ALA C 42 11.65 -12.71 -0.17
CA ALA C 42 11.67 -13.17 1.22
C ALA C 42 11.44 -11.97 2.13
N VAL C 43 10.83 -12.23 3.29
CA VAL C 43 10.64 -11.22 4.31
C VAL C 43 11.19 -11.80 5.59
N THR C 44 12.00 -11.02 6.33
CA THR C 44 12.59 -11.46 7.59
C THR C 44 12.08 -10.64 8.78
N ILE C 45 11.76 -11.35 9.85
CA ILE C 45 11.37 -10.75 11.12
C ILE C 45 12.54 -10.96 12.06
N SER C 46 13.08 -9.88 12.61
CA SER C 46 14.21 -10.00 13.53
C SER C 46 13.82 -9.49 14.90
N ALA C 47 14.21 -10.20 15.95
CA ALA C 47 13.88 -9.76 17.30
C ALA C 47 15.01 -10.09 18.23
N SER C 48 15.03 -9.43 19.39
CA SER C 48 16.11 -9.63 20.33
C SER C 48 15.58 -9.67 21.76
N TYR C 49 16.07 -10.65 22.53
CA TYR C 49 15.76 -10.80 23.94
C TYR C 49 17.10 -10.79 24.66
N PRO C 50 17.58 -9.57 24.97
CA PRO C 50 18.95 -9.47 25.49
C PRO C 50 19.13 -10.36 26.72
N GLY C 51 20.17 -11.19 26.72
CA GLY C 51 20.46 -12.06 27.86
C GLY C 51 19.83 -13.45 27.88
N ALA C 52 18.84 -13.68 27.02
CA ALA C 52 18.15 -14.97 27.01
C ALA C 52 18.92 -16.06 26.24
N ASP C 53 18.79 -17.31 26.68
CA ASP C 53 19.36 -18.44 25.97
C ASP C 53 18.46 -18.79 24.79
N ALA C 54 18.93 -19.71 23.94
CA ALA C 54 18.22 -20.06 22.71
C ALA C 54 16.85 -20.65 23.00
N LYS C 55 16.76 -21.52 24.00
CA LYS C 55 15.51 -22.19 24.28
C LYS C 55 14.48 -21.22 24.88
N THR C 56 14.95 -20.32 25.73
CA THR C 56 14.07 -19.28 26.29
C THR C 56 13.56 -18.36 25.19
N VAL C 57 14.46 -17.95 24.32
CA VAL C 57 14.08 -17.10 23.20
C VAL C 57 13.06 -17.82 22.32
N GLN C 58 13.30 -19.10 22.06
CA GLN C 58 12.40 -19.86 21.20
C GLN C 58 10.98 -20.00 21.80
N ASP C 59 10.92 -20.24 23.11
CA ASP C 59 9.65 -20.49 23.78
C ASP C 59 8.87 -19.20 23.99
N THR C 60 9.58 -18.10 24.22
CA THR C 60 8.92 -16.85 24.52
C THR C 60 8.76 -15.92 23.31
N VAL C 61 9.51 -16.17 22.24
CA VAL C 61 9.48 -15.23 21.11
C VAL C 61 9.19 -15.93 19.78
N THR C 62 10.10 -16.82 19.37
CA THR C 62 10.00 -17.46 18.05
C THR C 62 8.70 -18.21 17.81
N GLN C 63 8.33 -19.08 18.74
CA GLN C 63 7.11 -19.86 18.59
C GLN C 63 5.88 -18.95 18.63
N VAL C 64 5.92 -17.91 19.46
CA VAL C 64 4.80 -16.96 19.55
C VAL C 64 4.59 -16.28 18.19
N ILE C 65 5.68 -15.84 17.58
CA ILE C 65 5.56 -15.21 16.27
C ILE C 65 5.13 -16.23 15.21
N GLU C 66 5.81 -17.38 15.16
CA GLU C 66 5.50 -18.37 14.13
C GLU C 66 4.06 -18.85 14.16
N GLN C 67 3.49 -18.97 15.35
CA GLN C 67 2.13 -19.49 15.43
C GLN C 67 1.11 -18.48 14.90
N ASN C 68 1.58 -17.26 14.61
CA ASN C 68 0.77 -16.21 14.00
C ASN C 68 1.10 -15.99 12.54
N MET C 69 2.05 -16.76 12.00
CA MET C 69 2.46 -16.59 10.61
C MET C 69 1.68 -17.51 9.66
N ASN C 70 0.42 -17.71 10.03
CA ASN C 70 -0.50 -18.55 9.27
C ASN C 70 -1.39 -17.72 8.34
N GLY C 71 -1.88 -18.33 7.27
CA GLY C 71 -2.82 -17.65 6.37
C GLY C 71 -2.32 -16.36 5.75
N ILE C 72 -1.04 -16.35 5.39
CA ILE C 72 -0.46 -15.26 4.63
C ILE C 72 -0.47 -15.75 3.19
N ASP C 73 -0.82 -14.88 2.23
CA ASP C 73 -0.89 -15.28 0.82
C ASP C 73 0.47 -15.70 0.22
N ASN C 74 0.48 -16.75 -0.60
CA ASN C 74 1.63 -17.07 -1.44
C ASN C 74 2.89 -17.47 -0.67
N LEU C 75 2.71 -17.88 0.59
CA LEU C 75 3.82 -18.30 1.42
C LEU C 75 4.32 -19.67 0.94
N MET C 76 5.60 -19.80 0.61
CA MET C 76 6.13 -21.12 0.21
C MET C 76 6.68 -21.91 1.40
N TYR C 77 7.51 -21.28 2.22
CA TYR C 77 8.03 -21.94 3.41
C TYR C 77 8.54 -20.91 4.39
N MET C 78 8.76 -21.33 5.63
CA MET C 78 9.23 -20.42 6.67
C MET C 78 10.38 -21.10 7.38
N SER C 79 11.43 -20.35 7.73
CA SER C 79 12.52 -20.93 8.51
C SER C 79 12.96 -19.98 9.59
N SER C 80 13.42 -20.51 10.72
CA SER C 80 13.86 -19.62 11.78
C SER C 80 15.01 -20.17 12.59
N ASN C 81 15.72 -19.29 13.28
CA ASN C 81 16.68 -19.73 14.27
C ASN C 81 16.61 -18.82 15.48
N SER C 82 16.85 -19.42 16.65
CA SER C 82 16.84 -18.73 17.92
C SER C 82 18.19 -19.04 18.56
N ASP C 83 18.92 -18.02 19.02
CA ASP C 83 20.28 -18.32 19.47
C ASP C 83 20.66 -17.81 20.87
N SER C 84 21.90 -18.11 21.27
CA SER C 84 22.36 -17.91 22.65
C SER C 84 22.54 -16.45 23.03
N THR C 85 22.51 -15.57 22.03
CA THR C 85 22.60 -14.13 22.24
C THR C 85 21.20 -13.53 22.44
N GLY C 86 20.18 -14.39 22.40
CA GLY C 86 18.81 -13.90 22.53
C GLY C 86 18.25 -13.38 21.22
N THR C 87 18.92 -13.70 20.12
CA THR C 87 18.50 -13.17 18.82
C THR C 87 17.60 -14.14 18.05
N VAL C 88 16.56 -13.60 17.42
CA VAL C 88 15.66 -14.43 16.64
C VAL C 88 15.53 -13.86 15.25
N GLN C 89 15.63 -14.75 14.26
CA GLN C 89 15.33 -14.39 12.88
C GLN C 89 14.39 -15.41 12.29
N ILE C 90 13.27 -14.92 11.78
CA ILE C 90 12.29 -15.75 11.10
C ILE C 90 12.18 -15.25 9.66
N THR C 91 12.42 -16.14 8.71
CA THR C 91 12.34 -15.76 7.29
C THR C 91 11.23 -16.49 6.54
N LEU C 92 10.38 -15.72 5.87
CA LEU C 92 9.24 -16.25 5.13
C LEU C 92 9.55 -16.05 3.68
N THR C 93 9.43 -17.12 2.90
CA THR C 93 9.78 -17.05 1.50
C THR C 93 8.52 -17.24 0.69
N PHE C 94 8.34 -16.38 -0.30
CA PHE C 94 7.08 -16.37 -1.04
C PHE C 94 7.22 -16.89 -2.47
N GLU C 95 6.09 -17.34 -3.03
CA GLU C 95 6.02 -17.86 -4.39
C GLU C 95 6.63 -16.82 -5.33
N SER C 96 7.31 -17.27 -6.37
CA SER C 96 7.90 -16.33 -7.33
C SER C 96 6.76 -15.53 -7.96
N GLY C 97 7.01 -14.25 -8.28
CA GLY C 97 5.96 -13.37 -8.76
C GLY C 97 5.14 -12.66 -7.69
N THR C 98 5.32 -13.04 -6.42
CA THR C 98 4.66 -12.34 -5.32
C THR C 98 5.15 -10.89 -5.24
N ASP C 99 4.24 -9.95 -5.03
CA ASP C 99 4.61 -8.54 -4.79
C ASP C 99 5.22 -8.47 -3.39
N ALA C 100 6.52 -8.19 -3.31
CA ALA C 100 7.23 -8.29 -2.04
C ALA C 100 6.78 -7.22 -1.04
N ASP C 101 6.32 -6.09 -1.56
CA ASP C 101 5.78 -5.03 -0.71
C ASP C 101 4.47 -5.46 -0.04
N ILE C 102 3.62 -6.16 -0.78
CA ILE C 102 2.40 -6.69 -0.22
C ILE C 102 2.70 -7.80 0.79
N ALA C 103 3.66 -8.67 0.45
CA ALA C 103 4.12 -9.69 1.38
C ALA C 103 4.58 -9.09 2.72
N GLN C 104 5.42 -8.06 2.64
CA GLN C 104 5.90 -7.41 3.87
C GLN C 104 4.71 -6.90 4.71
N VAL C 105 3.73 -6.32 4.04
CA VAL C 105 2.56 -5.78 4.74
C VAL C 105 1.79 -6.90 5.43
N GLN C 106 1.56 -7.99 4.71
CA GLN C 106 0.80 -9.10 5.29
C GLN C 106 1.50 -9.72 6.48
N VAL C 107 2.83 -9.84 6.38
CA VAL C 107 3.61 -10.33 7.51
C VAL C 107 3.56 -9.35 8.69
N GLN C 108 3.75 -8.07 8.40
CA GLN C 108 3.65 -7.09 9.48
C GLN C 108 2.29 -7.13 10.17
N ASN C 109 1.20 -7.26 9.40
CA ASN C 109 -0.12 -7.35 10.02
C ASN C 109 -0.30 -8.58 10.89
N LYS C 110 0.34 -9.70 10.55
CA LYS C 110 0.24 -10.90 11.40
C LYS C 110 1.15 -10.78 12.60
N LEU C 111 2.30 -10.14 12.43
CA LEU C 111 3.23 -9.92 13.53
C LEU C 111 2.67 -8.99 14.61
N GLN C 112 1.86 -8.03 14.19
CA GLN C 112 1.27 -7.07 15.14
C GLN C 112 0.56 -7.82 16.23
N LEU C 113 -0.17 -8.87 15.85
CA LEU C 113 -0.90 -9.70 16.82
C LEU C 113 -0.02 -10.39 17.86
N ALA C 114 1.25 -10.62 17.53
CA ALA C 114 2.13 -11.36 18.43
C ALA C 114 2.89 -10.43 19.35
N MET C 115 3.07 -9.18 18.91
CA MET C 115 3.92 -8.21 19.61
C MET C 115 3.70 -8.16 21.12
N PRO C 116 2.42 -8.06 21.53
CA PRO C 116 1.99 -7.94 22.94
C PRO C 116 2.27 -9.20 23.74
N LEU C 117 2.21 -10.35 23.09
CA LEU C 117 2.49 -11.62 23.73
C LEU C 117 3.99 -11.85 23.97
N LEU C 118 4.83 -11.01 23.36
CA LEU C 118 6.28 -11.09 23.53
C LEU C 118 6.66 -10.47 24.86
N PRO C 119 7.84 -10.86 25.39
CA PRO C 119 8.30 -10.25 26.64
C PRO C 119 8.42 -8.73 26.48
N GLN C 120 8.17 -8.00 27.57
CA GLN C 120 8.30 -6.55 27.57
C GLN C 120 9.62 -6.09 26.96
N GLU C 121 10.73 -6.68 27.37
CA GLU C 121 12.04 -6.22 26.90
C GLU C 121 12.39 -6.65 25.47
N VAL C 122 11.60 -7.57 24.90
CA VAL C 122 11.73 -7.88 23.49
C VAL C 122 11.01 -6.78 22.70
N GLN C 123 9.79 -6.46 23.12
CA GLN C 123 9.01 -5.39 22.51
C GLN C 123 9.75 -4.05 22.51
N GLN C 124 10.50 -3.78 23.56
CA GLN C 124 11.16 -2.48 23.68
C GLN C 124 12.55 -2.50 23.08
N GLN C 125 12.88 -3.61 22.41
CA GLN C 125 14.04 -3.63 21.54
C GLN C 125 13.55 -3.39 20.10
N GLY C 126 12.24 -3.52 19.90
CA GLY C 126 11.65 -3.40 18.59
C GLY C 126 11.91 -4.62 17.71
N VAL C 127 10.93 -4.99 16.90
CA VAL C 127 11.13 -6.08 15.96
C VAL C 127 10.85 -5.60 14.55
N SER C 128 11.83 -5.78 13.67
CA SER C 128 11.75 -5.34 12.29
C SER C 128 11.13 -6.40 11.39
N VAL C 129 10.23 -5.97 10.51
CA VAL C 129 9.63 -6.80 9.47
C VAL C 129 9.97 -6.14 8.12
N GLU C 130 10.66 -6.88 7.27
CA GLU C 130 11.47 -6.31 6.21
C GLU C 130 11.84 -7.32 5.10
N LYS C 131 11.65 -6.94 3.83
CA LYS C 131 12.16 -7.72 2.70
C LYS C 131 13.64 -7.98 2.93
N SER C 132 14.10 -9.19 2.61
CA SER C 132 15.50 -9.59 2.91
C SER C 132 16.11 -10.43 1.79
N SER C 133 17.43 -10.51 1.79
CA SER C 133 18.14 -11.49 0.96
C SER C 133 19.29 -12.10 1.73
N SER C 134 19.80 -13.25 1.28
CA SER C 134 20.83 -13.95 2.04
C SER C 134 22.28 -13.72 1.58
N SER C 135 22.51 -13.29 0.34
CA SER C 135 23.91 -13.21 -0.11
C SER C 135 24.40 -11.77 -0.24
N PHE C 136 25.68 -11.56 0.01
CA PHE C 136 26.26 -10.24 -0.17
C PHE C 136 26.52 -9.99 -1.64
N LEU C 137 26.15 -8.80 -2.10
CA LEU C 137 26.53 -8.33 -3.44
C LEU C 137 28.03 -8.09 -3.45
N MET C 138 28.53 -7.50 -2.37
CA MET C 138 29.94 -7.16 -2.32
C MET C 138 30.33 -6.89 -0.89
N VAL C 139 31.63 -6.95 -0.64
CA VAL C 139 32.18 -6.48 0.62
C VAL C 139 33.11 -5.32 0.31
N VAL C 140 32.87 -4.19 0.95
CA VAL C 140 33.81 -3.07 0.82
C VAL C 140 34.68 -3.08 2.05
N GLY C 141 35.99 -3.14 1.82
CA GLY C 141 36.93 -3.18 2.92
C GLY C 141 37.59 -1.84 3.15
N VAL C 142 38.08 -1.64 4.36
CA VAL C 142 38.74 -0.40 4.69
C VAL C 142 39.95 -0.72 5.56
N ILE C 143 41.09 -0.16 5.17
CA ILE C 143 42.34 -0.35 5.88
C ILE C 143 42.99 1.03 6.09
N ASN C 144 44.05 1.07 6.89
CA ASN C 144 44.82 2.30 7.04
C ASN C 144 46.27 2.01 6.63
N THR C 145 46.82 2.83 5.74
CA THR C 145 48.14 2.58 5.15
C THR C 145 49.28 3.43 5.71
N ASP C 146 49.02 4.21 6.75
CA ASP C 146 50.04 5.12 7.26
C ASP C 146 50.29 4.96 8.75
N GLY C 147 49.77 3.87 9.33
CA GLY C 147 50.04 3.55 10.72
C GLY C 147 49.38 4.47 11.74
N THR C 148 48.40 5.26 11.32
CA THR C 148 47.75 6.20 12.24
C THR C 148 46.45 5.69 12.87
N MET C 149 45.84 4.66 12.30
CA MET C 149 44.59 4.14 12.82
C MET C 149 44.60 2.62 13.05
N THR C 150 44.21 2.20 14.24
CA THR C 150 44.02 0.78 14.52
C THR C 150 42.72 0.29 13.88
N GLN C 151 42.59 -1.03 13.87
CA GLN C 151 41.42 -1.72 13.38
C GLN C 151 40.14 -1.16 14.00
N GLU C 152 40.18 -0.95 15.31
CA GLU C 152 39.01 -0.47 16.00
C GLU C 152 38.70 0.98 15.63
N ASP C 153 39.75 1.76 15.36
CA ASP C 153 39.61 3.13 14.88
C ASP C 153 38.90 3.14 13.55
N ILE C 154 39.39 2.29 12.66
CA ILE C 154 38.84 2.17 11.32
C ILE C 154 37.36 1.78 11.40
N SER C 155 37.06 0.82 12.27
CA SER C 155 35.70 0.35 12.39
C SER C 155 34.78 1.46 12.89
N ASP C 156 35.28 2.26 13.83
CA ASP C 156 34.48 3.39 14.30
C ASP C 156 34.29 4.37 13.16
N TYR C 157 35.36 4.70 12.44
CA TYR C 157 35.23 5.64 11.35
C TYR C 157 34.18 5.18 10.34
N VAL C 158 34.23 3.90 9.99
CA VAL C 158 33.28 3.35 9.04
C VAL C 158 31.87 3.41 9.61
N ALA C 159 31.68 2.96 10.85
CA ALA C 159 30.36 2.96 11.46
C ALA C 159 29.78 4.37 11.52
N ALA C 160 30.63 5.35 11.84
CA ALA C 160 30.14 6.67 12.19
C ALA C 160 30.06 7.62 11.00
N ASN C 161 30.78 7.31 9.92
CA ASN C 161 30.83 8.24 8.80
C ASN C 161 30.46 7.68 7.45
N MET C 162 30.34 6.36 7.34
CA MET C 162 30.15 5.76 6.02
C MET C 162 28.93 4.86 5.96
N LYS C 163 28.67 4.15 7.05
CA LYS C 163 27.67 3.09 6.99
C LYS C 163 26.27 3.63 6.75
N ASP C 164 25.88 4.68 7.46
CA ASP C 164 24.51 5.20 7.35
C ASP C 164 24.19 5.60 5.92
N ALA C 165 25.04 6.44 5.34
CA ALA C 165 24.90 6.83 3.95
C ALA C 165 24.86 5.65 3.00
N ILE C 166 25.80 4.71 3.14
CA ILE C 166 25.77 3.53 2.27
C ILE C 166 24.44 2.83 2.40
N SER C 167 23.95 2.70 3.63
CA SER C 167 22.72 1.94 3.86
C SER C 167 21.49 2.70 3.34
N ARG C 168 21.64 3.97 3.01
CA ARG C 168 20.55 4.72 2.38
C ARG C 168 20.77 4.88 0.87
N THR C 169 21.83 4.25 0.35
CA THR C 169 22.14 4.35 -1.09
C THR C 169 21.18 3.51 -1.97
N SER C 170 20.99 3.95 -3.21
CA SER C 170 20.02 3.32 -4.11
C SER C 170 20.31 1.82 -4.35
N GLY C 171 19.33 0.97 -4.09
CA GLY C 171 19.48 -0.47 -4.32
C GLY C 171 20.10 -1.28 -3.18
N VAL C 172 20.54 -0.60 -2.13
CA VAL C 172 21.17 -1.28 -1.01
C VAL C 172 20.12 -1.80 -0.03
N GLY C 173 20.12 -3.10 0.25
CA GLY C 173 19.07 -3.68 1.05
C GLY C 173 19.34 -3.79 2.54
N ASP C 174 20.58 -4.15 2.88
CA ASP C 174 21.00 -4.28 4.27
C ASP C 174 22.52 -4.20 4.27
N VAL C 175 23.09 -3.73 5.38
CA VAL C 175 24.53 -3.51 5.44
C VAL C 175 25.03 -4.05 6.77
N GLN C 176 26.05 -4.87 6.68
CA GLN C 176 26.65 -5.47 7.87
C GLN C 176 28.01 -4.85 8.12
N LEU C 177 28.25 -4.37 9.34
CA LEU C 177 29.52 -3.78 9.71
C LEU C 177 30.45 -4.91 10.16
N PHE C 178 31.65 -4.97 9.62
CA PHE C 178 32.58 -6.02 10.05
C PHE C 178 33.49 -5.46 11.11
N GLY C 179 32.91 -5.25 12.29
CA GLY C 179 33.56 -4.51 13.35
C GLY C 179 32.50 -3.80 14.15
N SER C 180 32.87 -2.75 14.89
CA SER C 180 31.90 -2.13 15.79
C SER C 180 32.17 -0.65 15.92
N GLN C 181 31.10 0.14 15.98
CA GLN C 181 31.23 1.57 16.27
C GLN C 181 31.77 1.72 17.70
N TYR C 182 32.50 2.80 17.96
CA TYR C 182 32.88 3.10 19.33
C TYR C 182 31.68 3.38 20.23
N ALA C 183 31.86 3.02 21.49
CA ALA C 183 30.99 3.43 22.58
C ALA C 183 31.91 3.97 23.66
N MET C 184 31.33 4.69 24.63
CA MET C 184 32.09 5.10 25.80
C MET C 184 32.12 3.88 26.69
N ARG C 185 33.31 3.33 26.94
CA ARG C 185 33.42 2.13 27.77
C ARG C 185 33.89 2.45 29.16
N ILE C 186 33.12 2.00 30.13
CA ILE C 186 33.48 2.15 31.53
C ILE C 186 33.83 0.74 31.97
N TRP C 187 35.12 0.45 32.15
CA TRP C 187 35.58 -0.88 32.57
C TRP C 187 35.77 -0.91 34.08
N MET C 188 34.83 -1.53 34.79
CA MET C 188 34.82 -1.47 36.26
C MET C 188 35.84 -2.42 36.89
N ASN C 189 36.37 -2.02 38.04
CA ASN C 189 37.29 -2.84 38.82
C ASN C 189 36.57 -3.17 40.12
N PRO C 190 36.23 -4.45 40.32
CA PRO C 190 35.42 -4.85 41.49
C PRO C 190 36.13 -4.60 42.81
N ASN C 191 37.47 -4.62 42.79
CA ASN C 191 38.25 -4.38 44.00
C ASN C 191 38.16 -2.93 44.44
N GLU C 192 38.27 -2.02 43.48
CA GLU C 192 38.17 -0.59 43.78
C GLU C 192 36.73 -0.24 44.18
N LEU C 193 35.76 -0.84 43.50
CA LEU C 193 34.36 -0.75 43.89
C LEU C 193 34.18 -1.13 45.37
N ASN C 194 34.62 -2.33 45.72
CA ASN C 194 34.53 -2.81 47.09
C ASN C 194 35.20 -1.86 48.07
N LYS C 195 36.42 -1.43 47.75
CA LYS C 195 37.16 -0.51 48.61
C LYS C 195 36.33 0.72 48.98
N PHE C 196 35.57 1.23 48.03
CA PHE C 196 34.77 2.43 48.28
C PHE C 196 33.33 2.13 48.68
N GLN C 197 33.02 0.85 48.86
CA GLN C 197 31.66 0.41 49.17
C GLN C 197 30.65 0.86 48.12
N LEU C 198 30.99 0.56 46.87
CA LEU C 198 30.15 0.93 45.73
C LEU C 198 29.89 -0.28 44.83
N THR C 199 28.84 -0.20 44.02
CA THR C 199 28.53 -1.28 43.10
C THR C 199 28.28 -0.74 41.71
N PRO C 200 28.09 -1.64 40.74
CA PRO C 200 27.71 -1.16 39.41
C PRO C 200 26.38 -0.40 39.43
N VAL C 201 25.54 -0.63 40.43
CA VAL C 201 24.26 0.10 40.53
C VAL C 201 24.55 1.58 40.75
N ASP C 202 25.47 1.86 41.65
CA ASP C 202 25.91 3.23 41.92
C ASP C 202 26.54 3.89 40.70
N VAL C 203 27.34 3.13 39.96
CA VAL C 203 27.98 3.64 38.74
C VAL C 203 26.91 4.00 37.72
N ILE C 204 25.96 3.09 37.50
CA ILE C 204 24.91 3.29 36.52
C ILE C 204 24.06 4.49 36.91
N THR C 205 23.74 4.61 38.19
CA THR C 205 22.91 5.71 38.67
C THR C 205 23.62 7.03 38.45
N ALA C 206 24.91 7.09 38.78
CA ALA C 206 25.66 8.34 38.59
C ALA C 206 25.78 8.72 37.12
N ILE C 207 25.97 7.75 36.24
CA ILE C 207 26.11 8.05 34.82
C ILE C 207 24.79 8.60 34.28
N LYS C 208 23.67 8.00 34.68
CA LYS C 208 22.38 8.51 34.23
C LYS C 208 22.14 9.94 34.73
N ALA C 209 22.51 10.22 35.97
CA ALA C 209 22.36 11.57 36.52
C ALA C 209 23.34 12.59 35.92
N GLN C 210 24.54 12.16 35.56
CA GLN C 210 25.57 13.13 35.23
C GLN C 210 25.96 13.17 33.76
N ASN C 211 25.47 12.19 33.01
CA ASN C 211 25.52 12.21 31.54
C ASN C 211 24.09 12.37 31.04
N ALA C 212 23.58 13.58 31.11
CA ALA C 212 22.15 13.80 30.93
C ALA C 212 21.89 14.93 29.97
N GLN C 213 20.72 14.94 29.34
CA GLN C 213 20.37 16.01 28.44
C GLN C 213 18.97 16.43 28.81
N VAL C 214 18.88 17.60 29.44
CA VAL C 214 17.68 18.03 30.12
C VAL C 214 16.91 19.08 29.33
N ALA C 215 15.62 18.85 29.14
CA ALA C 215 14.74 19.90 28.63
C ALA C 215 14.45 20.84 29.80
N ALA C 216 14.86 22.10 29.70
CA ALA C 216 14.75 23.02 30.83
C ALA C 216 13.84 24.20 30.57
N GLY C 217 13.23 24.28 29.39
CA GLY C 217 12.27 25.35 29.12
C GLY C 217 12.88 26.70 28.72
N GLN C 218 12.16 27.79 29.00
CA GLN C 218 12.58 29.11 28.51
C GLN C 218 12.31 30.23 29.50
N LEU C 219 13.07 31.32 29.35
CA LEU C 219 12.73 32.59 29.94
C LEU C 219 11.88 33.33 28.94
N GLY C 220 10.77 33.92 29.38
CA GLY C 220 9.94 34.72 28.49
C GLY C 220 9.23 33.87 27.46
N GLY C 221 8.96 32.60 27.79
CA GLY C 221 8.22 31.73 26.88
C GLY C 221 6.72 31.99 26.97
N THR C 222 5.96 31.44 26.03
CA THR C 222 4.50 31.65 26.02
C THR C 222 3.82 30.72 27.01
N PRO C 223 2.70 31.18 27.58
CA PRO C 223 2.24 32.57 27.45
C PRO C 223 3.08 33.48 28.37
N PRO C 224 3.50 34.65 27.86
CA PRO C 224 4.38 35.52 28.65
C PRO C 224 3.59 36.58 29.43
N VAL C 225 4.27 37.32 30.29
CA VAL C 225 3.68 38.55 30.78
C VAL C 225 3.86 39.55 29.65
N LYS C 226 2.78 40.13 29.15
CA LYS C 226 2.88 41.10 28.08
C LYS C 226 3.90 42.17 28.44
N GLY C 227 4.66 42.66 27.47
CA GLY C 227 5.71 43.61 27.76
C GLY C 227 7.07 42.94 27.92
N GLN C 228 7.10 41.62 27.95
CA GLN C 228 8.37 40.86 28.03
C GLN C 228 9.25 41.18 26.83
N GLN C 229 10.54 41.44 27.07
CA GLN C 229 11.47 41.77 25.99
C GLN C 229 12.39 40.60 25.64
N LEU C 230 12.69 39.76 26.62
CA LEU C 230 13.65 38.67 26.45
C LEU C 230 12.95 37.32 26.24
N ASN C 231 13.41 36.56 25.27
CA ASN C 231 13.00 35.17 25.13
C ASN C 231 14.26 34.38 24.88
N ALA C 232 14.59 33.46 25.79
CA ALA C 232 15.83 32.68 25.67
C ALA C 232 15.64 31.28 26.20
N SER C 233 16.22 30.30 25.50
CA SER C 233 16.21 28.92 25.98
C SER C 233 17.02 28.81 27.25
N ILE C 234 16.57 27.99 28.19
CA ILE C 234 17.40 27.64 29.33
C ILE C 234 18.09 26.30 28.96
N ILE C 235 19.41 26.28 29.08
CA ILE C 235 20.21 25.09 28.78
C ILE C 235 20.71 24.56 30.11
N ALA C 236 20.27 23.38 30.51
CA ALA C 236 20.80 22.76 31.73
C ALA C 236 21.88 21.73 31.35
N GLN C 237 21.81 20.52 31.90
CA GLN C 237 22.84 19.51 31.58
C GLN C 237 22.82 19.13 30.10
N THR C 238 23.99 18.85 29.54
CA THR C 238 24.06 18.30 28.20
C THR C 238 24.89 17.00 28.25
N ARG C 239 24.71 16.12 27.28
CA ARG C 239 25.47 14.85 27.23
C ARG C 239 26.97 15.11 27.31
N LEU C 240 27.70 14.23 28.00
CA LEU C 240 29.15 14.32 28.08
C LEU C 240 29.69 13.90 26.72
N THR C 241 30.92 14.31 26.40
CA THR C 241 31.45 14.18 25.03
C THR C 241 32.83 13.53 24.96
N SER C 242 33.39 13.17 26.12
CA SER C 242 34.79 12.74 26.19
C SER C 242 35.06 11.82 27.37
N THR C 243 36.13 11.03 27.27
CA THR C 243 36.50 10.17 28.38
C THR C 243 36.84 10.98 29.62
N GLU C 244 37.51 12.11 29.42
CA GLU C 244 37.81 13.02 30.54
C GLU C 244 36.55 13.35 31.34
N GLU C 245 35.50 13.77 30.64
CA GLU C 245 34.25 14.14 31.32
C GLU C 245 33.65 12.96 32.05
N PHE C 246 33.66 11.78 31.44
CA PHE C 246 33.09 10.62 32.11
C PHE C 246 33.90 10.29 33.37
N GLY C 247 35.22 10.45 33.28
CA GLY C 247 36.11 10.09 34.38
C GLY C 247 35.89 10.90 35.64
N LYS C 248 35.41 12.13 35.50
CA LYS C 248 35.21 12.98 36.66
C LYS C 248 33.77 12.98 37.14
N ILE C 249 32.97 12.05 36.63
CA ILE C 249 31.65 11.82 37.20
C ILE C 249 31.83 11.54 38.69
N LEU C 250 31.04 12.21 39.52
CA LEU C 250 31.22 12.14 40.97
C LEU C 250 30.36 11.04 41.53
N LEU C 251 30.98 9.99 42.06
CA LEU C 251 30.21 8.88 42.61
C LEU C 251 29.76 9.17 44.04
N LYS C 252 30.65 9.79 44.82
CA LYS C 252 30.33 10.21 46.17
C LYS C 252 31.51 10.97 46.78
N VAL C 253 31.23 11.77 47.82
CA VAL C 253 32.34 12.35 48.58
C VAL C 253 32.37 11.74 49.98
N ASN C 254 33.58 11.41 50.44
CA ASN C 254 33.75 10.79 51.76
C ASN C 254 33.62 11.80 52.90
N GLN C 255 33.35 11.28 54.10
CA GLN C 255 33.15 12.09 55.30
C GLN C 255 34.21 13.18 55.47
N ASP C 256 35.44 12.87 55.08
CA ASP C 256 36.54 13.82 55.15
C ASP C 256 36.67 14.65 53.86
N GLY C 257 35.53 14.87 53.20
CA GLY C 257 35.49 15.67 51.99
C GLY C 257 36.25 15.07 50.82
N SER C 258 36.72 13.83 50.98
CA SER C 258 37.40 13.15 49.89
C SER C 258 36.40 12.80 48.79
N ARG C 259 36.80 12.96 47.53
CA ARG C 259 35.91 12.68 46.40
C ARG C 259 36.25 11.35 45.72
N VAL C 260 35.21 10.56 45.43
CA VAL C 260 35.40 9.34 44.63
C VAL C 260 34.83 9.59 43.24
N LEU C 261 35.73 9.66 42.26
CA LEU C 261 35.37 9.90 40.86
C LEU C 261 35.28 8.56 40.11
N LEU C 262 34.50 8.53 39.03
CA LEU C 262 34.34 7.31 38.26
C LEU C 262 35.70 6.73 37.88
N ARG C 263 36.63 7.58 37.48
CA ARG C 263 37.98 7.12 37.08
C ARG C 263 38.74 6.44 38.22
N ASP C 264 38.24 6.59 39.43
CA ASP C 264 38.84 5.96 40.60
C ASP C 264 38.40 4.49 40.77
N VAL C 265 37.38 4.08 40.02
CA VAL C 265 36.87 2.71 40.11
C VAL C 265 36.81 2.00 38.75
N ALA C 266 37.27 2.70 37.71
CA ALA C 266 37.08 2.21 36.34
C ALA C 266 38.11 2.79 35.39
N LYS C 267 38.42 2.04 34.34
CA LYS C 267 39.13 2.59 33.20
C LYS C 267 38.11 3.16 32.23
N ILE C 268 38.37 4.34 31.69
CA ILE C 268 37.40 4.97 30.82
C ILE C 268 38.01 5.09 29.43
N GLU C 269 37.35 4.53 28.41
CA GLU C 269 37.91 4.69 27.07
C GLU C 269 36.86 4.49 25.98
N LEU C 270 37.09 5.09 24.81
CA LEU C 270 36.31 4.72 23.63
C LEU C 270 36.67 3.29 23.24
N GLY C 271 35.67 2.48 22.97
CA GLY C 271 35.91 1.11 22.52
C GLY C 271 34.62 0.61 21.90
N GLY C 272 34.70 -0.51 21.20
CA GLY C 272 33.57 -1.02 20.44
C GLY C 272 32.34 -1.24 21.29
N GLU C 273 31.15 -1.04 20.70
CA GLU C 273 29.90 -1.42 21.35
C GLU C 273 29.94 -2.90 21.67
N ASN C 274 30.60 -3.65 20.79
CA ASN C 274 30.89 -5.05 21.08
C ASN C 274 32.24 -5.41 20.49
N TYR C 275 32.80 -6.51 20.93
CA TYR C 275 34.15 -6.86 20.52
C TYR C 275 34.20 -8.23 19.84
N ASP C 276 33.10 -8.64 19.22
CA ASP C 276 32.99 -9.98 18.68
C ASP C 276 33.52 -10.13 17.26
N ILE C 277 33.61 -9.04 16.51
CA ILE C 277 33.94 -9.15 15.09
C ILE C 277 35.25 -8.45 14.79
N ILE C 278 36.16 -9.18 14.15
CA ILE C 278 37.48 -8.65 13.81
C ILE C 278 37.86 -9.18 12.43
N ALA C 279 38.09 -8.27 11.50
CA ALA C 279 38.36 -8.65 10.12
C ALA C 279 39.81 -8.37 9.79
N GLU C 280 40.33 -9.05 8.78
CA GLU C 280 41.65 -8.77 8.24
C GLU C 280 41.55 -8.80 6.73
N PHE C 281 42.30 -7.92 6.08
CA PHE C 281 42.41 -7.92 4.63
C PHE C 281 43.84 -8.39 4.31
N ASN C 282 43.96 -9.50 3.60
CA ASN C 282 45.28 -10.08 3.33
C ASN C 282 46.17 -10.11 4.57
N GLY C 283 45.60 -10.48 5.72
CA GLY C 283 46.40 -10.57 6.93
C GLY C 283 46.66 -9.27 7.67
N GLN C 284 46.12 -8.17 7.17
CA GLN C 284 46.29 -6.87 7.83
C GLN C 284 44.96 -6.39 8.44
N PRO C 285 45.04 -5.69 9.59
CA PRO C 285 43.83 -5.25 10.30
C PRO C 285 42.95 -4.43 9.38
N ALA C 286 41.65 -4.68 9.40
CA ALA C 286 40.75 -4.02 8.46
C ALA C 286 39.39 -3.86 9.08
N SER C 287 38.56 -3.03 8.47
CA SER C 287 37.13 -3.12 8.72
C SER C 287 36.44 -3.28 7.38
N GLY C 288 35.11 -3.24 7.37
CA GLY C 288 34.40 -3.36 6.12
C GLY C 288 32.90 -3.38 6.25
N LEU C 289 32.26 -3.37 5.09
CA LEU C 289 30.82 -3.35 5.01
C LEU C 289 30.41 -4.48 4.11
N GLY C 290 29.55 -5.36 4.61
CA GLY C 290 28.99 -6.40 3.75
C GLY C 290 27.65 -5.87 3.25
N ILE C 291 27.52 -5.71 1.93
CA ILE C 291 26.38 -5.03 1.35
C ILE C 291 25.46 -5.99 0.61
N LYS C 292 24.18 -5.98 0.96
CA LYS C 292 23.21 -6.81 0.27
C LYS C 292 22.43 -5.99 -0.73
N LEU C 293 22.00 -6.64 -1.82
CA LEU C 293 21.21 -5.99 -2.86
C LEU C 293 19.74 -6.00 -2.45
N ALA C 294 19.08 -4.85 -2.54
CA ALA C 294 17.64 -4.79 -2.21
C ALA C 294 16.82 -5.64 -3.19
N THR C 295 15.75 -6.23 -2.69
CA THR C 295 14.88 -7.06 -3.52
C THR C 295 14.44 -6.27 -4.75
N GLY C 296 14.71 -6.81 -5.94
CA GLY C 296 14.28 -6.16 -7.17
C GLY C 296 15.22 -5.09 -7.71
N ALA C 297 16.24 -4.69 -6.96
CA ALA C 297 17.14 -3.66 -7.47
C ALA C 297 18.08 -4.22 -8.55
N ASN C 298 18.63 -3.34 -9.39
CA ASN C 298 19.55 -3.76 -10.43
C ASN C 298 20.98 -3.83 -9.85
N ALA C 299 21.63 -5.00 -9.93
CA ALA C 299 22.95 -5.18 -9.33
C ALA C 299 24.01 -4.19 -9.83
N LEU C 300 24.04 -3.98 -11.14
CA LEU C 300 25.05 -3.13 -11.76
C LEU C 300 24.80 -1.68 -11.38
N ASP C 301 23.55 -1.26 -11.44
CA ASP C 301 23.20 0.11 -11.02
C ASP C 301 23.57 0.35 -9.56
N THR C 302 23.35 -0.64 -8.72
CA THR C 302 23.56 -0.48 -7.28
C THR C 302 25.05 -0.40 -6.96
N ALA C 303 25.84 -1.21 -7.66
CA ALA C 303 27.29 -1.17 -7.49
C ALA C 303 27.81 0.19 -7.92
N ALA C 304 27.25 0.72 -9.00
CA ALA C 304 27.70 2.03 -9.47
C ALA C 304 27.28 3.11 -8.47
N ALA C 305 26.08 3.00 -7.90
CA ALA C 305 25.63 3.97 -6.91
C ALA C 305 26.49 3.89 -5.63
N ILE C 306 26.86 2.68 -5.22
CA ILE C 306 27.72 2.50 -4.04
C ILE C 306 29.09 3.13 -4.28
N ARG C 307 29.66 2.90 -5.46
CA ARG C 307 30.95 3.50 -5.74
C ARG C 307 30.87 5.04 -5.80
N ALA C 308 29.78 5.56 -6.35
CA ALA C 308 29.57 7.01 -6.38
C ALA C 308 29.43 7.58 -4.96
N GLU C 309 28.79 6.86 -4.05
CA GLU C 309 28.69 7.36 -2.69
C GLU C 309 30.05 7.29 -2.00
N LEU C 310 30.80 6.23 -2.25
CA LEU C 310 32.14 6.12 -1.69
C LEU C 310 33.02 7.28 -2.18
N ALA C 311 32.89 7.64 -3.45
CA ALA C 311 33.74 8.68 -4.05
C ALA C 311 33.48 10.05 -3.42
N LYS C 312 32.26 10.25 -2.93
CA LYS C 312 31.90 11.47 -2.22
C LYS C 312 32.51 11.51 -0.83
N MET C 313 32.72 10.35 -0.23
CA MET C 313 33.23 10.28 1.14
C MET C 313 34.75 10.47 1.19
N GLU C 314 35.43 9.96 0.16
CA GLU C 314 36.89 9.89 0.15
C GLU C 314 37.65 11.20 0.44
N PRO C 315 37.21 12.33 -0.12
CA PRO C 315 37.95 13.57 0.15
C PRO C 315 37.98 13.92 1.65
N PHE C 316 37.11 13.34 2.45
CA PHE C 316 36.99 13.73 3.84
C PHE C 316 37.61 12.69 4.78
N PHE C 317 38.21 11.67 4.18
CA PHE C 317 38.92 10.62 4.92
C PHE C 317 40.07 11.16 5.73
N PRO C 318 40.27 10.62 6.94
CA PRO C 318 41.50 10.93 7.67
C PRO C 318 42.71 10.28 6.98
N SER C 319 43.90 10.75 7.33
CA SER C 319 45.15 10.29 6.73
C SER C 319 45.27 8.77 6.65
N GLY C 320 45.66 8.29 5.47
CA GLY C 320 45.99 6.89 5.31
C GLY C 320 44.83 5.92 5.20
N LEU C 321 43.61 6.38 5.43
CA LEU C 321 42.44 5.49 5.30
C LEU C 321 42.27 5.18 3.83
N LYS C 322 42.04 3.90 3.49
CA LYS C 322 41.92 3.50 2.09
C LYS C 322 40.85 2.44 1.88
N ILE C 323 40.05 2.60 0.83
CA ILE C 323 39.02 1.64 0.48
C ILE C 323 39.66 0.51 -0.32
N VAL C 324 39.28 -0.71 -0.01
CA VAL C 324 39.80 -1.89 -0.68
C VAL C 324 38.57 -2.70 -1.12
N TYR C 325 38.72 -3.51 -2.18
CA TYR C 325 37.59 -4.19 -2.79
C TYR C 325 37.84 -5.70 -2.84
N PRO C 326 37.68 -6.37 -1.68
CA PRO C 326 38.01 -7.78 -1.46
C PRO C 326 37.03 -8.80 -2.02
N TYR C 327 35.83 -8.39 -2.43
CA TYR C 327 34.80 -9.36 -2.79
C TYR C 327 33.63 -8.70 -3.47
N ASP C 328 33.45 -8.99 -4.75
CA ASP C 328 32.42 -8.32 -5.53
C ASP C 328 31.96 -9.23 -6.64
N THR C 329 30.66 -9.47 -6.69
CA THR C 329 30.09 -10.35 -7.71
C THR C 329 29.85 -9.60 -9.01
N THR C 330 30.01 -8.27 -9.00
CA THR C 330 29.64 -7.52 -10.18
C THR C 330 30.64 -7.56 -11.35
N PRO C 331 31.95 -7.74 -11.05
CA PRO C 331 32.80 -7.93 -12.22
C PRO C 331 32.40 -9.17 -13.02
N PHE C 332 31.86 -10.20 -12.37
CA PHE C 332 31.43 -11.39 -13.09
C PHE C 332 30.23 -11.08 -13.97
N VAL C 333 29.32 -10.26 -13.43
CA VAL C 333 28.14 -9.86 -14.17
C VAL C 333 28.56 -9.19 -15.45
N LYS C 334 29.53 -8.30 -15.37
CA LYS C 334 29.96 -7.54 -16.54
C LYS C 334 30.59 -8.40 -17.60
N ILE C 335 31.55 -9.24 -17.20
CA ILE C 335 32.24 -10.09 -18.16
C ILE C 335 31.32 -11.14 -18.77
N SER C 336 30.39 -11.68 -17.99
CA SER C 336 29.52 -12.73 -18.52
C SER C 336 28.57 -12.15 -19.57
N ILE C 337 28.19 -10.89 -19.40
CA ILE C 337 27.36 -10.23 -20.39
C ILE C 337 28.21 -9.96 -21.62
N HIS C 338 29.43 -9.47 -21.42
CA HIS C 338 30.37 -9.26 -22.52
C HIS C 338 30.59 -10.53 -23.36
N GLU C 339 30.65 -11.68 -22.70
CA GLU C 339 30.91 -12.92 -23.40
C GLU C 339 29.69 -13.39 -24.20
N VAL C 340 28.48 -13.07 -23.73
CA VAL C 340 27.31 -13.47 -24.52
C VAL C 340 27.20 -12.60 -25.76
N VAL C 341 27.45 -11.30 -25.62
CA VAL C 341 27.47 -10.37 -26.76
C VAL C 341 28.48 -10.85 -27.79
N LYS C 342 29.67 -11.21 -27.32
CA LYS C 342 30.69 -11.75 -28.21
C LYS C 342 30.19 -13.01 -28.93
N THR C 343 29.50 -13.87 -28.20
CA THR C 343 28.92 -15.10 -28.77
C THR C 343 27.87 -14.73 -29.81
N LEU C 344 27.03 -13.75 -29.49
CA LEU C 344 26.01 -13.24 -30.41
C LEU C 344 26.67 -12.77 -31.70
N VAL C 345 27.69 -11.91 -31.58
CA VAL C 345 28.40 -11.41 -32.75
C VAL C 345 29.01 -12.55 -33.57
N GLU C 346 29.63 -13.52 -32.90
CA GLU C 346 30.20 -14.66 -33.62
C GLU C 346 29.13 -15.47 -34.34
N ALA C 347 27.96 -15.62 -33.72
CA ALA C 347 26.84 -16.36 -34.31
C ALA C 347 26.40 -15.67 -35.61
N ILE C 348 26.23 -14.35 -35.56
CA ILE C 348 25.89 -13.57 -36.75
C ILE C 348 26.92 -13.73 -37.88
N ILE C 349 28.20 -13.69 -37.55
CA ILE C 349 29.23 -13.88 -38.58
C ILE C 349 29.16 -15.28 -39.18
N LEU C 350 28.99 -16.29 -38.33
CA LEU C 350 28.95 -17.66 -38.83
C LEU C 350 27.70 -17.88 -39.69
N VAL C 351 26.55 -17.40 -39.23
CA VAL C 351 25.32 -17.50 -40.03
C VAL C 351 25.51 -16.81 -41.38
N PHE C 352 26.08 -15.62 -41.35
CA PHE C 352 26.40 -14.91 -42.58
C PHE C 352 27.22 -15.78 -43.53
N LEU C 353 28.26 -16.41 -42.99
CA LEU C 353 29.16 -17.23 -43.81
C LEU C 353 28.44 -18.43 -44.43
N VAL C 354 27.53 -19.03 -43.67
CA VAL C 354 26.76 -20.16 -44.19
C VAL C 354 25.91 -19.71 -45.37
N MET C 355 25.26 -18.56 -45.23
CA MET C 355 24.42 -18.04 -46.31
C MET C 355 25.28 -17.69 -47.52
N TYR C 356 26.47 -17.15 -47.25
CA TYR C 356 27.41 -16.84 -48.32
C TYR C 356 27.82 -18.11 -49.07
N LEU C 357 28.11 -19.18 -48.32
CA LEU C 357 28.55 -20.42 -48.94
C LEU C 357 27.53 -20.91 -49.96
N PHE C 358 26.25 -20.75 -49.64
CA PHE C 358 25.17 -21.29 -50.48
C PHE C 358 24.69 -20.30 -51.54
N LEU C 359 24.58 -19.03 -51.16
CA LEU C 359 24.08 -17.99 -52.05
C LEU C 359 25.18 -17.40 -52.92
N GLN C 360 26.40 -17.32 -52.38
CA GLN C 360 27.60 -17.08 -53.17
C GLN C 360 27.69 -15.69 -53.81
N ASN C 361 26.58 -15.22 -54.35
CA ASN C 361 26.48 -13.88 -54.87
C ASN C 361 26.26 -12.92 -53.71
N PHE C 362 26.80 -11.70 -53.82
CA PHE C 362 26.76 -10.79 -52.69
C PHE C 362 25.38 -10.17 -52.46
N ARG C 363 24.70 -9.81 -53.54
CA ARG C 363 23.36 -9.25 -53.44
C ARG C 363 22.39 -10.30 -52.92
N ALA C 364 22.55 -11.54 -53.37
CA ALA C 364 21.72 -12.64 -52.90
C ALA C 364 21.95 -12.91 -51.40
N THR C 365 23.23 -12.95 -51.00
CA THR C 365 23.57 -13.19 -49.60
C THR C 365 23.11 -12.07 -48.69
N LEU C 366 23.22 -10.85 -49.19
CA LEU C 366 22.89 -9.69 -48.38
C LEU C 366 21.41 -9.69 -47.98
N ILE C 367 20.54 -10.16 -48.87
CA ILE C 367 19.10 -10.09 -48.64
C ILE C 367 18.62 -10.75 -47.33
N PRO C 368 18.98 -12.02 -47.10
CA PRO C 368 18.61 -12.58 -45.80
C PRO C 368 19.47 -12.06 -44.66
N THR C 369 20.65 -11.56 -44.97
CA THR C 369 21.52 -10.98 -43.93
C THR C 369 20.83 -9.76 -43.30
N ILE C 370 20.17 -8.97 -44.13
CA ILE C 370 19.45 -7.79 -43.66
C ILE C 370 18.37 -8.14 -42.62
N ALA C 371 17.78 -9.33 -42.72
CA ALA C 371 16.81 -9.76 -41.73
C ALA C 371 17.34 -9.67 -40.29
N VAL C 372 18.64 -9.86 -40.13
CA VAL C 372 19.25 -9.91 -38.78
C VAL C 372 19.09 -8.62 -37.99
N PRO C 373 19.57 -7.49 -38.54
CA PRO C 373 19.41 -6.19 -37.87
C PRO C 373 17.93 -5.88 -37.65
N VAL C 374 17.10 -6.10 -38.66
CA VAL C 374 15.68 -5.78 -38.54
C VAL C 374 14.98 -6.57 -37.44
N VAL C 375 15.17 -7.89 -37.43
CA VAL C 375 14.52 -8.74 -36.44
C VAL C 375 15.08 -8.54 -35.04
N LEU C 376 16.40 -8.51 -34.92
CA LEU C 376 17.03 -8.34 -33.61
C LEU C 376 16.71 -6.98 -33.02
N LEU C 377 16.82 -5.92 -33.82
CA LEU C 377 16.48 -4.60 -33.31
C LEU C 377 14.99 -4.54 -32.96
N GLY C 378 14.15 -5.12 -33.81
CA GLY C 378 12.71 -5.16 -33.53
C GLY C 378 12.46 -5.88 -32.22
N THR C 379 13.28 -6.89 -31.94
CA THR C 379 13.10 -7.68 -30.73
C THR C 379 13.49 -6.90 -29.47
N PHE C 380 14.60 -6.18 -29.53
CA PHE C 380 14.96 -5.26 -28.44
C PHE C 380 13.81 -4.29 -28.16
N ALA C 381 13.16 -3.79 -29.21
CA ALA C 381 12.00 -2.91 -29.00
C ALA C 381 10.89 -3.63 -28.23
N VAL C 382 10.59 -4.88 -28.61
CA VAL C 382 9.60 -5.66 -27.88
C VAL C 382 9.99 -5.85 -26.41
N LEU C 383 11.26 -6.17 -26.15
CA LEU C 383 11.74 -6.31 -24.77
C LEU C 383 11.47 -5.03 -23.98
N ALA C 384 11.80 -3.90 -24.58
CA ALA C 384 11.61 -2.62 -23.91
C ALA C 384 10.13 -2.38 -23.63
N ALA C 385 9.29 -2.67 -24.62
CA ALA C 385 7.86 -2.45 -24.49
C ALA C 385 7.20 -3.29 -23.39
N PHE C 386 7.77 -4.46 -23.09
CA PHE C 386 7.18 -5.31 -22.06
C PHE C 386 7.98 -5.28 -20.75
N GLY C 387 8.96 -4.39 -20.66
CA GLY C 387 9.68 -4.19 -19.41
C GLY C 387 10.72 -5.27 -19.13
N PHE C 388 11.21 -5.94 -20.17
CA PHE C 388 12.26 -6.94 -19.98
C PHE C 388 13.61 -6.23 -20.00
N SER C 389 14.65 -6.91 -19.51
CA SER C 389 15.99 -6.34 -19.52
C SER C 389 16.90 -7.05 -20.54
N ILE C 390 18.02 -6.41 -20.87
CA ILE C 390 19.11 -7.11 -21.54
C ILE C 390 19.84 -7.91 -20.49
N ASN C 391 19.71 -9.22 -20.53
CA ASN C 391 20.36 -10.08 -19.55
C ASN C 391 20.90 -11.31 -20.26
N THR C 392 21.52 -12.24 -19.53
CA THR C 392 22.15 -13.36 -20.22
C THR C 392 21.11 -14.26 -20.88
N LEU C 393 19.92 -14.31 -20.28
CA LEU C 393 18.86 -15.17 -20.80
C LEU C 393 18.24 -14.61 -22.07
N THR C 394 17.87 -13.33 -22.05
CA THR C 394 17.33 -12.71 -23.27
C THR C 394 18.37 -12.77 -24.38
N MET C 395 19.65 -12.64 -24.01
CA MET C 395 20.74 -12.71 -24.99
C MET C 395 20.91 -14.10 -25.58
N PHE C 396 20.81 -15.12 -24.74
CA PHE C 396 20.81 -16.52 -25.22
C PHE C 396 19.66 -16.71 -26.19
N GLY C 397 18.50 -16.13 -25.84
CA GLY C 397 17.35 -16.24 -26.71
C GLY C 397 17.71 -15.72 -28.09
N MET C 398 18.45 -14.62 -28.14
CA MET C 398 18.82 -14.03 -29.43
C MET C 398 19.88 -14.83 -30.16
N VAL C 399 20.80 -15.45 -29.42
CA VAL C 399 21.79 -16.30 -30.06
C VAL C 399 21.09 -17.47 -30.76
N LEU C 400 20.15 -18.10 -30.05
CA LEU C 400 19.35 -19.18 -30.62
C LEU C 400 18.58 -18.72 -31.86
N ALA C 401 18.00 -17.53 -31.77
CA ALA C 401 17.17 -16.97 -32.83
C ALA C 401 17.94 -16.69 -34.13
N ILE C 402 19.22 -16.36 -34.03
CA ILE C 402 19.94 -15.92 -35.23
C ILE C 402 19.79 -16.88 -36.37
N GLY C 403 19.98 -18.17 -36.10
CA GLY C 403 19.97 -19.17 -37.16
C GLY C 403 18.57 -19.59 -37.51
N LEU C 404 17.61 -19.03 -36.77
CA LEU C 404 16.20 -19.33 -36.94
C LEU C 404 15.53 -18.16 -37.68
N LEU C 405 15.87 -16.94 -37.28
CA LEU C 405 15.23 -15.74 -37.82
C LEU C 405 15.53 -15.51 -39.30
N VAL C 406 16.66 -16.00 -39.81
CA VAL C 406 16.98 -15.86 -41.24
C VAL C 406 16.28 -16.91 -42.11
N ASP C 407 15.63 -17.89 -41.49
CA ASP C 407 15.12 -19.06 -42.24
C ASP C 407 14.09 -18.70 -43.31
N ASP C 408 13.06 -17.96 -42.91
CA ASP C 408 11.99 -17.59 -43.84
C ASP C 408 12.57 -16.80 -45.01
N ALA C 409 13.40 -15.81 -44.70
CA ALA C 409 14.09 -15.03 -45.73
C ALA C 409 14.87 -15.95 -46.65
N ILE C 410 15.61 -16.89 -46.06
CA ILE C 410 16.37 -17.84 -46.86
C ILE C 410 15.45 -18.62 -47.78
N VAL C 411 14.37 -19.17 -47.23
CA VAL C 411 13.41 -19.92 -48.04
C VAL C 411 12.92 -19.10 -49.22
N VAL C 412 12.68 -17.81 -48.99
CA VAL C 412 12.24 -16.92 -50.07
C VAL C 412 13.29 -16.79 -51.17
N VAL C 413 14.49 -16.34 -50.79
CA VAL C 413 15.56 -16.11 -51.74
C VAL C 413 15.94 -17.38 -52.48
N GLU C 414 16.08 -18.48 -51.75
CA GLU C 414 16.45 -19.75 -52.38
C GLU C 414 15.39 -20.19 -53.40
N ASN C 415 14.11 -20.03 -53.07
CA ASN C 415 13.05 -20.40 -54.02
C ASN C 415 13.08 -19.56 -55.29
N VAL C 416 13.28 -18.26 -55.12
CA VAL C 416 13.35 -17.36 -56.26
C VAL C 416 14.48 -17.77 -57.22
N GLU C 417 15.64 -18.08 -56.65
CA GLU C 417 16.78 -18.49 -57.47
C GLU C 417 16.51 -19.80 -58.21
N ARG C 418 15.92 -20.77 -57.51
CA ARG C 418 15.51 -22.02 -58.15
C ARG C 418 14.55 -21.77 -59.31
N VAL C 419 13.56 -20.89 -59.11
CA VAL C 419 12.56 -20.65 -60.16
C VAL C 419 13.19 -20.04 -61.41
N MET C 420 14.16 -19.15 -61.20
CA MET C 420 14.90 -18.58 -62.32
C MET C 420 15.73 -19.67 -63.00
N ALA C 421 16.45 -20.46 -62.20
CA ALA C 421 17.24 -21.55 -62.76
C ALA C 421 16.36 -22.53 -63.53
N GLU C 422 15.13 -22.72 -63.07
CA GLU C 422 14.23 -23.67 -63.73
C GLU C 422 13.58 -23.09 -64.98
N GLU C 423 13.07 -21.86 -64.88
CA GLU C 423 12.27 -21.28 -65.96
C GLU C 423 12.94 -20.13 -66.72
N GLY C 424 13.97 -19.52 -66.12
CA GLY C 424 14.62 -18.37 -66.74
C GLY C 424 13.86 -17.08 -66.51
N LEU C 425 12.82 -17.14 -65.67
CA LEU C 425 12.02 -15.97 -65.34
C LEU C 425 12.85 -14.83 -64.78
N PRO C 426 12.42 -13.59 -65.07
CA PRO C 426 13.03 -12.39 -64.48
C PRO C 426 12.75 -12.37 -62.99
N PRO C 427 13.66 -11.79 -62.19
CA PRO C 427 13.60 -11.77 -60.72
C PRO C 427 12.21 -11.42 -60.17
N LYS C 428 11.56 -10.44 -60.80
CA LYS C 428 10.27 -9.93 -60.31
C LYS C 428 9.17 -10.99 -60.42
N GLU C 429 9.01 -11.55 -61.62
CA GLU C 429 8.01 -12.60 -61.80
C GLU C 429 8.42 -13.85 -61.05
N ALA C 430 9.72 -14.13 -61.00
CA ALA C 430 10.18 -15.26 -60.24
C ALA C 430 9.78 -15.09 -58.77
N THR C 431 9.78 -13.86 -58.28
CA THR C 431 9.45 -13.63 -56.88
C THR C 431 7.94 -13.75 -56.64
N ARG C 432 7.14 -13.26 -57.59
CA ARG C 432 5.68 -13.33 -57.47
C ARG C 432 5.26 -14.79 -57.42
N LYS C 433 5.69 -15.55 -58.41
CA LYS C 433 5.44 -16.98 -58.42
C LYS C 433 5.92 -17.63 -57.13
N SER C 434 7.14 -17.29 -56.71
CA SER C 434 7.72 -17.87 -55.51
C SER C 434 6.85 -17.66 -54.28
N MET C 435 6.38 -16.43 -54.09
CA MET C 435 5.60 -16.12 -52.90
C MET C 435 4.34 -16.97 -52.84
N GLY C 436 3.74 -17.22 -54.00
CA GLY C 436 2.60 -18.12 -54.08
C GLY C 436 2.94 -19.54 -53.69
N GLN C 437 4.19 -19.95 -53.96
CA GLN C 437 4.60 -21.33 -53.72
C GLN C 437 4.91 -21.65 -52.26
N ILE C 438 5.35 -20.64 -51.51
CA ILE C 438 6.03 -20.90 -50.23
C ILE C 438 5.42 -20.29 -48.97
N GLN C 439 4.37 -19.47 -49.12
CA GLN C 439 3.82 -18.77 -47.95
C GLN C 439 3.42 -19.72 -46.82
N GLY C 440 2.84 -20.86 -47.18
CA GLY C 440 2.46 -21.88 -46.21
C GLY C 440 3.65 -22.32 -45.35
N ALA C 441 4.80 -22.46 -45.98
CA ALA C 441 6.01 -22.83 -45.25
C ALA C 441 6.47 -21.66 -44.37
N LEU C 442 6.51 -20.47 -44.95
CA LEU C 442 6.98 -19.30 -44.20
C LEU C 442 6.19 -19.14 -42.91
N VAL C 443 4.87 -19.19 -43.01
CA VAL C 443 4.02 -18.99 -41.83
C VAL C 443 4.12 -20.20 -40.91
N GLY C 444 4.17 -21.38 -41.50
CA GLY C 444 4.25 -22.62 -40.72
C GLY C 444 5.51 -22.68 -39.88
N ILE C 445 6.64 -22.29 -40.46
CA ILE C 445 7.91 -22.29 -39.73
C ILE C 445 7.88 -21.31 -38.57
N ALA C 446 7.38 -20.10 -38.81
CA ALA C 446 7.31 -19.08 -37.77
C ALA C 446 6.38 -19.53 -36.65
N MET C 447 5.28 -20.18 -37.03
CA MET C 447 4.29 -20.65 -36.07
C MET C 447 4.81 -21.72 -35.12
N VAL C 448 5.40 -22.80 -35.65
CA VAL C 448 5.86 -23.88 -34.77
C VAL C 448 6.97 -23.43 -33.86
N LEU C 449 7.82 -22.53 -34.35
CA LEU C 449 8.92 -22.01 -33.54
C LEU C 449 8.47 -20.95 -32.53
N SER C 450 7.23 -20.46 -32.66
CA SER C 450 6.66 -19.51 -31.70
C SER C 450 5.83 -20.29 -30.69
N ALA C 451 4.86 -21.03 -31.21
CA ALA C 451 3.91 -21.80 -30.41
C ALA C 451 4.62 -22.65 -29.38
N VAL C 452 5.76 -23.22 -29.76
CA VAL C 452 6.44 -24.14 -28.85
C VAL C 452 7.00 -23.41 -27.63
N PHE C 453 7.15 -22.10 -27.74
CA PHE C 453 7.66 -21.30 -26.61
C PHE C 453 6.56 -20.56 -25.85
N VAL C 454 5.30 -20.76 -26.22
CA VAL C 454 4.22 -20.08 -25.52
C VAL C 454 3.85 -20.70 -24.16
N PRO C 455 3.58 -22.00 -24.12
CA PRO C 455 3.20 -22.60 -22.84
C PRO C 455 4.19 -22.35 -21.71
N MET C 456 5.49 -22.47 -21.97
CA MET C 456 6.50 -22.32 -20.93
C MET C 456 6.38 -20.97 -20.21
N ALA C 457 5.88 -19.95 -20.90
CA ALA C 457 5.74 -18.64 -20.26
C ALA C 457 4.75 -18.67 -19.09
N PHE C 458 3.89 -19.69 -19.05
CA PHE C 458 2.86 -19.75 -18.02
C PHE C 458 3.28 -20.55 -16.81
N PHE C 459 4.47 -21.14 -16.87
CA PHE C 459 4.92 -21.97 -15.78
C PHE C 459 5.49 -21.10 -14.64
N GLY C 460 5.67 -21.69 -13.45
CA GLY C 460 6.04 -20.90 -12.29
C GLY C 460 7.40 -21.23 -11.71
N GLY C 461 7.66 -20.64 -10.55
CA GLY C 461 8.93 -20.82 -9.84
C GLY C 461 9.99 -19.97 -10.50
N SER C 462 11.21 -20.11 -10.02
CA SER C 462 12.36 -19.52 -10.69
C SER C 462 12.45 -20.01 -12.14
N THR C 463 12.14 -21.30 -12.34
CA THR C 463 12.21 -21.86 -13.70
C THR C 463 11.33 -21.05 -14.65
N GLY C 464 10.09 -20.80 -14.24
CA GLY C 464 9.17 -20.00 -15.02
C GLY C 464 9.72 -18.62 -15.39
N ALA C 465 10.36 -17.95 -14.43
CA ALA C 465 10.97 -16.66 -14.70
C ALA C 465 12.04 -16.81 -15.78
N ILE C 466 12.79 -17.92 -15.72
CA ILE C 466 13.83 -18.18 -16.71
C ILE C 466 13.20 -18.42 -18.10
N TYR C 467 12.22 -19.31 -18.16
CA TYR C 467 11.53 -19.62 -19.42
C TYR C 467 11.02 -18.37 -20.15
N ARG C 468 10.41 -17.46 -19.40
CA ARG C 468 9.82 -16.27 -20.00
C ARG C 468 10.83 -15.41 -20.76
N GLN C 469 12.10 -15.41 -20.33
CA GLN C 469 13.10 -14.62 -21.05
C GLN C 469 13.26 -15.16 -22.46
N PHE C 470 13.29 -16.49 -22.58
CA PHE C 470 13.46 -17.13 -23.88
C PHE C 470 12.18 -16.94 -24.68
N SER C 471 11.03 -17.16 -24.04
CA SER C 471 9.75 -17.07 -24.72
C SER C 471 9.57 -15.73 -25.44
N ILE C 472 9.70 -14.62 -24.71
CA ILE C 472 9.48 -13.30 -25.29
C ILE C 472 10.45 -13.05 -26.43
N THR C 473 11.71 -13.44 -26.24
CA THR C 473 12.72 -13.17 -27.25
C THR C 473 12.49 -13.94 -28.54
N ILE C 474 12.28 -15.25 -28.42
CA ILE C 474 12.18 -16.08 -29.61
C ILE C 474 10.82 -15.91 -30.31
N VAL C 475 9.74 -15.81 -29.53
CA VAL C 475 8.44 -15.53 -30.14
C VAL C 475 8.48 -14.23 -30.97
N SER C 476 9.02 -13.16 -30.39
CA SER C 476 9.13 -11.88 -31.09
C SER C 476 9.99 -12.01 -32.34
N ALA C 477 11.13 -12.67 -32.19
CA ALA C 477 12.03 -12.86 -33.31
C ALA C 477 11.33 -13.60 -34.45
N MET C 478 10.60 -14.66 -34.12
CA MET C 478 9.98 -15.47 -35.17
C MET C 478 8.84 -14.70 -35.83
N ALA C 479 8.03 -14.01 -35.02
CA ALA C 479 6.95 -13.18 -35.55
C ALA C 479 7.53 -12.12 -36.49
N LEU C 480 8.54 -11.40 -36.03
CA LEU C 480 9.20 -10.42 -36.88
C LEU C 480 9.83 -11.05 -38.12
N SER C 481 10.33 -12.27 -37.99
CA SER C 481 11.06 -12.89 -39.09
C SER C 481 10.14 -13.20 -40.28
N VAL C 482 8.90 -13.56 -40.00
CA VAL C 482 7.96 -13.86 -41.08
C VAL C 482 7.40 -12.58 -41.72
N LEU C 483 7.16 -11.56 -40.90
CA LEU C 483 6.82 -10.23 -41.45
C LEU C 483 7.91 -9.73 -42.40
N VAL C 484 9.17 -9.85 -42.00
CA VAL C 484 10.29 -9.46 -42.86
C VAL C 484 10.27 -10.23 -44.17
N ALA C 485 10.06 -11.54 -44.06
CA ALA C 485 10.04 -12.42 -45.25
C ALA C 485 8.86 -12.12 -46.17
N LEU C 486 7.78 -11.57 -45.60
CA LEU C 486 6.58 -11.31 -46.39
C LEU C 486 6.58 -9.89 -46.98
N ILE C 487 7.39 -9.02 -46.38
CA ILE C 487 7.36 -7.59 -46.73
C ILE C 487 8.65 -7.15 -47.41
N LEU C 488 9.77 -7.24 -46.71
CA LEU C 488 11.02 -6.71 -47.23
C LEU C 488 11.69 -7.68 -48.20
N THR C 489 11.81 -8.94 -47.79
CA THR C 489 12.53 -9.92 -48.60
C THR C 489 12.03 -9.99 -50.05
N PRO C 490 10.70 -10.09 -50.24
CA PRO C 490 10.21 -10.19 -51.60
C PRO C 490 10.53 -8.90 -52.37
N ALA C 491 10.43 -7.76 -51.70
CA ALA C 491 10.79 -6.48 -52.30
C ALA C 491 12.23 -6.47 -52.80
N LEU C 492 13.13 -6.98 -51.99
CA LEU C 492 14.56 -7.02 -52.34
C LEU C 492 14.84 -8.02 -53.46
N CYS C 493 14.27 -9.22 -53.37
CA CYS C 493 14.42 -10.20 -54.44
C CYS C 493 13.96 -9.61 -55.76
N ALA C 494 12.84 -8.88 -55.73
CA ALA C 494 12.22 -8.38 -56.96
C ALA C 494 12.91 -7.14 -57.49
N THR C 495 13.85 -6.58 -56.74
CA THR C 495 14.51 -5.35 -57.15
C THR C 495 16.04 -5.37 -57.13
N MET C 496 16.64 -6.37 -56.48
CA MET C 496 18.10 -6.43 -56.45
C MET C 496 18.77 -7.82 -56.51
N LEU C 497 18.02 -8.83 -56.96
CA LEU C 497 18.64 -10.10 -57.34
C LEU C 497 19.02 -10.03 -58.81
N LYS C 498 20.22 -10.51 -59.14
CA LYS C 498 20.62 -10.57 -60.54
C LYS C 498 19.84 -11.69 -61.23
N PRO C 499 19.42 -11.47 -62.49
CA PRO C 499 18.76 -12.53 -63.24
C PRO C 499 19.64 -13.78 -63.38
N ILE C 500 19.02 -14.95 -63.48
CA ILE C 500 19.75 -16.19 -63.71
C ILE C 500 19.20 -16.88 -64.95
N ALA C 501 20.07 -17.31 -65.85
CA ALA C 501 19.63 -17.99 -67.07
C ALA C 501 18.95 -19.31 -66.74
N LYS C 502 18.05 -19.74 -67.62
CA LYS C 502 17.44 -21.06 -67.50
C LYS C 502 18.54 -22.12 -67.56
N GLY C 503 18.53 -23.06 -66.62
CA GLY C 503 19.47 -24.17 -66.63
C GLY C 503 20.76 -23.91 -65.85
N ASP C 504 21.01 -22.67 -65.48
CA ASP C 504 22.25 -22.32 -64.76
C ASP C 504 22.15 -22.55 -63.26
N HIS C 505 22.80 -23.61 -62.79
CA HIS C 505 22.82 -23.93 -61.36
C HIS C 505 24.17 -23.63 -60.71
N GLY C 506 25.01 -22.86 -61.39
CA GLY C 506 26.25 -22.40 -60.80
C GLY C 506 27.37 -23.44 -60.87
N GLU C 507 27.20 -24.42 -61.75
CA GLU C 507 28.24 -25.44 -61.95
C GLU C 507 29.34 -24.90 -62.85
N GLY C 508 29.10 -23.72 -63.42
CA GLY C 508 30.03 -23.09 -64.35
C GLY C 508 31.05 -22.20 -63.67
N LYS C 509 30.70 -21.73 -62.47
CA LYS C 509 31.70 -21.11 -61.61
C LYS C 509 32.83 -22.11 -61.51
N LYS C 510 34.09 -21.68 -61.47
CA LYS C 510 34.55 -20.31 -61.35
C LYS C 510 35.61 -20.43 -60.26
N GLY C 511 35.60 -21.58 -59.60
CA GLY C 511 36.53 -21.88 -58.52
C GLY C 511 35.92 -22.80 -57.49
N PHE C 512 35.98 -22.41 -56.21
CA PHE C 512 35.47 -23.23 -55.13
C PHE C 512 33.95 -23.35 -55.15
N PHE C 513 33.27 -22.24 -55.44
CA PHE C 513 31.83 -22.23 -55.56
C PHE C 513 31.38 -23.17 -56.68
N GLY C 514 32.17 -23.24 -57.76
CA GLY C 514 31.87 -24.14 -58.85
C GLY C 514 31.94 -25.58 -58.40
N TRP C 515 33.01 -25.92 -57.68
CA TRP C 515 33.18 -27.26 -57.14
C TRP C 515 32.06 -27.60 -56.15
N PHE C 516 31.69 -26.64 -55.32
CA PHE C 516 30.66 -26.84 -54.31
C PHE C 516 29.29 -27.07 -54.96
N ASN C 517 29.00 -26.27 -55.98
CA ASN C 517 27.74 -26.40 -56.69
C ASN C 517 27.62 -27.77 -57.40
N ARG C 518 28.70 -28.21 -58.04
CA ARG C 518 28.73 -29.53 -58.69
C ARG C 518 28.58 -30.68 -57.67
N MET C 519 29.23 -30.54 -56.52
CA MET C 519 29.09 -31.51 -55.44
C MET C 519 27.65 -31.53 -54.89
N PHE C 520 27.08 -30.35 -54.68
CA PHE C 520 25.73 -30.29 -54.15
C PHE C 520 24.69 -30.90 -55.09
N GLU C 521 24.78 -30.55 -56.37
CA GLU C 521 23.85 -31.09 -57.37
C GLU C 521 23.94 -32.60 -57.44
N LYS C 522 25.17 -33.12 -57.44
CA LYS C 522 25.39 -34.56 -57.49
C LYS C 522 24.86 -35.25 -56.23
N SER C 523 25.14 -34.65 -55.08
CA SER C 523 24.64 -35.16 -53.81
C SER C 523 23.11 -35.14 -53.78
N THR C 524 22.53 -34.15 -54.45
CA THR C 524 21.07 -34.04 -54.51
C THR C 524 20.48 -35.21 -55.29
N HIS C 525 21.16 -35.62 -56.37
CA HIS C 525 20.72 -36.78 -57.15
C HIS C 525 20.81 -38.05 -56.32
N HIS C 526 21.93 -38.21 -55.60
CA HIS C 526 22.10 -39.36 -54.72
C HIS C 526 20.97 -39.36 -53.70
N TYR C 527 20.73 -38.20 -53.11
CA TYR C 527 19.69 -38.09 -52.08
C TYR C 527 18.32 -38.49 -52.61
N THR C 528 17.94 -37.97 -53.77
CA THR C 528 16.59 -38.21 -54.27
C THR C 528 16.41 -39.67 -54.69
N ASP C 529 17.46 -40.24 -55.28
CA ASP C 529 17.45 -41.66 -55.60
C ASP C 529 17.29 -42.51 -54.33
N SER C 530 18.05 -42.18 -53.29
CA SER C 530 17.94 -42.87 -52.01
C SER C 530 16.51 -42.83 -51.42
N VAL C 531 15.89 -41.64 -51.38
CA VAL C 531 14.53 -41.54 -50.82
C VAL C 531 13.58 -42.37 -51.67
N GLY C 532 13.76 -42.34 -52.98
CA GLY C 532 12.95 -43.14 -53.88
C GLY C 532 13.00 -44.61 -53.49
N GLY C 533 14.20 -45.09 -53.15
CA GLY C 533 14.38 -46.46 -52.70
C GLY C 533 13.78 -46.69 -51.33
N ILE C 534 13.97 -45.74 -50.43
CA ILE C 534 13.38 -45.81 -49.10
C ILE C 534 11.86 -45.98 -49.18
N LEU C 535 11.23 -45.27 -50.11
CA LEU C 535 9.77 -45.26 -50.19
C LEU C 535 9.20 -46.56 -50.80
N ARG C 536 10.06 -47.35 -51.43
CA ARG C 536 9.65 -48.67 -51.92
C ARG C 536 9.84 -49.71 -50.82
N SER C 537 10.24 -49.24 -49.62
CA SER C 537 10.58 -50.15 -48.53
C SER C 537 10.38 -49.47 -47.18
N THR C 538 9.17 -48.96 -46.93
CA THR C 538 8.92 -48.15 -45.75
C THR C 538 8.82 -48.98 -44.48
N GLY C 539 8.46 -50.25 -44.61
CA GLY C 539 8.36 -51.11 -43.45
C GLY C 539 9.63 -51.16 -42.60
N ARG C 540 10.75 -51.31 -43.28
CA ARG C 540 12.08 -51.27 -42.68
C ARG C 540 12.27 -50.06 -41.76
N TYR C 541 11.86 -48.91 -42.25
CA TYR C 541 12.17 -47.66 -41.55
C TYR C 541 11.25 -47.41 -40.36
N LEU C 542 10.05 -47.99 -40.40
CA LEU C 542 9.15 -47.90 -39.26
C LEU C 542 9.77 -48.63 -38.06
N VAL C 543 10.42 -49.76 -38.33
CA VAL C 543 11.13 -50.51 -37.31
C VAL C 543 12.29 -49.70 -36.73
N LEU C 544 13.10 -49.11 -37.60
CA LEU C 544 14.20 -48.26 -37.16
C LEU C 544 13.67 -47.13 -36.28
N TYR C 545 12.67 -46.42 -36.79
CA TYR C 545 12.05 -45.34 -36.06
C TYR C 545 11.70 -45.79 -34.65
N LEU C 546 11.08 -46.95 -34.53
CA LEU C 546 10.74 -47.49 -33.22
C LEU C 546 11.97 -47.70 -32.32
N ILE C 547 13.07 -48.17 -32.92
CA ILE C 547 14.33 -48.32 -32.19
C ILE C 547 14.86 -46.97 -31.69
N ILE C 548 14.80 -45.96 -32.55
CA ILE C 548 15.21 -44.60 -32.19
C ILE C 548 14.36 -44.09 -31.03
N VAL C 549 13.05 -44.33 -31.09
CA VAL C 549 12.13 -43.88 -30.05
C VAL C 549 12.47 -44.53 -28.71
N VAL C 550 12.68 -45.84 -28.73
CA VAL C 550 13.11 -46.58 -27.54
C VAL C 550 14.46 -46.07 -27.05
N GLY C 551 15.38 -45.81 -27.97
CA GLY C 551 16.69 -45.28 -27.60
C GLY C 551 16.57 -43.90 -26.99
N MET C 552 15.68 -43.09 -27.53
CA MET C 552 15.41 -41.76 -26.99
C MET C 552 14.94 -41.90 -25.55
N ALA C 553 14.01 -42.81 -25.32
CA ALA C 553 13.45 -42.95 -23.98
C ALA C 553 14.51 -43.40 -23.00
N TYR C 554 15.38 -44.30 -23.45
CA TYR C 554 16.44 -44.83 -22.61
C TYR C 554 17.44 -43.75 -22.22
N LEU C 555 17.90 -42.97 -23.20
CA LEU C 555 18.87 -41.91 -22.90
C LEU C 555 18.25 -40.88 -21.97
N PHE C 556 16.95 -40.62 -22.13
CA PHE C 556 16.26 -39.64 -21.28
C PHE C 556 16.22 -40.05 -19.82
N VAL C 557 15.84 -41.30 -19.52
CA VAL C 557 15.68 -41.67 -18.12
C VAL C 557 17.06 -41.81 -17.45
N ARG C 558 18.07 -42.08 -18.25
CA ARG C 558 19.43 -42.24 -17.71
C ARG C 558 20.20 -40.92 -17.53
N LEU C 559 19.78 -39.85 -18.22
CA LEU C 559 20.51 -38.58 -18.11
C LEU C 559 20.28 -37.93 -16.75
N PRO C 560 21.36 -37.77 -15.96
CA PRO C 560 21.21 -37.20 -14.62
C PRO C 560 20.63 -35.78 -14.68
N SER C 561 19.94 -35.34 -13.63
CA SER C 561 19.34 -34.00 -13.64
C SER C 561 20.04 -33.01 -12.70
N SER C 562 19.91 -31.71 -13.01
CA SER C 562 20.34 -30.66 -12.11
C SER C 562 19.47 -29.43 -12.37
N PHE C 563 19.85 -28.29 -11.81
CA PHE C 563 19.05 -27.05 -11.95
C PHE C 563 19.77 -26.08 -12.88
N LEU C 564 20.84 -25.45 -12.38
CA LEU C 564 21.64 -24.51 -13.17
C LEU C 564 23.11 -24.81 -12.96
N PRO C 565 23.92 -24.62 -14.01
CA PRO C 565 25.34 -24.95 -13.85
C PRO C 565 26.06 -23.96 -12.93
N ASP C 566 27.02 -24.45 -12.16
CA ASP C 566 27.91 -23.57 -11.40
C ASP C 566 28.79 -22.78 -12.36
N GLU C 567 29.19 -21.58 -11.96
CA GLU C 567 30.15 -20.81 -12.76
C GLU C 567 31.34 -20.40 -11.91
N ASP C 568 32.44 -20.06 -12.56
CA ASP C 568 33.54 -19.41 -11.88
C ASP C 568 33.25 -17.91 -11.90
N GLN C 569 32.80 -17.36 -10.77
CA GLN C 569 32.46 -15.94 -10.72
C GLN C 569 33.60 -15.10 -10.16
N GLY C 570 34.79 -15.67 -10.12
CA GLY C 570 35.98 -14.96 -9.65
C GLY C 570 36.02 -14.72 -8.16
N VAL C 571 35.08 -15.31 -7.44
CA VAL C 571 35.07 -15.18 -5.98
C VAL C 571 34.51 -16.44 -5.37
N PHE C 572 34.79 -16.66 -4.09
CA PHE C 572 34.14 -17.74 -3.35
C PHE C 572 34.31 -17.51 -1.85
N MET C 573 33.74 -18.39 -1.04
CA MET C 573 33.75 -18.18 0.40
C MET C 573 34.30 -19.43 1.11
N THR C 574 34.79 -19.24 2.33
CA THR C 574 35.26 -20.36 3.14
C THR C 574 34.61 -20.21 4.51
N MET C 575 33.95 -21.26 5.00
CA MET C 575 33.34 -21.14 6.32
C MET C 575 34.23 -21.84 7.34
N VAL C 576 34.18 -21.36 8.57
CA VAL C 576 35.00 -21.92 9.63
C VAL C 576 34.12 -22.09 10.87
N GLN C 577 34.14 -23.28 11.46
CA GLN C 577 33.34 -23.53 12.65
C GLN C 577 34.12 -24.40 13.61
N LEU C 578 34.35 -23.89 14.81
CA LEU C 578 35.12 -24.61 15.82
C LEU C 578 34.16 -25.24 16.82
N PRO C 579 34.67 -26.15 17.66
CA PRO C 579 33.80 -26.85 18.60
C PRO C 579 33.17 -25.91 19.64
N ALA C 580 32.10 -26.37 20.28
CA ALA C 580 31.45 -25.63 21.35
C ALA C 580 32.47 -25.11 22.37
N GLY C 581 32.29 -23.88 22.82
CA GLY C 581 33.16 -23.32 23.84
C GLY C 581 34.45 -22.69 23.35
N ALA C 582 34.79 -22.91 22.09
CA ALA C 582 36.08 -22.41 21.57
C ALA C 582 36.13 -20.87 21.56
N THR C 583 37.31 -20.30 21.76
CA THR C 583 37.46 -18.85 21.89
C THR C 583 37.83 -18.16 20.59
N GLN C 584 37.70 -16.84 20.58
CA GLN C 584 38.11 -15.99 19.47
C GLN C 584 39.58 -16.23 19.08
N GLU C 585 40.44 -16.42 20.08
CA GLU C 585 41.87 -16.70 19.81
C GLU C 585 42.06 -18.00 19.04
N ARG C 586 41.29 -19.03 19.38
CA ARG C 586 41.41 -20.29 18.67
C ARG C 586 40.90 -20.15 17.25
N THR C 587 39.82 -19.41 17.09
CA THR C 587 39.25 -19.24 15.76
C THR C 587 40.24 -18.50 14.87
N GLN C 588 40.96 -17.56 15.46
CA GLN C 588 41.93 -16.76 14.72
C GLN C 588 43.06 -17.66 14.23
N LYS C 589 43.48 -18.59 15.09
CA LYS C 589 44.51 -19.56 14.68
C LYS C 589 44.04 -20.29 13.43
N VAL C 590 42.79 -20.74 13.41
CA VAL C 590 42.28 -21.45 12.24
C VAL C 590 42.16 -20.53 11.02
N LEU C 591 41.63 -19.32 11.21
CA LEU C 591 41.52 -18.34 10.11
C LEU C 591 42.89 -18.00 9.56
N ASN C 592 43.90 -17.96 10.42
CA ASN C 592 45.27 -17.75 9.98
C ASN C 592 45.72 -18.87 9.05
N GLU C 593 45.40 -20.12 9.41
CA GLU C 593 45.76 -21.26 8.53
C GLU C 593 45.03 -21.22 7.19
N VAL C 594 43.77 -20.81 7.21
CA VAL C 594 42.99 -20.67 5.98
C VAL C 594 43.59 -19.59 5.10
N THR C 595 43.87 -18.43 5.68
CA THR C 595 44.42 -17.30 4.95
C THR C 595 45.79 -17.62 4.40
N HIS C 596 46.62 -18.24 5.23
CA HIS C 596 47.97 -18.68 4.81
C HIS C 596 47.88 -19.53 3.57
N TYR C 597 46.96 -20.49 3.57
CA TYR C 597 46.83 -21.39 2.43
C TYR C 597 46.55 -20.62 1.13
N TYR C 598 45.61 -19.67 1.17
CA TYR C 598 45.30 -18.89 -0.02
C TYR C 598 46.43 -17.97 -0.43
N LEU C 599 47.15 -17.43 0.56
CA LEU C 599 48.25 -16.50 0.27
C LEU C 599 49.55 -17.18 -0.14
N THR C 600 49.66 -18.49 0.09
CA THR C 600 50.89 -19.21 -0.27
C THR C 600 50.68 -20.26 -1.35
N LYS C 601 49.88 -21.27 -1.04
CA LYS C 601 49.58 -22.32 -1.98
C LYS C 601 48.82 -21.85 -3.21
N GLU C 602 47.96 -20.85 -3.05
CA GLU C 602 47.15 -20.38 -4.19
C GLU C 602 47.52 -18.98 -4.63
N LYS C 603 48.74 -18.56 -4.33
CA LYS C 603 49.09 -17.15 -4.53
C LYS C 603 49.00 -16.77 -6.02
N ASN C 604 49.09 -17.75 -6.90
CA ASN C 604 48.99 -17.48 -8.33
C ASN C 604 47.55 -17.27 -8.79
N ASN C 605 46.59 -17.69 -7.96
CA ASN C 605 45.17 -17.61 -8.33
C ASN C 605 44.39 -16.62 -7.48
N VAL C 606 44.75 -16.50 -6.21
CA VAL C 606 44.03 -15.66 -5.28
C VAL C 606 44.59 -14.23 -5.26
N GLU C 607 43.72 -13.25 -5.47
CA GLU C 607 44.14 -11.85 -5.33
C GLU C 607 44.00 -11.36 -3.89
N SER C 608 42.90 -11.70 -3.23
CA SER C 608 42.79 -11.25 -1.84
C SER C 608 41.92 -12.12 -0.94
N VAL C 609 42.14 -11.98 0.35
CA VAL C 609 41.35 -12.69 1.35
C VAL C 609 40.90 -11.66 2.37
N PHE C 610 39.60 -11.59 2.58
CA PHE C 610 39.03 -10.74 3.63
C PHE C 610 38.42 -11.71 4.63
N ALA C 611 39.04 -11.82 5.80
CA ALA C 611 38.64 -12.88 6.73
C ALA C 611 38.04 -12.24 7.97
N VAL C 612 36.95 -12.81 8.46
CA VAL C 612 36.26 -12.25 9.59
C VAL C 612 36.13 -13.27 10.70
N ASN C 613 36.66 -12.92 11.86
CA ASN C 613 36.54 -13.71 13.06
C ASN C 613 35.31 -13.23 13.81
N GLY C 614 34.41 -14.15 14.16
CA GLY C 614 33.24 -13.82 14.96
C GLY C 614 31.96 -13.76 14.15
N PHE C 615 32.08 -13.91 12.84
CA PHE C 615 30.93 -13.81 11.95
C PHE C 615 30.91 -15.02 11.03
N GLY C 616 29.75 -15.64 10.88
CA GLY C 616 29.61 -16.71 9.92
C GLY C 616 28.20 -16.90 9.43
N PHE C 617 28.03 -17.79 8.45
CA PHE C 617 26.71 -18.19 8.02
C PHE C 617 26.45 -19.51 8.70
N ALA C 618 25.54 -19.53 9.67
CA ALA C 618 25.23 -20.72 10.45
C ALA C 618 25.23 -20.44 11.95
N GLY C 619 25.32 -19.16 12.31
CA GLY C 619 25.35 -18.75 13.69
C GLY C 619 26.58 -17.91 13.99
N ARG C 620 26.42 -16.92 14.87
CA ARG C 620 27.56 -16.13 15.33
C ARG C 620 28.17 -16.77 16.58
N GLY C 621 29.22 -16.14 17.10
CA GLY C 621 29.91 -16.64 18.28
C GLY C 621 31.42 -16.61 18.09
N GLN C 622 32.14 -16.74 19.19
CA GLN C 622 33.60 -16.70 19.17
C GLN C 622 34.18 -17.87 18.39
N ASN C 623 33.38 -18.91 18.12
CA ASN C 623 33.91 -20.11 17.48
C ASN C 623 33.49 -20.20 16.01
N THR C 624 33.18 -19.05 15.43
CA THR C 624 32.70 -18.95 14.06
C THR C 624 33.55 -17.94 13.30
N GLY C 625 33.78 -18.20 12.01
CA GLY C 625 34.43 -17.22 11.16
C GLY C 625 34.14 -17.47 9.69
N ILE C 626 34.60 -16.58 8.83
CA ILE C 626 34.36 -16.75 7.41
C ILE C 626 35.46 -16.03 6.66
N ALA C 627 35.79 -16.51 5.48
CA ALA C 627 36.74 -15.82 4.63
C ALA C 627 36.12 -15.56 3.27
N PHE C 628 36.17 -14.30 2.81
CA PHE C 628 35.77 -13.98 1.45
C PHE C 628 37.01 -13.98 0.58
N VAL C 629 36.98 -14.71 -0.53
CA VAL C 629 38.14 -14.82 -1.39
C VAL C 629 37.88 -14.28 -2.79
N SER C 630 38.79 -13.43 -3.26
CA SER C 630 38.67 -12.89 -4.61
C SER C 630 39.83 -13.40 -5.44
N LEU C 631 39.52 -13.89 -6.63
CA LEU C 631 40.54 -14.48 -7.47
C LEU C 631 41.11 -13.43 -8.40
N LYS C 632 42.29 -13.70 -8.93
CA LYS C 632 42.84 -12.91 -10.05
C LYS C 632 41.93 -13.05 -11.27
N ASP C 633 42.11 -12.18 -12.26
CA ASP C 633 41.25 -12.18 -13.43
C ASP C 633 41.25 -13.50 -14.18
N TRP C 634 40.07 -13.89 -14.65
CA TRP C 634 39.87 -15.10 -15.43
C TRP C 634 40.98 -15.30 -16.47
N ALA C 635 41.34 -14.22 -17.15
CA ALA C 635 42.35 -14.29 -18.19
C ALA C 635 43.73 -14.76 -17.68
N ASP C 636 44.01 -14.54 -16.40
CA ASP C 636 45.28 -14.97 -15.82
C ASP C 636 45.17 -16.33 -15.11
N ARG C 637 44.04 -17.00 -15.27
CA ARG C 637 43.84 -18.30 -14.65
C ARG C 637 43.45 -19.36 -15.67
N PRO C 638 44.26 -19.50 -16.72
CA PRO C 638 44.02 -20.51 -17.75
C PRO C 638 44.11 -21.92 -17.15
N GLY C 639 43.37 -22.85 -17.73
CA GLY C 639 43.41 -24.23 -17.26
C GLY C 639 42.34 -24.48 -16.22
N GLU C 640 41.72 -25.65 -16.29
CA GLU C 640 40.63 -26.00 -15.40
C GLU C 640 41.10 -26.09 -13.95
N GLU C 641 42.37 -26.41 -13.73
CA GLU C 641 42.89 -26.55 -12.38
C GLU C 641 42.96 -25.19 -11.66
N ASN C 642 42.85 -24.12 -12.43
CA ASN C 642 42.94 -22.76 -11.90
C ASN C 642 41.58 -22.05 -11.80
N LYS C 643 40.52 -22.83 -11.96
CA LYS C 643 39.16 -22.28 -11.82
C LYS C 643 38.61 -22.63 -10.45
N VAL C 644 37.56 -21.92 -10.04
CA VAL C 644 37.00 -22.03 -8.70
C VAL C 644 36.68 -23.45 -8.27
N GLU C 645 36.15 -24.26 -9.17
CA GLU C 645 35.74 -25.60 -8.80
C GLU C 645 36.95 -26.40 -8.31
N ALA C 646 38.02 -26.40 -9.11
CA ALA C 646 39.24 -27.09 -8.67
C ALA C 646 39.88 -26.40 -7.45
N ILE C 647 39.87 -25.07 -7.42
CA ILE C 647 40.48 -24.38 -6.28
C ILE C 647 39.79 -24.73 -4.96
N THR C 648 38.46 -24.68 -4.93
CA THR C 648 37.73 -24.95 -3.70
C THR C 648 37.83 -26.43 -3.28
N MET C 649 37.91 -27.32 -4.26
CA MET C 649 38.10 -28.75 -3.98
C MET C 649 39.44 -28.99 -3.30
N ARG C 650 40.51 -28.45 -3.88
CA ARG C 650 41.84 -28.58 -3.28
C ARG C 650 41.88 -27.95 -1.87
N ALA C 651 41.21 -26.82 -1.69
CA ALA C 651 41.28 -26.11 -0.42
C ALA C 651 40.57 -26.90 0.68
N THR C 652 39.37 -27.37 0.36
CA THR C 652 38.57 -28.11 1.34
C THR C 652 39.34 -29.35 1.70
N ARG C 653 39.96 -29.95 0.70
CA ARG C 653 40.79 -31.14 0.93
C ARG C 653 41.95 -30.80 1.85
N ALA C 654 42.65 -29.70 1.59
CA ALA C 654 43.72 -29.28 2.51
C ALA C 654 43.20 -28.90 3.90
N PHE C 655 42.07 -28.22 3.96
CA PHE C 655 41.56 -27.77 5.27
C PHE C 655 41.04 -28.91 6.15
N SER C 656 40.81 -30.08 5.55
CA SER C 656 40.33 -31.23 6.31
C SER C 656 41.40 -31.69 7.30
N GLN C 657 42.64 -31.35 7.01
CA GLN C 657 43.74 -31.67 7.91
C GLN C 657 43.83 -30.72 9.11
N ILE C 658 43.06 -29.63 9.09
CA ILE C 658 43.07 -28.72 10.22
C ILE C 658 42.41 -29.42 11.40
N LYS C 659 43.09 -29.41 12.55
CA LYS C 659 42.59 -30.14 13.71
C LYS C 659 41.47 -29.40 14.47
N ASP C 660 40.41 -30.13 14.81
CA ASP C 660 39.36 -29.61 15.68
C ASP C 660 38.69 -28.37 15.09
N ALA C 661 38.33 -28.44 13.81
CA ALA C 661 37.48 -27.41 13.21
C ALA C 661 36.82 -27.96 11.96
N MET C 662 35.65 -27.45 11.63
CA MET C 662 35.03 -27.73 10.35
C MET C 662 35.33 -26.56 9.42
N VAL C 663 36.01 -26.81 8.31
CA VAL C 663 36.39 -25.73 7.38
C VAL C 663 36.05 -26.12 5.95
N PHE C 664 35.22 -25.34 5.29
CA PHE C 664 34.84 -25.68 3.93
C PHE C 664 34.96 -24.49 3.00
N ALA C 665 35.61 -24.70 1.87
CA ALA C 665 35.61 -23.71 0.80
C ALA C 665 34.58 -24.14 -0.23
N PHE C 666 33.78 -23.22 -0.72
CA PHE C 666 32.74 -23.60 -1.65
C PHE C 666 32.42 -22.49 -2.64
N ASN C 667 32.03 -22.90 -3.83
CA ASN C 667 31.61 -21.98 -4.87
C ASN C 667 30.22 -21.46 -4.53
N LEU C 668 29.85 -20.35 -5.16
CA LEU C 668 28.50 -19.82 -5.03
C LEU C 668 27.56 -20.62 -5.91
N PRO C 669 26.27 -20.62 -5.57
CA PRO C 669 25.23 -21.23 -6.41
C PRO C 669 24.78 -20.31 -7.53
N ALA C 670 23.56 -20.53 -8.00
CA ALA C 670 23.03 -19.81 -9.15
C ALA C 670 22.17 -18.63 -8.73
N ILE C 671 21.30 -18.85 -7.74
CA ILE C 671 20.40 -17.79 -7.26
C ILE C 671 20.81 -17.37 -5.83
N VAL C 672 21.83 -16.51 -5.78
CA VAL C 672 22.50 -16.11 -4.54
C VAL C 672 21.56 -15.64 -3.44
N GLU C 673 20.28 -15.41 -3.77
CA GLU C 673 19.30 -14.99 -2.77
C GLU C 673 18.82 -16.14 -1.87
N LEU C 674 18.97 -17.37 -2.37
CA LEU C 674 18.36 -18.54 -1.74
C LEU C 674 19.26 -19.31 -0.76
N GLY C 675 20.56 -19.17 -0.94
CA GLY C 675 21.54 -19.89 -0.14
C GLY C 675 22.94 -19.52 -0.56
N THR C 676 23.87 -19.61 0.38
CA THR C 676 25.23 -19.14 0.15
C THR C 676 26.08 -20.04 -0.74
N ALA C 677 25.78 -21.34 -0.77
CA ALA C 677 26.73 -22.30 -1.34
C ALA C 677 26.15 -23.19 -2.44
N THR C 678 27.02 -23.62 -3.34
CA THR C 678 26.65 -24.58 -4.38
C THR C 678 26.19 -25.87 -3.68
N GLY C 679 25.50 -26.77 -4.38
CA GLY C 679 25.10 -28.02 -3.78
C GLY C 679 23.62 -28.09 -3.37
N PHE C 680 23.32 -28.87 -2.34
CA PHE C 680 21.92 -29.07 -1.95
C PHE C 680 21.64 -28.52 -0.55
N ASP C 681 20.36 -28.36 -0.23
CA ASP C 681 19.98 -27.65 0.98
C ASP C 681 18.82 -28.43 1.60
N PHE C 682 19.14 -29.22 2.62
CA PHE C 682 18.25 -30.26 3.12
C PHE C 682 17.80 -29.87 4.53
N GLU C 683 16.53 -30.10 4.84
CA GLU C 683 16.02 -29.79 6.17
C GLU C 683 15.58 -31.06 6.82
N LEU C 684 16.18 -31.39 7.97
CA LEU C 684 15.72 -32.54 8.74
C LEU C 684 14.70 -32.01 9.76
N ILE C 685 13.51 -32.60 9.78
CA ILE C 685 12.40 -32.05 10.58
C ILE C 685 11.84 -33.01 11.64
N ASP C 686 11.72 -32.51 12.88
CA ASP C 686 11.12 -33.30 13.97
C ASP C 686 9.62 -33.18 13.87
N GLN C 687 8.97 -34.21 13.34
CA GLN C 687 7.54 -34.13 13.04
C GLN C 687 6.66 -34.83 14.07
N ALA C 688 7.23 -35.25 15.21
CA ALA C 688 6.46 -35.99 16.21
C ALA C 688 6.81 -35.62 17.64
N GLY C 689 7.21 -34.38 17.89
CA GLY C 689 7.60 -33.98 19.23
C GLY C 689 8.69 -34.85 19.82
N LEU C 690 9.64 -35.27 18.99
CA LEU C 690 10.74 -36.10 19.48
C LEU C 690 11.66 -35.33 20.43
N GLY C 691 11.88 -34.04 20.16
CA GLY C 691 12.76 -33.25 20.99
C GLY C 691 14.16 -33.10 20.42
N HIS C 692 14.87 -32.06 20.87
CA HIS C 692 16.18 -31.69 20.33
C HIS C 692 17.19 -32.84 20.33
N GLU C 693 17.27 -33.54 21.46
CA GLU C 693 18.22 -34.63 21.62
C GLU C 693 18.09 -35.66 20.50
N LYS C 694 16.86 -36.11 20.27
CA LYS C 694 16.64 -37.15 19.26
C LYS C 694 16.76 -36.63 17.86
N LEU C 695 16.43 -35.36 17.66
CA LEU C 695 16.60 -34.78 16.34
C LEU C 695 18.11 -34.84 16.07
N THR C 696 18.90 -34.53 17.09
CA THR C 696 20.37 -34.55 16.98
C THR C 696 20.88 -35.95 16.64
N GLN C 697 20.32 -36.97 17.30
CA GLN C 697 20.73 -38.35 17.01
C GLN C 697 20.36 -38.74 15.59
N ALA C 698 19.17 -38.32 15.15
CA ALA C 698 18.74 -38.62 13.78
C ALA C 698 19.71 -37.93 12.82
N ARG C 699 20.00 -36.67 13.08
CA ARG C 699 20.96 -35.94 12.25
C ARG C 699 22.28 -36.72 12.14
N ASN C 700 22.87 -37.07 13.29
CA ASN C 700 24.15 -37.78 13.32
C ASN C 700 24.10 -39.09 12.55
N GLN C 701 22.97 -39.77 12.67
CA GLN C 701 22.77 -41.04 11.95
C GLN C 701 22.77 -40.80 10.45
N LEU C 702 22.06 -39.77 10.00
CA LEU C 702 22.04 -39.42 8.58
C LEU C 702 23.45 -39.09 8.11
N LEU C 703 24.15 -38.26 8.87
CA LEU C 703 25.48 -37.80 8.47
C LEU C 703 26.45 -38.97 8.38
N ALA C 704 26.30 -39.93 9.28
CA ALA C 704 27.17 -41.12 9.29
C ALA C 704 26.90 -42.00 8.07
N GLU C 705 25.62 -42.13 7.71
CA GLU C 705 25.30 -42.87 6.49
C GLU C 705 25.78 -42.13 5.24
N ALA C 706 25.60 -40.81 5.23
CA ALA C 706 26.07 -40.02 4.09
C ALA C 706 27.56 -40.24 3.89
N ALA C 707 28.29 -40.31 5.00
CA ALA C 707 29.75 -40.46 4.95
C ALA C 707 30.20 -41.77 4.32
N LYS C 708 29.29 -42.74 4.20
CA LYS C 708 29.61 -44.02 3.59
C LYS C 708 29.52 -43.97 2.06
N HIS C 709 29.01 -42.86 1.53
CA HIS C 709 28.86 -42.74 0.08
C HIS C 709 29.70 -41.60 -0.50
N PRO C 710 31.04 -41.66 -0.33
CA PRO C 710 31.91 -40.60 -0.83
C PRO C 710 31.89 -40.52 -2.36
N ASP C 711 31.45 -41.60 -2.98
CA ASP C 711 31.30 -41.67 -4.44
C ASP C 711 30.15 -40.78 -4.94
N MET C 712 29.26 -40.38 -4.03
CA MET C 712 28.06 -39.64 -4.43
C MET C 712 27.96 -38.29 -3.73
N LEU C 713 28.37 -38.24 -2.46
CA LEU C 713 28.16 -37.06 -1.64
C LEU C 713 29.49 -36.58 -1.05
N THR C 714 29.69 -35.26 -0.97
CA THR C 714 30.87 -34.68 -0.33
C THR C 714 30.57 -33.37 0.37
N SER C 715 31.46 -32.95 1.27
CA SER C 715 31.27 -31.71 2.02
C SER C 715 29.86 -31.64 2.65
N VAL C 716 29.34 -32.78 3.09
CA VAL C 716 28.09 -32.82 3.84
C VAL C 716 28.37 -32.24 5.22
N ARG C 717 27.50 -31.37 5.71
CA ARG C 717 27.73 -30.73 6.99
C ARG C 717 26.44 -30.07 7.52
N PRO C 718 26.25 -30.06 8.84
CA PRO C 718 25.10 -29.31 9.37
C PRO C 718 25.36 -27.83 9.19
N ASN C 719 24.35 -27.06 8.81
CA ASN C 719 24.45 -25.61 8.78
C ASN C 719 23.88 -25.07 10.07
N GLY C 720 24.59 -25.35 11.17
CA GLY C 720 24.11 -25.03 12.50
C GLY C 720 25.14 -25.36 13.56
N LEU C 721 24.76 -25.27 14.82
CA LEU C 721 25.75 -25.37 15.91
C LEU C 721 25.51 -26.55 16.85
N GLU C 722 26.59 -27.06 17.44
CA GLU C 722 26.53 -28.15 18.41
C GLU C 722 26.16 -27.62 19.80
N ASP C 723 25.66 -28.50 20.66
CA ASP C 723 25.32 -28.13 22.03
C ASP C 723 26.52 -27.56 22.78
N THR C 724 26.28 -26.53 23.59
CA THR C 724 27.34 -25.86 24.35
C THR C 724 27.16 -26.05 25.85
N PRO C 725 28.27 -26.02 26.61
CA PRO C 725 28.14 -26.05 28.06
C PRO C 725 27.66 -24.69 28.53
N GLN C 726 26.88 -24.65 29.61
CA GLN C 726 26.38 -23.38 30.12
C GLN C 726 26.68 -23.35 31.60
N PHE C 727 27.05 -22.18 32.10
CA PHE C 727 27.36 -22.02 33.50
C PHE C 727 26.11 -21.49 34.19
N LYS C 728 25.47 -22.31 35.01
CA LYS C 728 24.23 -21.91 35.66
C LYS C 728 24.49 -21.40 37.08
N ILE C 729 24.13 -20.16 37.35
CA ILE C 729 24.30 -19.62 38.69
C ILE C 729 22.97 -19.42 39.42
N ASP C 730 22.89 -19.91 40.66
CA ASP C 730 21.68 -19.79 41.46
C ASP C 730 21.81 -18.75 42.57
N ILE C 731 21.11 -17.63 42.43
CA ILE C 731 21.03 -16.63 43.51
C ILE C 731 20.01 -17.10 44.53
N ASP C 732 20.46 -17.35 45.77
CA ASP C 732 19.53 -17.73 46.84
C ASP C 732 18.90 -16.46 47.44
N GLN C 733 17.70 -16.13 46.95
CA GLN C 733 17.06 -14.86 47.32
C GLN C 733 16.79 -14.77 48.83
N GLU C 734 16.52 -15.92 49.44
CA GLU C 734 16.27 -15.97 50.87
C GLU C 734 17.52 -15.59 51.66
N LYS C 735 18.66 -16.21 51.34
CA LYS C 735 19.91 -15.86 52.00
C LYS C 735 20.26 -14.40 51.74
N ALA C 736 20.04 -13.97 50.52
CA ALA C 736 20.24 -12.57 50.18
C ALA C 736 19.45 -11.67 51.12
N GLN C 737 18.17 -11.98 51.31
CA GLN C 737 17.30 -11.22 52.23
C GLN C 737 17.86 -11.16 53.64
N ALA C 738 18.32 -12.30 54.15
CA ALA C 738 18.84 -12.36 55.51
C ALA C 738 20.11 -11.52 55.68
N LEU C 739 20.82 -11.32 54.57
CA LEU C 739 22.02 -10.50 54.58
C LEU C 739 21.68 -9.03 54.35
N GLY C 740 20.42 -8.76 54.05
CA GLY C 740 19.99 -7.39 53.78
C GLY C 740 20.42 -6.85 52.43
N VAL C 741 20.58 -7.75 51.45
CA VAL C 741 20.99 -7.34 50.10
C VAL C 741 19.82 -7.41 49.13
N SER C 742 19.54 -6.31 48.44
CA SER C 742 18.48 -6.24 47.44
C SER C 742 18.77 -7.15 46.25
N ILE C 743 17.75 -7.79 45.71
CA ILE C 743 17.97 -8.73 44.64
C ILE C 743 18.14 -7.99 43.31
N ASN C 744 17.53 -6.81 43.19
CA ASN C 744 17.78 -5.97 42.02
C ASN C 744 19.25 -5.56 41.95
N ASP C 745 19.85 -5.27 43.11
CA ASP C 745 21.24 -4.82 43.15
C ASP C 745 22.13 -5.98 42.71
N ILE C 746 21.75 -7.20 43.10
CA ILE C 746 22.50 -8.40 42.76
C ILE C 746 22.41 -8.65 41.26
N ASN C 747 21.20 -8.61 40.73
CA ASN C 747 20.95 -8.81 39.31
C ASN C 747 21.73 -7.84 38.44
N THR C 748 21.67 -6.56 38.78
CA THR C 748 22.33 -5.54 37.98
C THR C 748 23.86 -5.72 38.08
N THR C 749 24.34 -5.96 39.30
CA THR C 749 25.77 -6.18 39.51
C THR C 749 26.31 -7.33 38.66
N LEU C 750 25.61 -8.47 38.74
CA LEU C 750 26.01 -9.68 37.99
C LEU C 750 25.97 -9.37 36.51
N GLY C 751 24.81 -8.87 36.05
CA GLY C 751 24.61 -8.59 34.65
C GLY C 751 25.51 -7.52 34.08
N ALA C 752 25.64 -6.41 34.79
CA ALA C 752 26.48 -5.31 34.32
C ALA C 752 27.92 -5.80 34.24
N ALA C 753 28.38 -6.48 35.28
CA ALA C 753 29.78 -6.92 35.34
C ALA C 753 30.13 -7.89 34.22
N TRP C 754 29.36 -8.97 34.11
CA TRP C 754 29.69 -10.07 33.20
C TRP C 754 29.12 -9.94 31.79
N GLY C 755 28.02 -9.22 31.65
CA GLY C 755 27.39 -9.08 30.35
C GLY C 755 27.54 -7.70 29.75
N GLY C 756 27.86 -6.73 30.61
CA GLY C 756 27.86 -5.34 30.18
C GLY C 756 26.44 -4.78 30.21
N SER C 757 26.33 -3.48 30.47
CA SER C 757 25.02 -2.85 30.48
C SER C 757 25.04 -1.55 29.67
N TYR C 758 24.12 -1.43 28.71
CA TYR C 758 23.95 -0.22 27.92
C TYR C 758 23.23 0.84 28.77
N VAL C 759 23.95 1.86 29.22
CA VAL C 759 23.40 2.80 30.20
C VAL C 759 22.52 3.89 29.58
N ASN C 760 23.11 4.71 28.72
CA ASN C 760 22.39 5.74 28.00
C ASN C 760 23.31 6.20 26.88
N ASP C 761 23.00 7.32 26.23
CA ASP C 761 23.80 7.78 25.08
C ASP C 761 24.70 8.95 25.44
N PHE C 762 25.73 9.19 24.62
CA PHE C 762 26.57 10.35 24.76
C PHE C 762 26.84 10.84 23.36
N ILE C 763 27.60 11.92 23.23
CA ILE C 763 27.83 12.52 21.91
C ILE C 763 29.31 12.53 21.63
N ASP C 764 29.72 11.75 20.63
CA ASP C 764 31.11 11.63 20.25
C ASP C 764 31.33 12.41 18.96
N ARG C 765 31.99 13.55 19.06
CA ARG C 765 32.27 14.37 17.88
C ARG C 765 31.00 14.65 17.08
N GLY C 766 29.92 14.99 17.77
CA GLY C 766 28.69 15.41 17.11
C GLY C 766 27.72 14.29 16.77
N ARG C 767 28.13 13.04 17.01
CA ARG C 767 27.26 11.91 16.68
C ARG C 767 26.85 11.20 17.95
N VAL C 768 25.55 10.91 18.08
CA VAL C 768 25.04 10.17 19.24
C VAL C 768 25.59 8.73 19.26
N LYS C 769 26.13 8.29 20.39
CA LYS C 769 26.67 6.92 20.53
C LYS C 769 26.33 6.36 21.91
N LYS C 770 26.65 5.09 22.14
CA LYS C 770 26.25 4.41 23.37
C LYS C 770 27.29 4.52 24.50
N VAL C 771 26.83 4.31 25.72
CA VAL C 771 27.70 4.26 26.89
C VAL C 771 27.48 2.87 27.51
N TYR C 772 28.56 2.10 27.70
CA TYR C 772 28.47 0.79 28.34
C TYR C 772 29.31 0.71 29.60
N VAL C 773 28.77 0.07 30.64
CA VAL C 773 29.57 -0.27 31.81
C VAL C 773 29.71 -1.79 31.76
N MET C 774 30.87 -2.29 32.19
CA MET C 774 31.14 -3.73 32.14
C MET C 774 32.39 -3.94 32.95
N SER C 775 32.58 -5.17 33.44
CA SER C 775 33.84 -5.45 34.14
C SER C 775 35.01 -5.41 33.15
N GLU C 776 36.14 -4.89 33.63
CA GLU C 776 37.40 -5.04 32.95
C GLU C 776 37.62 -6.55 32.77
N ALA C 777 38.27 -6.93 31.68
CA ALA C 777 38.33 -8.33 31.25
C ALA C 777 38.83 -9.29 32.33
N LYS C 778 39.86 -8.92 33.07
CA LYS C 778 40.47 -9.90 33.96
C LYS C 778 39.59 -10.31 35.15
N TYR C 779 38.50 -9.58 35.38
CA TYR C 779 37.63 -9.93 36.49
C TYR C 779 36.38 -10.67 36.03
N ARG C 780 36.32 -11.06 34.76
CA ARG C 780 35.18 -11.79 34.24
C ARG C 780 35.59 -12.92 33.28
N MET C 781 36.74 -13.53 33.56
CA MET C 781 37.22 -14.67 32.76
C MET C 781 36.86 -16.01 33.41
N LEU C 782 37.05 -16.10 34.72
CA LEU C 782 36.96 -17.38 35.44
C LEU C 782 35.78 -17.49 36.41
N PRO C 783 35.16 -18.68 36.45
CA PRO C 783 34.04 -19.03 37.33
C PRO C 783 34.24 -18.56 38.77
N ASP C 784 35.44 -18.72 39.31
CA ASP C 784 35.69 -18.24 40.67
C ASP C 784 35.71 -16.72 40.80
N ASP C 785 35.85 -16.01 39.70
CA ASP C 785 35.84 -14.54 39.77
C ASP C 785 34.47 -14.04 40.23
N ILE C 786 33.44 -14.89 40.10
CA ILE C 786 32.10 -14.52 40.52
C ILE C 786 32.12 -13.98 41.95
N GLY C 787 32.81 -14.70 42.84
CA GLY C 787 32.83 -14.34 44.24
C GLY C 787 33.65 -13.12 44.62
N ASP C 788 34.27 -12.48 43.63
CA ASP C 788 35.05 -11.27 43.90
C ASP C 788 34.19 -10.02 43.74
N TRP C 789 32.97 -10.19 43.28
CA TRP C 789 32.03 -9.08 43.17
C TRP C 789 31.23 -8.91 44.45
N TYR C 790 31.16 -7.67 44.93
CA TYR C 790 30.48 -7.36 46.18
C TYR C 790 29.23 -6.52 45.91
N VAL C 791 28.24 -6.66 46.78
CA VAL C 791 27.00 -5.88 46.70
C VAL C 791 26.85 -5.21 48.05
N ARG C 792 26.31 -3.99 48.08
CA ARG C 792 26.19 -3.28 49.35
C ARG C 792 24.87 -3.58 50.03
N ALA C 793 24.94 -4.00 51.29
CA ALA C 793 23.73 -4.30 52.09
C ALA C 793 23.09 -3.04 52.69
N ALA C 794 21.82 -3.17 53.05
CA ALA C 794 21.08 -2.06 53.66
C ALA C 794 21.82 -1.45 54.87
N ASP C 795 22.58 -2.26 55.59
CA ASP C 795 23.34 -1.73 56.72
C ASP C 795 24.71 -1.19 56.28
N GLY C 796 24.93 -1.17 54.97
CA GLY C 796 26.15 -0.60 54.42
C GLY C 796 27.34 -1.55 54.37
N GLN C 797 27.15 -2.79 54.80
CA GLN C 797 28.22 -3.79 54.72
C GLN C 797 28.33 -4.36 53.31
N MET C 798 29.55 -4.59 52.85
CA MET C 798 29.75 -5.15 51.51
C MET C 798 29.69 -6.66 51.62
N VAL C 799 28.91 -7.30 50.75
CA VAL C 799 28.76 -8.75 50.81
C VAL C 799 29.04 -9.44 49.48
N PRO C 800 29.93 -10.44 49.51
CA PRO C 800 30.41 -11.17 48.33
C PRO C 800 29.34 -12.12 47.76
N PHE C 801 29.33 -12.28 46.44
CA PHE C 801 28.39 -13.18 45.77
C PHE C 801 28.47 -14.58 46.35
N SER C 802 29.64 -14.95 46.84
CA SER C 802 29.87 -16.29 47.36
C SER C 802 29.00 -16.57 48.60
N ALA C 803 28.44 -15.51 49.17
CA ALA C 803 27.59 -15.62 50.35
C ALA C 803 26.13 -15.94 50.05
N PHE C 804 25.72 -15.80 48.79
CA PHE C 804 24.32 -16.03 48.43
C PHE C 804 24.14 -16.59 47.03
N SER C 805 25.14 -17.29 46.53
CA SER C 805 25.00 -17.93 45.24
C SER C 805 25.78 -19.22 45.19
N SER C 806 25.45 -20.04 44.21
CA SER C 806 26.16 -21.29 43.96
C SER C 806 26.03 -21.49 42.46
N SER C 807 26.81 -22.41 41.90
CA SER C 807 26.88 -22.57 40.46
C SER C 807 26.96 -24.04 40.07
N ARG C 808 26.70 -24.33 38.79
CA ARG C 808 26.87 -25.69 38.29
C ARG C 808 26.83 -25.66 36.78
N TRP C 809 27.31 -26.72 36.13
CA TRP C 809 27.38 -26.74 34.68
C TRP C 809 26.20 -27.46 34.07
N GLU C 810 25.68 -26.86 33.00
CA GLU C 810 24.60 -27.44 32.21
C GLU C 810 25.03 -27.49 30.76
N TYR C 811 24.11 -27.95 29.92
CA TYR C 811 24.33 -28.09 28.49
C TYR C 811 23.03 -27.74 27.79
N GLY C 812 23.14 -27.01 26.68
CA GLY C 812 21.99 -26.65 25.86
C GLY C 812 22.46 -26.16 24.52
N SER C 813 21.54 -26.04 23.58
CA SER C 813 21.84 -25.55 22.25
C SER C 813 22.05 -24.04 22.29
N PRO C 814 23.07 -23.57 21.56
CA PRO C 814 23.28 -22.13 21.36
C PRO C 814 22.47 -21.64 20.17
N ARG C 815 21.84 -22.57 19.48
CA ARG C 815 21.09 -22.18 18.29
C ARG C 815 20.08 -23.24 17.87
N LEU C 816 18.80 -22.90 18.02
CA LEU C 816 17.73 -23.83 17.68
C LEU C 816 17.06 -23.37 16.39
N GLU C 817 16.83 -24.30 15.46
CA GLU C 817 16.28 -23.95 14.15
C GLU C 817 14.89 -24.56 14.00
N ARG C 818 14.05 -23.95 13.17
CA ARG C 818 12.72 -24.49 12.91
C ARG C 818 12.42 -24.34 11.43
N TYR C 819 11.60 -25.21 10.88
CA TYR C 819 11.28 -25.14 9.47
C TYR C 819 9.78 -25.39 9.35
N ASN C 820 9.09 -24.45 8.71
CA ASN C 820 7.62 -24.50 8.70
C ASN C 820 7.01 -24.74 10.08
N GLY C 821 7.62 -24.12 11.09
CA GLY C 821 7.07 -24.15 12.44
C GLY C 821 7.48 -25.31 13.31
N LEU C 822 8.29 -26.22 12.77
CA LEU C 822 8.69 -27.42 13.51
C LEU C 822 10.22 -27.43 13.72
N PRO C 823 10.70 -28.02 14.85
CA PRO C 823 12.13 -28.12 15.10
C PRO C 823 12.83 -28.74 13.90
N SER C 824 13.97 -28.18 13.48
CA SER C 824 14.64 -28.68 12.30
C SER C 824 16.14 -28.58 12.43
N MET C 825 16.84 -29.23 11.51
CA MET C 825 18.28 -29.02 11.39
C MET C 825 18.64 -29.00 9.92
N GLU C 826 19.22 -27.89 9.48
CA GLU C 826 19.59 -27.75 8.08
C GLU C 826 20.87 -28.55 7.80
N ILE C 827 20.91 -29.22 6.66
CA ILE C 827 22.10 -29.97 6.24
C ILE C 827 22.48 -29.58 4.83
N LEU C 828 23.74 -29.18 4.63
CA LEU C 828 24.24 -28.76 3.33
C LEU C 828 25.19 -29.82 2.81
N GLY C 829 25.43 -29.82 1.49
CA GLY C 829 26.35 -30.80 0.91
C GLY C 829 26.43 -30.62 -0.59
N GLN C 830 27.33 -31.39 -1.23
CA GLN C 830 27.55 -31.30 -2.67
C GLN C 830 27.49 -32.68 -3.28
N ALA C 831 27.17 -32.74 -4.58
CA ALA C 831 27.32 -33.99 -5.33
C ALA C 831 28.82 -34.21 -5.48
N ALA C 832 29.26 -35.47 -5.44
CA ALA C 832 30.66 -35.80 -5.70
C ALA C 832 31.02 -35.49 -7.15
N PRO C 833 32.32 -35.32 -7.44
CA PRO C 833 32.79 -35.06 -8.80
C PRO C 833 32.20 -36.07 -9.80
N GLY C 834 31.75 -35.59 -10.94
CA GLY C 834 31.13 -36.46 -11.92
C GLY C 834 29.68 -36.86 -11.61
N LYS C 835 29.13 -36.37 -10.50
CA LYS C 835 27.73 -36.66 -10.14
C LYS C 835 26.92 -35.37 -10.21
N SER C 836 25.61 -35.47 -10.43
CA SER C 836 24.77 -34.28 -10.50
C SER C 836 24.06 -34.02 -9.17
N THR C 837 23.62 -32.78 -8.97
CA THR C 837 22.89 -32.48 -7.76
C THR C 837 21.64 -33.36 -7.69
N GLY C 838 21.01 -33.61 -8.83
CA GLY C 838 19.86 -34.52 -8.84
C GLY C 838 20.16 -35.90 -8.29
N GLU C 839 21.31 -36.45 -8.68
CA GLU C 839 21.73 -37.74 -8.13
C GLU C 839 21.97 -37.66 -6.63
N ALA C 840 22.58 -36.57 -6.17
CA ALA C 840 22.84 -36.41 -4.73
C ALA C 840 21.53 -36.31 -3.95
N MET C 841 20.60 -35.51 -4.46
CA MET C 841 19.32 -35.38 -3.79
C MET C 841 18.62 -36.74 -3.65
N GLU C 842 18.63 -37.49 -4.74
CA GLU C 842 17.99 -38.80 -4.75
C GLU C 842 18.58 -39.69 -3.65
N LEU C 843 19.90 -39.71 -3.52
CA LEU C 843 20.51 -40.51 -2.45
C LEU C 843 20.12 -39.99 -1.07
N MET C 844 20.21 -38.68 -0.87
CA MET C 844 19.78 -38.11 0.40
C MET C 844 18.36 -38.54 0.79
N GLU C 845 17.46 -38.57 -0.18
CA GLU C 845 16.10 -39.02 0.08
C GLU C 845 16.03 -40.50 0.50
N GLN C 846 16.87 -41.33 -0.10
CA GLN C 846 16.92 -42.75 0.26
C GLN C 846 17.42 -42.93 1.68
N LEU C 847 18.48 -42.20 2.02
CA LEU C 847 19.06 -42.29 3.35
C LEU C 847 18.08 -41.77 4.40
N ALA C 848 17.39 -40.68 4.08
CA ALA C 848 16.46 -40.07 5.02
C ALA C 848 15.30 -41.02 5.29
N SER C 849 14.94 -41.83 4.29
CA SER C 849 13.83 -42.76 4.42
C SER C 849 14.09 -43.86 5.46
N LYS C 850 15.33 -43.99 5.92
CA LYS C 850 15.68 -45.01 6.90
C LYS C 850 15.75 -44.47 8.33
N LEU C 851 15.49 -43.19 8.50
CA LEU C 851 15.58 -42.57 9.82
C LEU C 851 14.39 -42.93 10.73
N PRO C 852 14.56 -42.76 12.05
CA PRO C 852 13.52 -43.14 13.01
C PRO C 852 12.19 -42.45 12.73
N THR C 853 11.08 -43.16 12.97
CA THR C 853 9.75 -42.62 12.75
C THR C 853 9.55 -41.28 13.48
N GLY C 854 8.82 -40.37 12.83
CA GLY C 854 8.63 -39.05 13.40
C GLY C 854 9.66 -38.06 12.88
N VAL C 855 10.73 -38.56 12.28
CA VAL C 855 11.71 -37.68 11.66
C VAL C 855 11.49 -37.62 10.15
N GLY C 856 11.18 -36.43 9.63
CA GLY C 856 10.96 -36.24 8.20
C GLY C 856 11.96 -35.24 7.60
N TYR C 857 11.69 -34.74 6.40
CA TYR C 857 12.65 -33.85 5.76
C TYR C 857 11.99 -33.06 4.66
N ASP C 858 12.66 -31.99 4.21
CA ASP C 858 12.19 -31.25 3.05
C ASP C 858 13.40 -30.64 2.40
N TRP C 859 13.24 -30.21 1.15
CA TRP C 859 14.29 -29.50 0.41
C TRP C 859 13.93 -28.03 0.50
N THR C 860 14.92 -27.17 0.67
CA THR C 860 14.63 -25.73 0.74
C THR C 860 15.53 -25.00 -0.24
N GLY C 861 15.27 -23.71 -0.45
CA GLY C 861 16.18 -22.88 -1.22
C GLY C 861 16.41 -23.42 -2.61
N MET C 862 17.69 -23.55 -3.00
CA MET C 862 18.05 -24.03 -4.33
C MET C 862 17.44 -25.38 -4.65
N SER C 863 17.40 -26.26 -3.66
CA SER C 863 16.96 -27.64 -3.90
C SER C 863 15.45 -27.70 -4.11
N TYR C 864 14.74 -26.82 -3.41
CA TYR C 864 13.31 -26.68 -3.63
C TYR C 864 13.04 -26.30 -5.09
N GLN C 865 13.77 -25.32 -5.61
CA GLN C 865 13.55 -24.91 -7.01
C GLN C 865 13.91 -26.04 -7.97
N GLU C 866 15.00 -26.75 -7.66
CA GLU C 866 15.45 -27.85 -8.52
C GLU C 866 14.38 -28.93 -8.63
N ARG C 867 13.84 -29.33 -7.49
CA ARG C 867 12.78 -30.33 -7.45
C ARG C 867 11.52 -29.86 -8.22
N LEU C 868 11.12 -28.60 -8.01
CA LEU C 868 9.97 -28.06 -8.73
C LEU C 868 10.25 -28.11 -10.25
N SER C 869 11.46 -27.75 -10.62
CA SER C 869 11.86 -27.69 -12.03
C SER C 869 11.73 -29.05 -12.71
N GLY C 870 12.27 -30.08 -12.07
CA GLY C 870 12.17 -31.42 -12.59
C GLY C 870 10.74 -31.93 -12.60
N ASN C 871 10.01 -31.66 -11.52
CA ASN C 871 8.63 -32.15 -11.40
C ASN C 871 7.67 -31.66 -12.48
N GLN C 872 7.90 -30.46 -13.00
CA GLN C 872 6.93 -29.89 -13.94
C GLN C 872 7.28 -30.11 -15.42
N ALA C 873 8.51 -30.53 -15.70
CA ALA C 873 8.98 -30.63 -17.08
C ALA C 873 8.08 -31.47 -18.00
N PRO C 874 7.63 -32.64 -17.51
CA PRO C 874 6.82 -33.52 -18.37
C PRO C 874 5.52 -32.86 -18.78
N SER C 875 4.86 -32.16 -17.86
CA SER C 875 3.65 -31.42 -18.21
C SER C 875 4.00 -30.36 -19.26
N LEU C 876 5.20 -29.80 -19.15
CA LEU C 876 5.61 -28.72 -20.03
C LEU C 876 5.76 -29.28 -21.44
N TYR C 877 6.43 -30.43 -21.55
CA TYR C 877 6.66 -31.06 -22.84
C TYR C 877 5.34 -31.49 -23.45
N ALA C 878 4.47 -32.08 -22.65
CA ALA C 878 3.19 -32.55 -23.16
C ALA C 878 2.32 -31.42 -23.70
N ILE C 879 2.16 -30.34 -22.93
CA ILE C 879 1.32 -29.24 -23.40
C ILE C 879 1.96 -28.55 -24.62
N SER C 880 3.28 -28.47 -24.63
CA SER C 880 3.96 -27.84 -25.76
C SER C 880 3.75 -28.65 -27.03
N LEU C 881 3.81 -29.97 -26.93
CA LEU C 881 3.60 -30.84 -28.09
C LEU C 881 2.17 -30.71 -28.61
N ILE C 882 1.22 -30.71 -27.70
CA ILE C 882 -0.18 -30.61 -28.06
C ILE C 882 -0.46 -29.26 -28.74
N VAL C 883 0.07 -28.18 -28.17
CA VAL C 883 -0.12 -26.86 -28.77
C VAL C 883 0.43 -26.81 -30.20
N VAL C 884 1.65 -27.32 -30.40
CA VAL C 884 2.23 -27.34 -31.75
C VAL C 884 1.35 -28.12 -32.71
N PHE C 885 0.93 -29.31 -32.28
CA PHE C 885 0.05 -30.14 -33.10
C PHE C 885 -1.24 -29.43 -33.51
N LEU C 886 -1.89 -28.75 -32.56
CA LEU C 886 -3.16 -28.05 -32.81
C LEU C 886 -2.95 -26.86 -33.71
N CYS C 887 -1.86 -26.12 -33.48
CA CYS C 887 -1.55 -25.00 -34.35
C CYS C 887 -1.37 -25.46 -35.78
N LEU C 888 -0.72 -26.61 -35.96
CA LEU C 888 -0.53 -27.15 -37.31
C LEU C 888 -1.86 -27.60 -37.92
N ALA C 889 -2.69 -28.27 -37.15
CA ALA C 889 -3.98 -28.75 -37.65
C ALA C 889 -4.81 -27.57 -38.17
N ALA C 890 -4.80 -26.48 -37.43
CA ALA C 890 -5.57 -25.30 -37.79
C ALA C 890 -4.99 -24.62 -39.03
N LEU C 891 -3.69 -24.38 -38.99
CA LEU C 891 -2.98 -23.69 -40.07
C LEU C 891 -3.17 -24.42 -41.39
N TYR C 892 -3.08 -25.74 -41.34
CA TYR C 892 -3.11 -26.53 -42.58
C TYR C 892 -4.46 -27.23 -42.82
N GLU C 893 -5.42 -26.97 -41.95
CA GLU C 893 -6.74 -27.57 -42.09
C GLU C 893 -6.57 -29.06 -42.35
N SER C 894 -5.80 -29.70 -41.47
CA SER C 894 -5.52 -31.12 -41.60
C SER C 894 -5.18 -31.78 -40.26
N TRP C 895 -5.51 -33.06 -40.13
CA TRP C 895 -5.02 -33.84 -39.00
C TRP C 895 -3.78 -34.62 -39.46
N SER C 896 -3.73 -34.91 -40.76
CA SER C 896 -2.70 -35.81 -41.30
C SER C 896 -1.33 -35.17 -41.44
N ILE C 897 -1.27 -33.93 -41.93
CA ILE C 897 -0.03 -33.16 -41.91
C ILE C 897 0.54 -33.12 -40.50
N PRO C 898 -0.24 -32.54 -39.55
CA PRO C 898 0.25 -32.40 -38.17
C PRO C 898 0.77 -33.72 -37.60
N PHE C 899 0.11 -34.83 -37.86
CA PHE C 899 0.62 -36.09 -37.35
C PHE C 899 1.92 -36.49 -38.05
N SER C 900 1.95 -36.36 -39.38
CA SER C 900 3.16 -36.61 -40.15
C SER C 900 4.33 -35.77 -39.63
N VAL C 901 4.07 -34.51 -39.32
CA VAL C 901 5.09 -33.60 -38.80
C VAL C 901 5.56 -33.99 -37.40
N MET C 902 4.63 -34.22 -36.48
CA MET C 902 5.01 -34.48 -35.09
C MET C 902 5.81 -35.77 -34.89
N LEU C 903 5.67 -36.73 -35.80
CA LEU C 903 6.48 -37.94 -35.73
C LEU C 903 7.97 -37.61 -35.82
N VAL C 904 8.30 -36.41 -36.30
CA VAL C 904 9.70 -36.01 -36.45
C VAL C 904 10.36 -35.72 -35.09
N VAL C 905 9.55 -35.43 -34.07
CA VAL C 905 10.13 -34.92 -32.83
C VAL C 905 11.21 -35.81 -32.18
N PRO C 906 10.98 -37.13 -32.13
CA PRO C 906 11.99 -37.99 -31.49
C PRO C 906 13.31 -37.97 -32.24
N LEU C 907 13.27 -37.69 -33.54
CA LEU C 907 14.48 -37.59 -34.34
C LEU C 907 15.34 -36.43 -33.87
N GLY C 908 14.71 -35.37 -33.37
CA GLY C 908 15.46 -34.24 -32.86
C GLY C 908 15.88 -34.50 -31.43
N VAL C 909 14.95 -35.01 -30.63
CA VAL C 909 15.22 -35.23 -29.22
C VAL C 909 16.40 -36.18 -28.99
N ILE C 910 16.47 -37.26 -29.76
CA ILE C 910 17.57 -38.20 -29.56
C ILE C 910 18.94 -37.51 -29.75
N GLY C 911 19.03 -36.59 -30.71
CA GLY C 911 20.26 -35.87 -30.94
C GLY C 911 20.65 -34.98 -29.77
N ALA C 912 19.65 -34.33 -29.19
CA ALA C 912 19.89 -33.52 -28.00
C ALA C 912 20.36 -34.38 -26.83
N LEU C 913 19.71 -35.53 -26.63
CA LEU C 913 20.08 -36.42 -25.53
C LEU C 913 21.49 -36.97 -25.74
N LEU C 914 21.81 -37.31 -26.98
CA LEU C 914 23.15 -37.83 -27.34
C LEU C 914 24.24 -36.80 -27.05
N ALA C 915 23.99 -35.55 -27.46
CA ALA C 915 24.96 -34.48 -27.28
C ALA C 915 25.21 -34.22 -25.81
N ALA C 916 24.13 -34.08 -25.05
CA ALA C 916 24.27 -33.81 -23.62
C ALA C 916 24.97 -34.99 -22.94
N THR C 917 24.58 -36.20 -23.32
CA THR C 917 25.14 -37.41 -22.72
C THR C 917 26.64 -37.53 -22.98
N PHE C 918 27.04 -37.41 -24.25
CA PHE C 918 28.47 -37.55 -24.59
C PHE C 918 29.31 -36.39 -24.11
N ARG C 919 28.69 -35.21 -23.97
CA ARG C 919 29.45 -34.07 -23.46
C ARG C 919 29.54 -34.08 -21.93
N GLY C 920 28.79 -34.96 -21.28
CA GLY C 920 28.76 -34.98 -19.82
C GLY C 920 27.90 -33.88 -19.20
N LEU C 921 26.89 -33.40 -19.93
CA LEU C 921 26.01 -32.38 -19.37
C LEU C 921 24.79 -33.06 -18.73
N THR C 922 23.92 -32.27 -18.10
CA THR C 922 22.81 -32.81 -17.34
C THR C 922 21.47 -32.34 -17.88
N ASN C 923 20.40 -32.97 -17.39
CA ASN C 923 19.06 -32.55 -17.72
C ASN C 923 18.75 -31.37 -16.80
N ASP C 924 19.11 -30.18 -17.23
CA ASP C 924 18.92 -28.98 -16.40
C ASP C 924 17.95 -27.97 -17.03
N VAL C 925 17.78 -26.82 -16.40
CA VAL C 925 16.82 -25.86 -16.92
C VAL C 925 17.13 -25.50 -18.38
N TYR C 926 18.40 -25.31 -18.70
CA TYR C 926 18.80 -24.98 -20.06
C TYR C 926 18.53 -26.12 -21.03
N PHE C 927 18.64 -27.34 -20.56
CA PHE C 927 18.37 -28.50 -21.42
C PHE C 927 16.87 -28.59 -21.70
N GLN C 928 16.06 -28.22 -20.72
CA GLN C 928 14.62 -28.19 -20.89
C GLN C 928 14.26 -27.19 -21.99
N VAL C 929 14.81 -25.98 -21.90
CA VAL C 929 14.62 -25.01 -22.98
C VAL C 929 15.09 -25.59 -24.32
N GLY C 930 16.21 -26.29 -24.31
CA GLY C 930 16.71 -26.92 -25.52
C GLY C 930 15.79 -28.00 -26.09
N LEU C 931 15.17 -28.79 -25.24
CA LEU C 931 14.23 -29.79 -25.74
C LEU C 931 13.00 -29.13 -26.38
N LEU C 932 12.52 -28.06 -25.78
CA LEU C 932 11.43 -27.27 -26.36
C LEU C 932 11.86 -26.73 -27.71
N THR C 933 13.04 -26.14 -27.76
CA THR C 933 13.56 -25.62 -29.02
C THR C 933 13.67 -26.74 -30.06
N THR C 934 14.13 -27.91 -29.61
CA THR C 934 14.31 -29.06 -30.51
C THR C 934 12.98 -29.50 -31.14
N ILE C 935 11.89 -29.43 -30.38
CA ILE C 935 10.57 -29.73 -30.95
C ILE C 935 10.30 -28.83 -32.15
N GLY C 936 10.52 -27.53 -31.99
CA GLY C 936 10.27 -26.61 -33.08
C GLY C 936 11.22 -26.76 -34.25
N LEU C 937 12.51 -26.97 -33.95
CA LEU C 937 13.51 -27.20 -34.98
C LEU C 937 13.12 -28.40 -35.85
N SER C 938 12.74 -29.48 -35.19
CA SER C 938 12.38 -30.71 -35.91
C SER C 938 11.14 -30.48 -36.75
N ALA C 939 10.15 -29.82 -36.14
CA ALA C 939 8.91 -29.55 -36.87
C ALA C 939 9.19 -28.70 -38.09
N LYS C 940 10.07 -27.71 -37.91
CA LYS C 940 10.43 -26.80 -38.99
C LYS C 940 10.97 -27.57 -40.19
N ASN C 941 11.89 -28.50 -39.95
CA ASN C 941 12.42 -29.28 -41.06
C ASN C 941 11.34 -30.16 -41.69
N ALA C 942 10.51 -30.79 -40.87
CA ALA C 942 9.45 -31.64 -41.41
C ALA C 942 8.47 -30.84 -42.27
N ILE C 943 8.10 -29.64 -41.82
CA ILE C 943 7.19 -28.77 -42.57
C ILE C 943 7.70 -28.44 -43.97
N LEU C 944 9.01 -28.19 -44.09
CA LEU C 944 9.62 -27.85 -45.37
C LEU C 944 9.45 -28.95 -46.40
N ILE C 945 9.23 -30.18 -45.95
CA ILE C 945 8.94 -31.27 -46.88
C ILE C 945 7.42 -31.54 -47.02
N VAL C 946 6.74 -31.75 -45.89
CA VAL C 946 5.33 -32.14 -45.87
C VAL C 946 4.39 -31.10 -46.49
N GLU C 947 4.55 -29.85 -46.07
CA GLU C 947 3.76 -28.75 -46.62
C GLU C 947 3.79 -28.76 -48.14
N PHE C 948 5.00 -28.81 -48.68
CA PHE C 948 5.23 -28.75 -50.12
C PHE C 948 4.66 -29.97 -50.84
N ALA C 949 4.93 -31.16 -50.31
CA ALA C 949 4.38 -32.37 -50.91
C ALA C 949 2.86 -32.26 -51.04
N LYS C 950 2.20 -31.93 -49.94
CA LYS C 950 0.74 -31.87 -49.94
C LYS C 950 0.24 -30.87 -50.98
N ASP C 951 0.91 -29.72 -51.04
CA ASP C 951 0.51 -28.66 -51.96
C ASP C 951 0.70 -29.07 -53.42
N LEU C 952 1.72 -29.88 -53.68
CA LEU C 952 1.95 -30.39 -55.02
C LEU C 952 0.88 -31.41 -55.40
N MET C 953 0.44 -32.18 -54.42
CA MET C 953 -0.65 -33.12 -54.63
C MET C 953 -1.94 -32.37 -54.95
N ASP C 954 -2.13 -31.21 -54.31
CA ASP C 954 -3.36 -30.44 -54.46
C ASP C 954 -3.38 -29.51 -55.67
N LYS C 955 -2.34 -28.69 -55.80
CA LYS C 955 -2.31 -27.69 -56.86
C LYS C 955 -1.79 -28.23 -58.20
N GLU C 956 -1.23 -29.44 -58.21
CA GLU C 956 -0.66 -29.99 -59.43
C GLU C 956 -1.14 -31.41 -59.74
N GLY C 957 -2.03 -31.94 -58.91
CA GLY C 957 -2.61 -33.25 -59.17
C GLY C 957 -1.62 -34.40 -59.18
N LYS C 958 -0.47 -34.20 -58.53
CA LYS C 958 0.56 -35.23 -58.50
C LYS C 958 0.24 -36.35 -57.52
N GLY C 959 0.61 -37.57 -57.88
CA GLY C 959 0.44 -38.71 -56.99
C GLY C 959 1.29 -38.57 -55.74
N LEU C 960 0.93 -39.33 -54.70
CA LEU C 960 1.64 -39.34 -53.42
C LEU C 960 3.17 -39.38 -53.58
N ILE C 961 3.65 -40.40 -54.30
CA ILE C 961 5.09 -40.65 -54.40
C ILE C 961 5.81 -39.55 -55.19
N GLU C 962 5.33 -39.26 -56.39
CA GLU C 962 5.92 -38.20 -57.22
C GLU C 962 6.02 -36.88 -56.48
N ALA C 963 4.94 -36.52 -55.79
CA ALA C 963 4.88 -35.26 -55.06
C ALA C 963 5.92 -35.22 -53.94
N THR C 964 6.10 -36.36 -53.27
CA THR C 964 7.05 -36.41 -52.16
C THR C 964 8.47 -36.26 -52.69
N LEU C 965 8.78 -36.97 -53.77
CA LEU C 965 10.09 -36.91 -54.37
C LEU C 965 10.41 -35.51 -54.92
N ASP C 966 9.47 -34.90 -55.61
CA ASP C 966 9.66 -33.53 -56.07
C ASP C 966 9.95 -32.58 -54.91
N ALA C 967 9.20 -32.75 -53.82
CA ALA C 967 9.31 -31.86 -52.66
C ALA C 967 10.67 -32.01 -51.98
N VAL C 968 11.09 -33.26 -51.82
CA VAL C 968 12.36 -33.57 -51.21
C VAL C 968 13.51 -33.04 -52.07
N ARG C 969 13.36 -33.16 -53.40
CA ARG C 969 14.36 -32.66 -54.34
C ARG C 969 14.52 -31.15 -54.23
N MET C 970 13.40 -30.43 -54.25
CA MET C 970 13.44 -28.97 -54.26
C MET C 970 13.75 -28.37 -52.89
N ARG C 971 13.56 -29.15 -51.84
CA ARG C 971 13.69 -28.60 -50.50
C ARG C 971 15.00 -28.99 -49.80
N LEU C 972 15.76 -29.91 -50.37
CA LEU C 972 17.02 -30.32 -49.76
C LEU C 972 17.88 -29.11 -49.43
N ARG C 973 18.12 -28.25 -50.42
CA ARG C 973 19.01 -27.12 -50.25
C ARG C 973 18.57 -26.15 -49.13
N PRO C 974 17.31 -25.67 -49.20
CA PRO C 974 16.88 -24.71 -48.17
C PRO C 974 16.92 -25.36 -46.79
N ILE C 975 16.59 -26.65 -46.72
CA ILE C 975 16.63 -27.34 -45.44
C ILE C 975 18.06 -27.37 -44.90
N LEU C 976 19.02 -27.73 -45.74
CA LEU C 976 20.43 -27.76 -45.35
C LEU C 976 20.97 -26.37 -44.99
N MET C 977 20.65 -25.36 -45.81
CA MET C 977 21.03 -23.98 -45.51
C MET C 977 20.54 -23.53 -44.14
N THR C 978 19.25 -23.67 -43.91
CA THR C 978 18.68 -23.15 -42.66
C THR C 978 19.16 -23.93 -41.44
N SER C 979 19.30 -25.25 -41.60
CA SER C 979 19.76 -26.09 -40.50
C SER C 979 21.22 -25.80 -40.13
N LEU C 980 22.06 -25.66 -41.15
CA LEU C 980 23.47 -25.32 -40.96
C LEU C 980 23.60 -23.95 -40.33
N ALA C 981 22.74 -23.01 -40.74
CA ALA C 981 22.75 -21.68 -40.18
C ALA C 981 22.51 -21.78 -38.67
N PHE C 982 21.59 -22.64 -38.27
CA PHE C 982 21.34 -22.81 -36.84
C PHE C 982 22.50 -23.51 -36.13
N ILE C 983 22.97 -24.61 -36.71
CA ILE C 983 24.06 -25.38 -36.11
C ILE C 983 25.32 -24.53 -35.92
N LEU C 984 25.69 -23.77 -36.95
CA LEU C 984 26.85 -22.89 -36.82
C LEU C 984 26.52 -21.71 -35.91
N GLY C 985 25.27 -21.27 -35.93
CA GLY C 985 24.85 -20.17 -35.09
C GLY C 985 25.05 -20.44 -33.61
N VAL C 986 24.77 -21.67 -33.17
CA VAL C 986 24.91 -21.98 -31.75
C VAL C 986 26.30 -22.54 -31.38
N MET C 987 27.14 -22.79 -32.37
CA MET C 987 28.45 -23.37 -32.08
C MET C 987 29.32 -22.51 -31.14
N PRO C 988 29.24 -21.17 -31.25
CA PRO C 988 29.99 -20.38 -30.26
C PRO C 988 29.54 -20.65 -28.81
N LEU C 989 28.29 -21.00 -28.59
CA LEU C 989 27.82 -21.34 -27.22
C LEU C 989 28.45 -22.66 -26.76
N VAL C 990 28.45 -23.62 -27.69
CA VAL C 990 28.96 -24.96 -27.43
C VAL C 990 30.44 -24.96 -27.08
N ILE C 991 31.24 -24.19 -27.81
CA ILE C 991 32.70 -24.20 -27.64
C ILE C 991 33.21 -23.08 -26.74
N SER C 992 32.32 -22.26 -26.23
CA SER C 992 32.74 -21.18 -25.34
C SER C 992 33.48 -21.73 -24.12
N THR C 993 34.56 -21.07 -23.73
CA THR C 993 35.25 -21.40 -22.48
C THR C 993 35.44 -20.19 -21.55
N GLY C 994 34.86 -19.05 -21.92
CA GLY C 994 34.99 -17.85 -21.12
C GLY C 994 34.22 -17.85 -19.80
N ALA C 995 34.24 -16.71 -19.10
CA ALA C 995 33.41 -16.56 -17.91
C ALA C 995 31.96 -16.77 -18.33
N GLY C 996 31.21 -17.55 -17.55
CA GLY C 996 29.81 -17.81 -17.82
C GLY C 996 29.59 -18.92 -18.83
N SER C 997 30.67 -19.56 -19.27
CA SER C 997 30.59 -20.59 -20.31
C SER C 997 29.79 -21.83 -19.88
N GLY C 998 29.62 -22.01 -18.57
CA GLY C 998 28.82 -23.11 -18.08
C GLY C 998 27.39 -23.00 -18.59
N ALA C 999 26.82 -21.80 -18.51
CA ALA C 999 25.47 -21.55 -19.04
C ALA C 999 25.51 -21.61 -20.57
N GLN C 1000 26.52 -20.99 -21.18
CA GLN C 1000 26.62 -21.01 -22.63
C GLN C 1000 26.65 -22.44 -23.19
N ASN C 1001 27.51 -23.28 -22.61
CA ASN C 1001 27.62 -24.68 -23.01
C ASN C 1001 26.31 -25.44 -22.84
N ALA C 1002 25.61 -25.20 -21.74
CA ALA C 1002 24.36 -25.92 -21.47
C ALA C 1002 23.25 -25.49 -22.43
N VAL C 1003 23.23 -24.21 -22.78
CA VAL C 1003 22.22 -23.70 -23.69
C VAL C 1003 22.42 -24.22 -25.10
N GLY C 1004 23.68 -24.29 -25.54
CA GLY C 1004 23.96 -24.62 -26.92
C GLY C 1004 24.07 -26.09 -27.27
N THR C 1005 24.56 -26.90 -26.33
CA THR C 1005 24.96 -28.27 -26.65
C THR C 1005 23.78 -29.15 -27.07
N GLY C 1006 22.73 -29.19 -26.24
CA GLY C 1006 21.55 -29.96 -26.58
C GLY C 1006 20.94 -29.56 -27.91
N VAL C 1007 20.69 -28.27 -28.12
CA VAL C 1007 20.01 -27.85 -29.33
C VAL C 1007 20.87 -28.09 -30.54
N MET C 1008 22.18 -27.97 -30.37
CA MET C 1008 23.06 -28.23 -31.50
C MET C 1008 22.94 -29.68 -31.97
N GLY C 1009 22.94 -30.62 -31.03
CA GLY C 1009 22.81 -32.04 -31.37
C GLY C 1009 21.41 -32.37 -31.88
N GLY C 1010 20.40 -31.69 -31.32
CA GLY C 1010 19.03 -31.88 -31.74
C GLY C 1010 18.86 -31.46 -33.20
N MET C 1011 19.42 -30.30 -33.55
CA MET C 1011 19.34 -29.88 -34.94
C MET C 1011 20.07 -30.84 -35.86
N VAL C 1012 21.23 -31.35 -35.41
CA VAL C 1012 21.99 -32.28 -36.24
C VAL C 1012 21.15 -33.50 -36.63
N THR C 1013 20.56 -34.16 -35.63
CA THR C 1013 19.77 -35.36 -35.92
C THR C 1013 18.44 -35.02 -36.60
N ALA C 1014 17.86 -33.88 -36.23
CA ALA C 1014 16.59 -33.47 -36.83
C ALA C 1014 16.78 -33.04 -38.28
N THR C 1015 18.02 -33.04 -38.76
CA THR C 1015 18.28 -32.72 -40.16
C THR C 1015 18.71 -33.98 -40.90
N VAL C 1016 19.76 -34.64 -40.40
CA VAL C 1016 20.27 -35.86 -41.03
C VAL C 1016 19.19 -36.93 -41.09
N LEU C 1017 18.50 -37.15 -39.97
CA LEU C 1017 17.46 -38.17 -39.91
C LEU C 1017 16.19 -37.74 -40.65
N ALA C 1018 15.79 -36.50 -40.45
CA ALA C 1018 14.50 -36.04 -40.94
C ALA C 1018 14.39 -36.07 -42.46
N ILE C 1019 15.48 -35.81 -43.16
CA ILE C 1019 15.42 -35.75 -44.62
C ILE C 1019 15.16 -37.13 -45.22
N PHE C 1020 15.38 -38.17 -44.40
CA PHE C 1020 15.09 -39.55 -44.83
C PHE C 1020 13.79 -40.08 -44.22
N PHE C 1021 13.52 -39.73 -42.97
CA PHE C 1021 12.34 -40.27 -42.28
C PHE C 1021 11.04 -39.51 -42.60
N VAL C 1022 11.09 -38.19 -42.69
CA VAL C 1022 9.87 -37.42 -42.91
C VAL C 1022 9.08 -37.89 -44.14
N PRO C 1023 9.77 -38.12 -45.26
CA PRO C 1023 9.07 -38.65 -46.43
C PRO C 1023 8.35 -39.97 -46.10
N VAL C 1024 8.95 -40.79 -45.23
CA VAL C 1024 8.29 -42.04 -44.82
C VAL C 1024 7.03 -41.76 -44.00
N PHE C 1025 7.18 -40.95 -42.94
CA PHE C 1025 6.04 -40.52 -42.15
C PHE C 1025 4.88 -40.09 -43.04
N PHE C 1026 5.16 -39.19 -43.96
CA PHE C 1026 4.14 -38.60 -44.82
C PHE C 1026 3.42 -39.64 -45.68
N VAL C 1027 4.21 -40.46 -46.36
CA VAL C 1027 3.67 -41.48 -47.24
C VAL C 1027 2.85 -42.52 -46.47
N VAL C 1028 3.42 -43.03 -45.37
CA VAL C 1028 2.74 -44.01 -44.55
C VAL C 1028 1.43 -43.46 -43.95
N VAL C 1029 1.50 -42.30 -43.30
CA VAL C 1029 0.30 -41.69 -42.71
C VAL C 1029 -0.79 -41.46 -43.74
N ARG C 1030 -0.44 -40.94 -44.91
CA ARG C 1030 -1.43 -40.63 -45.95
C ARG C 1030 -2.06 -41.88 -46.52
N ARG C 1031 -1.27 -42.94 -46.65
CA ARG C 1031 -1.76 -44.21 -47.18
C ARG C 1031 -2.74 -44.84 -46.20
N ARG C 1032 -2.47 -44.70 -44.91
CA ARG C 1032 -3.35 -45.21 -43.87
C ARG C 1032 -4.58 -44.31 -43.71
N PHE C 1033 -4.54 -43.11 -44.28
CA PHE C 1033 -5.66 -42.17 -44.21
C PHE C 1033 -5.96 -41.52 -45.55
N GLY D 11 -40.70 -11.79 45.07
CA GLY D 11 -41.03 -10.69 44.17
C GLY D 11 -42.21 -11.02 43.28
N SER D 12 -42.76 -10.00 42.62
CA SER D 12 -43.90 -10.18 41.73
C SER D 12 -43.64 -9.63 40.33
N ASP D 13 -44.39 -10.12 39.35
CA ASP D 13 -44.23 -9.68 37.97
C ASP D 13 -44.66 -8.22 37.82
N LEU D 14 -45.76 -7.86 38.47
CA LEU D 14 -46.24 -6.47 38.45
C LEU D 14 -45.26 -5.56 39.16
N GLY D 15 -44.66 -6.06 40.23
CA GLY D 15 -43.60 -5.34 40.91
C GLY D 15 -42.46 -4.96 39.97
N LYS D 16 -41.98 -5.92 39.17
CA LYS D 16 -40.90 -5.66 38.22
C LYS D 16 -41.31 -4.62 37.21
N LYS D 17 -42.52 -4.77 36.68
CA LYS D 17 -43.05 -3.83 35.70
C LYS D 17 -43.13 -2.43 36.28
N LEU D 18 -43.49 -2.33 37.56
CA LEU D 18 -43.58 -1.04 38.22
C LEU D 18 -42.19 -0.42 38.42
N LEU D 19 -41.22 -1.23 38.81
CA LEU D 19 -39.86 -0.73 38.97
C LEU D 19 -39.38 -0.15 37.64
N GLU D 20 -39.67 -0.84 36.54
CA GLU D 20 -39.26 -0.36 35.21
C GLU D 20 -40.03 0.88 34.79
N ALA D 21 -41.35 0.87 34.95
CA ALA D 21 -42.14 2.04 34.56
C ALA D 21 -41.74 3.28 35.35
N ALA D 22 -41.55 3.12 36.66
CA ALA D 22 -41.16 4.24 37.51
C ALA D 22 -39.85 4.85 37.03
N ARG D 23 -38.86 3.99 36.82
CA ARG D 23 -37.57 4.45 36.33
C ARG D 23 -37.67 5.17 34.99
N ALA D 24 -38.48 4.64 34.08
CA ALA D 24 -38.57 5.22 32.73
C ALA D 24 -39.49 6.44 32.68
N GLY D 25 -40.24 6.68 33.74
CA GLY D 25 -41.11 7.84 33.78
C GLY D 25 -42.38 7.67 32.95
N ARG D 26 -42.83 6.44 32.80
CA ARG D 26 -44.06 6.16 32.08
C ARG D 26 -45.29 6.38 32.98
N ASP D 27 -45.72 7.63 33.08
CA ASP D 27 -46.84 8.03 33.94
C ASP D 27 -48.07 7.14 33.79
N ASP D 28 -48.50 6.94 32.55
CA ASP D 28 -49.73 6.20 32.30
C ASP D 28 -49.60 4.74 32.71
N GLU D 29 -48.48 4.11 32.38
CA GLU D 29 -48.31 2.72 32.79
C GLU D 29 -48.37 2.63 34.32
N VAL D 30 -47.66 3.54 35.00
CA VAL D 30 -47.73 3.58 36.46
C VAL D 30 -49.19 3.66 36.91
N ARG D 31 -49.92 4.59 36.33
CA ARG D 31 -51.34 4.76 36.61
C ARG D 31 -52.05 3.41 36.61
N ILE D 32 -51.94 2.69 35.49
CA ILE D 32 -52.59 1.39 35.34
C ILE D 32 -52.08 0.38 36.36
N LEU D 33 -50.77 0.38 36.59
CA LEU D 33 -50.15 -0.55 37.54
C LEU D 33 -50.71 -0.32 38.96
N MET D 34 -50.95 0.93 39.31
CA MET D 34 -51.52 1.28 40.60
C MET D 34 -52.95 0.76 40.69
N ALA D 35 -53.67 0.84 39.58
CA ALA D 35 -55.05 0.38 39.59
C ALA D 35 -55.08 -1.14 39.77
N ASN D 36 -54.05 -1.82 39.29
CA ASN D 36 -54.01 -3.27 39.35
C ASN D 36 -53.29 -3.82 40.59
N GLY D 37 -52.86 -2.94 41.50
CA GLY D 37 -52.29 -3.37 42.75
C GLY D 37 -50.81 -3.78 42.69
N ALA D 38 -50.10 -3.25 41.70
CA ALA D 38 -48.67 -3.55 41.60
C ALA D 38 -47.94 -3.10 42.87
N ASP D 39 -47.06 -3.97 43.38
CA ASP D 39 -46.44 -3.74 44.68
C ASP D 39 -45.59 -2.45 44.73
N VAL D 40 -46.10 -1.42 45.41
CA VAL D 40 -45.35 -0.18 45.52
C VAL D 40 -44.10 -0.38 46.36
N ASN D 41 -44.03 -1.50 47.07
CA ASN D 41 -42.88 -1.76 47.92
C ASN D 41 -41.91 -2.76 47.30
N ALA D 42 -42.09 -3.03 46.01
CA ALA D 42 -41.17 -3.88 45.28
C ALA D 42 -39.78 -3.27 45.41
N ALA D 43 -38.76 -4.12 45.33
CA ALA D 43 -37.38 -3.65 45.40
C ALA D 43 -36.51 -4.55 44.57
N ASP D 44 -35.52 -3.96 43.89
CA ASP D 44 -34.54 -4.76 43.16
C ASP D 44 -33.42 -5.24 44.09
N VAL D 45 -32.32 -5.76 43.53
CA VAL D 45 -31.27 -6.36 44.36
C VAL D 45 -30.56 -5.37 45.25
N VAL D 46 -30.51 -4.10 44.85
CA VAL D 46 -29.77 -3.12 45.64
C VAL D 46 -30.71 -2.42 46.63
N GLY D 47 -31.96 -2.89 46.68
CA GLY D 47 -32.95 -2.37 47.62
C GLY D 47 -33.66 -1.12 47.17
N TRP D 48 -33.55 -0.79 45.88
CA TRP D 48 -34.29 0.37 45.35
C TRP D 48 -35.75 0.03 45.07
N THR D 49 -36.65 0.84 45.63
CA THR D 49 -38.08 0.78 45.38
C THR D 49 -38.44 1.66 44.18
N PRO D 50 -39.69 1.54 43.71
CA PRO D 50 -40.15 2.44 42.65
C PRO D 50 -39.93 3.90 43.04
N LEU D 51 -40.10 4.21 44.32
CA LEU D 51 -39.88 5.57 44.80
C LEU D 51 -38.41 5.99 44.72
N HIS D 52 -37.50 5.07 45.05
CA HIS D 52 -36.07 5.35 44.82
C HIS D 52 -35.85 5.69 43.35
N LEU D 53 -36.34 4.84 42.45
CA LEU D 53 -36.09 5.05 41.02
C LEU D 53 -36.65 6.39 40.55
N ALA D 54 -37.89 6.67 40.92
CA ALA D 54 -38.55 7.88 40.47
C ALA D 54 -37.79 9.11 40.97
N ALA D 55 -37.35 9.06 42.22
CA ALA D 55 -36.61 10.15 42.83
C ALA D 55 -35.26 10.38 42.16
N TYR D 56 -34.60 9.29 41.76
CA TYR D 56 -33.28 9.37 41.14
C TYR D 56 -33.40 9.97 39.76
N TRP D 57 -34.30 9.42 38.94
CA TRP D 57 -34.40 9.87 37.56
C TRP D 57 -35.24 11.14 37.41
N GLY D 58 -35.84 11.61 38.51
CA GLY D 58 -36.54 12.88 38.51
C GLY D 58 -37.95 12.88 37.95
N HIS D 59 -38.70 11.81 38.16
CA HIS D 59 -40.06 11.76 37.68
C HIS D 59 -41.03 12.17 38.79
N LEU D 60 -41.38 13.46 38.79
CA LEU D 60 -42.18 14.09 39.82
C LEU D 60 -43.58 13.51 39.97
N GLU D 61 -44.29 13.36 38.85
CA GLU D 61 -45.67 12.90 38.90
C GLU D 61 -45.73 11.46 39.43
N ILE D 62 -44.77 10.65 39.01
CA ILE D 62 -44.74 9.29 39.52
C ILE D 62 -44.46 9.27 41.03
N VAL D 63 -43.53 10.10 41.49
CA VAL D 63 -43.26 10.22 42.92
C VAL D 63 -44.57 10.48 43.68
N GLU D 64 -45.37 11.41 43.16
CA GLU D 64 -46.62 11.79 43.83
C GLU D 64 -47.66 10.65 43.80
N VAL D 65 -47.78 9.98 42.65
CA VAL D 65 -48.68 8.83 42.53
C VAL D 65 -48.27 7.71 43.49
N LEU D 66 -46.98 7.41 43.51
CA LEU D 66 -46.45 6.37 44.40
C LEU D 66 -46.79 6.66 45.86
N LEU D 67 -46.54 7.89 46.30
CA LEU D 67 -46.86 8.27 47.68
C LEU D 67 -48.35 8.18 47.97
N LYS D 68 -49.19 8.50 46.98
CA LYS D 68 -50.65 8.41 47.20
C LYS D 68 -51.08 6.95 47.33
N ASN D 69 -50.27 6.06 46.79
CA ASN D 69 -50.57 4.63 46.81
C ASN D 69 -49.76 3.87 47.86
N GLY D 70 -49.44 4.57 48.95
CA GLY D 70 -48.87 3.94 50.13
C GLY D 70 -47.40 3.57 50.04
N ALA D 71 -46.65 4.18 49.13
CA ALA D 71 -45.23 3.88 49.08
C ALA D 71 -44.58 4.30 50.40
N ASP D 72 -43.53 3.59 50.82
CA ASP D 72 -42.74 3.95 51.99
C ASP D 72 -41.81 5.13 51.66
N VAL D 73 -42.12 6.30 52.17
CA VAL D 73 -41.34 7.51 51.85
C VAL D 73 -39.92 7.38 52.37
N ASN D 74 -39.75 6.56 53.39
CA ASN D 74 -38.46 6.42 54.05
C ASN D 74 -37.80 5.06 53.79
N ALA D 75 -38.17 4.41 52.70
CA ALA D 75 -37.51 3.16 52.32
C ALA D 75 -36.01 3.39 52.19
N TYR D 76 -35.21 2.40 52.57
CA TYR D 76 -33.77 2.55 52.40
C TYR D 76 -33.18 1.38 51.63
N ASP D 77 -32.14 1.65 50.82
CA ASP D 77 -31.53 0.60 50.02
C ASP D 77 -30.50 -0.21 50.85
N THR D 78 -29.78 -1.11 50.22
CA THR D 78 -28.91 -1.99 51.00
C THR D 78 -27.70 -1.25 51.58
N LEU D 79 -27.52 0.02 51.18
CA LEU D 79 -26.46 0.86 51.76
C LEU D 79 -27.05 1.98 52.61
N GLY D 80 -28.35 1.89 52.88
CA GLY D 80 -28.97 2.80 53.84
C GLY D 80 -29.44 4.12 53.26
N SER D 81 -29.42 4.24 51.93
CA SER D 81 -29.84 5.48 51.28
C SER D 81 -31.36 5.52 50.99
N THR D 82 -31.98 6.69 51.21
CA THR D 82 -33.42 6.90 51.02
C THR D 82 -33.71 7.67 49.73
N PRO D 83 -34.98 7.71 49.29
CA PRO D 83 -35.29 8.50 48.10
C PRO D 83 -34.96 9.98 48.29
N LEU D 84 -35.06 10.49 49.51
CA LEU D 84 -34.70 11.90 49.77
C LEU D 84 -33.21 12.13 49.51
N HIS D 85 -32.37 11.17 49.92
CA HIS D 85 -30.95 11.21 49.56
C HIS D 85 -30.80 11.41 48.06
N LEU D 86 -31.46 10.55 47.29
CA LEU D 86 -31.32 10.59 45.83
C LEU D 86 -31.81 11.90 45.27
N ALA D 87 -33.02 12.32 45.65
CA ALA D 87 -33.59 13.54 45.13
C ALA D 87 -32.69 14.72 45.47
N ALA D 88 -32.17 14.75 46.69
CA ALA D 88 -31.34 15.87 47.10
C ALA D 88 -30.04 15.89 46.35
N HIS D 89 -29.46 14.71 46.10
CA HIS D 89 -28.14 14.63 45.48
C HIS D 89 -28.20 15.06 44.02
N PHE D 90 -29.31 14.75 43.35
CA PHE D 90 -29.39 14.99 41.91
C PHE D 90 -30.20 16.24 41.55
N GLY D 91 -30.48 17.07 42.56
CA GLY D 91 -31.02 18.40 42.35
C GLY D 91 -32.51 18.49 42.02
N HIS D 92 -33.27 17.45 42.35
CA HIS D 92 -34.70 17.47 42.06
C HIS D 92 -35.48 18.17 43.18
N LEU D 93 -35.57 19.49 43.07
CA LEU D 93 -36.11 20.36 44.12
C LEU D 93 -37.57 20.05 44.50
N GLU D 94 -38.42 19.95 43.50
CA GLU D 94 -39.84 19.74 43.78
C GLU D 94 -40.09 18.36 44.36
N ILE D 95 -39.34 17.36 43.90
CA ILE D 95 -39.42 16.03 44.48
C ILE D 95 -38.98 16.10 45.94
N VAL D 96 -37.85 16.74 46.19
CA VAL D 96 -37.40 16.97 47.56
C VAL D 96 -38.52 17.54 48.43
N GLU D 97 -39.18 18.60 47.94
CA GLU D 97 -40.28 19.21 48.71
C GLU D 97 -41.44 18.24 48.92
N VAL D 98 -41.85 17.51 47.89
CA VAL D 98 -42.93 16.53 48.03
C VAL D 98 -42.55 15.45 49.05
N LEU D 99 -41.34 14.90 48.92
CA LEU D 99 -40.92 13.84 49.84
C LEU D 99 -41.03 14.34 51.28
N LEU D 100 -40.48 15.52 51.53
CA LEU D 100 -40.53 16.11 52.86
C LEU D 100 -41.98 16.36 53.30
N LYS D 101 -42.82 16.84 52.40
CA LYS D 101 -44.23 17.09 52.73
C LYS D 101 -44.86 15.81 53.22
N ASN D 102 -44.34 14.69 52.72
CA ASN D 102 -44.95 13.39 52.97
C ASN D 102 -44.25 12.60 54.07
N GLY D 103 -43.45 13.28 54.89
CA GLY D 103 -42.83 12.66 56.06
C GLY D 103 -41.42 12.11 55.87
N ALA D 104 -40.75 12.45 54.79
CA ALA D 104 -39.39 11.94 54.59
C ALA D 104 -38.52 12.37 55.76
N ASP D 105 -37.61 11.50 56.22
CA ASP D 105 -36.71 11.87 57.32
C ASP D 105 -35.60 12.80 56.82
N VAL D 106 -35.70 14.07 57.20
CA VAL D 106 -34.77 15.10 56.73
C VAL D 106 -33.35 14.81 57.21
N ASN D 107 -33.22 14.11 58.33
CA ASN D 107 -31.91 13.79 58.90
C ASN D 107 -31.43 12.35 58.71
N ALA D 108 -32.07 11.61 57.82
CA ALA D 108 -31.70 10.22 57.56
C ALA D 108 -30.22 10.07 57.21
N LYS D 109 -29.53 9.16 57.90
CA LYS D 109 -28.13 8.86 57.58
C LYS D 109 -28.03 7.54 56.85
N ASP D 110 -27.24 7.49 55.77
CA ASP D 110 -26.97 6.20 55.13
C ASP D 110 -25.87 5.53 55.93
N ASP D 111 -25.40 4.38 55.46
CA ASP D 111 -24.37 3.62 56.17
C ASP D 111 -23.07 4.40 56.37
N ASN D 112 -22.82 5.40 55.53
CA ASN D 112 -21.61 6.20 55.70
C ASN D 112 -21.81 7.40 56.62
N GLY D 113 -22.98 7.53 57.23
CA GLY D 113 -23.34 8.69 58.03
C GLY D 113 -23.62 9.93 57.21
N ILE D 114 -23.83 9.73 55.92
CA ILE D 114 -24.10 10.83 55.00
C ILE D 114 -25.60 11.18 54.98
N THR D 115 -25.93 12.47 55.08
CA THR D 115 -27.33 12.92 55.07
C THR D 115 -27.69 13.58 53.75
N PRO D 116 -29.00 13.78 53.52
CA PRO D 116 -29.40 14.50 52.31
C PRO D 116 -28.76 15.89 52.23
N LEU D 117 -28.57 16.54 53.37
CA LEU D 117 -27.91 17.86 53.39
C LEU D 117 -26.47 17.80 52.88
N HIS D 118 -25.71 16.77 53.31
CA HIS D 118 -24.36 16.57 52.81
C HIS D 118 -24.35 16.47 51.28
N LEU D 119 -25.32 15.75 50.74
CA LEU D 119 -25.32 15.43 49.33
C LEU D 119 -25.68 16.68 48.51
N ALA D 120 -26.68 17.42 48.98
CA ALA D 120 -27.07 18.65 48.30
C ALA D 120 -25.94 19.68 48.37
N ALA D 121 -25.29 19.79 49.53
CA ALA D 121 -24.18 20.73 49.64
C ALA D 121 -23.07 20.32 48.69
N ASN D 122 -22.76 19.02 48.66
CA ASN D 122 -21.67 18.54 47.84
C ASN D 122 -21.85 18.93 46.35
N ARG D 123 -23.09 18.91 45.86
CA ARG D 123 -23.35 19.22 44.46
C ARG D 123 -23.71 20.68 44.28
N GLY D 124 -23.79 21.40 45.39
CA GLY D 124 -24.04 22.83 45.34
C GLY D 124 -25.47 23.18 45.01
N HIS D 125 -26.41 22.33 45.45
CA HIS D 125 -27.81 22.61 45.18
C HIS D 125 -28.39 23.55 46.25
N LEU D 126 -28.28 24.85 46.01
CA LEU D 126 -28.60 25.87 47.03
C LEU D 126 -30.05 25.85 47.47
N GLU D 127 -30.98 25.81 46.51
CA GLU D 127 -32.40 25.82 46.87
C GLU D 127 -32.79 24.58 47.68
N ILE D 128 -32.23 23.43 47.31
CA ILE D 128 -32.50 22.19 48.03
C ILE D 128 -31.92 22.27 49.45
N VAL D 129 -30.72 22.81 49.59
CA VAL D 129 -30.14 23.05 50.91
C VAL D 129 -31.09 23.89 51.79
N GLU D 130 -31.63 24.97 51.23
CA GLU D 130 -32.53 25.83 51.99
C GLU D 130 -33.79 25.09 52.43
N VAL D 131 -34.36 24.30 51.52
CA VAL D 131 -35.55 23.51 51.84
C VAL D 131 -35.27 22.54 52.99
N LEU D 132 -34.15 21.84 52.91
CA LEU D 132 -33.76 20.90 53.96
C LEU D 132 -33.59 21.58 55.32
N LEU D 133 -32.97 22.75 55.34
CA LEU D 133 -32.80 23.50 56.59
C LEU D 133 -34.18 23.92 57.11
N LYS D 134 -35.07 24.27 56.18
CA LYS D 134 -36.42 24.68 56.55
C LYS D 134 -37.19 23.57 57.24
N TYR D 135 -36.93 22.31 56.86
CA TYR D 135 -37.63 21.18 57.45
C TYR D 135 -36.89 20.58 58.64
N GLY D 136 -35.84 21.26 59.09
CA GLY D 136 -35.19 20.86 60.33
C GLY D 136 -33.89 20.08 60.15
N ALA D 137 -33.31 20.13 58.95
CA ALA D 137 -32.08 19.40 58.70
C ALA D 137 -31.02 19.82 59.72
N ASP D 138 -30.29 18.86 60.28
CA ASP D 138 -29.28 19.13 61.29
C ASP D 138 -27.96 19.62 60.68
N VAL D 139 -27.72 20.92 60.78
CA VAL D 139 -26.56 21.54 60.16
C VAL D 139 -25.24 21.01 60.74
N ASN D 140 -25.29 20.45 61.94
CA ASN D 140 -24.07 19.95 62.58
C ASN D 140 -23.83 18.44 62.45
N ALA D 141 -24.71 17.75 61.73
CA ALA D 141 -24.53 16.31 61.48
C ALA D 141 -23.18 16.03 60.80
N GLN D 142 -22.46 15.04 61.31
CA GLN D 142 -21.17 14.66 60.73
C GLN D 142 -21.23 13.27 60.07
N ASP D 143 -20.60 13.12 58.92
CA ASP D 143 -20.53 11.80 58.29
C ASP D 143 -19.44 10.99 58.98
N LYS D 144 -19.17 9.78 58.48
CA LYS D 144 -18.21 8.89 59.15
C LYS D 144 -16.81 9.51 59.26
N PHE D 145 -16.51 10.50 58.41
CA PHE D 145 -15.21 11.17 58.50
C PHE D 145 -15.23 12.45 59.34
N GLY D 146 -16.35 12.72 60.01
CA GLY D 146 -16.46 13.88 60.89
C GLY D 146 -16.77 15.16 60.14
N LYS D 147 -17.16 15.04 58.87
CA LYS D 147 -17.46 16.21 58.06
C LYS D 147 -18.92 16.66 58.13
N THR D 148 -19.14 17.97 58.09
CA THR D 148 -20.49 18.57 58.01
C THR D 148 -20.69 19.18 56.63
N ALA D 149 -21.91 19.63 56.35
CA ALA D 149 -22.20 20.28 55.09
C ALA D 149 -21.32 21.52 54.89
N PHE D 150 -21.07 22.23 55.98
CA PHE D 150 -20.22 23.42 55.93
C PHE D 150 -18.80 23.05 55.52
N ASP D 151 -18.25 22.00 56.13
CA ASP D 151 -16.94 21.50 55.75
C ASP D 151 -16.89 21.20 54.24
N ILE D 152 -17.96 20.62 53.73
CA ILE D 152 -18.01 20.29 52.31
C ILE D 152 -18.00 21.58 51.48
N SER D 153 -18.78 22.56 51.90
CA SER D 153 -18.90 23.82 51.16
C SER D 153 -17.56 24.53 51.05
N ILE D 154 -16.84 24.63 52.16
CA ILE D 154 -15.53 25.29 52.11
C ILE D 154 -14.54 24.46 51.30
N ASN D 155 -14.53 23.15 51.48
CA ASN D 155 -13.59 22.35 50.70
C ASN D 155 -13.85 22.49 49.20
N ASN D 156 -15.12 22.53 48.80
CA ASN D 156 -15.47 22.73 47.40
C ASN D 156 -15.22 24.16 46.95
N GLY D 157 -15.06 25.05 47.93
CA GLY D 157 -14.89 26.47 47.64
C GLY D 157 -16.18 27.09 47.13
N ASN D 158 -17.30 26.65 47.69
CA ASN D 158 -18.61 27.21 47.36
C ASN D 158 -18.98 28.25 48.39
N GLU D 159 -18.68 29.51 48.07
CA GLU D 159 -18.85 30.60 49.04
C GLU D 159 -20.30 30.95 49.34
N ASP D 160 -21.14 30.94 48.32
CA ASP D 160 -22.59 31.16 48.50
C ASP D 160 -23.20 30.15 49.47
N LEU D 161 -22.88 28.89 49.25
CA LEU D 161 -23.39 27.82 50.11
C LEU D 161 -22.82 27.94 51.52
N ALA D 162 -21.53 28.21 51.60
CA ALA D 162 -20.86 28.43 52.88
C ALA D 162 -21.51 29.57 53.67
N GLU D 163 -21.92 30.63 52.97
CA GLU D 163 -22.61 31.74 53.62
C GLU D 163 -23.86 31.23 54.34
N ILE D 164 -24.76 30.62 53.56
CA ILE D 164 -26.02 30.04 54.03
C ILE D 164 -25.86 29.16 55.28
N LEU D 165 -24.92 28.22 55.23
CA LEU D 165 -24.65 27.35 56.36
C LEU D 165 -23.83 28.12 57.40
N GLN D 166 -23.41 29.33 57.02
CA GLN D 166 -22.75 30.27 57.92
C GLN D 166 -21.68 29.61 58.79
N GLY E 15 23.57 52.42 17.96
CA GLY E 15 24.29 51.49 18.82
C GLY E 15 23.83 50.05 18.63
N LYS E 16 22.59 49.90 18.18
CA LYS E 16 22.07 48.59 17.82
C LYS E 16 22.81 48.11 16.58
N LYS E 17 23.13 49.04 15.69
CA LYS E 17 23.97 48.74 14.54
C LYS E 17 25.34 48.26 14.99
N LEU E 18 25.86 48.88 16.06
CA LEU E 18 27.20 48.55 16.55
C LEU E 18 27.26 47.14 17.19
N LEU E 19 26.26 46.81 18.01
CA LEU E 19 26.21 45.49 18.63
C LEU E 19 26.29 44.42 17.53
N GLU E 20 25.48 44.60 16.49
CA GLU E 20 25.45 43.65 15.37
C GLU E 20 26.76 43.61 14.59
N ALA E 21 27.24 44.78 14.17
CA ALA E 21 28.48 44.85 13.40
C ALA E 21 29.64 44.24 14.19
N ALA E 22 29.65 44.49 15.50
CA ALA E 22 30.67 43.93 16.38
C ALA E 22 30.63 42.41 16.40
N ARG E 23 29.42 41.85 16.43
CA ARG E 23 29.26 40.41 16.46
C ARG E 23 29.76 39.77 15.17
N ALA E 24 29.43 40.38 14.03
CA ALA E 24 29.80 39.81 12.74
C ALA E 24 31.28 40.04 12.43
N GLY E 25 31.96 40.78 13.30
CA GLY E 25 33.34 41.14 13.06
C GLY E 25 33.47 41.97 11.80
N ARG E 26 32.66 43.02 11.69
CA ARG E 26 32.74 43.91 10.55
C ARG E 26 33.58 45.13 10.91
N ASP E 27 34.89 44.92 10.99
CA ASP E 27 35.85 45.95 11.37
C ASP E 27 35.53 47.29 10.70
N ASP E 28 35.31 47.25 9.39
CA ASP E 28 35.04 48.44 8.60
C ASP E 28 33.79 49.18 9.06
N GLU E 29 32.75 48.42 9.40
CA GLU E 29 31.48 49.00 9.82
C GLU E 29 31.56 49.60 11.22
N VAL E 30 32.19 48.86 12.13
CA VAL E 30 32.48 49.39 13.47
C VAL E 30 33.17 50.73 13.28
N ARG E 31 33.99 50.81 12.23
CA ARG E 31 34.71 52.02 11.85
C ARG E 31 33.77 53.22 11.80
N ILE E 32 32.79 53.17 10.90
CA ILE E 32 31.79 54.21 10.76
C ILE E 32 31.14 54.45 12.12
N LEU E 33 29.90 54.00 12.26
CA LEU E 33 29.18 54.04 13.53
C LEU E 33 30.02 54.64 14.67
N MET E 34 31.25 54.14 14.80
CA MET E 34 32.25 54.73 15.67
C MET E 34 32.46 56.20 15.30
N ALA E 35 32.80 56.44 14.04
CA ALA E 35 33.04 57.79 13.53
C ALA E 35 31.74 58.55 13.30
N ASN E 36 30.62 57.96 13.72
CA ASN E 36 29.34 58.65 13.70
C ASN E 36 28.72 58.70 15.10
N GLY E 37 29.54 58.41 16.11
CA GLY E 37 29.16 58.57 17.50
C GLY E 37 28.15 57.61 18.09
N ALA E 38 28.15 56.36 17.64
CA ALA E 38 27.29 55.34 18.26
C ALA E 38 27.85 55.01 19.63
N ASP E 39 26.98 54.84 20.63
CA ASP E 39 27.44 54.49 21.97
C ASP E 39 28.33 53.26 21.87
N VAL E 40 29.57 53.37 22.34
CA VAL E 40 30.50 52.23 22.29
C VAL E 40 30.19 51.24 23.40
N ASN E 41 29.44 51.70 24.40
CA ASN E 41 29.03 50.85 25.51
C ASN E 41 27.56 50.51 25.44
N ALA E 42 27.01 50.51 24.23
CA ALA E 42 25.64 50.06 24.00
C ALA E 42 25.49 48.63 24.53
N ALA E 43 24.38 48.35 25.20
CA ALA E 43 24.16 47.04 25.81
C ALA E 43 22.89 46.41 25.27
N ASP E 44 22.93 45.12 24.97
CA ASP E 44 21.73 44.43 24.49
C ASP E 44 20.91 43.87 25.65
N VAL E 45 19.94 43.01 25.32
CA VAL E 45 18.99 42.49 26.32
C VAL E 45 19.61 41.75 27.49
N VAL E 46 20.77 41.11 27.27
CA VAL E 46 21.42 40.37 28.35
C VAL E 46 22.61 41.13 28.96
N GLY E 47 22.77 42.38 28.55
CA GLY E 47 23.78 43.23 29.14
C GLY E 47 25.11 43.19 28.40
N TRP E 48 25.12 42.54 27.24
CA TRP E 48 26.35 42.43 26.48
C TRP E 48 26.60 43.70 25.66
N THR E 49 27.81 44.25 25.81
CA THR E 49 28.26 45.37 25.00
C THR E 49 28.94 44.87 23.73
N PRO E 50 29.26 45.77 22.79
CA PRO E 50 29.95 45.39 21.56
C PRO E 50 31.27 44.68 21.90
N LEU E 51 31.86 45.03 23.04
CA LEU E 51 33.10 44.42 23.49
C LEU E 51 32.90 42.96 23.94
N HIS E 52 31.82 42.71 24.69
CA HIS E 52 31.47 41.33 25.07
C HIS E 52 31.40 40.50 23.80
N LEU E 53 30.65 41.01 22.84
CA LEU E 53 30.39 40.28 21.59
C LEU E 53 31.66 39.99 20.79
N ALA E 54 32.48 41.03 20.56
CA ALA E 54 33.75 40.82 19.87
C ALA E 54 34.66 39.82 20.62
N ALA E 55 34.64 39.89 21.95
CA ALA E 55 35.42 38.99 22.79
C ALA E 55 34.96 37.55 22.66
N TYR E 56 33.65 37.36 22.67
CA TYR E 56 33.05 36.01 22.55
C TYR E 56 33.36 35.38 21.19
N TRP E 57 33.14 36.13 20.12
CA TRP E 57 33.25 35.57 18.77
C TRP E 57 34.68 35.63 18.22
N GLY E 58 35.61 36.15 19.02
CA GLY E 58 37.02 36.12 18.66
C GLY E 58 37.45 37.16 17.64
N HIS E 59 36.91 38.38 17.76
CA HIS E 59 37.24 39.43 16.83
C HIS E 59 38.26 40.39 17.44
N LEU E 60 39.54 40.05 17.26
CA LEU E 60 40.62 40.81 17.86
C LEU E 60 40.65 42.27 17.39
N GLU E 61 40.70 42.46 16.07
CA GLU E 61 40.81 43.79 15.47
C GLU E 61 39.68 44.73 15.94
N ILE E 62 38.49 44.18 16.10
CA ILE E 62 37.36 44.99 16.57
C ILE E 62 37.44 45.28 18.07
N VAL E 63 37.98 44.34 18.84
CA VAL E 63 38.23 44.57 20.25
C VAL E 63 39.21 45.72 20.41
N GLU E 64 40.22 45.77 19.54
CA GLU E 64 41.22 46.85 19.60
C GLU E 64 40.61 48.21 19.32
N VAL E 65 39.91 48.34 18.19
CA VAL E 65 39.20 49.58 17.85
C VAL E 65 38.29 50.03 18.98
N LEU E 66 37.47 49.10 19.47
CA LEU E 66 36.50 49.42 20.52
C LEU E 66 37.15 50.06 21.73
N LEU E 67 38.26 49.47 22.19
CA LEU E 67 39.00 49.97 23.34
C LEU E 67 39.64 51.33 23.04
N LYS E 68 40.06 51.52 21.80
CA LYS E 68 40.67 52.79 21.37
C LYS E 68 39.63 53.89 21.30
N ASN E 69 38.37 53.52 21.45
CA ASN E 69 37.28 54.50 21.39
C ASN E 69 36.56 54.62 22.73
N GLY E 70 37.22 54.17 23.79
CA GLY E 70 36.71 54.37 25.14
C GLY E 70 35.70 53.33 25.62
N ALA E 71 35.73 52.14 25.05
CA ALA E 71 34.85 51.06 25.50
C ALA E 71 35.15 50.74 26.97
N ASP E 72 34.13 50.71 27.83
CA ASP E 72 34.36 50.30 29.21
C ASP E 72 34.89 48.87 29.21
N VAL E 73 36.14 48.70 29.62
CA VAL E 73 36.82 47.41 29.50
C VAL E 73 36.31 46.40 30.53
N ASN E 74 35.71 46.92 31.60
CA ASN E 74 35.15 46.10 32.67
C ASN E 74 33.62 46.12 32.69
N ALA E 75 33.03 46.34 31.52
CA ALA E 75 31.58 46.28 31.36
C ALA E 75 31.15 44.88 31.78
N TYR E 76 30.01 44.77 32.47
CA TYR E 76 29.52 43.46 32.85
C TYR E 76 28.05 43.23 32.47
N ASP E 77 27.75 41.98 32.12
CA ASP E 77 26.41 41.62 31.65
C ASP E 77 25.49 41.40 32.85
N THR E 78 24.28 40.92 32.64
CA THR E 78 23.31 40.89 33.74
C THR E 78 23.57 39.78 34.75
N LEU E 79 24.60 38.98 34.50
CA LEU E 79 24.99 37.92 35.41
C LEU E 79 26.40 38.22 35.95
N GLY E 80 26.87 39.45 35.76
CA GLY E 80 28.16 39.90 36.31
C GLY E 80 29.41 39.50 35.54
N SER E 81 29.23 39.02 34.31
CA SER E 81 30.34 38.56 33.51
C SER E 81 30.90 39.67 32.63
N THR E 82 32.24 39.73 32.54
CA THR E 82 32.97 40.74 31.78
C THR E 82 33.51 40.14 30.48
N PRO E 83 33.99 41.00 29.55
CA PRO E 83 34.59 40.51 28.30
C PRO E 83 35.82 39.63 28.55
N LEU E 84 36.57 39.95 29.61
CA LEU E 84 37.70 39.09 30.00
C LEU E 84 37.22 37.69 30.34
N HIS E 85 36.07 37.56 30.98
CA HIS E 85 35.52 36.23 31.22
C HIS E 85 35.37 35.50 29.90
N LEU E 86 34.68 36.14 28.96
CA LEU E 86 34.40 35.50 27.68
C LEU E 86 35.70 35.09 26.98
N ALA E 87 36.61 36.04 26.83
CA ALA E 87 37.85 35.77 26.10
C ALA E 87 38.63 34.62 26.74
N ALA E 88 38.74 34.65 28.06
CA ALA E 88 39.53 33.64 28.76
C ALA E 88 38.89 32.27 28.62
N HIS E 89 37.56 32.25 28.72
CA HIS E 89 36.81 31.00 28.64
C HIS E 89 36.90 30.37 27.25
N PHE E 90 36.82 31.18 26.20
CA PHE E 90 36.81 30.62 24.84
C PHE E 90 38.20 30.58 24.19
N GLY E 91 39.23 30.77 24.99
CA GLY E 91 40.60 30.56 24.53
C GLY E 91 41.11 31.58 23.54
N HIS E 92 40.68 32.82 23.69
CA HIS E 92 41.16 33.89 22.81
C HIS E 92 42.35 34.60 23.46
N LEU E 93 43.54 34.01 23.29
CA LEU E 93 44.75 34.49 23.97
C LEU E 93 45.06 35.95 23.66
N GLU E 94 45.07 36.30 22.38
CA GLU E 94 45.32 37.67 21.96
C GLU E 94 44.41 38.62 22.69
N ILE E 95 43.11 38.37 22.57
CA ILE E 95 42.13 39.26 23.14
C ILE E 95 42.32 39.42 24.65
N VAL E 96 42.69 38.32 25.31
CA VAL E 96 42.92 38.36 26.76
C VAL E 96 44.04 39.34 27.07
N GLU E 97 45.13 39.24 26.33
CA GLU E 97 46.29 40.10 26.52
C GLU E 97 45.89 41.56 26.34
N VAL E 98 45.24 41.85 25.21
CA VAL E 98 44.81 43.22 24.90
C VAL E 98 43.92 43.81 25.98
N LEU E 99 42.93 43.03 26.43
CA LEU E 99 42.00 43.50 27.47
C LEU E 99 42.74 43.86 28.76
N LEU E 100 43.61 42.96 29.20
CA LEU E 100 44.42 43.17 30.41
C LEU E 100 45.30 44.41 30.26
N LYS E 101 45.91 44.57 29.10
CA LYS E 101 46.78 45.71 28.83
C LYS E 101 45.97 47.00 28.91
N ASN E 102 44.66 46.87 28.75
CA ASN E 102 43.80 48.04 28.80
C ASN E 102 43.08 48.18 30.14
N GLY E 103 43.57 47.46 31.14
CA GLY E 103 43.06 47.63 32.49
C GLY E 103 41.90 46.73 32.89
N ALA E 104 41.69 45.64 32.15
CA ALA E 104 40.64 44.68 32.52
C ALA E 104 40.95 44.13 33.91
N ASP E 105 39.97 44.16 34.81
CA ASP E 105 40.12 43.58 36.14
C ASP E 105 40.38 42.08 36.03
N VAL E 106 41.61 41.67 36.33
CA VAL E 106 42.03 40.28 36.22
C VAL E 106 41.29 39.35 37.18
N ASN E 107 40.86 39.90 38.32
CA ASN E 107 40.15 39.13 39.33
C ASN E 107 38.65 39.42 39.35
N ALA E 108 38.13 39.89 38.22
CA ALA E 108 36.68 40.14 38.10
C ALA E 108 35.91 38.88 38.45
N LYS E 109 34.88 39.02 39.29
CA LYS E 109 34.01 37.91 39.64
C LYS E 109 32.62 38.16 39.09
N ASP E 110 32.01 37.14 38.51
CA ASP E 110 30.60 37.20 38.13
C ASP E 110 29.72 36.85 39.31
N ASP E 111 28.40 36.85 39.12
CA ASP E 111 27.46 36.61 40.22
C ASP E 111 27.68 35.26 40.92
N ASN E 112 28.39 34.36 40.25
CA ASN E 112 28.69 33.05 40.79
C ASN E 112 30.02 32.99 41.53
N GLY E 113 30.73 34.11 41.57
CA GLY E 113 32.06 34.16 42.16
C GLY E 113 33.09 33.58 41.21
N ILE E 114 32.72 33.41 39.95
CA ILE E 114 33.61 32.80 38.97
C ILE E 114 34.51 33.85 38.33
N THR E 115 35.80 33.54 38.24
CA THR E 115 36.82 34.46 37.72
C THR E 115 37.33 34.01 36.34
N PRO E 116 37.99 34.91 35.60
CA PRO E 116 38.51 34.48 34.31
C PRO E 116 39.48 33.31 34.48
N LEU E 117 40.24 33.32 35.58
CA LEU E 117 41.14 32.20 35.86
C LEU E 117 40.38 30.88 36.01
N HIS E 118 39.26 30.89 36.73
CA HIS E 118 38.44 29.69 36.86
C HIS E 118 38.07 29.16 35.47
N LEU E 119 37.61 30.06 34.61
CA LEU E 119 37.11 29.65 33.29
C LEU E 119 38.21 29.08 32.39
N ALA E 120 39.33 29.81 32.28
CA ALA E 120 40.47 29.34 31.49
C ALA E 120 40.94 27.99 32.00
N ALA E 121 41.05 27.88 33.32
CA ALA E 121 41.49 26.64 33.93
C ALA E 121 40.55 25.49 33.59
N ASN E 122 39.25 25.76 33.62
CA ASN E 122 38.25 24.76 33.29
C ASN E 122 38.38 24.25 31.85
N ARG E 123 38.65 25.15 30.92
CA ARG E 123 38.77 24.76 29.52
C ARG E 123 40.20 24.31 29.21
N GLY E 124 41.08 24.37 30.21
CA GLY E 124 42.46 23.97 30.06
C GLY E 124 43.28 24.85 29.14
N HIS E 125 43.00 26.16 29.15
CA HIS E 125 43.72 27.09 28.29
C HIS E 125 45.03 27.53 28.99
N LEU E 126 46.10 26.81 28.73
CA LEU E 126 47.37 27.00 29.42
C LEU E 126 48.01 28.37 29.20
N GLU E 127 48.22 28.73 27.94
CA GLU E 127 48.77 30.04 27.64
C GLU E 127 48.00 31.11 28.40
N ILE E 128 46.69 31.15 28.18
CA ILE E 128 45.82 32.13 28.83
C ILE E 128 45.99 32.15 30.35
N VAL E 129 46.00 30.97 30.97
CA VAL E 129 46.19 30.87 32.43
C VAL E 129 47.49 31.58 32.88
N GLU E 130 48.53 31.46 32.07
CA GLU E 130 49.82 32.08 32.39
C GLU E 130 49.74 33.60 32.35
N VAL E 131 49.18 34.15 31.27
CA VAL E 131 48.97 35.59 31.19
C VAL E 131 48.22 36.09 32.43
N LEU E 132 47.05 35.52 32.69
CA LEU E 132 46.24 35.94 33.83
C LEU E 132 47.07 36.00 35.11
N LEU E 133 47.82 34.93 35.36
CA LEU E 133 48.73 34.90 36.50
C LEU E 133 49.73 36.06 36.39
N LYS E 134 50.33 36.19 35.22
CA LYS E 134 51.28 37.27 34.94
C LYS E 134 50.72 38.59 35.46
N TYR E 135 49.44 38.85 35.18
CA TYR E 135 48.82 40.11 35.58
C TYR E 135 48.29 40.10 37.03
N GLY E 136 48.62 39.05 37.77
CA GLY E 136 48.28 39.02 39.19
C GLY E 136 46.93 38.39 39.53
N ALA E 137 46.45 37.51 38.67
CA ALA E 137 45.25 36.74 38.99
C ALA E 137 45.47 36.05 40.34
N ASP E 138 44.49 36.17 41.24
CA ASP E 138 44.54 35.53 42.56
C ASP E 138 44.25 34.02 42.47
N VAL E 139 45.28 33.20 42.69
CA VAL E 139 45.14 31.76 42.55
C VAL E 139 44.25 31.16 43.63
N ASN E 140 44.10 31.85 44.75
CA ASN E 140 43.31 31.30 45.84
C ASN E 140 41.86 31.76 45.81
N ALA E 141 41.50 32.53 44.79
CA ALA E 141 40.13 33.04 44.70
C ALA E 141 39.16 31.85 44.61
N GLN E 142 38.16 31.84 45.49
CA GLN E 142 37.15 30.78 45.51
C GLN E 142 35.86 31.25 44.84
N ASP E 143 35.16 30.32 44.16
CA ASP E 143 33.81 30.59 43.65
C ASP E 143 32.78 30.30 44.74
N LYS E 144 31.48 30.41 44.41
CA LYS E 144 30.42 30.27 45.40
C LYS E 144 30.45 28.89 46.07
N PHE E 145 31.06 27.93 45.38
CA PHE E 145 31.18 26.59 45.91
C PHE E 145 32.54 26.36 46.56
N GLY E 146 33.30 27.46 46.71
CA GLY E 146 34.59 27.41 47.37
C GLY E 146 35.69 26.73 46.58
N LYS E 147 35.58 26.74 45.25
CA LYS E 147 36.56 26.07 44.41
C LYS E 147 37.56 27.06 43.84
N THR E 148 38.81 26.63 43.75
CA THR E 148 39.87 27.42 43.14
C THR E 148 40.17 26.83 41.78
N ALA E 149 40.92 27.57 40.97
CA ALA E 149 41.37 27.06 39.69
C ALA E 149 42.16 25.78 39.91
N PHE E 150 42.88 25.70 41.02
CA PHE E 150 43.62 24.48 41.35
C PHE E 150 42.68 23.31 41.53
N ASP E 151 41.66 23.49 42.37
CA ASP E 151 40.63 22.48 42.58
C ASP E 151 40.11 21.99 41.24
N ILE E 152 39.89 22.92 40.32
CA ILE E 152 39.35 22.59 39.00
C ILE E 152 40.33 21.76 38.20
N SER E 153 41.60 22.18 38.17
CA SER E 153 42.64 21.46 37.45
C SER E 153 42.75 20.00 37.93
N ILE E 154 42.67 19.81 39.24
CA ILE E 154 42.70 18.48 39.84
C ILE E 154 41.49 17.64 39.42
N ASN E 155 40.30 18.22 39.55
CA ASN E 155 39.08 17.51 39.20
C ASN E 155 39.10 17.05 37.75
N ASN E 156 39.59 17.92 36.86
CA ASN E 156 39.60 17.60 35.44
C ASN E 156 40.76 16.66 35.10
N GLY E 157 41.57 16.35 36.11
CA GLY E 157 42.74 15.51 35.92
C GLY E 157 43.76 16.13 34.98
N ASN E 158 43.83 17.46 34.97
CA ASN E 158 44.82 18.16 34.15
C ASN E 158 46.10 18.46 34.93
N GLU E 159 47.12 17.63 34.71
CA GLU E 159 48.37 17.71 35.46
C GLU E 159 49.26 18.88 35.02
N ASP E 160 49.37 19.07 33.71
CA ASP E 160 50.15 20.18 33.16
C ASP E 160 49.64 21.51 33.73
N LEU E 161 48.33 21.62 33.89
CA LEU E 161 47.73 22.85 34.43
C LEU E 161 47.87 22.96 35.94
N ALA E 162 47.58 21.87 36.65
CA ALA E 162 47.71 21.86 38.11
C ALA E 162 49.11 22.26 38.60
N GLU E 163 50.14 21.71 37.95
CA GLU E 163 51.52 22.02 38.31
C GLU E 163 51.79 23.52 38.23
N ILE E 164 51.28 24.17 37.19
CA ILE E 164 51.42 25.62 37.05
C ILE E 164 50.82 26.37 38.24
N LEU E 165 49.53 26.14 38.49
CA LEU E 165 48.83 26.75 39.62
C LEU E 165 49.57 26.49 40.95
N GLN E 166 50.89 26.37 40.85
CA GLN E 166 51.74 26.01 41.99
C GLN E 166 53.07 26.73 41.94
C1 GOL F . -5.22 13.92 25.10
O1 GOL F . -5.01 14.94 24.13
C2 GOL F . -4.55 12.59 24.72
O2 GOL F . -5.36 11.79 23.86
C3 GOL F . -3.18 12.83 24.08
O3 GOL F . -2.27 13.15 25.11
C1B LMT G . -21.18 15.23 -10.75
C2B LMT G . -21.32 14.04 -9.89
C3B LMT G . -22.09 12.97 -10.55
C4B LMT G . -23.40 13.41 -11.09
C5B LMT G . -23.53 14.84 -11.59
C6B LMT G . -24.87 15.40 -11.20
O1B LMT G . -20.38 14.97 -11.86
O2B LMT G . -20.04 13.57 -9.48
O3B LMT G . -22.31 11.87 -9.65
O4' LMT G . -23.69 12.56 -12.16
O5B LMT G . -22.51 15.78 -11.18
O6B LMT G . -25.21 16.69 -11.65
C1' LMT G . -17.26 17.04 -13.72
C2' LMT G . -17.12 16.76 -12.26
C3' LMT G . -18.12 15.70 -11.90
C4' LMT G . -19.48 16.09 -12.16
C5' LMT G . -19.69 16.57 -13.56
C6' LMT G . -20.99 17.30 -13.74
O1' LMT G . -16.34 18.01 -14.14
O2' LMT G . -15.80 16.37 -11.96
O3' LMT G . -17.93 15.30 -10.52
O5' LMT G . -18.57 17.45 -14.07
O6' LMT G . -21.99 17.22 -12.74
C1 LMT G . -16.41 18.45 -15.46
C2 LMT G . -15.27 19.31 -15.99
C3 LMT G . -14.78 18.97 -17.38
C4 LMT G . -15.83 18.72 -18.43
C5 LMT G . -15.42 18.94 -19.87
C6 LMT G . -16.50 18.89 -20.96
C7 LMT G . -16.02 18.67 -22.38
C8 LMT G . -17.05 18.68 -23.49
C9 LMT G . -16.57 19.13 -24.86
C10 LMT G . -16.94 18.25 -26.06
C11 LMT G . -18.27 18.48 -26.69
C12 LMT G . -18.42 19.68 -27.58
C1B LMT H . 15.73 24.29 -21.86
C2B LMT H . 16.86 23.67 -21.15
C3B LMT H . 16.40 22.40 -20.58
C4B LMT H . 15.33 22.64 -19.57
C5B LMT H . 14.18 23.44 -20.12
C6B LMT H . 13.27 23.87 -19.02
O1B LMT H . 15.30 23.38 -22.82
O2B LMT H . 17.98 23.50 -22.02
O3B LMT H . 17.46 21.62 -20.01
O4' LMT H . 14.86 21.43 -19.07
O5B LMT H . 14.59 24.58 -20.91
O6B LMT H . 12.23 23.00 -18.64
C1' LMT H . 13.53 23.98 -26.58
C2' LMT H . 14.37 25.08 -26.01
C3' LMT H . 15.10 24.71 -24.75
C4' LMT H . 14.35 23.92 -23.81
C5' LMT H . 13.62 22.81 -24.46
C6' LMT H . 12.76 22.01 -23.52
O1' LMT H . 12.65 24.51 -27.53
O2' LMT H . 15.26 25.55 -27.01
O3' LMT H . 15.59 25.92 -24.12
O5' LMT H . 12.78 23.28 -25.61
O6' LMT H . 11.64 21.35 -24.08
C1 LMT H . 12.32 23.79 -28.68
C2 LMT H . 10.92 23.20 -28.75
C3 LMT H . 10.48 22.59 -30.07
C4 LMT H . 10.08 23.55 -31.18
C5 LMT H . 10.19 23.05 -32.62
C6 LMT H . 9.53 21.70 -32.95
C7 LMT H . 9.52 21.27 -34.42
C8 LMT H . 9.98 19.86 -34.76
C9 LMT H . 9.60 19.33 -36.13
C10 LMT H . 8.62 18.17 -36.19
C11 LMT H . 8.22 17.66 -37.54
C12 LMT H . 9.23 17.75 -38.64
C1B LMT I . -2.52 4.01 -52.10
C2B LMT I . -3.04 3.04 -53.06
C3B LMT I . -1.94 2.45 -53.84
C4B LMT I . -1.21 3.51 -54.59
C5B LMT I . -0.66 4.55 -53.65
C6B LMT I . -0.01 5.68 -54.42
O1B LMT I . -1.74 3.33 -51.18
O2B LMT I . -3.76 2.03 -52.36
O3B LMT I . -2.41 1.43 -54.72
O4' LMT I . -0.20 2.94 -55.36
O5B LMT I . -1.65 5.06 -52.75
O6B LMT I . -0.78 6.81 -54.73
C1' LMT I . -0.24 4.66 -47.55
C2' LMT I . -1.59 5.13 -47.96
C3' LMT I . -2.11 4.37 -49.13
C4' LMT I . -1.17 4.27 -50.21
C5' LMT I . 0.20 3.83 -49.78
C6' LMT I . 1.19 3.87 -50.91
O1' LMT I . 0.22 5.55 -46.56
O2' LMT I . -2.45 5.09 -46.84
O3' LMT I . -3.33 4.97 -49.62
O5' LMT I . 0.69 4.63 -48.61
O6' LMT I . 1.33 5.06 -51.67
C1 LMT I . 1.08 5.09 -45.58
C2 LMT I . 2.03 6.15 -45.04
C3 LMT I . 2.68 5.88 -43.71
C4 LMT I . 3.14 4.45 -43.52
C5 LMT I . 4.12 4.18 -42.40
C6 LMT I . 3.91 2.84 -41.68
C7 LMT I . 4.94 2.47 -40.63
C8 LMT I . 5.20 0.98 -40.43
C9 LMT I . 5.00 0.42 -39.03
C10 LMT I . 6.22 0.34 -38.14
C11 LMT I . 6.33 -0.84 -37.22
C12 LMT I . 6.05 -2.19 -37.81
C1 OCT J . 17.74 10.59 -52.68
C2 OCT J . 17.01 10.45 -51.39
C3 OCT J . 17.76 11.09 -50.28
C4 OCT J . 16.98 10.85 -49.03
C5 OCT J . 17.79 11.28 -47.85
C6 OCT J . 16.96 11.05 -46.63
C7 OCT J . 17.55 11.83 -45.51
C8 OCT J . 16.69 11.66 -44.30
H11 OCT J . 17.23 10.17 -53.38
H12 OCT J . 18.61 10.15 -52.60
H13 OCT J . 17.87 11.53 -52.88
H21 OCT J . 16.88 9.50 -51.19
H22 OCT J . 16.14 10.88 -51.47
H31 OCT J . 17.85 12.04 -50.43
H32 OCT J . 18.64 10.69 -50.20
H41 OCT J . 16.16 11.36 -49.05
H42 OCT J . 16.77 9.91 -48.95
H51 OCT J . 18.60 10.75 -47.80
H52 OCT J . 18.02 12.22 -47.92
H61 OCT J . 16.05 11.35 -46.79
H62 OCT J . 16.96 10.11 -46.40
H71 OCT J . 18.44 11.50 -45.32
H72 OCT J . 17.59 12.77 -45.76
H81 OCT J . 16.64 10.73 -44.06
H82 OCT J . 17.07 12.18 -43.57
H83 OCT J . 15.80 12.00 -44.49
C1 OCT K . 18.26 6.20 -51.24
C2 OCT K . 17.33 6.28 -50.06
C3 OCT K . 18.08 6.54 -48.80
C4 OCT K . 17.12 6.43 -47.66
C5 OCT K . 17.85 6.64 -46.37
C6 OCT K . 16.93 6.66 -45.18
C7 OCT K . 17.79 6.59 -43.97
C8 OCT K . 17.03 6.84 -42.71
H11 OCT K . 18.90 5.48 -51.11
H12 OCT K . 17.74 6.04 -52.04
H13 OCT K . 18.74 7.04 -51.33
H21 OCT K . 16.86 5.44 -49.99
H22 OCT K . 16.70 6.99 -50.21
H31 OCT K . 18.78 5.88 -48.70
H32 OCT K . 18.46 7.43 -48.83
H41 OCT K . 16.71 5.56 -47.65
H42 OCT K . 16.42 7.11 -47.75
H51 OCT K . 18.32 7.49 -46.41
H52 OCT K . 18.49 5.94 -46.26
H61 OCT K . 16.34 5.89 -45.21
H62 OCT K . 16.41 7.48 -45.18
H71 OCT K . 18.49 7.26 -44.04
H72 OCT K . 18.20 5.71 -43.93
H81 OCT K . 16.34 6.17 -42.60
H82 OCT K . 16.64 7.72 -42.73
H83 OCT K . 17.64 6.78 -41.95
C1 D10 L . -30.96 9.66 -41.08
C2 D10 L . -31.32 10.02 -39.68
C3 D10 L . -30.44 11.12 -39.23
C4 D10 L . -30.86 11.61 -37.88
C5 D10 L . -29.76 11.39 -36.88
C6 D10 L . -30.29 11.51 -35.50
C7 D10 L . -29.24 12.08 -34.60
C8 D10 L . -29.51 11.75 -33.16
C9 D10 L . -28.73 12.70 -32.32
C10 D10 L . -28.50 12.15 -30.94
H11 D10 L . -31.07 10.44 -41.66
H12 D10 L . -31.53 8.94 -41.40
H13 D10 L . -30.03 9.37 -41.12
H21 D10 L . -31.21 9.24 -39.11
H22 D10 L . -32.25 10.31 -39.65
H31 D10 L . -30.47 11.86 -39.86
H32 D10 L . -29.53 10.79 -39.16
H41 D10 L . -31.07 12.56 -37.92
H42 D10 L . -31.65 11.12 -37.60
H51 D10 L . -29.40 10.51 -37.01
H52 D10 L . -29.05 12.05 -37.02
H61 D10 L . -30.57 10.64 -35.17
H62 D10 L . -31.06 12.11 -35.49
H71 D10 L . -28.37 11.70 -34.84
H72 D10 L . -29.22 13.04 -34.71
H81 D10 L . -30.46 11.86 -32.98
H82 D10 L . -29.25 10.84 -32.97
H91 D10 L . -29.21 13.55 -32.25
H92 D10 L . -27.87 12.85 -32.73
H101 D10 L . -28.02 11.31 -31.00
H102 D10 L . -29.36 11.99 -30.52
H103 D10 L . -28.00 12.79 -30.41
C1 HEX M . -0.26 35.34 -16.17
C2 HEX M . -1.35 36.34 -16.37
C3 HEX M . -2.18 36.28 -15.13
C4 HEX M . -3.54 36.85 -15.32
C5 HEX M . -4.51 35.72 -15.19
C6 HEX M . -5.75 36.14 -14.50
H11 HEX M . 0.30 35.33 -16.96
H12 HEX M . -0.65 34.46 -16.05
H13 HEX M . 0.25 35.58 -15.39
H21 HEX M . -0.98 37.22 -16.49
H22 HEX M . -1.90 36.11 -17.14
H31 HEX M . -1.73 36.79 -14.44
H32 HEX M . -2.26 35.36 -14.84
H41 HEX M . -3.72 37.50 -14.62
H42 HEX M . -3.62 37.27 -16.19
H51 HEX M . -4.72 35.38 -16.07
H52 HEX M . -4.09 35.01 -14.68
H61 HEX M . -5.54 36.47 -13.61
H62 HEX M . -6.18 36.86 -15.00
H63 HEX M . -6.36 35.40 -14.43
C1B LMT N . -16.71 33.38 -15.15
C2B LMT N . -16.94 32.99 -13.75
C3B LMT N . -16.22 33.99 -12.94
C4B LMT N . -15.58 35.01 -13.83
C5B LMT N . -16.53 35.68 -14.79
C6B LMT N . -15.78 36.39 -15.88
O1B LMT N . -17.04 32.44 -16.11
O2B LMT N . -18.33 33.00 -13.43
O3B LMT N . -15.25 33.35 -12.10
O4' LMT N . -14.90 35.96 -13.07
O5B LMT N . -17.37 34.71 -15.41
O6B LMT N . -15.74 35.74 -17.13
C1' LMT N . -18.35 29.29 -17.58
C2' LMT N . -19.51 30.19 -17.24
C3' LMT N . -18.98 31.47 -16.67
C4' LMT N . -17.92 31.36 -15.70
C5' LMT N . -17.07 30.13 -15.69
C6' LMT N . -16.62 29.70 -14.31
O1' LMT N . -18.81 28.10 -18.16
O2' LMT N . -20.29 30.42 -18.39
O3' LMT N . -20.07 32.27 -16.15
O5' LMT N . -17.62 28.95 -16.44
O6' LMT N . -17.49 29.82 -13.18
C1 LMT N . -18.40 26.90 -17.60
C2 LMT N . -18.77 25.63 -18.33
C3 LMT N . -20.05 25.65 -19.15
C4 LMT N . -20.05 26.41 -20.48
C5 LMT N . -20.74 25.74 -21.65
C6 LMT N . -20.98 26.60 -22.91
C7 LMT N . -20.99 28.11 -22.71
C8 LMT N . -20.84 28.99 -23.96
C9 LMT N . -20.27 30.39 -23.79
C10 LMT N . -20.00 31.15 -25.08
C11 LMT N . -20.91 30.84 -26.24
C12 LMT N . -20.77 31.64 -27.50
C1 GOL O . 3.35 24.24 26.00
O1 GOL O . 2.88 22.93 25.93
C2 GOL O . 3.71 24.48 27.46
O2 GOL O . 2.55 24.92 28.12
C3 GOL O . 4.10 23.12 28.04
O3 GOL O . 4.98 22.48 27.13
C1 D12 P . -25.72 -6.29 -43.34
C2 D12 P . -26.45 -6.22 -42.04
C3 D12 P . -25.42 -6.19 -40.97
C4 D12 P . -26.07 -6.56 -39.68
C5 D12 P . -25.08 -6.39 -38.59
C6 D12 P . -25.75 -6.85 -37.35
C7 D12 P . -24.90 -6.48 -36.20
C8 D12 P . -25.17 -5.06 -35.85
C9 D12 P . -25.25 -4.93 -34.37
C10 D12 P . -24.73 -3.58 -34.05
C11 D12 P . -24.60 -3.39 -32.58
C12 D12 P . -23.76 -2.19 -32.38
H11 D12 P . -26.36 -6.33 -44.07
H12 D12 P . -25.16 -5.50 -43.44
H13 D12 P . -25.16 -7.08 -43.36
H21 D12 P . -27.01 -7.01 -41.93
H22 D12 P . -26.98 -5.42 -42.00
H31 D12 P . -24.70 -6.81 -41.16
H32 D12 P . -25.06 -5.29 -40.90
H41 D12 P . -26.36 -7.48 -39.72
H42 D12 P . -26.84 -5.99 -39.52
H51 D12 P . -24.82 -5.46 -38.51
H52 D12 P . -24.30 -6.93 -38.76
H61 D12 P . -25.86 -7.82 -37.38
H62 D12 P . -26.62 -6.42 -37.27
H71 D12 P . -25.12 -7.04 -35.42
H72 D12 P . -23.97 -6.60 -36.41
H81 D12 P . -24.45 -4.51 -36.18
H82 D12 P . -26.01 -4.77 -36.25
H91 D12 P . -26.18 -5.02 -34.08
H92 D12 P . -24.70 -5.62 -33.95
H101 D12 P . -25.33 -2.91 -34.39
H102 D12 P . -23.86 -3.46 -34.45
H111 D12 P . -25.47 -3.27 -32.18
H112 D12 P . -24.16 -4.17 -32.18
H121 D12 P . -22.89 -2.32 -32.78
H122 D12 P . -23.66 -2.01 -31.43
H123 D12 P . -24.19 -1.42 -32.80
C1 GOL Q . -15.37 11.04 9.15
O1 GOL Q . -16.08 10.99 10.37
C2 GOL Q . -15.22 9.62 8.58
O2 GOL Q . -14.68 9.71 7.27
C3 GOL Q . -14.22 8.84 9.41
O3 GOL Q . -14.78 8.39 10.61
C1 GOL R . -0.20 -3.78 21.22
O1 GOL R . -0.77 -5.05 21.33
C2 GOL R . 0.28 -3.59 19.78
O2 GOL R . -0.48 -2.57 19.17
C3 GOL R . 1.77 -3.23 19.77
O3 GOL R . 2.13 -2.74 18.51
O8 MIY S . -11.39 -11.09 27.28
C21 MIY S . -12.13 -12.06 27.37
N2 MIY S . -13.22 -12.00 28.30
C2 MIY S . -11.87 -13.27 26.50
C1 MIY S . -12.49 -14.58 26.82
O1 MIY S . -13.65 -14.66 27.53
C3 MIY S . -11.03 -13.15 25.41
O2 MIY S . -10.46 -11.92 25.12
C4 MIY S . -10.72 -14.32 24.45
N1 MIY S . -9.34 -14.66 24.21
C20 MIY S . -9.25 -15.32 22.91
C19 MIY S . -8.75 -15.49 25.25
C5 MIY S . -11.51 -15.62 24.82
C18 MIY S . -11.83 -15.80 26.31
O7 MIY S . -10.70 -16.04 27.05
C17 MIY S . -12.74 -17.01 26.57
O6 MIY S . -12.80 -17.60 27.87
C16 MIY S . -13.48 -17.53 25.50
C7 MIY S . -13.51 -16.98 24.13
C6 MIY S . -12.78 -15.65 24.02
C15 MIY S . -14.33 -18.67 25.76
O5 MIY S . -14.23 -19.27 27.00
C14 MIY S . -15.30 -19.12 24.74
C9 MIY S . -15.65 -18.31 23.73
C8 MIY S . -14.99 -16.89 23.65
C13 MIY S . -15.90 -20.47 24.85
O4 MIY S . -15.52 -21.29 25.87
C12 MIY S . -16.83 -21.01 23.94
C11 MIY S . -17.20 -20.12 22.86
C10 MIY S . -16.67 -18.79 22.69
N7 MIY S . -17.14 -17.97 21.56
CN7 MIY S . -17.29 -16.50 21.68
C71 MIY S . -17.54 -18.61 20.31
HN21 MIY S . -13.77 -12.71 28.39
HN22 MIY S . -13.35 -11.25 28.82
HO2 MIY S . -10.28 -11.49 25.87
H4 MIY S . -11.08 -14.03 23.59
H201 MIY S . -8.35 -15.71 22.79
H202 MIY S . -9.39 -14.67 22.20
H203 MIY S . -9.91 -16.03 22.84
H191 MIY S . -9.33 -16.24 25.42
H192 MIY S . -8.65 -14.96 26.07
H193 MIY S . -7.85 -15.81 24.96
H5 MIY S . -10.99 -16.36 24.53
HO7 MIY S . -10.58 -16.91 27.12
HO6 MIY S . -12.95 -18.48 27.77
H7 MIY S . -13.02 -17.62 23.57
H61 MIY S . -13.38 -14.93 24.36
H62 MIY S . -12.58 -15.48 23.09
H81 MIY S . -15.02 -16.56 22.74
H82 MIY S . -15.49 -16.26 24.23
HO4 MIY S . -15.51 -20.83 26.64
H12 MIY S . -17.20 -21.89 24.04
H11 MIY S . -17.84 -20.42 22.22
HN71 MIY S . -16.43 -16.11 21.91
HN72 MIY S . -17.60 -16.14 20.82
HN73 MIY S . -17.95 -16.29 22.38
H711 MIY S . -16.73 -18.84 19.79
H712 MIY S . -18.11 -18.01 19.80
H713 MIY S . -18.03 -19.44 20.52
C1B LMT T . -61.27 -14.15 -35.95
C2B LMT T . -61.52 -13.63 -37.33
C3B LMT T . -61.01 -12.26 -37.48
C4B LMT T . -61.75 -11.38 -36.54
C5B LMT T . -61.62 -11.84 -35.12
C6B LMT T . -62.51 -11.05 -34.21
O1B LMT T . -59.92 -14.22 -35.63
O2B LMT T . -61.06 -14.50 -38.36
O3B LMT T . -61.11 -11.82 -38.84
O4' LMT T . -61.35 -10.06 -36.68
O5B LMT T . -61.91 -13.25 -34.95
O6B LMT T . -63.46 -11.73 -33.42
C1' LMT T . -57.60 -15.83 -32.51
C2' LMT T . -58.43 -16.77 -33.34
C3' LMT T . -58.97 -16.09 -34.56
C4' LMT T . -59.66 -14.85 -34.32
C5' LMT T . -58.84 -13.95 -33.44
C6' LMT T . -59.55 -12.70 -33.03
O1' LMT T . -57.23 -16.50 -31.33
O2' LMT T . -57.67 -17.92 -33.64
O3' LMT T . -59.80 -17.03 -35.28
O5' LMT T . -58.31 -14.64 -32.21
O6' LMT T . -58.80 -11.77 -32.26
C1 LMT T . -56.08 -16.15 -30.61
C2 LMT T . -55.24 -17.30 -30.06
C3 LMT T . -55.29 -17.59 -28.57
C4 LMT T . -55.60 -19.01 -28.13
C5 LMT T . -54.54 -19.76 -27.32
C6 LMT T . -54.03 -21.13 -27.83
C7 LMT T . -52.56 -21.42 -27.61
C8 LMT T . -52.12 -22.85 -27.28
C9 LMT T . -50.65 -23.06 -26.91
C10 LMT T . -49.64 -22.05 -27.44
C11 LMT T . -48.19 -22.22 -27.07
C12 LMT T . -47.70 -23.63 -26.81
C1 D10 U . -35.73 10.59 -37.26
C2 D10 U . -35.75 10.18 -35.83
C3 D10 U . -34.39 9.79 -35.40
C4 D10 U . -34.41 9.47 -33.94
C5 D10 U . -33.02 9.42 -33.42
C6 D10 U . -33.11 9.04 -31.99
C7 D10 U . -31.75 8.75 -31.46
C8 D10 U . -31.85 8.68 -29.97
C9 D10 U . -30.49 8.39 -29.42
C10 D10 U . -30.49 8.51 -27.94
H11 D10 U . -35.13 11.34 -37.38
H12 D10 U . -36.63 10.86 -37.53
H13 D10 U . -35.44 9.86 -37.81
H21 D10 U . -36.07 10.93 -35.28
H22 D10 U . -36.36 9.43 -35.71
H31 D10 U . -34.10 9.01 -35.89
H32 D10 U . -33.77 10.52 -35.56
H41 D10 U . -34.83 8.62 -33.79
H42 D10 U . -34.90 10.16 -33.47
H51 D10 U . -32.50 8.77 -33.91
H52 D10 U . -32.60 10.30 -33.50
H61 D10 U . -33.65 8.24 -31.91
H62 D10 U . -33.52 9.75 -31.48
H71 D10 U . -31.43 7.90 -31.80
H72 D10 U . -31.14 9.46 -31.70
H81 D10 U . -32.17 9.53 -29.61
H82 D10 U . -32.46 7.98 -29.71
H91 D10 U . -29.86 9.02 -29.80
H92 D10 U . -30.23 7.49 -29.68
H101 D10 U . -31.12 7.87 -27.57
H102 D10 U . -30.75 9.40 -27.69
H103 D10 U . -29.60 8.31 -27.60
C1 D12 V . -39.87 7.42 -41.91
C2 D12 V . -40.02 6.89 -40.52
C3 D12 V . -39.56 7.90 -39.51
C4 D12 V . -39.08 7.15 -38.30
C5 D12 V . -38.92 8.02 -37.11
C6 D12 V . -39.02 7.19 -35.87
C7 D12 V . -38.77 8.03 -34.65
C8 D12 V . -38.67 7.22 -33.40
C9 D12 V . -37.53 7.78 -32.60
C10 D12 V . -37.55 7.42 -31.15
C11 D12 V . -36.16 7.02 -30.76
C12 D12 V . -35.93 7.17 -29.30
H11 D12 V . -38.94 7.64 -42.08
H12 D12 V . -40.41 8.21 -42.01
H13 D12 V . -40.17 6.74 -42.55
H21 D12 V . -40.94 6.67 -40.35
H22 D12 V . -39.47 6.10 -40.44
H31 D12 V . -38.83 8.42 -39.87
H32 D12 V . -40.30 8.48 -39.27
H41 D12 V . -38.24 6.71 -38.51
H42 D12 V . -39.75 6.47 -38.10
H51 D12 V . -39.62 8.70 -37.10
H52 D12 V . -38.06 8.47 -37.14
H61 D12 V . -39.91 6.80 -35.82
H62 D12 V . -38.37 6.48 -35.91
H71 D12 V . -39.48 8.69 -34.56
H72 D12 V . -37.93 8.50 -34.78
H81 D12 V . -38.49 6.29 -33.62
H82 D12 V . -39.50 7.28 -32.89
H91 D12 V . -37.56 8.75 -32.67
H92 D12 V . -36.70 7.48 -32.99
H101 D12 V . -37.83 8.19 -30.63
H102 D12 V . -38.15 6.67 -31.01
H111 D12 V . -35.53 7.58 -31.24
H112 D12 V . -36.01 6.10 -31.01
H121 D12 V . -36.55 6.62 -28.80
H122 D12 V . -35.02 6.90 -29.08
H123 D12 V . -36.05 8.10 -29.03
C1 D10 W . -18.04 -27.30 -10.68
C2 D10 W . -16.91 -28.26 -10.63
C3 D10 W . -16.21 -28.14 -9.33
C4 D10 W . -15.80 -29.50 -8.89
C5 D10 W . -14.55 -29.45 -8.08
C6 D10 W . -14.85 -30.16 -6.81
C7 D10 W . -13.64 -30.33 -5.95
C8 D10 W . -13.78 -31.66 -5.29
C9 D10 W . -12.70 -31.87 -4.28
C10 D10 W . -13.31 -32.30 -2.99
H11 D10 W . -18.50 -27.38 -11.54
H12 D10 W . -17.70 -26.39 -10.59
H13 D10 W . -18.66 -27.49 -9.97
H21 D10 W . -16.29 -28.07 -11.35
H22 D10 W . -17.25 -29.16 -10.73
H31 D10 W . -16.80 -27.75 -8.67
H32 D10 W . -15.42 -27.58 -9.43
H41 D10 W . -15.63 -30.06 -9.68
H42 D10 W . -16.51 -29.91 -8.37
H51 D10 W . -13.82 -29.89 -8.55
H52 D10 W . -14.32 -28.53 -7.89
H61 D10 W . -15.22 -31.05 -7.02
H62 D10 W . -15.52 -29.66 -6.32
H71 D10 W . -13.59 -29.63 -5.29
H72 D10 W . -12.84 -30.32 -6.50
H81 D10 W . -14.64 -31.72 -4.85
H82 D10 W . -13.72 -32.36 -5.96
H91 D10 W . -12.09 -32.55 -4.61
H92 D10 W . -12.22 -31.03 -4.15
H101 D10 W . -13.92 -31.63 -2.68
H102 D10 W . -13.78 -33.14 -3.12
H103 D10 W . -12.60 -32.44 -2.34
C1 HEX X . -12.39 -14.53 -41.18
C2 HEX X . -11.90 -14.38 -39.78
C3 HEX X . -11.64 -15.75 -39.23
C4 HEX X . -11.81 -15.74 -37.76
C5 HEX X . -10.49 -15.86 -37.10
C6 HEX X . -10.68 -16.12 -35.65
H11 HEX X . -12.57 -13.65 -41.55
H12 HEX X . -11.72 -14.98 -41.71
H13 HEX X . -13.21 -15.05 -41.18
H21 HEX X . -11.08 -13.87 -39.78
H22 HEX X . -12.56 -13.94 -39.24
H31 HEX X . -10.74 -16.02 -39.45
H32 HEX X . -12.27 -16.36 -39.62
H41 HEX X . -12.24 -14.91 -37.48
H42 HEX X . -12.37 -16.49 -37.50
H51 HEX X . -9.98 -15.04 -37.22
H52 HEX X . -10.00 -16.61 -37.49
H61 HEX X . -11.19 -16.94 -35.52
H62 HEX X . -11.18 -15.38 -35.25
H63 HEX X . -9.82 -16.20 -35.20
C01 C14 Y . -13.63 -33.35 -41.06
C02 C14 Y . -14.78 -33.38 -40.11
C03 C14 Y . -14.33 -33.12 -38.71
C04 C14 Y . -13.36 -34.18 -38.26
C05 C14 Y . -12.87 -33.83 -36.90
C06 C14 Y . -13.26 -34.82 -35.85
C07 C14 Y . -12.42 -34.49 -34.68
C08 C14 Y . -12.95 -34.95 -33.36
C09 C14 Y . -11.88 -34.69 -32.34
C10 C14 Y . -12.47 -34.09 -31.11
C11 C14 Y . -11.43 -33.85 -30.06
C12 C14 Y . -12.11 -33.95 -28.74
C13 C14 Y . -11.41 -33.17 -27.67
C14 C14 Y . -10.64 -34.08 -26.78
H011 C14 Y . -13.21 -32.48 -41.04
H012 C14 Y . -13.94 -33.53 -41.96
H013 C14 Y . -12.98 -34.02 -40.80
H021 C14 Y . -15.19 -34.26 -40.15
H022 C14 Y . -15.44 -32.71 -40.37
H031 C14 Y . -15.09 -33.12 -38.12
H032 C14 Y . -13.89 -32.25 -38.67
H041 C14 Y . -13.80 -35.04 -38.25
H042 C14 Y . -12.61 -34.20 -38.88
H051 C14 Y . -11.90 -33.79 -36.93
H052 C14 Y . -13.21 -32.96 -36.66
H061 C14 Y . -13.09 -35.73 -36.15
H062 C14 Y . -14.21 -34.71 -35.64
H071 C14 Y . -12.32 -33.52 -34.62
H072 C14 Y . -11.54 -34.87 -34.80
H081 C14 Y . -13.14 -35.91 -33.40
H082 C14 Y . -13.76 -34.47 -33.12
H091 C14 Y . -11.23 -34.09 -32.71
H092 C14 Y . -11.44 -35.53 -32.11
H101 C14 Y . -12.88 -33.24 -31.34
H102 C14 Y . -13.15 -34.68 -30.76
H111 C14 Y . -10.73 -34.53 -30.12
H112 C14 Y . -11.04 -32.98 -30.18
H121 C14 Y . -12.13 -34.89 -28.47
H122 C14 Y . -13.03 -33.63 -28.82
H131 C14 Y . -12.06 -32.68 -27.15
H132 C14 Y . -10.80 -32.53 -28.08
H141 C14 Y . -9.97 -34.55 -27.30
H142 C14 Y . -11.25 -34.73 -26.37
H143 C14 Y . -10.20 -33.56 -26.08
C1B LMT Z . -26.51 10.30 -12.17
C2B LMT Z . -26.82 11.60 -12.84
C3B LMT Z . -26.60 12.73 -11.94
C4B LMT Z . -27.50 12.62 -10.76
C5B LMT Z . -27.24 11.37 -9.97
C6B LMT Z . -28.35 11.15 -8.99
O1B LMT Z . -25.13 10.11 -12.12
O2B LMT Z . -26.08 11.72 -14.05
O3B LMT Z . -26.82 13.99 -12.59
O4' LMT Z . -27.33 13.74 -9.94
O5B LMT Z . -27.10 10.18 -10.78
O6B LMT Z . -29.63 10.86 -9.50
C1' LMT Z . -23.25 6.28 -12.17
C2' LMT Z . -23.72 6.92 -13.46
C3' LMT Z . -23.92 8.40 -13.26
C4' LMT Z . -24.82 8.67 -12.19
C5' LMT Z . -24.24 8.17 -10.91
C6' LMT Z . -25.11 8.45 -9.74
O1' LMT Z . -23.37 4.87 -12.22
O2' LMT Z . -22.83 6.65 -14.52
O3' LMT Z . -24.38 9.00 -14.49
O5' LMT Z . -23.95 6.69 -11.02
O6' LMT Z . -25.01 7.58 -8.60
C1 LMT Z . -23.49 4.18 -13.42
C2 LMT Z . -22.28 4.22 -14.35
C3 LMT Z . -22.53 3.87 -15.81
C4 LMT Z . -22.51 2.40 -16.15
C5 LMT Z . -22.07 2.01 -17.55
C6 LMT Z . -22.85 0.87 -18.23
C7 LMT Z . -22.68 0.72 -19.74
C8 LMT Z . -22.77 -0.69 -20.32
C9 LMT Z . -23.17 -0.78 -21.79
C10 LMT Z . -23.10 -2.15 -22.46
C11 LMT Z . -22.32 -2.25 -23.73
C12 LMT Z . -22.58 -3.43 -24.61
C1B LMT AA . -34.02 -2.95 -4.81
C2B LMT AA . -34.96 -2.27 -3.90
C3B LMT AA . -34.49 -0.92 -3.53
C4B LMT AA . -33.03 -0.78 -3.77
C5B LMT AA . -32.68 -0.94 -5.23
C6B LMT AA . -31.21 -1.16 -5.43
O1B LMT AA . -34.62 -4.09 -5.38
O2B LMT AA . -36.28 -2.23 -4.45
O3B LMT AA . -34.79 -0.60 -2.16
O4' LMT AA . -32.60 0.47 -3.32
O5B LMT AA . -33.44 -2.00 -5.84
O6B LMT AA . -30.37 -1.29 -4.30
C1' LMT AA . -35.50 -3.61 -9.44
C2' LMT AA . -36.05 -2.60 -8.47
C3' LMT AA . -36.03 -3.13 -7.06
C4' LMT AA . -34.97 -4.05 -6.82
C5' LMT AA . -33.82 -3.72 -7.70
C6' LMT AA . -32.53 -4.39 -7.31
O1' LMT AA . -36.38 -4.71 -9.46
O2' LMT AA . -35.32 -1.39 -8.58
O3' LMT AA . -37.31 -3.74 -6.77
O5' LMT AA . -34.19 -4.04 -9.14
O6' LMT AA . -31.73 -3.75 -6.32
C1 LMT AA . -36.26 -5.67 -10.47
C2 LMT AA . -34.84 -5.98 -10.91
C3 LMT AA . -34.64 -6.92 -12.09
C4 LMT AA . -34.25 -6.28 -13.42
C5 LMT AA . -35.33 -6.22 -14.48
C6 LMT AA . -35.73 -4.82 -15.02
C7 LMT AA . -34.87 -4.24 -16.13
C8 LMT AA . -35.33 -4.42 -17.58
C9 LMT AA . -34.54 -3.72 -18.69
C10 LMT AA . -34.60 -4.33 -20.08
C11 LMT AA . -33.91 -3.61 -21.21
C12 LMT AA . -34.09 -4.15 -22.60
C1 HEX BA . -18.33 -10.92 -36.02
C2 HEX BA . -18.37 -10.11 -34.77
C3 HEX BA . -18.10 -10.98 -33.58
C4 HEX BA . -18.66 -10.35 -32.35
C5 HEX BA . -18.54 -11.29 -31.19
C6 HEX BA . -19.43 -10.83 -30.08
H11 HEX BA . -17.45 -11.31 -36.11
H12 HEX BA . -18.51 -10.34 -36.78
H13 HEX BA . -19.00 -11.62 -35.98
H21 HEX BA . -19.25 -9.71 -34.67
H22 HEX BA . -17.71 -9.39 -34.80
H31 HEX BA . -18.52 -11.84 -33.72
H32 HEX BA . -17.14 -11.10 -33.47
H41 HEX BA . -18.19 -9.53 -32.16
H42 HEX BA . -19.60 -10.15 -32.51
H51 HEX BA . -17.62 -11.31 -30.89
H52 HEX BA . -18.82 -12.17 -31.47
H61 HEX BA . -19.16 -9.94 -29.80
H62 HEX BA . -19.34 -11.45 -29.33
H63 HEX BA . -20.35 -10.81 -30.38
C1 GOL CA . -16.99 1.44 52.65
O1 GOL CA . -17.03 2.20 51.47
C2 GOL CA . -17.45 0.03 52.30
O2 GOL CA . -17.48 -0.71 53.51
C3 GOL CA . -18.84 0.13 51.69
O3 GOL CA . -19.31 -1.14 51.29
C1B LMU DA . -33.67 -12.63 10.92
C2B LMU DA . -35.17 -12.65 10.65
C3B LMU DA . -35.75 -14.04 10.65
C4B LMU DA . -34.82 -15.01 9.80
C5B LMU DA . -33.26 -14.67 9.75
C6B LMU DA . -32.32 -15.62 9.03
O1B LMU DA . -33.44 -13.10 12.26
O2B LMU DA . -35.84 -11.94 11.62
O3B LMU DA . -37.04 -14.03 10.16
O4' LMU DA . -35.31 -16.37 9.39
O5B LMU DA . -32.84 -13.37 10.03
O6B LMU DA . -32.36 -15.35 7.67
C1' LMU DA . -31.12 -11.55 15.24
C2' LMU DA . -32.56 -11.10 15.34
C3' LMU DA . -33.45 -11.85 14.36
C4' LMU DA . -32.79 -12.11 13.02
C5' LMU DA . -31.34 -12.53 13.22
C6' LMU DA . -30.25 -12.26 12.17
O1' LMU DA . -30.40 -11.61 16.46
O2' LMU DA . -33.05 -11.21 16.64
O3' LMU DA . -34.61 -11.11 14.17
O5' LMU DA . -30.98 -12.78 14.57
O6' LMU DA . -29.65 -13.44 11.75
C1 LMU DA . -29.05 -11.20 16.35
C2 LMU DA . -28.51 -11.51 14.96
C3 LMU DA . -27.09 -12.05 14.95
C4 LMU DA . -26.93 -12.82 13.65
C5 LMU DA . -25.46 -13.12 13.39
C6 LMU DA . -25.26 -14.42 12.61
C7 LMU DA . -24.21 -15.28 13.33
C8 LMU DA . -23.59 -16.26 12.33
C9 LMU DA . -23.37 -17.60 13.00
C10 LMU DA . -22.10 -18.21 12.45
C11 LMU DA . -22.23 -19.71 12.51
C12 LMU DA . -21.75 -20.13 13.87
H1B LMU DA . -33.39 -11.71 10.87
H2B LMU DA . -35.33 -12.25 9.79
H3B LMU DA . -35.78 -14.34 11.57
H4B LMU DA . -35.03 -14.62 8.95
H5B LMU DA . -33.46 -14.35 8.84
H6'2 LMU DA . -32.60 -16.55 9.20
H6'1 LMU DA . -31.42 -15.49 9.37
H2O1 LMU DA . -36.40 -12.49 12.05
H3O1 LMU DA . -37.07 -13.57 9.41
H4O1 LMU DA . -35.05 -16.53 8.56
H6B LMU DA . -32.29 -14.48 7.53
H1' LMU DA . -30.66 -10.88 14.73
H2' LMU DA . -32.59 -10.17 15.09
H3' LMU DA . -33.69 -12.71 14.76
H4' LMU DA . -32.77 -11.28 12.53
H5' LMU DA . -31.19 -11.61 13.44
H6D LMU DA . -30.65 -11.82 11.40
H6E LMU DA . -29.56 -11.69 12.54
H2O2 LMU DA . -33.48 -10.44 16.85
H3O2 LMU DA . -34.87 -10.77 14.95
H6' LMU DA . -29.99 -14.13 12.22
H12 LMU DA . -28.99 -10.24 16.51
H11 LMU DA . -28.53 -11.66 17.02
H22 LMU DA . -29.09 -12.18 14.54
H21 LMU DA . -28.54 -10.69 14.43
H32 LMU DA . -26.46 -11.30 14.97
H31 LMU DA . -26.94 -12.63 15.71
H42 LMU DA . -27.45 -13.65 13.69
H41 LMU DA . -27.26 -12.27 12.91
H52 LMU DA . -24.99 -13.19 14.25
H51 LMU DA . -25.07 -12.38 12.88
H62 LMU DA . -24.94 -14.22 11.71
H61 LMU DA . -26.10 -14.91 12.55
H72 LMU DA . -23.51 -14.70 13.69
H71 LMU DA . -24.63 -15.76 14.06
H82 LMU DA . -24.20 -16.36 11.56
H81 LMU DA . -22.75 -15.90 12.03
H92 LMU DA . -23.27 -17.47 13.96
H91 LMU DA . -24.14 -18.19 12.83
H102 LMU DA . -21.96 -17.93 11.53
H101 LMU DA . -21.36 -17.93 12.99
H112 LMU DA . -21.66 -20.12 11.83
H111 LMU DA . -23.15 -19.97 12.39
H123 LMU DA . -21.84 -21.09 13.96
H122 LMU DA . -20.81 -19.88 13.97
H121 LMU DA . -22.28 -19.68 14.56
C1 GOL EA . 27.81 -19.66 22.74
O1 GOL EA . 28.29 -18.59 21.95
C2 GOL EA . 28.14 -19.44 24.22
O2 GOL EA . 28.15 -18.06 24.50
C3 GOL EA . 29.50 -20.04 24.57
O3 GOL EA . 29.56 -21.45 24.43
C1 GOL FA . 7.27 -11.13 31.18
O1 GOL FA . 6.13 -11.09 32.00
C2 GOL FA . 7.16 -10.08 30.09
O2 GOL FA . 8.14 -9.08 30.29
C3 GOL FA . 5.77 -9.44 30.09
O3 GOL FA . 5.43 -9.03 31.39
C1 GOL GA . -25.10 -5.02 35.66
O1 GOL GA . -26.18 -5.70 35.09
C2 GOL GA . -24.05 -4.85 34.58
O2 GOL GA . -24.02 -3.49 34.23
C3 GOL GA . -22.69 -5.29 35.11
O3 GOL GA . -21.71 -5.05 34.13
C1 GOL HA . 13.69 31.17 20.24
O1 GOL HA . 12.51 30.91 20.99
C2 GOL HA . 14.93 31.19 21.13
O2 GOL HA . 15.36 32.51 21.44
C3 GOL HA . 14.75 30.34 22.39
O3 GOL HA . 13.41 30.36 22.86
C1B LMT IA . 17.26 -50.04 -52.65
C2B LMT IA . 17.11 -50.01 -54.13
C3B LMT IA . 15.73 -49.66 -54.49
C4B LMT IA . 14.82 -50.71 -53.99
C5B LMT IA . 14.94 -50.90 -52.50
C6B LMT IA . 14.13 -52.07 -52.04
O1B LMT IA . 16.96 -48.78 -52.13
O2B LMT IA . 18.08 -49.16 -54.76
O3B LMT IA . 15.59 -49.48 -55.91
O4' LMT IA . 13.51 -50.38 -54.32
O5B LMT IA . 16.31 -51.04 -52.06
O6B LMT IA . 14.52 -52.72 -50.86
C1' LMT IA . 18.74 -46.10 -49.47
C2' LMT IA . 19.49 -46.46 -50.72
C3' LMT IA . 18.56 -47.15 -51.69
C4' LMT IA . 17.93 -48.30 -51.14
C5' LMT IA . 17.25 -48.00 -49.83
C6' LMT IA . 16.74 -49.22 -49.13
O1' LMT IA . 19.63 -45.52 -48.56
O2' LMT IA . 20.12 -45.32 -51.25
O3' LMT IA . 19.27 -47.48 -52.91
O5' LMT IA . 18.13 -47.22 -48.90
O6' LMT IA . 15.80 -49.02 -48.07
C1 LMT IA . 19.46 -45.73 -47.19
C2 LMT IA . 19.03 -44.54 -46.34
C3 LMT IA . 20.05 -43.87 -45.43
C4 LMT IA . 21.11 -43.00 -46.09
C5 LMT IA . 22.26 -42.51 -45.20
C6 LMT IA . 22.89 -41.14 -45.51
C7 LMT IA . 23.92 -40.59 -44.53
C8 LMT IA . 24.46 -39.18 -44.76
C9 LMT IA . 23.46 -38.03 -44.78
C10 LMT IA . 24.00 -36.60 -44.76
C11 LMT IA . 23.07 -35.49 -45.11
C12 LMT IA . 23.46 -34.09 -44.71
C1 OCT JA . -8.07 -36.02 -34.73
C2 OCT JA . -8.28 -35.84 -33.27
C3 OCT JA . -7.12 -35.12 -32.66
C4 OCT JA . -7.52 -34.66 -31.30
C5 OCT JA . -6.38 -33.96 -30.64
C6 OCT JA . -6.83 -33.57 -29.27
C7 OCT JA . -5.66 -33.15 -28.44
C8 OCT JA . -6.06 -33.07 -27.01
H11 OCT JA . -7.97 -35.15 -35.16
H12 OCT JA . -8.83 -36.49 -35.12
H13 OCT JA . -7.26 -36.54 -34.87
H21 OCT JA . -8.39 -36.70 -32.84
H22 OCT JA . -9.09 -35.31 -33.13
H31 OCT JA . -6.89 -34.36 -33.21
H32 OCT JA . -6.36 -35.72 -32.60
H41 OCT JA . -7.77 -35.43 -30.76
H42 OCT JA . -8.28 -34.06 -31.36
H51 OCT JA . -6.15 -33.16 -31.14
H52 OCT JA . -5.62 -34.55 -30.58
H61 OCT JA . -7.46 -32.85 -29.31
H62 OCT JA . -7.25 -34.34 -28.83
H71 OCT JA . -5.35 -32.27 -28.74
H72 OCT JA . -4.94 -33.79 -28.55
H81 OCT JA . -6.36 -33.95 -26.71
H82 OCT JA . -6.78 -32.43 -26.90
H83 OCT JA . -5.30 -32.80 -26.47
C1 D12 KA . 19.17 2.31 -41.66
C2 D12 KA . 19.60 1.74 -42.98
C3 D12 KA . 18.77 2.33 -44.07
C4 D12 KA . 19.16 1.74 -45.39
C5 D12 KA . 18.21 2.15 -46.47
C6 D12 KA . 18.80 1.76 -47.79
C7 D12 KA . 17.80 1.75 -48.89
C8 D12 KA . 18.52 1.48 -50.16
C9 D12 KA . 17.63 0.79 -51.14
C10 D12 KA . 18.42 0.27 -52.30
C11 D12 KA . 17.46 -0.32 -53.28
C12 D12 KA . 18.21 -1.02 -54.36
H11 D12 KA . 18.24 2.11 -41.51
H12 D12 KA . 19.71 1.92 -40.96
H13 D12 KA . 19.30 3.28 -41.67
H21 D12 KA . 20.54 1.96 -43.13
H22 D12 KA . 19.49 0.79 -42.96
H31 D12 KA . 17.84 2.15 -43.91
H32 D12 KA . 18.90 3.29 -44.10
H41 D12 KA . 19.15 0.77 -45.32
H42 D12 KA . 20.05 2.03 -45.63
H51 D12 KA . 18.08 3.11 -46.45
H52 D12 KA . 17.35 1.71 -46.35
H61 D12 KA . 19.17 0.86 -47.71
H62 D12 KA . 19.51 2.37 -48.01
H71 D12 KA . 17.13 1.06 -48.74
H72 D12 KA . 17.36 2.61 -48.94
H81 D12 KA . 18.85 2.31 -50.54
H82 D12 KA . 19.28 0.89 -49.97
H91 D12 KA . 17.18 0.06 -50.70
H92 D12 KA . 16.97 1.43 -51.47
H101 D12 KA . 19.04 -0.41 -51.99
H102 D12 KA . 18.91 0.99 -52.71
H111 D12 KA . 16.93 0.38 -53.66
H112 D12 KA . 16.89 -0.95 -52.82
H121 D12 KA . 18.76 -1.73 -53.98
H122 D12 KA . 17.58 -1.41 -54.99
H123 D12 KA . 18.78 -0.40 -54.83
C1 OCT LA . -5.48 -33.69 -45.16
C2 OCT LA . -6.02 -34.62 -44.13
C3 OCT LA . -7.51 -34.50 -44.09
C4 OCT LA . -8.05 -35.37 -43.01
C5 OCT LA . -7.15 -36.46 -42.56
C6 OCT LA . -7.88 -37.01 -41.40
C7 OCT LA . -7.19 -38.13 -40.68
C8 OCT LA . -8.02 -38.36 -39.47
H11 OCT LA . -5.72 -32.78 -44.94
H12 OCT LA . -4.52 -33.76 -45.19
H13 OCT LA . -5.84 -33.91 -46.03
H21 OCT LA . -5.78 -35.53 -44.35
H22 OCT LA . -5.66 -34.40 -43.26
H31 OCT LA . -7.87 -34.78 -44.95
H32 OCT LA . -7.74 -33.58 -43.91
H41 OCT LA . -8.26 -34.82 -42.24
H42 OCT LA . -8.89 -35.77 -43.32
H51 OCT LA . -6.29 -36.11 -42.29
H52 OCT LA . -7.03 -37.13 -43.25
H61 OCT LA . -8.74 -37.34 -41.70
H62 OCT LA . -8.02 -36.30 -40.76
H71 OCT LA . -6.29 -37.86 -40.43
H72 OCT LA . -7.16 -38.92 -41.24
H81 OCT LA . -7.62 -39.07 -38.95
H82 OCT LA . -8.05 -37.55 -38.93
H83 OCT LA . -8.91 -38.60 -39.74
C1 OCT MA . -2.02 -21.10 -45.50
C2 OCT MA . -2.34 -19.98 -44.56
C3 OCT MA . -1.51 -18.79 -44.92
C4 OCT MA . -2.06 -17.56 -44.28
C5 OCT MA . -2.31 -17.82 -42.83
C6 OCT MA . -2.18 -16.58 -42.01
C7 OCT MA . -2.49 -16.91 -40.60
C8 OCT MA . -1.57 -16.20 -39.66
H11 OCT MA . -2.24 -20.82 -46.41
H12 OCT MA . -2.56 -21.88 -45.27
H13 OCT MA . -1.09 -21.33 -45.44
H21 OCT MA . -2.14 -20.26 -43.65
H22 OCT MA . -3.28 -19.76 -44.62
H31 OCT MA . -0.60 -18.95 -44.60
H32 OCT MA . -1.49 -18.69 -45.88
H41 OCT MA . -2.88 -17.30 -44.71
H42 OCT MA . -1.41 -16.85 -44.37
H51 OCT MA . -3.20 -18.18 -42.72
H52 OCT MA . -1.68 -18.48 -42.51
H61 OCT MA . -1.27 -16.24 -42.08
H62 OCT MA . -2.80 -15.90 -42.34
H71 OCT MA . -2.38 -17.86 -40.47
H72 OCT MA . -3.40 -16.66 -40.40
H81 OCT MA . -1.79 -16.43 -38.74
H82 OCT MA . -1.66 -15.25 -39.77
H83 OCT MA . -0.65 -16.46 -39.84
C1 D10 NA . -3.79 -6.75 -52.59
C2 D10 NA . -3.92 -6.77 -51.10
C3 D10 NA . -2.98 -5.75 -50.57
C4 D10 NA . -2.52 -6.13 -49.21
C5 D10 NA . -1.78 -4.95 -48.67
C6 D10 NA . -1.35 -5.25 -47.28
C7 D10 NA . -0.88 -3.99 -46.67
C8 D10 NA . -0.12 -4.30 -45.42
C9 D10 NA . 0.36 -3.02 -44.83
C10 D10 NA . 1.24 -3.33 -43.67
H11 D10 NA . -2.87 -6.97 -52.83
H12 D10 NA . -4.01 -5.87 -52.91
H13 D10 NA . -4.38 -7.40 -52.97
H21 D10 NA . -3.67 -7.65 -50.76
H22 D10 NA . -4.82 -6.56 -50.84
H31 D10 NA . -2.20 -5.69 -51.15
H32 D10 NA . -3.41 -4.89 -50.54
H41 D10 NA . -3.28 -6.33 -48.65
H42 D10 NA . -1.92 -6.89 -49.26
H51 D10 NA . -2.38 -4.18 -48.66
H52 D10 NA . -1.02 -4.77 -49.21
H61 D10 NA . -0.64 -5.91 -47.28
H62 D10 NA . -2.10 -5.60 -46.77
H71 D10 NA . -0.28 -3.53 -47.29
H72 D10 NA . -1.63 -3.42 -46.46
H81 D10 NA . -0.71 -4.75 -44.79
H82 D10 NA . 0.63 -4.87 -45.63
H91 D10 NA . -0.39 -2.48 -44.54
H92 D10 NA . 0.87 -2.54 -45.49
H101 D10 NA . 1.56 -2.50 -43.27
H102 D10 NA . 0.73 -3.83 -43.00
H103 D10 NA . 2.00 -3.86 -43.95
C1 D12 OA . -1.87 -21.31 -25.50
C2 D12 OA . -1.40 -22.30 -24.48
C3 D12 OA . -1.33 -21.75 -23.10
C4 D12 OA . -1.06 -22.94 -22.27
C5 D12 OA . -0.48 -22.63 -20.95
C6 D12 OA . -0.58 -23.87 -20.13
C7 D12 OA . -0.19 -23.53 -18.75
C8 D12 OA . -0.39 -24.65 -17.79
C9 D12 OA . 0.41 -24.24 -16.62
C10 D12 OA . 0.33 -25.16 -15.46
C11 D12 OA . 1.40 -24.71 -14.52
C12 D12 OA . 1.72 -25.78 -13.51
H11 D12 OA . -2.75 -20.99 -25.26
H12 D12 OA . -1.25 -20.56 -25.51
H13 D12 OA . -1.89 -21.73 -26.37
H21 D12 OA . -2.04 -23.05 -24.48
H22 D12 OA . -0.54 -22.63 -24.74
H31 D12 OA . -2.17 -21.34 -22.85
H32 D12 OA . -0.60 -21.10 -23.03
H41 D12 OA . -0.44 -23.52 -22.74
H42 D12 OA . -1.89 -23.43 -22.13
H51 D12 OA . 0.46 -22.36 -21.04
H52 D12 OA . -0.98 -21.92 -20.52
H61 D12 OA . -1.49 -24.19 -20.14
H62 D12 OA . 0.02 -24.54 -20.49
H71 D12 OA . 0.74 -23.26 -18.73
H72 D12 OA . -0.73 -22.77 -18.45
H81 D12 OA . -0.06 -25.48 -18.16
H82 D12 OA . -1.33 -24.74 -17.56
H91 D12 OA . 0.13 -23.36 -16.34
H92 D12 OA . 1.35 -24.18 -16.89
H101 D12 OA . 0.49 -26.08 -15.73
H102 D12 OA . -0.54 -25.10 -15.03
H111 D12 OA . 2.20 -24.52 -15.02
H112 D12 OA . 1.11 -23.91 -14.06
H121 D12 OA . 0.93 -25.97 -12.99
H122 D12 OA . 2.01 -26.58 -13.97
H123 D12 OA . 2.42 -25.46 -12.93
C1 D10 PA . -5.59 -18.74 -25.17
C2 D10 PA . -6.19 -19.26 -23.92
C3 D10 PA . -5.08 -19.75 -23.06
C4 D10 PA . -5.47 -19.80 -21.62
C5 D10 PA . -4.24 -19.56 -20.80
C6 D10 PA . -4.30 -20.34 -19.53
C7 D10 PA . -3.35 -19.77 -18.53
C8 D10 PA . -3.41 -20.56 -17.26
C9 D10 PA . -2.33 -20.14 -16.32
C10 D10 PA . -1.95 -21.31 -15.48
H11 D10 PA . -6.29 -18.41 -25.75
H12 D10 PA . -4.99 -18.01 -24.97
H13 D10 PA . -5.11 -19.45 -25.63
H21 D10 PA . -6.80 -20.00 -24.11
H22 D10 PA . -6.67 -18.55 -23.47
H31 D10 PA . -4.81 -20.64 -23.34
H32 D10 PA . -4.31 -19.16 -23.15
H41 D10 PA . -5.84 -20.67 -21.40
H42 D10 PA . -6.11 -19.10 -21.44
H51 D10 PA . -4.18 -18.62 -20.60
H52 D10 PA . -3.46 -19.84 -21.30
H61 D10 PA . -4.09 -21.27 -19.69
H62 D10 PA . -5.20 -20.29 -19.16
H71 D10 PA . -3.57 -18.85 -18.34
H72 D10 PA . -2.44 -19.81 -18.89
H81 D10 PA . -3.29 -21.50 -17.48
H82 D10 PA . -4.28 -20.45 -16.85
H91 D10 PA . -1.56 -19.85 -16.83
H92 D10 PA . -2.65 -19.43 -15.76
H101 D10 PA . -2.72 -21.63 -14.98
H102 D10 PA . -1.62 -22.04 -16.04
H103 D10 PA . -1.26 -21.05 -14.86
C1 HEX QA . 5.87 -6.92 -33.66
C2 HEX QA . 5.67 -8.39 -33.44
C3 HEX QA . 5.18 -8.53 -32.03
C4 HEX QA . 5.00 -9.94 -31.59
C5 HEX QA . 5.43 -9.95 -30.15
C6 HEX QA . 4.77 -11.02 -29.36
H11 HEX QA . 5.03 -6.46 -33.53
H12 HEX QA . 6.51 -6.59 -33.02
H13 HEX QA . 6.19 -6.79 -34.56
H21 HEX QA . 5.01 -8.74 -34.05
H22 HEX QA . 6.50 -8.86 -33.54
H31 HEX QA . 5.82 -8.10 -31.45
H32 HEX QA . 4.33 -8.07 -31.95
H41 HEX QA . 4.08 -10.20 -31.66
H42 HEX QA . 5.57 -10.53 -32.10
H51 HEX QA . 6.40 -10.06 -30.11
H52 HEX QA . 5.21 -9.09 -29.76
H61 HEX QA . 5.07 -10.98 -28.44
H62 HEX QA . 3.81 -10.89 -29.39
H63 HEX QA . 4.99 -11.89 -29.74
C1 DD9 RA . 5.12 -14.15 -23.75
C2 DD9 RA . 5.96 -13.61 -22.64
C3 DD9 RA . 5.13 -12.69 -21.79
C4 DD9 RA . 5.34 -12.93 -20.32
C5 DD9 RA . 5.35 -11.60 -19.65
C6 DD9 RA . 5.42 -11.69 -18.15
C7 DD9 RA . 6.64 -10.97 -17.67
C8 DD9 RA . 7.27 -11.68 -16.52
C9 DD9 RA . 6.60 -11.20 -15.27
H1 DD9 RA . 4.79 -13.42 -24.29
H1A DD9 RA . 5.67 -14.73 -24.30
H1B DD9 RA . 4.37 -14.64 -23.38
H2 DD9 RA . 6.30 -14.33 -22.10
H2A DD9 RA . 6.71 -13.11 -23.01
H3 DD9 RA . 4.20 -12.83 -21.98
H3A DD9 RA . 5.36 -11.77 -22.00
H4 DD9 RA . 6.19 -13.38 -20.17
H4A DD9 RA . 4.62 -13.48 -19.97
H5 DD9 RA . 4.53 -11.12 -19.88
H5A DD9 RA . 6.11 -11.08 -19.96
H6 DD9 RA . 5.47 -12.62 -17.88
H6A DD9 RA . 4.64 -11.28 -17.77
H7 DD9 RA . 6.37 -10.09 -17.39
H7A DD9 RA . 7.29 -10.89 -18.39
H8 DD9 RA . 7.15 -12.64 -16.61
H8A DD9 RA . 8.21 -11.47 -16.49
H9 DD9 RA . 5.66 -11.39 -15.31
H9A DD9 RA . 6.74 -10.25 -15.18
H9B DD9 RA . 6.99 -11.65 -14.51
C1 OCT SA . 2.89 -16.36 -36.59
C2 OCT SA . 3.33 -15.53 -35.43
C3 OCT SA . 2.69 -16.04 -34.19
C4 OCT SA . 2.98 -15.13 -33.05
C5 OCT SA . 2.23 -15.54 -31.82
C6 OCT SA . 2.20 -14.36 -30.91
C7 OCT SA . 1.18 -14.51 -29.83
C8 OCT SA . 1.74 -15.29 -28.69
H11 OCT SA . 3.15 -17.28 -36.44
H12 OCT SA . 3.31 -16.03 -37.40
H13 OCT SA . 1.93 -16.30 -36.67
H21 OCT SA . 3.08 -14.61 -35.58
H22 OCT SA . 4.30 -15.59 -35.34
H31 OCT SA . 3.02 -16.94 -34.00
H32 OCT SA . 1.73 -16.09 -34.32
H41 OCT SA . 3.93 -15.16 -32.86
H42 OCT SA . 2.74 -14.23 -33.29
H51 OCT SA . 2.68 -16.29 -31.39
H52 OCT SA . 1.33 -15.78 -32.07
H61 OCT SA . 3.07 -14.23 -30.51
H62 OCT SA . 1.96 -13.57 -31.44
H71 OCT SA . 0.40 -14.97 -30.18
H72 OCT SA . 0.91 -13.63 -29.52
H81 OCT SA . 2.51 -14.83 -28.32
H82 OCT SA . 1.06 -15.38 -28.00
H83 OCT SA . 2.01 -16.17 -28.99
C1 HEX TA . 23.54 -5.77 -27.59
C2 HEX TA . 23.45 -5.38 -26.15
C3 HEX TA . 24.49 -4.37 -25.81
C4 HEX TA . 24.55 -4.21 -24.33
C5 HEX TA . 25.85 -4.74 -23.80
C6 HEX TA . 26.16 -4.09 -22.49
H11 HEX TA . 24.41 -6.16 -27.77
H12 HEX TA . 22.85 -6.43 -27.80
H13 HEX TA . 23.40 -4.99 -28.16
H21 HEX TA . 22.57 -5.01 -25.98
H22 HEX TA . 23.58 -6.16 -25.60
H31 HEX TA . 25.36 -4.69 -26.13
H32 HEX TA . 24.30 -3.52 -26.24
H41 HEX TA . 23.82 -4.69 -23.92
H42 HEX TA . 24.47 -3.26 -24.10
H51 HEX TA . 26.56 -4.52 -24.43
H52 HEX TA . 25.79 -5.69 -23.68
H61 HEX TA . 25.45 -4.29 -21.86
H62 HEX TA . 26.23 -3.13 -22.60
H63 HEX TA . 27.00 -4.43 -22.15
C1 GOL UA . 32.54 -21.36 -16.59
O1 GOL UA . 32.09 -20.62 -15.47
C2 GOL UA . 33.06 -22.75 -16.21
O2 GOL UA . 32.38 -23.25 -15.07
C3 GOL UA . 34.56 -22.67 -15.90
O3 GOL UA . 35.21 -21.82 -16.82
C1 GOL VA . 27.77 -6.03 25.90
O1 GOL VA . 26.57 -5.51 26.45
C2 GOL VA . 28.44 -5.05 24.94
O2 GOL VA . 28.13 -5.39 23.61
C3 GOL VA . 29.94 -5.13 25.13
O3 GOL VA . 30.09 -5.80 26.33
C1 OCT WA . 10.54 -33.56 -25.65
C2 OCT WA . 9.99 -34.88 -25.22
C3 OCT WA . 10.87 -35.39 -24.14
C4 OCT WA . 10.18 -36.42 -23.32
C5 OCT WA . 10.76 -37.76 -23.60
C6 OCT WA . 10.35 -38.65 -22.48
C7 OCT WA . 10.77 -40.06 -22.69
C8 OCT WA . 10.06 -40.92 -21.70
H11 OCT WA . 10.56 -32.95 -24.90
H12 OCT WA . 11.45 -33.69 -25.99
H13 OCT WA . 9.99 -33.20 -26.37
H21 OCT WA . 9.08 -34.77 -24.88
H22 OCT WA . 9.99 -35.50 -25.96
H31 OCT WA . 11.12 -34.65 -23.56
H32 OCT WA . 11.69 -35.76 -24.52
H41 OCT WA . 9.24 -36.42 -23.54
H42 OCT WA . 10.30 -36.22 -22.38
H51 OCT WA . 10.43 -38.11 -24.44
H52 OCT WA . 11.74 -37.71 -23.63
H61 OCT WA . 10.74 -38.33 -21.65
H62 OCT WA . 9.38 -38.63 -22.39
H71 OCT WA . 11.73 -40.14 -22.57
H72 OCT WA . 10.54 -40.34 -23.60
H81 OCT WA . 9.10 -40.83 -21.83
H82 OCT WA . 10.29 -40.63 -20.80
H83 OCT WA . 10.32 -41.85 -21.82
C1 GOL XA . 35.07 -4.56 16.88
O1 GOL XA . 35.10 -4.31 18.27
C2 GOL XA . 36.17 -3.72 16.22
O2 GOL XA . 35.54 -2.64 15.58
C3 GOL XA . 37.01 -4.57 15.25
O3 GOL XA . 37.80 -3.76 14.39
S SO4 YA . 13.05 -30.34 23.75
O1 SO4 YA . 11.62 -30.36 24.04
O2 SO4 YA . 13.59 -31.67 23.98
O3 SO4 YA . 13.72 -29.40 24.63
O4 SO4 YA . 13.24 -29.95 22.36
C1 UND ZA . 35.90 -17.63 -53.19
C2 UND ZA . 36.18 -17.85 -51.75
C3 UND ZA . 35.06 -18.63 -51.14
C4 UND ZA . 35.33 -18.95 -49.71
C5 UND ZA . 34.09 -19.50 -49.10
C6 UND ZA . 34.16 -19.47 -47.60
C7 UND ZA . 32.88 -19.99 -47.02
C8 UND ZA . 33.05 -20.31 -45.58
C9 UND ZA . 31.89 -21.11 -45.08
C10 UND ZA . 32.18 -21.68 -43.73
C11 UND ZA . 30.99 -21.51 -42.83
H11 UND ZA . 35.07 -17.14 -53.29
H12 UND ZA . 36.62 -17.11 -53.58
H13 UND ZA . 35.83 -18.49 -53.64
H21 UND ZA . 37.02 -18.34 -51.65
H22 UND ZA . 36.25 -16.99 -51.29
H31 UND ZA . 34.96 -19.46 -51.63
H32 UND ZA . 34.24 -18.12 -51.20
H41 UND ZA . 35.57 -18.13 -49.24
H42 UND ZA . 36.05 -19.59 -49.63
H51 UND ZA . 33.96 -20.41 -49.40
H52 UND ZA . 33.33 -18.97 -49.38
H61 UND ZA . 34.31 -18.57 -47.30
H62 UND ZA . 34.89 -20.03 -47.31
H71 UND ZA . 32.18 -19.32 -47.13
H72 UND ZA . 32.61 -20.80 -47.49
H81 UND ZA . 33.10 -19.48 -45.07
H82 UND ZA . 33.87 -20.81 -45.44
H91 UND ZA . 31.10 -20.56 -45.03
H92 UND ZA . 31.73 -21.84 -45.70
H101 UND ZA . 32.40 -22.62 -43.81
H102 UND ZA . 32.93 -21.20 -43.33
H111 UND ZA . 31.18 -21.89 -41.96
H112 UND ZA . 30.79 -20.57 -42.75
H113 UND ZA . 30.23 -21.98 -43.22
C1 D10 AB . 23.08 -37.22 -49.48
C2 D10 AB . 22.40 -38.53 -49.71
C3 D10 AB . 23.40 -39.63 -49.85
C4 D10 AB . 22.73 -40.97 -49.89
C5 D10 AB . 23.68 -41.95 -50.50
C6 D10 AB . 23.35 -43.36 -50.12
C7 D10 AB . 23.54 -44.27 -51.28
C8 D10 AB . 23.90 -45.64 -50.81
C9 D10 AB . 23.62 -46.65 -51.88
C10 D10 AB . 23.24 -47.94 -51.24
H11 D10 AB . 22.43 -36.52 -49.39
H12 D10 AB . 23.66 -37.02 -50.24
H13 D10 AB . 23.62 -37.27 -48.67
H21 D10 AB . 21.81 -38.73 -48.97
H22 D10 AB . 21.87 -38.48 -50.53
H31 D10 AB . 23.91 -39.50 -50.67
H32 D10 AB . 24.00 -39.61 -49.10
H41 D10 AB . 21.93 -40.92 -50.44
H42 D10 AB . 22.49 -41.25 -49.00
H51 D10 AB . 23.66 -41.87 -51.46
H52 D10 AB . 24.57 -41.76 -50.19
H61 D10 AB . 22.42 -43.40 -49.83
H62 D10 AB . 23.91 -43.64 -49.38
H71 D10 AB . 22.71 -44.31 -51.80
H72 D10 AB . 24.25 -43.93 -51.84
H81 D10 AB . 24.85 -45.66 -50.58
H82 D10 AB . 23.38 -45.86 -50.02
H91 D10 AB . 24.42 -46.77 -52.42
H92 D10 AB . 22.89 -46.34 -52.43
H101 D10 AB . 23.06 -48.60 -51.92
H102 D10 AB . 22.44 -47.81 -50.70
H103 D10 AB . 23.97 -48.25 -50.67
C1 GOL BB . -34.99 8.13 32.77
O1 GOL BB . -36.03 8.81 32.09
C2 GOL BB . -34.64 6.85 32.02
O2 GOL BB . -33.97 7.15 30.82
C3 GOL BB . -33.75 5.99 32.91
O3 GOL BB . -33.75 4.67 32.43
C1 GOL CB . -17.54 12.86 50.98
O1 GOL CB . -17.41 11.69 51.75
C2 GOL CB . -18.01 14.00 51.89
O2 GOL CB . -19.31 13.71 52.36
C3 GOL CB . -17.04 14.10 53.07
O3 GOL CB . -17.01 12.85 53.70
H11 GOL CB . -16.58 13.12 50.52
H12 GOL CB . -18.27 12.70 50.19
HO1 GOL CB . -17.18 10.93 51.16
H2 GOL CB . -17.99 14.92 51.34
HO2 GOL CB . -19.31 12.87 52.86
H31 GOL CB . -16.04 14.38 52.74
H32 GOL CB . -17.38 14.86 53.78
HO3 GOL CB . -16.55 12.92 54.56
C1 GOL DB . 23.03 41.45 18.19
O1 GOL DB . 23.21 40.49 17.17
C2 GOL DB . 23.29 40.82 19.55
O2 GOL DB . 23.57 39.45 19.38
C3 GOL DB . 22.03 40.98 20.41
O3 GOL DB . 22.29 40.57 21.73
#